data_6OAY
#
_entry.id   6OAY
#
_cell.length_a   1.00
_cell.length_b   1.00
_cell.length_c   1.00
_cell.angle_alpha   90.00
_cell.angle_beta   90.00
_cell.angle_gamma   90.00
#
_symmetry.space_group_name_H-M   'P 1'
#
loop_
_entity.id
_entity.type
_entity.pdbx_description
1 polymer 'Hyperactive disaggregase ClpB'
2 polymer Alpha-S1-casein
3 non-polymer 'PHOSPHOTHIOPHOSPHORIC ACID-ADENYLATE ESTER'
4 non-polymer "ADENOSINE-5'-DIPHOSPHATE"
#
loop_
_entity_poly.entity_id
_entity_poly.type
_entity_poly.pdbx_seq_one_letter_code
_entity_poly.pdbx_strand_id
1 'polypeptide(L)'
;MRLDRLTNKFQLALADAQSLALGHDNQFIEPLHLMSALLNQEGGSVSPLLTSAGINAGQLRTDINQALNRLPQVEGTGGD
VQPSQDLVRVLNLCDNVAQKRGDNFISSELFVLAALESRGTVADILKAAGATTANITQAIEQMRGGESVNDQGAEDQRQA
LKKYTIDLTERAEQGKLDPVIGRDEEIRRTIQVLQRRTKNNPVLIGEPGVGKTAIVEGLAQRIINGEVPEGLKGRRVLAL
DMGALVAGAKYRGEFEERLKGVLNDLAKQEGNVILFIDELHTMVGAGKADGAMDAGNMLKPALARGELHCVGATTLDEYR
QYIEKDAALERRFQKVFVAEPSVEDTIAILRGLKERYELHHHVQITDPAIVAAATLSHRYIADRQLPDKAIDLIDEAASS
IRMQIDSKPEELDRLDRRIIQLKLEQQALMKESDEASKKRLDMLNEELSDKERQYSELEEEWKAEKASLSGTQTIKCELE
QAKIAIEQARRVGDLARMSELQYGKIPELEKQLEAATQLEGKTMRLLRNKVTDAEIAEVLARWTGIPVSRMMESEREKLL
RMEQELHHRVIGQNEAVDAVSNAIRRSRAGLADPNRPIGSFLFLGPTGVGKTELCKALANFMFDSDEAMVRIDMSEFMEK
HSVSRLVGAPPGYVGYEEGGYLTEAVRRRPYSVILLDEVEKAHPDVFNILLQVLDDGRLTDGQGRTVDFRNTVVIMTSNL
GSDLIQERFGELDYAHMKELVLGVVSHNFRPEFINRIDEVVVFHPLGEQHIASIAQIQLKRLYKRLEERGYEIHISDEAL
KLLSENGYDPVYGARPLKRAIQQQIENPLAQQILSGELVPGKVIRLEVNEDRIVAVQRSRSHHHHHH
;
C,F,E,D,B,A
2 'polypeptide(L)'
;(UNK)(UNK)(UNK)(UNK)(UNK)(UNK)(UNK)(UNK)(UNK)(UNK)(UNK)(UNK)(UNK)(UNK)(UNK)(UNK)
(UNK)(UNK)(UNK)(UNK)(UNK)(UNK)(UNK)(UNK)(UNK)(UNK)
;
P
#
loop_
_chem_comp.id
_chem_comp.type
_chem_comp.name
_chem_comp.formula
ADP non-polymer ADENOSINE-5'-DIPHOSPHATE 'C10 H15 N5 O10 P2'
AGS non-polymer 'PHOSPHOTHIOPHOSPHORIC ACID-ADENYLATE ESTER' 'C10 H16 N5 O12 P3 S'
#
# COMPACT_ATOMS: atom_id res chain seq x y z
N LEU A 161 -50.03 5.06 5.26
CA LEU A 161 -49.08 5.54 6.26
C LEU A 161 -48.91 4.53 7.38
N LYS A 162 -47.95 3.64 7.23
CA LYS A 162 -47.80 2.55 8.19
C LYS A 162 -46.88 2.92 9.35
N LYS A 163 -45.65 3.35 9.06
CA LYS A 163 -44.62 3.50 10.09
C LYS A 163 -43.90 4.84 9.90
N TYR A 164 -44.67 5.84 9.47
CA TYR A 164 -44.09 7.07 8.97
C TYR A 164 -44.44 8.31 9.78
N THR A 165 -44.35 8.27 11.11
CA THR A 165 -44.44 9.50 11.90
C THR A 165 -43.08 9.93 12.41
N ILE A 166 -42.30 10.63 11.57
CA ILE A 166 -41.00 11.18 11.98
C ILE A 166 -41.04 12.67 11.71
N ASP A 167 -41.20 13.46 12.75
CA ASP A 167 -41.77 14.79 12.57
C ASP A 167 -40.74 15.91 12.67
N LEU A 168 -40.80 16.85 11.75
CA LEU A 168 -40.11 18.12 11.99
C LEU A 168 -41.06 19.28 12.19
N THR A 169 -42.09 19.44 11.39
CA THR A 169 -43.03 20.51 11.62
C THR A 169 -44.02 20.22 12.74
N GLU A 170 -44.26 18.96 13.10
CA GLU A 170 -44.97 18.67 14.32
C GLU A 170 -44.03 18.78 15.52
N ARG A 171 -42.74 18.64 15.28
CA ARG A 171 -41.77 18.88 16.32
C ARG A 171 -41.44 20.35 16.45
N ALA A 172 -41.71 21.13 15.42
CA ALA A 172 -41.53 22.57 15.54
C ALA A 172 -42.69 23.23 16.22
N GLU A 173 -43.92 22.77 15.98
CA GLU A 173 -45.09 23.39 16.58
C GLU A 173 -45.20 23.08 18.06
N GLN A 174 -44.54 22.04 18.55
CA GLN A 174 -44.36 21.85 19.96
C GLN A 174 -43.21 22.66 20.53
N GLY A 175 -42.49 23.40 19.68
CA GLY A 175 -41.35 24.19 20.10
C GLY A 175 -40.10 23.40 20.37
N LYS A 176 -40.07 22.12 20.01
CA LYS A 176 -38.97 21.25 20.40
C LYS A 176 -37.70 21.45 19.58
N LEU A 177 -37.73 22.32 18.59
CA LEU A 177 -36.52 22.63 17.84
C LEU A 177 -35.92 23.92 18.38
N ASP A 178 -34.60 24.03 18.29
CA ASP A 178 -33.94 25.24 18.75
C ASP A 178 -34.21 26.37 17.77
N PRO A 179 -34.32 27.60 18.25
CA PRO A 179 -34.60 28.73 17.36
C PRO A 179 -33.43 29.00 16.44
N VAL A 180 -33.72 29.12 15.16
CA VAL A 180 -32.69 29.23 14.15
C VAL A 180 -32.61 30.67 13.70
N ILE A 181 -31.48 31.29 13.96
CA ILE A 181 -31.26 32.70 13.75
C ILE A 181 -30.37 32.82 12.53
N GLY A 182 -30.59 33.87 11.76
CA GLY A 182 -29.81 34.15 10.56
C GLY A 182 -30.07 33.18 9.42
N ARG A 183 -29.01 32.93 8.64
CA ARG A 183 -29.08 32.02 7.50
C ARG A 183 -30.24 32.30 6.54
N ASP A 184 -30.61 33.57 6.40
CA ASP A 184 -31.69 33.93 5.50
C ASP A 184 -31.28 33.88 4.04
N GLU A 185 -30.11 33.33 3.72
CA GLU A 185 -29.74 33.06 2.36
C GLU A 185 -29.41 31.60 2.10
N GLU A 186 -29.26 30.80 3.15
CA GLU A 186 -29.26 29.35 3.01
C GLU A 186 -30.62 28.75 3.29
N ILE A 187 -31.52 29.47 3.95
CA ILE A 187 -32.92 29.08 4.01
C ILE A 187 -33.67 29.61 2.79
N ARG A 188 -33.37 30.81 2.34
CA ARG A 188 -33.99 31.31 1.12
C ARG A 188 -33.51 30.61 -0.13
N ARG A 189 -32.36 29.93 -0.08
CA ARG A 189 -31.93 29.17 -1.25
C ARG A 189 -32.43 27.74 -1.22
N THR A 190 -32.61 27.15 -0.03
CA THR A 190 -33.29 25.86 -0.01
C THR A 190 -34.73 25.98 -0.46
N ILE A 191 -35.40 27.07 -0.11
CA ILE A 191 -36.78 27.24 -0.56
C ILE A 191 -36.83 27.54 -2.06
N GLN A 192 -35.81 28.20 -2.60
CA GLN A 192 -35.73 28.36 -4.05
C GLN A 192 -35.51 27.04 -4.73
N VAL A 193 -34.77 26.14 -4.09
CA VAL A 193 -34.50 24.84 -4.65
C VAL A 193 -35.63 23.88 -4.32
N LEU A 194 -36.33 24.06 -3.21
CA LEU A 194 -37.47 23.20 -2.96
C LEU A 194 -38.68 23.53 -3.80
N GLN A 195 -38.62 24.58 -4.60
CA GLN A 195 -39.76 25.02 -5.34
C GLN A 195 -39.59 24.85 -6.84
N ARG A 196 -38.48 24.33 -7.30
CA ARG A 196 -38.31 24.21 -8.73
C ARG A 196 -39.03 22.99 -9.24
N ARG A 197 -39.11 22.88 -10.56
CA ARG A 197 -39.99 21.89 -11.15
C ARG A 197 -39.40 20.50 -11.06
N THR A 198 -38.17 20.33 -11.53
CA THR A 198 -37.49 19.05 -11.57
C THR A 198 -36.24 19.12 -10.71
N LYS A 199 -35.95 18.02 -10.02
CA LYS A 199 -34.88 17.90 -9.03
C LYS A 199 -34.98 19.00 -7.99
N ASN A 200 -36.14 19.09 -7.37
CA ASN A 200 -36.33 20.11 -6.35
C ASN A 200 -35.88 19.60 -4.99
N ASN A 201 -34.58 19.41 -4.86
CA ASN A 201 -34.11 18.88 -3.60
C ASN A 201 -32.72 19.34 -3.21
N PRO A 202 -32.62 20.30 -2.30
CA PRO A 202 -31.33 20.87 -1.93
C PRO A 202 -30.53 19.93 -1.06
N VAL A 203 -29.26 20.27 -0.87
CA VAL A 203 -28.36 19.49 -0.02
C VAL A 203 -27.48 20.48 0.74
N LEU A 204 -27.65 20.53 2.06
CA LEU A 204 -26.88 21.47 2.85
C LEU A 204 -25.52 20.86 3.06
N ILE A 205 -24.58 21.13 2.19
CA ILE A 205 -23.21 20.75 2.47
C ILE A 205 -22.50 21.87 3.21
N GLY A 206 -21.71 21.48 4.20
CA GLY A 206 -20.96 22.44 5.00
C GLY A 206 -20.16 21.73 6.08
N GLU A 207 -19.14 22.41 6.60
CA GLU A 207 -18.29 21.84 7.64
C GLU A 207 -19.12 21.42 8.85
N PRO A 208 -18.79 20.24 9.42
CA PRO A 208 -19.48 19.71 10.60
C PRO A 208 -19.60 20.74 11.71
N GLY A 209 -20.84 21.07 12.10
CA GLY A 209 -21.07 22.05 13.14
C GLY A 209 -21.41 23.41 12.57
N VAL A 210 -21.46 23.51 11.25
CA VAL A 210 -21.77 24.75 10.58
C VAL A 210 -23.22 25.17 10.84
N GLY A 211 -24.12 24.19 10.83
CA GLY A 211 -25.53 24.46 11.06
C GLY A 211 -26.42 23.97 9.93
N LYS A 212 -26.05 22.83 9.35
CA LYS A 212 -26.82 22.26 8.26
C LYS A 212 -28.08 21.57 8.75
N THR A 213 -27.96 20.81 9.84
CA THR A 213 -29.14 20.19 10.43
C THR A 213 -30.08 21.24 11.00
N ALA A 214 -29.53 22.33 11.49
CA ALA A 214 -30.32 23.44 11.97
C ALA A 214 -30.62 24.46 10.91
N ILE A 215 -30.62 24.12 9.64
CA ILE A 215 -31.36 24.89 8.64
C ILE A 215 -32.74 24.30 8.47
N VAL A 216 -32.79 22.98 8.34
CA VAL A 216 -34.04 22.28 8.13
C VAL A 216 -34.85 22.21 9.40
N GLU A 217 -34.23 22.40 10.56
CA GLU A 217 -34.98 22.66 11.77
C GLU A 217 -35.37 24.12 11.90
N GLY A 218 -34.95 24.96 10.96
CA GLY A 218 -35.34 26.35 10.96
C GLY A 218 -36.05 26.66 9.68
N LEU A 219 -36.12 25.65 8.83
CA LEU A 219 -37.10 25.65 7.77
C LEU A 219 -38.41 25.04 8.26
N ALA A 220 -38.32 24.11 9.20
CA ALA A 220 -39.53 23.54 9.76
C ALA A 220 -40.26 24.54 10.62
N GLN A 221 -39.56 25.53 11.16
CA GLN A 221 -40.18 26.60 11.92
C GLN A 221 -40.63 27.74 11.04
N ARG A 222 -39.96 28.00 9.95
CA ARG A 222 -40.46 29.00 9.04
C ARG A 222 -41.64 28.51 8.23
N ILE A 223 -41.90 27.22 8.23
CA ILE A 223 -43.09 26.68 7.58
C ILE A 223 -44.30 26.75 8.49
N ILE A 224 -44.14 26.44 9.78
CA ILE A 224 -45.27 26.52 10.68
C ILE A 224 -45.60 27.95 11.10
N ASN A 225 -44.64 28.87 11.04
CA ASN A 225 -44.92 30.26 11.34
C ASN A 225 -45.43 31.02 10.12
N GLY A 226 -45.46 30.39 8.96
CA GLY A 226 -45.90 31.08 7.78
C GLY A 226 -44.98 32.16 7.31
N GLU A 227 -43.69 32.04 7.60
CA GLU A 227 -42.67 32.97 7.11
C GLU A 227 -42.03 32.49 5.84
N VAL A 228 -42.82 31.88 4.96
CA VAL A 228 -42.36 31.01 3.89
C VAL A 228 -43.28 31.32 2.71
N PRO A 229 -42.83 31.08 1.46
CA PRO A 229 -43.66 31.45 0.30
C PRO A 229 -45.03 30.77 0.19
N GLU A 230 -45.86 31.30 -0.69
CA GLU A 230 -47.10 30.63 -1.05
C GLU A 230 -46.75 29.36 -1.82
N GLY A 231 -47.17 28.23 -1.29
CA GLY A 231 -46.80 26.97 -1.89
C GLY A 231 -45.95 26.16 -0.93
N LEU A 232 -44.99 26.82 -0.30
CA LEU A 232 -44.31 26.24 0.85
C LEU A 232 -45.11 26.34 2.13
N LYS A 233 -46.26 27.01 2.11
CA LYS A 233 -47.07 27.09 3.30
C LYS A 233 -47.74 25.75 3.57
N GLY A 234 -47.63 25.29 4.80
CA GLY A 234 -48.40 24.15 5.24
C GLY A 234 -47.93 22.80 4.75
N ARG A 235 -46.71 22.70 4.25
CA ARG A 235 -46.21 21.39 3.90
C ARG A 235 -45.27 20.87 4.96
N ARG A 236 -45.46 19.62 5.35
CA ARG A 236 -44.75 19.05 6.46
C ARG A 236 -43.33 18.68 6.05
N VAL A 237 -42.40 18.86 6.98
CA VAL A 237 -41.02 18.41 6.79
C VAL A 237 -40.89 17.09 7.53
N LEU A 238 -40.46 16.04 6.86
CA LEU A 238 -40.38 14.75 7.50
C LEU A 238 -38.95 14.25 7.45
N ALA A 239 -38.36 14.05 8.62
CA ALA A 239 -36.99 13.57 8.66
C ALA A 239 -36.94 12.07 8.44
N LEU A 240 -36.61 11.66 7.22
CA LEU A 240 -36.48 10.24 6.93
C LEU A 240 -35.31 9.64 7.68
N ASP A 241 -35.61 8.74 8.60
CA ASP A 241 -34.60 8.09 9.41
C ASP A 241 -34.18 6.77 8.77
N MET A 242 -33.31 6.85 7.78
CA MET A 242 -32.64 5.65 7.31
C MET A 242 -31.71 5.12 8.38
N GLY A 243 -31.90 3.87 8.73
CA GLY A 243 -31.38 3.31 9.94
C GLY A 243 -32.55 2.71 10.67
N ALA A 244 -33.69 3.38 10.60
CA ALA A 244 -34.92 2.85 11.13
C ALA A 244 -35.78 2.20 10.07
N LEU A 245 -35.57 2.52 8.81
CA LEU A 245 -36.24 1.84 7.71
C LEU A 245 -35.22 1.33 6.71
N VAL A 246 -34.04 0.95 7.22
CA VAL A 246 -33.17 -0.09 6.67
C VAL A 246 -32.83 -0.96 7.88
N ALA A 247 -33.80 -1.05 8.79
CA ALA A 247 -33.76 -1.79 10.06
C ALA A 247 -33.85 -3.27 9.79
N GLY A 248 -34.46 -4.06 10.67
CA GLY A 248 -34.46 -5.50 10.47
C GLY A 248 -35.19 -6.04 9.25
N ALA A 249 -34.73 -5.58 8.09
CA ALA A 249 -35.20 -5.97 6.78
C ALA A 249 -34.25 -6.99 6.17
N LYS A 250 -34.17 -8.14 6.84
CA LYS A 250 -33.19 -9.15 6.47
C LYS A 250 -33.59 -9.86 5.19
N TYR A 251 -34.89 -10.07 5.00
CA TYR A 251 -35.37 -10.80 3.83
C TYR A 251 -35.25 -9.91 2.60
N ARG A 252 -35.15 -10.53 1.44
CA ARG A 252 -34.91 -9.74 0.25
C ARG A 252 -36.18 -9.01 -0.12
N GLY A 253 -36.01 -7.79 -0.59
CA GLY A 253 -37.12 -6.94 -0.87
C GLY A 253 -37.84 -6.38 0.34
N GLU A 254 -37.40 -6.70 1.55
CA GLU A 254 -38.04 -6.10 2.70
C GLU A 254 -37.60 -4.66 2.87
N PHE A 255 -36.39 -4.33 2.47
CA PHE A 255 -35.99 -2.93 2.42
C PHE A 255 -36.55 -2.24 1.20
N GLU A 256 -36.55 -2.94 0.07
CA GLU A 256 -37.04 -2.35 -1.17
C GLU A 256 -38.53 -2.07 -1.11
N GLU A 257 -39.28 -2.73 -0.23
CA GLU A 257 -40.69 -2.44 0.00
C GLU A 257 -40.92 -1.49 1.14
N ARG A 258 -39.93 -1.28 2.01
CA ARG A 258 -40.02 -0.20 2.96
C ARG A 258 -39.82 1.13 2.28
N LEU A 259 -38.86 1.19 1.37
CA LEU A 259 -38.60 2.40 0.61
C LEU A 259 -39.67 2.68 -0.43
N LYS A 260 -40.19 1.65 -1.08
CA LYS A 260 -41.27 1.85 -2.01
C LYS A 260 -42.56 2.23 -1.31
N GLY A 261 -42.71 1.85 -0.06
CA GLY A 261 -43.82 2.24 0.76
C GLY A 261 -43.75 3.64 1.32
N VAL A 262 -42.64 4.33 1.15
CA VAL A 262 -42.56 5.76 1.40
C VAL A 262 -42.79 6.54 0.12
N LEU A 263 -42.21 6.08 -0.98
CA LEU A 263 -42.32 6.78 -2.25
C LEU A 263 -43.72 6.72 -2.79
N ASN A 264 -44.41 5.61 -2.59
CA ASN A 264 -45.80 5.52 -2.97
C ASN A 264 -46.71 6.12 -1.94
N ASP A 265 -46.15 6.65 -0.85
CA ASP A 265 -46.89 7.33 0.20
C ASP A 265 -46.67 8.82 0.20
N LEU A 266 -45.48 9.29 -0.16
CA LEU A 266 -45.28 10.72 -0.34
C LEU A 266 -45.98 11.23 -1.58
N ALA A 267 -46.21 10.37 -2.57
CA ALA A 267 -46.99 10.77 -3.73
C ALA A 267 -48.46 10.88 -3.41
N LYS A 268 -48.93 10.24 -2.34
CA LYS A 268 -50.29 10.41 -1.87
C LYS A 268 -50.44 11.58 -0.92
N GLN A 269 -49.34 12.21 -0.51
CA GLN A 269 -49.41 13.49 0.16
C GLN A 269 -49.50 14.63 -0.82
N GLU A 270 -49.32 14.34 -2.11
CA GLU A 270 -49.65 15.23 -3.23
C GLU A 270 -48.77 16.48 -3.22
N GLY A 271 -47.46 16.25 -3.17
CA GLY A 271 -46.51 17.33 -3.24
C GLY A 271 -46.46 18.22 -2.02
N ASN A 272 -47.00 17.77 -0.90
CA ASN A 272 -47.10 18.58 0.30
C ASN A 272 -46.29 18.01 1.44
N VAL A 273 -45.17 17.38 1.16
CA VAL A 273 -44.27 16.84 2.16
C VAL A 273 -42.84 17.09 1.68
N ILE A 274 -42.05 17.73 2.52
CA ILE A 274 -40.63 17.94 2.27
C ILE A 274 -39.87 16.86 2.99
N LEU A 275 -39.09 16.08 2.29
CA LEU A 275 -38.32 15.07 3.00
C LEU A 275 -36.99 15.65 3.43
N PHE A 276 -36.51 15.22 4.58
CA PHE A 276 -35.25 15.68 5.12
C PHE A 276 -34.45 14.42 5.42
N ILE A 277 -33.69 13.96 4.43
CA ILE A 277 -32.75 12.89 4.68
C ILE A 277 -31.51 13.49 5.28
N ASP A 278 -31.43 13.51 6.60
CA ASP A 278 -30.24 13.96 7.29
C ASP A 278 -29.17 12.90 7.19
N GLU A 279 -27.92 13.33 7.09
CA GLU A 279 -26.78 12.50 6.72
C GLU A 279 -27.10 11.74 5.44
N LEU A 280 -27.17 12.51 4.37
CA LEU A 280 -27.56 12.01 3.07
C LEU A 280 -26.58 10.98 2.50
N HIS A 281 -25.36 10.93 2.98
CA HIS A 281 -24.46 9.87 2.56
C HIS A 281 -24.86 8.49 3.09
N THR A 282 -25.83 8.40 3.99
CA THR A 282 -26.27 7.09 4.44
C THR A 282 -27.18 6.41 3.42
N MET A 283 -27.73 7.16 2.48
CA MET A 283 -28.44 6.54 1.37
C MET A 283 -27.59 6.51 0.13
N ALA A 295 -31.92 2.87 -0.71
CA ALA A 295 -30.74 2.98 -1.51
C ALA A 295 -30.90 4.24 -2.29
N GLY A 296 -29.80 4.77 -2.80
CA GLY A 296 -29.83 5.93 -3.62
C GLY A 296 -30.27 5.56 -5.01
N ASN A 297 -30.07 4.30 -5.39
CA ASN A 297 -30.47 3.84 -6.71
C ASN A 297 -31.95 3.57 -6.84
N MET A 298 -32.71 3.71 -5.76
CA MET A 298 -34.15 3.55 -5.84
C MET A 298 -34.88 4.88 -5.84
N LEU A 299 -34.22 5.96 -5.43
CA LEU A 299 -34.82 7.29 -5.50
C LEU A 299 -34.27 7.96 -6.75
N LYS A 300 -34.24 7.24 -7.82
CA LYS A 300 -33.90 7.86 -9.09
C LYS A 300 -35.09 8.52 -9.77
N PRO A 301 -36.26 7.88 -9.95
CA PRO A 301 -37.36 8.70 -10.45
C PRO A 301 -37.99 9.57 -9.38
N ALA A 302 -37.73 9.30 -8.12
CA ALA A 302 -38.27 10.16 -7.09
C ALA A 302 -37.56 11.50 -7.09
N LEU A 303 -36.24 11.48 -7.04
CA LEU A 303 -35.50 12.72 -6.85
C LEU A 303 -35.41 13.52 -8.15
N ALA A 304 -35.20 12.86 -9.27
CA ALA A 304 -34.94 13.55 -10.52
C ALA A 304 -36.18 14.13 -11.16
N ARG A 305 -37.35 13.56 -10.92
CA ARG A 305 -38.57 14.13 -11.47
C ARG A 305 -39.15 15.20 -10.58
N GLY A 306 -38.74 15.23 -9.31
CA GLY A 306 -39.32 16.15 -8.37
C GLY A 306 -40.49 15.62 -7.60
N GLU A 307 -40.73 14.32 -7.64
CA GLU A 307 -41.77 13.73 -6.81
C GLU A 307 -41.38 13.76 -5.36
N LEU A 308 -40.08 13.74 -5.10
CA LEU A 308 -39.54 13.74 -3.76
C LEU A 308 -38.86 15.08 -3.51
N HIS A 309 -39.47 15.92 -2.69
CA HIS A 309 -38.91 17.22 -2.32
C HIS A 309 -37.91 16.99 -1.21
N CYS A 310 -36.80 16.36 -1.51
CA CYS A 310 -35.84 15.96 -0.50
C CYS A 310 -35.09 17.19 -0.01
N VAL A 311 -34.46 17.09 1.16
CA VAL A 311 -33.53 18.09 1.65
C VAL A 311 -32.40 17.31 2.30
N GLY A 312 -31.28 17.22 1.64
CA GLY A 312 -30.16 16.50 2.20
C GLY A 312 -29.39 17.39 3.12
N ALA A 313 -28.64 16.79 4.03
CA ALA A 313 -27.74 17.57 4.85
C ALA A 313 -26.56 16.67 5.19
N THR A 314 -25.54 16.69 4.34
CA THR A 314 -24.35 15.93 4.56
C THR A 314 -23.17 16.88 4.65
N THR A 315 -22.08 16.38 5.23
CA THR A 315 -20.88 17.16 5.45
C THR A 315 -20.16 17.57 4.17
N LEU A 316 -18.93 18.04 4.33
CA LEU A 316 -18.13 18.47 3.20
C LEU A 316 -17.25 17.36 2.65
N ASP A 317 -17.16 16.25 3.37
CA ASP A 317 -16.33 15.17 2.89
C ASP A 317 -17.04 13.84 2.90
N GLU A 318 -18.21 13.77 3.53
CA GLU A 318 -19.12 12.68 3.29
C GLU A 318 -19.96 12.90 2.06
N TYR A 319 -19.88 14.09 1.47
CA TYR A 319 -20.33 14.28 0.10
C TYR A 319 -19.27 13.84 -0.88
N ARG A 320 -18.02 14.01 -0.54
CA ARG A 320 -16.98 13.58 -1.45
C ARG A 320 -16.77 12.08 -1.36
N GLN A 321 -17.03 11.49 -0.20
CA GLN A 321 -16.84 10.06 -0.03
C GLN A 321 -17.97 9.28 -0.67
N TYR A 322 -19.21 9.48 -0.22
CA TYR A 322 -20.30 8.65 -0.76
C TYR A 322 -20.90 9.32 -1.99
N ILE A 323 -21.53 10.46 -1.81
CA ILE A 323 -22.34 10.95 -2.92
C ILE A 323 -21.52 11.92 -3.77
N GLU A 324 -20.48 11.41 -4.39
CA GLU A 324 -19.92 11.89 -5.64
C GLU A 324 -19.38 10.67 -6.32
N LYS A 325 -19.52 9.54 -5.65
CA LYS A 325 -19.12 8.26 -6.19
C LYS A 325 -20.37 7.55 -6.68
N ASP A 326 -21.52 8.16 -6.48
CA ASP A 326 -22.72 7.88 -7.24
C ASP A 326 -23.03 9.18 -7.95
N ALA A 327 -22.37 9.40 -9.09
CA ALA A 327 -22.48 10.66 -9.82
C ALA A 327 -23.80 10.80 -10.54
N ALA A 328 -24.57 9.73 -10.64
CA ALA A 328 -25.93 9.85 -11.10
C ALA A 328 -26.85 10.31 -10.00
N LEU A 329 -26.43 10.21 -8.74
CA LEU A 329 -27.24 10.65 -7.61
C LEU A 329 -26.79 12.02 -7.13
N GLU A 330 -25.52 12.34 -7.34
CA GLU A 330 -25.04 13.70 -7.15
C GLU A 330 -25.72 14.65 -8.13
N ARG A 331 -26.10 14.13 -9.28
CA ARG A 331 -26.84 14.87 -10.29
C ARG A 331 -28.15 15.38 -9.76
N ARG A 332 -28.81 14.57 -8.93
CA ARG A 332 -30.16 14.90 -8.51
C ARG A 332 -30.22 16.02 -7.53
N PHE A 333 -29.16 16.27 -6.79
CA PHE A 333 -29.20 17.18 -5.66
C PHE A 333 -28.56 18.50 -6.02
N GLN A 334 -29.17 19.59 -5.58
CA GLN A 334 -28.52 20.88 -5.63
C GLN A 334 -27.78 21.09 -4.33
N LYS A 335 -26.51 21.40 -4.40
CA LYS A 335 -25.75 21.59 -3.18
C LYS A 335 -25.86 23.03 -2.71
N VAL A 336 -26.45 23.21 -1.55
CA VAL A 336 -26.54 24.50 -0.89
C VAL A 336 -25.37 24.56 0.06
N PHE A 337 -24.38 25.39 -0.24
CA PHE A 337 -23.20 25.48 0.60
C PHE A 337 -23.54 26.28 1.84
N VAL A 338 -23.46 25.65 3.00
CA VAL A 338 -23.70 26.33 4.28
C VAL A 338 -22.35 26.77 4.79
N ALA A 339 -22.11 28.07 4.77
CA ALA A 339 -20.82 28.60 5.17
C ALA A 339 -20.75 28.67 6.68
N GLU A 340 -19.56 28.51 7.20
CA GLU A 340 -19.35 28.70 8.63
C GLU A 340 -19.52 30.18 8.93
N PRO A 341 -20.39 30.54 9.87
CA PRO A 341 -20.67 31.95 10.10
C PRO A 341 -19.49 32.67 10.71
N SER A 342 -19.55 33.99 10.67
CA SER A 342 -18.48 34.80 11.22
C SER A 342 -18.64 34.83 12.73
N VAL A 343 -17.76 35.58 13.41
CA VAL A 343 -17.95 35.76 14.83
C VAL A 343 -19.10 36.70 15.09
N GLU A 344 -19.32 37.68 14.20
CA GLU A 344 -20.44 38.57 14.36
C GLU A 344 -21.77 37.86 14.17
N ASP A 345 -21.83 36.88 13.26
CA ASP A 345 -23.06 36.11 13.11
C ASP A 345 -23.23 35.16 14.26
N THR A 346 -22.14 34.58 14.77
CA THR A 346 -22.23 33.60 15.84
C THR A 346 -22.72 34.20 17.14
N ILE A 347 -22.44 35.47 17.40
CA ILE A 347 -23.03 36.08 18.57
C ILE A 347 -24.51 36.29 18.35
N ALA A 348 -24.90 36.59 17.11
CA ALA A 348 -26.31 36.66 16.79
C ALA A 348 -26.96 35.28 16.79
N ILE A 349 -26.20 34.23 16.48
CA ILE A 349 -26.68 32.87 16.72
C ILE A 349 -26.85 32.65 18.21
N LEU A 350 -25.82 32.96 18.98
CA LEU A 350 -25.80 32.63 20.39
C LEU A 350 -26.72 33.49 21.22
N ARG A 351 -27.11 34.66 20.72
CA ARG A 351 -28.04 35.49 21.46
C ARG A 351 -29.43 34.89 21.47
N GLY A 352 -29.80 34.20 20.41
CA GLY A 352 -31.11 33.60 20.34
C GLY A 352 -31.17 32.25 20.98
N LEU A 353 -30.04 31.58 21.16
CA LEU A 353 -30.07 30.30 21.85
C LEU A 353 -29.82 30.40 23.34
N LYS A 354 -29.40 31.56 23.85
CA LYS A 354 -29.14 31.63 25.28
C LYS A 354 -30.40 31.59 26.09
N GLU A 355 -31.57 31.80 25.46
CA GLU A 355 -32.83 31.51 26.12
C GLU A 355 -32.97 30.03 26.40
N ARG A 356 -32.63 29.18 25.44
CA ARG A 356 -32.83 27.75 25.61
C ARG A 356 -31.80 27.14 26.52
N TYR A 357 -30.61 27.73 26.61
CA TYR A 357 -29.56 27.19 27.46
C TYR A 357 -29.62 27.71 28.88
N GLU A 358 -30.24 28.86 29.10
CA GLU A 358 -30.57 29.25 30.46
C GLU A 358 -31.63 28.34 31.04
N LEU A 359 -32.59 27.92 30.21
CA LEU A 359 -33.70 27.09 30.67
C LEU A 359 -33.24 25.70 31.08
N HIS A 360 -32.30 25.11 30.36
CA HIS A 360 -31.92 23.75 30.71
C HIS A 360 -31.02 23.73 31.94
N HIS A 361 -30.18 24.74 32.10
CA HIS A 361 -29.16 24.73 33.13
C HIS A 361 -29.56 25.48 34.39
N HIS A 362 -30.65 26.25 34.33
CA HIS A 362 -31.12 27.14 35.40
C HIS A 362 -30.02 28.11 35.83
N VAL A 363 -29.31 28.64 34.83
CA VAL A 363 -28.32 29.67 35.03
C VAL A 363 -28.76 30.88 34.23
N GLN A 364 -28.00 31.96 34.30
CA GLN A 364 -28.25 33.14 33.50
C GLN A 364 -27.00 33.44 32.68
N ILE A 365 -27.16 33.54 31.38
CA ILE A 365 -26.04 33.65 30.48
C ILE A 365 -25.93 35.08 30.03
N THR A 366 -24.93 35.79 30.57
CA THR A 366 -24.77 37.21 30.29
C THR A 366 -24.27 37.40 28.88
N ASP A 367 -24.45 38.60 28.35
CA ASP A 367 -24.02 38.82 26.98
C ASP A 367 -22.51 39.01 26.81
N PRO A 368 -21.74 39.55 27.78
CA PRO A 368 -20.29 39.37 27.69
C PRO A 368 -19.84 37.93 27.76
N ALA A 369 -20.63 37.03 28.32
CA ALA A 369 -20.27 35.64 28.33
C ALA A 369 -20.48 34.96 26.99
N ILE A 370 -21.16 35.59 26.04
CA ILE A 370 -21.31 35.00 24.72
C ILE A 370 -20.57 35.77 23.65
N VAL A 371 -20.20 37.03 23.90
CA VAL A 371 -19.29 37.69 22.98
C VAL A 371 -17.91 37.10 23.13
N ALA A 372 -17.51 36.79 24.35
CA ALA A 372 -16.27 36.09 24.62
C ALA A 372 -16.45 34.59 24.68
N ALA A 373 -17.54 34.06 24.14
CA ALA A 373 -17.61 32.64 23.84
C ALA A 373 -17.50 32.37 22.36
N ALA A 374 -17.89 33.32 21.55
CA ALA A 374 -17.71 33.25 20.11
C ALA A 374 -16.40 33.85 19.66
N THR A 375 -15.82 34.77 20.42
CA THR A 375 -14.53 35.32 20.06
C THR A 375 -13.41 34.44 20.56
N LEU A 376 -13.55 33.86 21.75
CA LEU A 376 -12.52 32.99 22.26
C LEU A 376 -12.47 31.69 21.49
N SER A 377 -13.63 31.12 21.17
CA SER A 377 -13.61 29.86 20.46
C SER A 377 -13.20 30.02 19.01
N HIS A 378 -13.36 31.21 18.45
CA HIS A 378 -12.83 31.46 17.12
C HIS A 378 -11.32 31.46 17.14
N ARG A 379 -10.74 32.00 18.20
CA ARG A 379 -9.31 32.18 18.23
C ARG A 379 -8.59 30.91 18.63
N TYR A 380 -9.19 30.12 19.51
CA TYR A 380 -8.45 29.06 20.19
C TYR A 380 -8.88 27.65 19.83
N ILE A 381 -10.17 27.38 19.68
CA ILE A 381 -10.60 26.04 19.34
C ILE A 381 -10.43 25.87 17.84
N ALA A 382 -9.57 24.94 17.45
CA ALA A 382 -9.17 24.88 16.05
C ALA A 382 -9.76 23.70 15.30
N ASP A 383 -10.15 22.66 16.03
CA ASP A 383 -10.72 21.47 15.41
C ASP A 383 -12.20 21.70 15.07
N ARG A 384 -12.88 22.46 15.92
CA ARG A 384 -14.29 22.76 15.72
C ARG A 384 -14.49 23.82 14.63
N GLN A 385 -15.74 24.17 14.38
CA GLN A 385 -16.06 25.17 13.36
C GLN A 385 -16.15 26.57 13.95
N LEU A 386 -17.36 26.98 14.31
CA LEU A 386 -17.57 28.30 14.89
C LEU A 386 -18.86 28.36 15.71
N PRO A 387 -20.00 28.14 15.03
CA PRO A 387 -21.32 28.17 15.68
C PRO A 387 -21.49 27.01 16.66
N ASP A 388 -20.87 25.87 16.34
CA ASP A 388 -20.95 24.69 17.20
C ASP A 388 -19.78 24.67 18.18
N LYS A 389 -18.70 25.36 17.82
CA LYS A 389 -17.52 25.44 18.66
C LYS A 389 -17.60 26.62 19.61
N ALA A 390 -18.63 27.45 19.44
CA ALA A 390 -18.82 28.62 20.27
C ALA A 390 -20.02 28.43 21.20
N ILE A 391 -20.89 27.50 20.82
CA ILE A 391 -22.09 27.22 21.62
C ILE A 391 -21.78 26.21 22.72
N ASP A 392 -20.74 25.40 22.50
CA ASP A 392 -20.34 24.39 23.47
C ASP A 392 -19.76 25.03 24.73
N LEU A 393 -19.04 26.14 24.54
CA LEU A 393 -18.43 26.84 25.65
C LEU A 393 -19.51 27.43 26.55
N ILE A 394 -20.54 27.98 25.93
CA ILE A 394 -21.74 28.41 26.62
C ILE A 394 -22.40 27.21 27.31
N ASP A 395 -22.35 26.06 26.68
CA ASP A 395 -23.06 24.90 27.19
C ASP A 395 -22.37 24.26 28.37
N GLU A 396 -21.05 24.13 28.35
CA GLU A 396 -20.40 23.47 29.48
C GLU A 396 -19.77 24.42 30.46
N ALA A 397 -19.86 25.72 30.24
CA ALA A 397 -19.61 26.59 31.37
C ALA A 397 -20.86 26.72 32.21
N ALA A 398 -22.03 26.70 31.55
CA ALA A 398 -23.29 26.69 32.26
C ALA A 398 -23.46 25.42 33.09
N SER A 399 -23.10 24.29 32.52
CA SER A 399 -23.19 23.04 33.26
C SER A 399 -22.11 22.94 34.32
N SER A 400 -21.02 23.69 34.18
CA SER A 400 -20.06 23.77 35.27
C SER A 400 -20.57 24.59 36.42
N ILE A 401 -21.41 25.58 36.14
CA ILE A 401 -21.99 26.41 37.20
C ILE A 401 -22.96 25.60 38.04
N ARG A 402 -23.91 24.95 37.39
CA ARG A 402 -24.88 24.14 38.09
C ARG A 402 -24.26 22.86 38.66
N MET A 403 -23.09 22.45 38.18
CA MET A 403 -22.38 21.39 38.88
C MET A 403 -21.83 21.88 40.21
N GLN A 404 -21.48 23.17 40.30
CA GLN A 404 -20.95 23.71 41.55
C GLN A 404 -22.04 23.91 42.58
N ILE A 405 -23.24 24.30 42.13
CA ILE A 405 -24.30 24.68 43.07
C ILE A 405 -24.86 23.44 43.75
N ASP A 406 -25.08 22.37 42.98
CA ASP A 406 -25.66 21.14 43.50
C ASP A 406 -24.64 20.25 44.20
N SER A 407 -23.39 20.69 44.30
CA SER A 407 -22.35 19.93 44.98
C SER A 407 -21.80 20.77 46.12
N LYS A 408 -22.48 20.71 47.27
CA LYS A 408 -22.10 21.51 48.42
C LYS A 408 -20.83 20.98 49.08
N ARG A 525 -23.08 35.88 47.26
CA ARG A 525 -23.81 34.65 47.57
C ARG A 525 -23.17 33.45 46.88
N LEU A 526 -23.39 32.25 47.44
CA LEU A 526 -22.78 31.05 46.91
C LEU A 526 -23.56 30.48 45.73
N LEU A 527 -24.83 30.83 45.58
CA LEU A 527 -25.54 30.61 44.33
C LEU A 527 -24.88 31.41 43.23
N ARG A 528 -24.77 30.82 42.06
CA ARG A 528 -24.27 31.53 40.88
C ARG A 528 -25.27 31.30 39.76
N ASN A 529 -25.86 32.39 39.29
CA ASN A 529 -26.66 32.28 38.08
C ASN A 529 -25.85 32.68 36.86
N LYS A 530 -24.89 33.59 37.03
CA LYS A 530 -24.16 34.12 35.88
C LYS A 530 -23.19 33.08 35.37
N VAL A 531 -22.90 33.17 34.08
CA VAL A 531 -21.89 32.29 33.49
C VAL A 531 -20.88 33.19 32.76
N THR A 532 -20.66 34.37 33.35
CA THR A 532 -19.89 35.48 32.78
C THR A 532 -18.51 35.07 32.30
N ASP A 533 -17.96 35.87 31.38
CA ASP A 533 -16.86 35.45 30.50
C ASP A 533 -15.58 35.09 31.23
N ALA A 534 -15.49 35.34 32.54
CA ALA A 534 -14.49 34.69 33.36
C ALA A 534 -14.66 33.19 33.34
N GLU A 535 -15.90 32.70 33.31
CA GLU A 535 -16.18 31.27 33.39
C GLU A 535 -16.30 30.60 32.03
N ILE A 536 -16.39 31.37 30.94
CA ILE A 536 -16.23 30.80 29.61
C ILE A 536 -14.75 30.58 29.32
N ALA A 537 -13.91 31.52 29.73
CA ALA A 537 -12.48 31.36 29.53
C ALA A 537 -11.91 30.29 30.43
N GLU A 538 -12.53 30.04 31.58
CA GLU A 538 -12.09 28.93 32.42
C GLU A 538 -12.36 27.60 31.77
N VAL A 539 -13.42 27.53 30.97
CA VAL A 539 -13.78 26.30 30.28
C VAL A 539 -12.86 26.08 29.08
N LEU A 540 -12.47 27.19 28.45
CA LEU A 540 -11.58 27.13 27.30
C LEU A 540 -10.17 26.78 27.75
N ALA A 541 -9.82 27.23 28.96
CA ALA A 541 -8.51 26.96 29.53
C ALA A 541 -8.35 25.48 29.84
N ARG A 542 -9.47 24.83 30.16
CA ARG A 542 -9.46 23.41 30.48
C ARG A 542 -9.46 22.53 29.25
N TRP A 543 -9.43 23.13 28.06
CA TRP A 543 -9.41 22.37 26.81
C TRP A 543 -8.11 22.63 26.06
N THR A 544 -7.53 23.81 26.27
CA THR A 544 -6.28 24.19 25.62
C THR A 544 -5.17 24.37 26.65
N GLY A 545 -5.44 25.20 27.66
CA GLY A 545 -4.47 25.46 28.70
C GLY A 545 -4.09 26.93 28.79
N ILE A 546 -5.03 27.80 28.44
CA ILE A 546 -4.79 29.24 28.49
C ILE A 546 -5.93 29.97 29.19
N PRO A 547 -6.04 29.78 30.52
CA PRO A 547 -7.09 30.43 31.32
C PRO A 547 -6.90 31.94 31.39
N VAL A 548 -7.97 32.69 31.12
CA VAL A 548 -7.90 34.14 31.15
C VAL A 548 -8.34 34.69 32.51
N SER A 549 -9.07 33.87 33.27
CA SER A 549 -9.55 34.27 34.58
C SER A 549 -8.45 34.14 35.62
N ARG A 550 -7.63 35.18 35.74
CA ARG A 550 -6.53 35.19 36.70
C ARG A 550 -5.96 36.60 36.88
N MET A 551 -6.84 37.55 37.16
CA MET A 551 -6.43 38.94 37.35
C MET A 551 -6.09 39.22 38.81
N MET A 552 -6.81 38.60 39.74
CA MET A 552 -6.52 38.77 41.15
C MET A 552 -5.78 37.58 41.76
N GLU A 553 -5.55 36.53 40.98
CA GLU A 553 -4.96 35.29 41.48
C GLU A 553 -3.46 35.46 41.63
N SER A 554 -2.74 34.34 41.68
CA SER A 554 -1.27 34.34 41.64
C SER A 554 -0.79 34.57 40.21
N GLU A 555 -1.06 35.78 39.71
CA GLU A 555 -0.41 36.29 38.53
C GLU A 555 0.49 37.48 38.84
N ARG A 556 0.49 37.97 40.08
CA ARG A 556 1.56 38.88 40.48
C ARG A 556 2.77 38.09 40.96
N GLU A 557 2.56 37.17 41.89
CA GLU A 557 3.64 36.39 42.46
C GLU A 557 3.89 35.10 41.70
N LYS A 558 3.56 35.07 40.40
CA LYS A 558 4.23 34.13 39.53
C LYS A 558 4.77 34.83 38.30
N LEU A 559 4.04 35.81 37.77
CA LEU A 559 4.46 36.39 36.50
C LEU A 559 5.26 37.68 36.64
N LEU A 560 4.94 38.52 37.64
CA LEU A 560 5.72 39.75 37.78
C LEU A 560 7.10 39.46 38.34
N ARG A 561 7.19 38.45 39.20
CA ARG A 561 8.48 37.86 39.55
C ARG A 561 8.72 36.58 38.76
N MET A 562 8.72 36.68 37.43
CA MET A 562 9.12 35.50 36.66
C MET A 562 10.62 35.35 36.64
N GLU A 563 11.34 36.46 36.54
CA GLU A 563 12.80 36.40 36.54
C GLU A 563 13.34 36.02 37.90
N GLN A 564 12.56 36.18 38.97
CA GLN A 564 12.89 35.47 40.21
C GLN A 564 12.80 33.97 40.02
N GLU A 565 11.72 33.49 39.40
CA GLU A 565 11.52 32.06 39.33
C GLU A 565 12.34 31.40 38.23
N LEU A 566 12.87 32.18 37.30
CA LEU A 566 13.72 31.61 36.28
C LEU A 566 15.19 31.77 36.62
N HIS A 567 15.53 32.61 37.58
CA HIS A 567 16.88 32.64 38.11
C HIS A 567 17.04 31.71 39.28
N HIS A 568 16.03 30.92 39.59
CA HIS A 568 16.22 29.79 40.46
C HIS A 568 16.75 28.59 39.71
N ARG A 569 16.78 28.66 38.38
CA ARG A 569 17.34 27.58 37.58
C ARG A 569 18.27 28.06 36.49
N VAL A 570 18.22 29.33 36.09
CA VAL A 570 19.13 29.87 35.08
C VAL A 570 19.84 31.06 35.73
N ILE A 571 21.01 30.79 36.28
CA ILE A 571 21.86 31.83 36.83
C ILE A 571 22.54 32.55 35.68
N GLY A 572 22.46 33.86 35.68
CA GLY A 572 23.02 34.63 34.60
C GLY A 572 22.01 34.77 33.50
N GLN A 573 22.43 35.48 32.45
CA GLN A 573 21.64 35.81 31.27
C GLN A 573 20.34 36.53 31.66
N ASN A 574 20.53 37.71 32.23
CA ASN A 574 19.41 38.63 32.37
C ASN A 574 19.07 39.30 31.06
N GLU A 575 19.92 39.15 30.04
CA GLU A 575 19.51 39.56 28.71
C GLU A 575 18.44 38.62 28.16
N ALA A 576 18.51 37.35 28.54
CA ALA A 576 17.70 36.32 27.90
C ALA A 576 16.66 35.68 28.79
N VAL A 577 16.72 35.89 30.10
CA VAL A 577 15.64 35.38 30.93
C VAL A 577 14.45 36.31 30.85
N ASP A 578 14.70 37.62 30.86
CA ASP A 578 13.59 38.57 30.81
C ASP A 578 12.98 38.63 29.43
N ALA A 579 13.78 38.42 28.38
CA ALA A 579 13.27 38.45 27.02
C ALA A 579 12.29 37.31 26.76
N VAL A 580 12.47 36.20 27.45
CA VAL A 580 11.46 35.16 27.43
C VAL A 580 10.34 35.48 28.41
N SER A 581 10.65 36.20 29.49
CA SER A 581 9.62 36.54 30.47
C SER A 581 8.71 37.63 29.95
N ASN A 582 9.22 38.52 29.12
CA ASN A 582 8.38 39.54 28.54
C ASN A 582 7.39 38.97 27.55
N ALA A 583 7.72 37.86 26.90
CA ALA A 583 6.82 37.25 25.94
C ALA A 583 5.69 36.49 26.60
N ILE A 584 5.87 36.03 27.83
CA ILE A 584 4.77 35.40 28.54
C ILE A 584 3.93 36.44 29.26
N ARG A 585 4.53 37.53 29.71
CA ARG A 585 3.73 38.60 30.27
C ARG A 585 2.88 39.26 29.19
N ARG A 586 3.42 39.47 28.00
CA ARG A 586 2.59 40.12 27.00
C ARG A 586 1.62 39.16 26.35
N SER A 587 1.75 37.88 26.57
CA SER A 587 0.72 36.96 26.12
C SER A 587 -0.36 36.76 27.16
N ARG A 588 -0.01 36.84 28.44
CA ARG A 588 -1.00 36.76 29.49
C ARG A 588 -1.69 38.09 29.75
N ALA A 589 -1.12 39.17 29.29
CA ALA A 589 -1.83 40.44 29.28
C ALA A 589 -2.78 40.55 28.11
N GLY A 590 -2.74 39.62 27.18
CA GLY A 590 -3.52 39.73 25.97
C GLY A 590 -2.97 40.73 24.99
N LEU A 591 -1.72 41.12 25.13
CA LEU A 591 -1.10 42.07 24.20
C LEU A 591 -0.37 41.39 23.07
N ALA A 592 -0.25 40.07 23.10
CA ALA A 592 0.53 39.36 22.11
C ALA A 592 -0.18 39.38 20.78
N ASP A 593 0.61 39.35 19.73
CA ASP A 593 0.11 39.29 18.38
C ASP A 593 -0.66 37.99 18.20
N PRO A 594 -1.94 38.04 17.85
CA PRO A 594 -2.72 36.82 17.73
C PRO A 594 -2.51 36.09 16.42
N ASN A 595 -1.68 36.61 15.53
CA ASN A 595 -1.36 35.98 14.26
C ASN A 595 0.05 35.43 14.23
N ARG A 596 0.67 35.33 15.38
CA ARG A 596 2.06 34.91 15.50
C ARG A 596 2.18 34.06 16.74
N PRO A 597 3.24 33.27 16.87
CA PRO A 597 3.47 32.58 18.13
C PRO A 597 3.76 33.55 19.26
N ILE A 598 3.64 33.03 20.49
CA ILE A 598 3.76 33.85 21.69
C ILE A 598 5.13 34.49 21.76
N GLY A 599 6.15 33.70 21.50
CA GLY A 599 7.48 34.22 21.36
C GLY A 599 8.24 33.34 20.40
N SER A 600 9.09 33.94 19.61
CA SER A 600 9.94 33.22 18.70
C SER A 600 11.36 33.70 18.95
N PHE A 601 12.14 32.90 19.66
CA PHE A 601 13.45 33.31 20.11
C PHE A 601 14.53 32.53 19.38
N LEU A 602 15.73 33.08 19.43
CA LEU A 602 16.91 32.39 18.92
C LEU A 602 17.97 32.55 20.00
N PHE A 603 18.20 31.47 20.74
CA PHE A 603 19.15 31.54 21.84
C PHE A 603 20.56 31.29 21.32
N LEU A 604 21.32 32.35 21.14
CA LEU A 604 22.71 32.20 20.71
C LEU A 604 23.60 32.26 21.94
N GLY A 605 24.61 31.42 21.98
CA GLY A 605 25.52 31.40 23.08
C GLY A 605 26.48 30.25 22.96
N PRO A 606 27.48 30.22 23.83
CA PRO A 606 28.46 29.14 23.77
C PRO A 606 27.98 27.90 24.49
N THR A 607 28.83 26.90 24.63
CA THR A 607 28.38 25.67 25.25
C THR A 607 28.25 25.81 26.76
N GLY A 608 27.21 25.17 27.30
CA GLY A 608 27.05 25.04 28.73
C GLY A 608 26.70 26.31 29.47
N VAL A 609 26.03 27.26 28.84
CA VAL A 609 25.71 28.53 29.48
C VAL A 609 24.23 28.71 29.70
N GLY A 610 23.42 27.70 29.46
CA GLY A 610 22.05 27.76 29.87
C GLY A 610 21.03 28.00 28.78
N LYS A 611 21.36 27.72 27.52
CA LYS A 611 20.38 27.88 26.45
C LYS A 611 19.31 26.83 26.56
N THR A 612 19.68 25.57 26.54
CA THR A 612 18.74 24.48 26.75
C THR A 612 18.30 24.41 28.21
N GLU A 613 19.02 25.03 29.13
CA GLU A 613 18.56 25.06 30.51
C GLU A 613 17.42 26.06 30.69
N LEU A 614 17.42 27.16 29.93
CA LEU A 614 16.33 28.12 30.03
C LEU A 614 15.05 27.56 29.43
N CYS A 615 15.17 26.72 28.41
CA CYS A 615 13.97 26.12 27.85
C CYS A 615 13.45 25.00 28.72
N LYS A 616 14.31 24.41 29.54
CA LYS A 616 13.81 23.52 30.57
C LYS A 616 13.30 24.30 31.76
N ALA A 617 13.89 25.46 32.05
CA ALA A 617 13.38 26.27 33.14
C ALA A 617 12.12 27.01 32.77
N LEU A 618 11.94 27.31 31.48
CA LEU A 618 10.69 27.91 31.05
C LEU A 618 9.56 26.91 31.08
N ALA A 619 9.79 25.71 30.56
CA ALA A 619 8.78 24.69 30.60
C ALA A 619 8.52 24.19 32.01
N ASN A 620 9.48 24.34 32.92
CA ASN A 620 9.18 24.08 34.32
C ASN A 620 8.45 25.25 34.97
N PHE A 621 8.51 26.42 34.37
CA PHE A 621 7.76 27.53 34.93
C PHE A 621 6.29 27.42 34.55
N MET A 622 6.04 27.13 33.28
CA MET A 622 4.68 27.16 32.77
C MET A 622 3.92 25.88 33.09
N PHE A 623 4.53 24.73 32.81
CA PHE A 623 3.85 23.45 32.94
C PHE A 623 4.38 22.62 34.08
N ASP A 624 5.31 23.16 34.88
CA ASP A 624 5.93 22.49 36.03
C ASP A 624 6.64 21.20 35.64
N SER A 625 7.24 21.17 34.45
CA SER A 625 7.99 20.00 34.01
C SER A 625 8.97 20.40 32.93
N ASP A 626 10.22 19.96 33.07
CA ASP A 626 11.24 20.24 32.06
C ASP A 626 10.96 19.47 30.79
N GLU A 627 10.25 18.36 30.88
CA GLU A 627 9.96 17.51 29.74
C GLU A 627 8.63 17.86 29.09
N ALA A 628 7.93 18.88 29.58
CA ALA A 628 6.62 19.25 29.04
C ALA A 628 6.71 20.24 27.90
N MET A 629 7.88 20.43 27.35
CA MET A 629 8.05 21.10 26.07
C MET A 629 8.15 20.04 25.00
N VAL A 630 7.85 20.40 23.77
CA VAL A 630 8.10 19.50 22.65
C VAL A 630 9.46 19.85 22.08
N ARG A 631 10.50 19.28 22.68
CA ARG A 631 11.86 19.62 22.28
C ARG A 631 12.21 18.80 21.05
N ILE A 632 12.38 19.48 19.94
CA ILE A 632 12.86 18.87 18.72
C ILE A 632 14.38 18.91 18.75
N ASP A 633 14.99 17.76 18.59
CA ASP A 633 16.44 17.66 18.52
C ASP A 633 16.83 17.93 17.08
N MET A 634 17.25 19.14 16.78
CA MET A 634 17.43 19.56 15.40
C MET A 634 18.74 19.13 14.80
N SER A 635 19.40 18.12 15.35
CA SER A 635 20.59 17.58 14.72
C SER A 635 20.38 16.17 14.22
N GLU A 636 19.15 15.66 14.29
CA GLU A 636 18.75 14.54 13.48
C GLU A 636 18.21 15.00 12.15
N PHE A 637 18.05 16.30 12.00
CA PHE A 637 17.61 16.94 10.78
C PHE A 637 18.82 17.42 10.00
N MET A 638 19.81 16.53 9.86
CA MET A 638 21.06 16.91 9.24
C MET A 638 20.90 17.15 7.74
N GLU A 639 19.94 16.47 7.13
CA GLU A 639 19.73 16.51 5.69
C GLU A 639 18.34 17.05 5.37
N LYS A 640 18.18 17.47 4.11
CA LYS A 640 16.92 18.05 3.62
C LYS A 640 15.77 17.09 3.73
N HIS A 641 16.05 15.79 3.68
CA HIS A 641 15.02 14.78 3.58
C HIS A 641 14.26 14.63 4.88
N SER A 642 14.88 15.00 5.99
CA SER A 642 14.37 14.68 7.31
C SER A 642 13.43 15.72 7.84
N VAL A 643 13.05 16.71 7.03
CA VAL A 643 12.06 17.70 7.44
C VAL A 643 10.65 17.18 7.28
N SER A 644 10.47 16.00 6.72
CA SER A 644 9.17 15.36 6.75
C SER A 644 8.98 14.57 8.02
N ARG A 645 9.93 14.64 8.95
CA ARG A 645 9.74 14.02 10.25
C ARG A 645 8.79 14.84 11.09
N LEU A 646 8.73 16.14 10.83
CA LEU A 646 7.94 17.04 11.65
C LEU A 646 6.83 17.74 10.88
N VAL A 647 6.96 17.89 9.57
CA VAL A 647 5.80 18.21 8.76
C VAL A 647 4.97 16.96 8.66
N GLY A 648 5.46 15.94 7.97
CA GLY A 648 4.75 14.69 7.80
C GLY A 648 4.92 14.12 6.41
N ALA A 649 4.47 12.93 6.18
CA ALA A 649 4.62 12.37 4.85
C ALA A 649 3.41 12.72 3.99
N PRO A 650 3.58 12.91 2.69
CA PRO A 650 2.46 13.32 1.86
C PRO A 650 1.50 12.16 1.64
N PRO A 651 0.34 12.38 1.03
CA PRO A 651 -0.50 11.24 0.67
C PRO A 651 0.21 10.34 -0.31
N GLY A 652 0.29 9.07 0.04
CA GLY A 652 1.09 8.17 -0.72
C GLY A 652 2.24 7.57 0.06
N TYR A 653 2.09 7.44 1.36
CA TYR A 653 2.93 6.53 2.13
C TYR A 653 2.11 5.97 3.31
N VAL A 654 2.58 4.89 3.94
CA VAL A 654 1.94 4.37 5.15
C VAL A 654 2.55 5.04 6.39
N GLY A 655 3.47 5.97 6.16
CA GLY A 655 3.90 6.96 7.11
C GLY A 655 3.10 8.21 7.01
N TYR A 656 2.16 8.26 6.08
CA TYR A 656 1.26 9.39 5.97
C TYR A 656 0.26 9.38 7.11
N GLU A 657 -0.17 8.22 7.57
CA GLU A 657 -1.22 8.21 8.58
C GLU A 657 -0.64 8.29 10.00
N GLU A 658 0.34 9.17 10.16
CA GLU A 658 1.00 9.40 11.43
C GLU A 658 1.15 10.86 11.75
N GLY A 659 0.92 11.75 10.80
CA GLY A 659 0.80 13.16 11.09
C GLY A 659 2.06 13.96 10.96
N GLY A 660 3.06 13.65 11.76
CA GLY A 660 4.26 14.45 11.87
C GLY A 660 4.56 14.60 13.34
N TYR A 661 5.81 14.93 13.64
CA TYR A 661 6.19 15.04 15.04
C TYR A 661 5.76 16.37 15.62
N LEU A 662 6.19 17.46 15.00
CA LEU A 662 5.88 18.79 15.52
C LEU A 662 4.41 19.10 15.34
N THR A 663 3.85 18.70 14.22
CA THR A 663 2.46 19.00 13.91
C THR A 663 1.50 18.26 14.84
N GLU A 664 1.69 16.97 15.04
CA GLU A 664 0.76 16.21 15.88
C GLU A 664 1.07 16.35 17.36
N ALA A 665 2.06 17.14 17.75
CA ALA A 665 2.28 17.40 19.16
C ALA A 665 1.78 18.76 19.60
N VAL A 666 1.77 19.73 18.68
CA VAL A 666 1.14 21.00 18.95
C VAL A 666 -0.36 20.91 18.73
N ARG A 667 -0.82 20.07 17.82
CA ARG A 667 -2.26 19.89 17.65
C ARG A 667 -2.90 19.24 18.87
N ARG A 668 -2.17 18.38 19.57
CA ARG A 668 -2.70 17.81 20.80
C ARG A 668 -2.46 18.73 21.99
N ARG A 669 -1.38 19.49 21.97
CA ARG A 669 -1.03 20.39 23.07
C ARG A 669 -0.71 21.76 22.52
N PRO A 670 -1.68 22.65 22.43
CA PRO A 670 -1.49 23.88 21.64
C PRO A 670 -0.67 24.95 22.33
N TYR A 671 -0.80 25.07 23.64
CA TYR A 671 -0.01 26.01 24.41
C TYR A 671 1.17 25.24 24.95
N SER A 672 2.29 25.30 24.23
CA SER A 672 3.47 24.56 24.63
C SER A 672 4.70 25.32 24.21
N VAL A 673 5.82 25.01 24.83
CA VAL A 673 7.12 25.51 24.42
C VAL A 673 7.68 24.54 23.40
N ILE A 674 8.21 25.06 22.32
CA ILE A 674 8.81 24.24 21.28
C ILE A 674 10.29 24.54 21.27
N LEU A 675 11.09 23.57 21.66
CA LEU A 675 12.52 23.75 21.72
C LEU A 675 13.14 23.13 20.49
N LEU A 676 13.92 23.91 19.75
CA LEU A 676 14.63 23.42 18.59
C LEU A 676 16.10 23.47 18.95
N ASP A 677 16.57 22.41 19.58
CA ASP A 677 17.85 22.41 20.26
C ASP A 677 18.98 22.16 19.27
N GLU A 678 20.04 22.97 19.39
CA GLU A 678 21.24 22.92 18.53
C GLU A 678 20.85 23.07 17.07
N VAL A 679 20.34 24.26 16.77
CA VAL A 679 19.58 24.42 15.56
C VAL A 679 20.48 24.61 14.35
N GLU A 680 21.73 25.03 14.51
CA GLU A 680 22.57 25.23 13.33
C GLU A 680 23.10 23.92 12.77
N LYS A 681 22.91 22.83 13.49
CA LYS A 681 23.22 21.50 13.01
C LYS A 681 22.19 20.98 12.03
N ALA A 682 21.08 21.67 11.83
CA ALA A 682 20.11 21.26 10.84
C ALA A 682 20.62 21.56 9.46
N HIS A 683 19.94 21.03 8.47
CA HIS A 683 20.14 21.51 7.12
C HIS A 683 19.59 22.93 7.03
N PRO A 684 20.20 23.81 6.25
CA PRO A 684 19.66 25.16 6.08
C PRO A 684 18.27 25.22 5.48
N ASP A 685 17.81 24.16 4.84
CA ASP A 685 16.46 24.08 4.32
C ASP A 685 15.54 23.28 5.23
N VAL A 686 15.88 23.13 6.49
CA VAL A 686 14.89 22.69 7.46
C VAL A 686 14.17 23.90 8.01
N PHE A 687 14.83 25.04 7.99
CA PHE A 687 14.26 26.26 8.52
C PHE A 687 13.24 26.87 7.61
N ASN A 688 13.12 26.38 6.40
CA ASN A 688 12.10 26.90 5.50
C ASN A 688 10.72 26.50 5.98
N ILE A 689 10.57 25.35 6.62
CA ILE A 689 9.25 25.05 7.15
C ILE A 689 8.97 25.78 8.44
N LEU A 690 9.94 26.47 8.99
CA LEU A 690 9.71 27.22 10.20
C LEU A 690 9.35 28.65 9.92
N LEU A 691 9.57 29.16 8.71
CA LEU A 691 9.23 30.54 8.46
C LEU A 691 7.75 30.75 8.14
N GLN A 692 6.91 29.77 8.43
CA GLN A 692 5.49 30.06 8.48
C GLN A 692 4.92 29.64 9.83
N VAL A 693 5.69 28.93 10.63
CA VAL A 693 5.27 28.68 12.00
C VAL A 693 5.75 29.78 12.93
N LEU A 694 6.65 30.63 12.45
CA LEU A 694 7.18 31.75 13.18
C LEU A 694 6.48 33.05 12.84
N ASP A 695 5.89 33.13 11.68
CA ASP A 695 5.26 34.34 11.16
C ASP A 695 3.75 34.26 11.15
N ASP A 696 3.20 33.11 10.83
CA ASP A 696 1.76 32.91 10.84
C ASP A 696 1.28 32.06 11.99
N GLY A 697 2.14 31.26 12.57
CA GLY A 697 1.64 30.25 13.46
C GLY A 697 0.93 29.14 12.75
N ARG A 698 1.24 28.92 11.48
CA ARG A 698 0.57 27.96 10.64
C ARG A 698 1.56 26.87 10.31
N LEU A 699 1.11 25.61 10.28
CA LEU A 699 1.93 24.53 9.72
C LEU A 699 0.96 23.45 9.26
N THR A 700 0.96 23.16 7.97
CA THR A 700 0.07 22.15 7.40
C THR A 700 0.84 20.87 7.15
N ASP A 701 0.34 19.76 7.67
CA ASP A 701 1.08 18.53 7.52
C ASP A 701 0.74 17.82 6.21
N GLY A 702 1.40 16.69 5.99
CA GLY A 702 1.07 15.87 4.85
C GLY A 702 -0.30 15.26 4.94
N GLN A 703 -0.81 15.10 6.15
CA GLN A 703 -2.19 14.68 6.37
C GLN A 703 -3.18 15.72 5.86
N GLY A 704 -2.76 16.98 5.81
CA GLY A 704 -3.55 18.04 5.22
C GLY A 704 -3.95 19.14 6.17
N ARG A 705 -4.01 18.87 7.47
CA ARG A 705 -4.64 19.79 8.39
C ARG A 705 -3.67 20.84 8.91
N THR A 706 -4.17 22.08 8.97
CA THR A 706 -3.43 23.19 9.55
C THR A 706 -3.38 23.06 11.05
N VAL A 707 -2.23 23.36 11.63
CA VAL A 707 -2.04 23.26 13.07
C VAL A 707 -1.66 24.63 13.59
N ASP A 708 -2.34 25.06 14.64
CA ASP A 708 -2.24 26.41 15.16
C ASP A 708 -0.98 26.51 16.00
N PHE A 709 0.00 27.28 15.55
CA PHE A 709 1.21 27.52 16.32
C PHE A 709 1.24 28.91 16.92
N ARG A 710 0.08 29.48 17.23
CA ARG A 710 0.06 30.87 17.63
C ARG A 710 0.00 31.06 19.11
N ASN A 711 -0.39 30.03 19.85
CA ASN A 711 -0.36 30.09 21.31
C ASN A 711 0.84 29.34 21.84
N THR A 712 1.80 29.03 20.99
CA THR A 712 2.99 28.31 21.36
C THR A 712 4.15 29.28 21.34
N VAL A 713 5.26 28.89 21.95
CA VAL A 713 6.47 29.69 21.93
C VAL A 713 7.61 28.81 21.46
N VAL A 714 8.27 29.22 20.37
CA VAL A 714 9.30 28.44 19.74
C VAL A 714 10.63 29.02 20.16
N ILE A 715 11.58 28.16 20.51
CA ILE A 715 12.91 28.59 20.94
C ILE A 715 13.92 27.78 20.17
N MET A 716 14.84 28.46 19.51
CA MET A 716 15.83 27.79 18.68
C MET A 716 17.18 28.11 19.28
N THR A 717 17.77 27.15 19.97
CA THR A 717 18.98 27.41 20.73
C THR A 717 20.18 26.92 19.95
N SER A 718 20.78 27.80 19.17
CA SER A 718 21.97 27.42 18.44
C SER A 718 23.23 27.62 19.28
N ASN A 719 24.37 27.45 18.64
CA ASN A 719 25.68 27.53 19.27
C ASN A 719 26.58 28.37 18.40
N LEU A 720 26.07 29.52 17.99
CA LEU A 720 26.51 30.14 16.76
C LEU A 720 27.24 31.45 17.02
N GLY A 721 27.63 31.67 18.26
CA GLY A 721 28.41 32.85 18.56
C GLY A 721 29.72 32.51 19.23
N SER A 722 29.88 31.25 19.63
CA SER A 722 30.92 30.84 20.57
C SER A 722 32.33 31.07 20.08
N ASP A 723 32.54 31.25 18.78
CA ASP A 723 33.86 31.58 18.28
C ASP A 723 34.24 33.01 18.64
N LEU A 724 33.25 33.85 18.86
CA LEU A 724 33.52 35.24 19.18
C LEU A 724 32.55 35.79 20.22
N ILE A 725 31.79 34.94 20.90
CA ILE A 725 31.06 35.39 22.07
C ILE A 725 31.93 35.26 23.31
N GLN A 726 33.03 34.53 23.23
CA GLN A 726 33.92 34.32 24.35
C GLN A 726 35.19 35.12 24.23
N GLU A 727 35.59 35.49 23.02
CA GLU A 727 36.64 36.48 22.85
C GLU A 727 36.15 37.88 23.11
N ARG A 728 34.84 38.09 23.15
CA ARG A 728 34.26 39.40 23.39
C ARG A 728 33.11 39.27 24.40
N PHE A 729 33.37 38.56 25.50
CA PHE A 729 32.35 38.33 26.53
C PHE A 729 31.94 39.64 27.17
N GLY A 730 32.85 40.29 27.88
CA GLY A 730 32.63 41.68 28.17
C GLY A 730 33.77 42.51 27.65
N GLU A 731 33.57 43.12 26.48
CA GLU A 731 34.59 43.96 25.87
C GLU A 731 34.02 45.33 25.52
N LEU A 732 32.72 45.38 25.28
CA LEU A 732 32.04 46.63 24.94
C LEU A 732 30.67 46.72 25.59
N ASP A 733 29.65 46.28 24.86
CA ASP A 733 28.28 46.31 25.37
C ASP A 733 27.38 45.39 24.55
N TYR A 734 27.98 44.41 23.90
CA TYR A 734 27.26 43.44 23.07
C TYR A 734 26.31 44.12 22.09
N ALA A 735 25.09 43.61 22.00
CA ALA A 735 24.06 44.14 21.12
C ALA A 735 24.56 44.34 19.68
N HIS A 736 25.20 43.31 19.13
CA HIS A 736 25.72 43.38 17.77
C HIS A 736 25.27 42.17 16.96
N MET A 737 23.98 42.09 16.68
CA MET A 737 23.43 40.98 15.91
C MET A 737 23.43 41.30 14.42
N LYS A 738 23.35 40.24 13.60
CA LYS A 738 23.34 40.38 12.14
C LYS A 738 24.47 41.26 11.63
N GLU A 739 25.68 40.98 12.08
CA GLU A 739 26.86 41.74 11.66
C GLU A 739 28.14 40.96 11.89
N LEU A 740 28.22 40.25 13.01
CA LEU A 740 29.39 39.46 13.35
C LEU A 740 29.40 38.15 12.55
N VAL A 741 28.53 37.23 12.93
CA VAL A 741 28.43 35.94 12.26
C VAL A 741 27.68 36.08 10.94
N LEU A 742 28.32 36.73 9.97
CA LEU A 742 27.71 36.96 8.66
C LEU A 742 27.64 35.69 7.79
N GLY A 743 28.49 34.70 8.04
CA GLY A 743 28.52 33.50 7.21
C GLY A 743 27.30 32.58 7.34
N VAL A 744 26.69 32.49 8.53
CA VAL A 744 25.59 31.57 8.76
C VAL A 744 24.35 32.28 9.30
N VAL A 745 24.48 33.09 10.34
CA VAL A 745 23.34 33.78 10.94
C VAL A 745 23.08 35.12 10.22
N SER A 746 23.74 35.32 9.09
CA SER A 746 23.24 36.25 8.09
C SER A 746 23.17 35.67 6.68
N HIS A 747 23.82 34.54 6.41
CA HIS A 747 23.76 33.96 5.07
C HIS A 747 23.20 32.55 5.00
N ASN A 748 23.55 31.66 5.94
CA ASN A 748 22.88 30.37 5.95
C ASN A 748 21.49 30.47 6.58
N PHE A 749 21.38 31.11 7.75
CA PHE A 749 20.09 31.60 8.19
C PHE A 749 19.66 32.72 7.26
N ARG A 750 18.51 32.55 6.63
CA ARG A 750 18.08 33.45 5.58
C ARG A 750 17.68 34.80 6.19
N PRO A 751 17.70 35.88 5.41
CA PRO A 751 17.19 37.14 5.93
C PRO A 751 15.72 37.11 6.22
N GLU A 752 14.98 36.27 5.50
CA GLU A 752 13.58 36.03 5.75
C GLU A 752 13.34 35.15 6.94
N PHE A 753 14.38 34.61 7.55
CA PHE A 753 14.24 33.80 8.76
C PHE A 753 14.75 34.52 9.98
N ILE A 754 15.69 35.43 9.83
CA ILE A 754 16.07 36.28 10.95
C ILE A 754 15.00 37.33 11.16
N ASN A 755 14.22 37.62 10.12
CA ASN A 755 13.16 38.60 10.25
C ASN A 755 11.98 38.04 11.03
N ARG A 756 11.77 36.74 10.95
CA ARG A 756 10.67 36.10 11.66
C ARG A 756 10.89 36.06 13.16
N ILE A 757 12.14 35.95 13.60
CA ILE A 757 12.47 35.65 14.98
C ILE A 757 12.25 36.90 15.82
N ASP A 758 11.46 36.76 16.90
CA ASP A 758 11.07 37.91 17.71
C ASP A 758 12.23 38.45 18.53
N GLU A 759 13.08 37.58 19.06
CA GLU A 759 14.25 38.03 19.82
C GLU A 759 15.43 37.14 19.47
N VAL A 760 16.39 37.67 18.74
CA VAL A 760 17.69 37.00 18.60
C VAL A 760 18.46 37.38 19.86
N VAL A 761 18.39 36.55 20.88
CA VAL A 761 18.96 36.92 22.16
C VAL A 761 20.26 36.16 22.33
N VAL A 762 21.16 36.73 23.12
CA VAL A 762 22.57 36.37 23.12
C VAL A 762 22.97 36.01 24.53
N PHE A 763 23.50 34.81 24.70
CA PHE A 763 23.88 34.33 26.02
C PHE A 763 25.30 34.80 26.27
N HIS A 764 25.88 34.47 27.41
CA HIS A 764 27.24 34.93 27.65
C HIS A 764 27.96 33.86 28.44
N PRO A 765 29.27 33.72 28.27
CA PRO A 765 30.00 32.70 29.02
C PRO A 765 30.01 33.00 30.50
N LEU A 766 30.02 31.94 31.28
CA LEU A 766 29.76 32.03 32.70
C LEU A 766 31.04 32.40 33.44
N GLY A 767 31.00 33.49 34.20
CA GLY A 767 32.13 33.90 34.99
C GLY A 767 32.29 33.03 36.21
N GLU A 768 33.33 33.35 36.99
CA GLU A 768 33.60 32.54 38.18
C GLU A 768 32.58 32.79 39.27
N GLN A 769 31.93 33.95 39.25
CA GLN A 769 30.91 34.26 40.24
C GLN A 769 29.56 33.67 39.88
N HIS A 770 29.36 33.23 38.64
CA HIS A 770 28.14 32.53 38.30
C HIS A 770 28.26 31.07 38.67
N ILE A 771 29.35 30.42 38.25
CA ILE A 771 29.57 29.01 38.50
C ILE A 771 29.72 28.70 39.98
N ALA A 772 30.10 29.70 40.79
CA ALA A 772 30.00 29.57 42.24
C ALA A 772 28.57 29.37 42.69
N SER A 773 27.61 30.01 42.02
CA SER A 773 26.20 29.90 42.38
C SER A 773 25.44 28.92 41.50
N ILE A 774 25.97 28.56 40.33
CA ILE A 774 25.47 27.40 39.61
C ILE A 774 25.76 26.14 40.39
N ALA A 775 26.86 26.15 41.14
CA ALA A 775 27.21 25.01 41.98
C ALA A 775 26.19 24.76 43.06
N GLN A 776 25.59 25.83 43.58
CA GLN A 776 24.63 25.68 44.67
C GLN A 776 23.35 25.01 44.21
N ILE A 777 22.82 25.41 43.05
CA ILE A 777 21.63 24.76 42.56
C ILE A 777 21.96 23.39 41.96
N GLN A 778 23.23 23.15 41.65
CA GLN A 778 23.65 21.82 41.26
C GLN A 778 23.83 20.93 42.47
N LEU A 779 24.10 21.55 43.62
CA LEU A 779 24.14 20.83 44.88
C LEU A 779 22.76 20.71 45.50
N LYS A 780 21.90 21.71 45.29
CA LYS A 780 20.52 21.61 45.75
C LYS A 780 19.77 20.49 45.05
N ARG A 781 20.14 20.17 43.81
CA ARG A 781 19.64 18.97 43.17
C ARG A 781 20.14 17.72 43.89
N LEU A 782 21.37 17.76 44.41
CA LEU A 782 21.91 16.59 45.07
C LEU A 782 21.28 16.38 46.45
N TYR A 783 20.73 17.44 47.04
CA TYR A 783 20.09 17.33 48.35
C TYR A 783 18.84 16.48 48.26
N LYS A 784 17.91 16.88 47.38
CA LYS A 784 16.59 16.27 47.33
C LYS A 784 16.65 14.89 46.72
N ARG A 785 17.66 14.62 45.91
CA ARG A 785 17.88 13.31 45.34
C ARG A 785 18.63 12.38 46.28
N LEU A 786 19.02 12.86 47.46
CA LEU A 786 19.61 12.00 48.47
C LEU A 786 18.67 11.72 49.64
N GLU A 787 17.61 12.49 49.79
CA GLU A 787 16.60 12.17 50.80
C GLU A 787 15.80 10.95 50.41
N GLU A 788 15.76 10.61 49.12
CA GLU A 788 15.07 9.42 48.66
C GLU A 788 15.74 8.13 49.10
N ARG A 789 17.02 8.19 49.46
CA ARG A 789 17.67 7.13 50.22
C ARG A 789 17.90 7.56 51.67
N GLY A 790 17.39 8.73 52.05
CA GLY A 790 17.43 9.20 53.41
C GLY A 790 18.68 9.91 53.82
N TYR A 791 19.75 9.82 53.03
CA TYR A 791 21.06 10.33 53.41
C TYR A 791 21.02 11.86 53.32
N GLU A 792 20.72 12.50 54.44
CA GLU A 792 20.71 13.95 54.48
C GLU A 792 22.14 14.48 54.44
N ILE A 793 22.40 15.42 53.53
CA ILE A 793 23.77 15.87 53.30
C ILE A 793 23.84 17.37 53.53
N HIS A 794 25.05 17.83 53.80
CA HIS A 794 25.34 19.24 54.07
C HIS A 794 26.75 19.53 53.59
N ILE A 795 26.88 20.47 52.67
CA ILE A 795 28.18 20.86 52.16
C ILE A 795 28.81 21.84 53.15
N SER A 796 30.07 21.60 53.47
CA SER A 796 30.79 22.58 54.28
C SER A 796 31.15 23.77 53.41
N ASP A 797 31.14 24.96 54.02
CA ASP A 797 31.42 26.18 53.29
C ASP A 797 32.88 26.26 52.88
N GLU A 798 33.76 25.54 53.58
CA GLU A 798 35.13 25.36 53.12
C GLU A 798 35.22 24.48 51.88
N ALA A 799 34.21 23.68 51.60
CA ALA A 799 34.18 22.83 50.41
C ALA A 799 33.38 23.44 49.28
N LEU A 800 32.81 24.62 49.49
CA LEU A 800 32.06 25.31 48.45
C LEU A 800 32.94 26.16 47.54
N LYS A 801 34.25 26.18 47.78
CA LYS A 801 35.13 27.00 46.98
C LYS A 801 36.01 26.19 46.04
N LEU A 802 36.42 24.98 46.43
CA LEU A 802 37.18 24.16 45.49
C LEU A 802 36.30 23.46 44.49
N LEU A 803 34.98 23.48 44.68
CA LEU A 803 34.08 22.93 43.67
C LEU A 803 34.05 23.83 42.45
N SER A 804 33.78 25.13 42.67
CA SER A 804 33.81 26.09 41.58
C SER A 804 35.23 26.33 41.08
N GLU A 805 36.23 26.06 41.91
CA GLU A 805 37.61 26.19 41.44
C GLU A 805 37.96 25.07 40.48
N ASN A 806 37.69 23.83 40.86
CA ASN A 806 38.11 22.70 40.05
C ASN A 806 37.21 22.48 38.85
N GLY A 807 35.93 22.78 38.97
CA GLY A 807 35.04 22.75 37.83
C GLY A 807 34.82 24.08 37.15
N TYR A 808 35.84 24.61 36.46
CA TYR A 808 35.67 25.86 35.73
C TYR A 808 36.70 25.95 34.62
N ASP A 809 36.21 26.33 33.43
CA ASP A 809 37.00 26.93 32.37
C ASP A 809 36.00 27.73 31.56
N PRO A 810 36.40 28.88 31.01
CA PRO A 810 35.43 29.73 30.30
C PRO A 810 35.02 29.17 28.95
N VAL A 811 35.64 28.10 28.49
CA VAL A 811 35.34 27.60 27.15
C VAL A 811 34.21 26.57 27.21
N TYR A 812 33.94 25.98 28.37
CA TYR A 812 33.02 24.86 28.45
C TYR A 812 31.81 25.11 29.33
N GLY A 813 31.63 26.33 29.82
CA GLY A 813 30.39 26.66 30.51
C GLY A 813 30.32 26.06 31.90
N ALA A 814 29.10 25.71 32.32
CA ALA A 814 28.89 25.08 33.62
C ALA A 814 28.68 23.58 33.50
N ARG A 815 29.16 22.97 32.44
CA ARG A 815 29.20 21.51 32.41
C ARG A 815 30.38 20.90 33.18
N PRO A 816 31.65 21.43 33.11
CA PRO A 816 32.69 20.83 33.94
C PRO A 816 32.49 21.03 35.42
N LEU A 817 31.68 22.02 35.77
CA LEU A 817 31.17 22.11 37.13
C LEU A 817 30.37 20.89 37.53
N LYS A 818 29.47 20.42 36.68
CA LYS A 818 28.67 19.25 37.00
C LYS A 818 29.49 17.97 36.99
N ARG A 819 30.55 17.93 36.21
CA ARG A 819 31.50 16.82 36.30
C ARG A 819 32.28 16.91 37.59
N ALA A 820 32.60 18.12 38.02
CA ALA A 820 33.25 18.27 39.30
C ALA A 820 32.33 18.00 40.46
N ILE A 821 31.02 17.93 40.28
CA ILE A 821 30.18 17.38 41.34
C ILE A 821 30.23 15.86 41.32
N GLN A 822 30.25 15.25 40.13
CA GLN A 822 30.19 13.79 40.10
C GLN A 822 31.55 13.15 40.29
N GLN A 823 32.63 13.86 40.04
CA GLN A 823 33.95 13.30 40.24
C GLN A 823 34.50 13.58 41.63
N GLN A 824 33.91 14.53 42.34
CA GLN A 824 34.48 14.94 43.61
C GLN A 824 33.52 14.75 44.77
N ILE A 825 32.23 14.59 44.50
CA ILE A 825 31.23 14.37 45.54
C ILE A 825 30.53 13.02 45.37
N GLU A 826 29.91 12.80 44.22
CA GLU A 826 29.18 11.54 44.04
C GLU A 826 30.13 10.35 43.85
N ASN A 827 31.37 10.60 43.48
CA ASN A 827 32.30 9.49 43.35
C ASN A 827 32.82 9.00 44.71
N PRO A 828 33.15 9.86 45.70
CA PRO A 828 33.36 9.31 47.05
C PRO A 828 32.08 8.84 47.73
N LEU A 829 30.91 9.35 47.36
CA LEU A 829 29.66 8.94 48.01
C LEU A 829 29.23 7.54 47.61
N ALA A 830 29.85 6.96 46.60
CA ALA A 830 29.37 5.70 46.07
C ALA A 830 30.34 4.57 46.30
N GLN A 831 31.47 4.84 46.96
CA GLN A 831 32.52 3.83 47.10
C GLN A 831 32.11 2.73 48.08
N GLN A 832 31.14 3.02 48.94
CA GLN A 832 30.94 2.27 50.17
C GLN A 832 29.46 1.92 50.41
N ILE A 833 28.58 2.30 49.50
CA ILE A 833 27.17 2.40 49.84
C ILE A 833 26.48 1.04 49.86
N LEU A 834 27.08 0.01 49.28
CA LEU A 834 26.54 -1.35 49.34
C LEU A 834 27.53 -2.33 49.94
N SER A 835 28.57 -1.82 50.60
CA SER A 835 29.38 -2.63 51.50
C SER A 835 28.79 -2.69 52.91
N GLY A 836 27.70 -1.98 53.16
CA GLY A 836 27.12 -1.97 54.49
C GLY A 836 27.89 -1.13 55.50
N GLU A 837 28.77 -0.27 55.03
CA GLU A 837 29.62 0.51 55.94
C GLU A 837 28.93 1.79 56.42
N LEU A 838 28.56 2.68 55.50
CA LEU A 838 27.94 3.95 55.85
C LEU A 838 26.43 3.76 55.86
N VAL A 839 25.78 4.23 56.91
CA VAL A 839 24.35 4.03 57.14
C VAL A 839 23.68 5.36 57.46
N PRO A 840 22.42 5.56 57.12
CA PRO A 840 21.75 6.82 57.48
C PRO A 840 21.43 6.88 58.96
N GLY A 841 21.12 8.09 59.40
CA GLY A 841 20.87 8.37 60.81
C GLY A 841 21.50 9.69 61.18
N LYS A 842 22.59 10.03 60.50
CA LYS A 842 23.36 11.23 60.77
C LYS A 842 23.46 12.05 59.49
N VAL A 843 23.73 13.35 59.64
CA VAL A 843 23.96 14.21 58.49
C VAL A 843 25.36 13.93 57.94
N ILE A 844 25.46 13.88 56.62
CA ILE A 844 26.74 13.58 55.98
C ILE A 844 27.51 14.89 55.81
N ARG A 845 28.75 14.90 56.30
CA ARG A 845 29.58 16.09 56.34
C ARG A 845 30.56 16.02 55.19
N LEU A 846 30.39 16.90 54.20
CA LEU A 846 31.29 16.99 53.06
C LEU A 846 32.39 18.01 53.39
N GLU A 847 33.23 17.63 54.34
CA GLU A 847 34.34 18.48 54.73
C GLU A 847 35.53 18.17 53.85
N VAL A 848 36.27 19.22 53.47
CA VAL A 848 37.46 19.04 52.65
C VAL A 848 38.65 18.97 53.59
N ASN A 849 39.14 17.75 53.81
CA ASN A 849 40.26 17.51 54.71
C ASN A 849 41.59 17.46 53.97
N GLU A 850 41.57 17.40 52.64
CA GLU A 850 42.75 17.16 51.83
C GLU A 850 42.66 18.11 50.65
N ASP A 851 43.40 17.83 49.58
CA ASP A 851 43.00 18.40 48.30
C ASP A 851 41.70 17.77 47.83
N ARG A 852 41.47 16.50 48.18
CA ARG A 852 40.26 15.80 47.86
C ARG A 852 39.15 16.17 48.85
N ILE A 853 37.96 15.63 48.61
CA ILE A 853 36.80 15.82 49.47
C ILE A 853 36.31 14.46 49.90
N VAL A 854 36.14 14.26 51.20
CA VAL A 854 35.58 13.04 51.74
C VAL A 854 34.22 13.34 52.35
N ALA A 855 33.58 12.31 52.87
CA ALA A 855 32.28 12.43 53.51
C ALA A 855 32.27 11.59 54.77
N VAL A 856 32.30 12.24 55.93
CA VAL A 856 32.41 11.57 57.21
C VAL A 856 31.11 11.78 57.97
N GLN A 857 30.54 10.69 58.49
CA GLN A 857 29.29 10.75 59.24
C GLN A 857 29.52 11.27 60.66
N LEU B 161 -25.47 -50.95 12.43
CA LEU B 161 -26.31 -52.06 12.87
C LEU B 161 -26.50 -53.07 11.76
N LYS B 162 -27.50 -52.85 10.91
CA LYS B 162 -27.82 -53.80 9.86
C LYS B 162 -27.98 -53.16 8.48
N LYS B 163 -28.58 -51.98 8.39
CA LYS B 163 -28.94 -51.40 7.11
C LYS B 163 -28.66 -49.90 7.00
N TYR B 164 -28.17 -49.26 8.05
CA TYR B 164 -27.98 -47.82 8.02
C TYR B 164 -26.74 -47.41 7.24
N THR B 165 -25.81 -48.35 7.02
CA THR B 165 -24.55 -48.09 6.34
C THR B 165 -24.31 -49.11 5.24
N ILE B 166 -23.25 -48.88 4.47
CA ILE B 166 -22.80 -49.82 3.44
C ILE B 166 -21.35 -50.24 3.68
N ASP B 167 -21.17 -51.43 4.25
CA ASP B 167 -19.85 -51.98 4.52
C ASP B 167 -19.20 -52.41 3.22
N LEU B 168 -18.10 -51.75 2.85
CA LEU B 168 -17.38 -52.14 1.64
C LEU B 168 -16.66 -53.47 1.82
N THR B 169 -16.32 -53.83 3.06
CA THR B 169 -15.78 -55.16 3.30
C THR B 169 -16.87 -56.22 3.16
N GLU B 170 -18.15 -55.84 3.34
CA GLU B 170 -19.24 -56.75 3.03
C GLU B 170 -19.46 -56.88 1.53
N ARG B 171 -18.92 -55.96 0.73
CA ARG B 171 -18.77 -56.23 -0.69
C ARG B 171 -17.51 -57.03 -0.98
N ALA B 172 -16.53 -56.97 -0.08
CA ALA B 172 -15.28 -57.66 -0.26
C ALA B 172 -15.24 -59.05 0.38
N GLU B 173 -16.29 -59.43 1.12
CA GLU B 173 -16.37 -60.81 1.60
C GLU B 173 -16.69 -61.75 0.45
N GLN B 174 -17.36 -61.24 -0.59
CA GLN B 174 -17.54 -61.94 -1.84
C GLN B 174 -16.47 -61.57 -2.85
N GLY B 175 -15.98 -60.35 -2.80
CA GLY B 175 -14.92 -59.92 -3.70
C GLY B 175 -15.37 -58.92 -4.74
N LYS B 176 -16.27 -58.02 -4.38
CA LYS B 176 -16.77 -57.03 -5.33
C LYS B 176 -16.00 -55.71 -5.28
N LEU B 177 -14.67 -55.77 -5.29
CA LEU B 177 -13.86 -54.55 -5.31
C LEU B 177 -12.75 -54.73 -6.35
N ASP B 178 -11.76 -53.83 -6.31
CA ASP B 178 -10.69 -53.77 -7.30
C ASP B 178 -9.38 -54.24 -6.68
N PRO B 179 -8.64 -55.16 -7.31
CA PRO B 179 -7.32 -55.50 -6.81
C PRO B 179 -6.31 -54.39 -7.05
N VAL B 180 -5.21 -54.46 -6.30
CA VAL B 180 -4.12 -53.50 -6.40
C VAL B 180 -2.85 -54.22 -6.86
N ILE B 181 -2.22 -53.67 -7.89
CA ILE B 181 -0.94 -54.16 -8.38
C ILE B 181 0.01 -52.96 -8.47
N GLY B 182 1.22 -53.14 -7.95
CA GLY B 182 2.24 -52.10 -7.99
C GLY B 182 2.15 -51.05 -6.90
N ARG B 183 0.95 -50.75 -6.40
CA ARG B 183 0.75 -49.79 -5.33
C ARG B 183 0.73 -50.47 -3.96
N ASP B 184 1.52 -51.54 -3.79
CA ASP B 184 1.51 -52.31 -2.57
C ASP B 184 2.29 -51.64 -1.45
N GLU B 185 3.14 -50.66 -1.75
CA GLU B 185 3.92 -50.01 -0.72
C GLU B 185 3.12 -48.92 -0.02
N GLU B 186 2.19 -48.28 -0.73
CA GLU B 186 1.31 -47.31 -0.11
C GLU B 186 0.11 -47.94 0.58
N ILE B 187 -0.13 -49.23 0.37
CA ILE B 187 -1.14 -49.91 1.18
C ILE B 187 -0.52 -50.53 2.43
N ARG B 188 0.79 -50.80 2.42
CA ARG B 188 1.48 -51.10 3.66
C ARG B 188 1.77 -49.82 4.44
N ARG B 189 1.62 -48.67 3.80
CA ARG B 189 1.66 -47.39 4.50
C ARG B 189 0.35 -47.12 5.23
N THR B 190 -0.77 -47.64 4.70
CA THR B 190 -2.08 -47.40 5.32
C THR B 190 -2.19 -48.11 6.66
N ILE B 191 -1.73 -49.35 6.72
CA ILE B 191 -1.71 -50.07 7.99
C ILE B 191 -0.66 -49.47 8.92
N GLN B 192 0.43 -48.93 8.36
CA GLN B 192 1.53 -48.37 9.15
C GLN B 192 1.11 -47.11 9.89
N VAL B 193 0.04 -46.46 9.46
CA VAL B 193 -0.52 -45.36 10.22
C VAL B 193 -1.57 -45.86 11.21
N LEU B 194 -2.45 -46.75 10.76
CA LEU B 194 -3.62 -47.12 11.55
C LEU B 194 -3.26 -47.99 12.75
N GLN B 195 -2.09 -48.63 12.74
CA GLN B 195 -1.68 -49.42 13.89
C GLN B 195 -1.23 -48.58 15.08
N ARG B 196 -1.05 -47.27 14.89
CA ARG B 196 -0.59 -46.37 15.94
C ARG B 196 -1.61 -46.24 17.06
N ARG B 197 -1.14 -45.78 18.22
CA ARG B 197 -2.00 -45.36 19.31
C ARG B 197 -2.41 -43.91 19.17
N THR B 198 -1.43 -43.03 19.00
CA THR B 198 -1.66 -41.62 18.74
C THR B 198 -1.68 -41.39 17.23
N LYS B 199 -2.63 -40.56 16.78
CA LYS B 199 -2.85 -40.13 15.38
C LYS B 199 -2.84 -41.30 14.40
N ASN B 200 -3.88 -42.13 14.50
CA ASN B 200 -3.97 -43.37 13.74
C ASN B 200 -5.00 -43.35 12.62
N ASN B 201 -5.11 -42.24 11.87
CA ASN B 201 -6.03 -42.17 10.74
C ASN B 201 -5.27 -41.85 9.46
N PRO B 202 -5.43 -42.62 8.40
CA PRO B 202 -4.74 -42.33 7.14
C PRO B 202 -5.54 -41.49 6.17
N VAL B 203 -4.85 -40.78 5.29
CA VAL B 203 -5.47 -39.99 4.24
C VAL B 203 -4.77 -40.31 2.93
N LEU B 204 -5.53 -40.78 1.95
CA LEU B 204 -4.97 -41.18 0.65
C LEU B 204 -4.94 -39.97 -0.27
N ILE B 205 -3.91 -39.15 -0.09
CA ILE B 205 -3.72 -37.96 -0.92
C ILE B 205 -3.18 -38.37 -2.28
N GLY B 206 -3.83 -37.92 -3.35
CA GLY B 206 -3.29 -38.08 -4.68
C GLY B 206 -3.50 -36.82 -5.50
N GLU B 207 -3.13 -36.93 -6.78
CA GLU B 207 -3.49 -35.96 -7.80
C GLU B 207 -4.94 -36.20 -8.22
N PRO B 208 -5.52 -35.37 -9.15
CA PRO B 208 -6.84 -35.73 -9.68
C PRO B 208 -6.91 -37.08 -10.37
N GLY B 209 -7.52 -38.03 -9.69
CA GLY B 209 -7.80 -39.35 -10.24
C GLY B 209 -6.61 -40.27 -10.30
N VAL B 210 -6.06 -40.66 -9.15
CA VAL B 210 -4.92 -41.57 -9.13
C VAL B 210 -5.24 -42.93 -8.54
N GLY B 211 -6.37 -43.12 -7.88
CA GLY B 211 -6.63 -44.37 -7.21
C GLY B 211 -6.63 -44.20 -5.71
N LYS B 212 -7.00 -43.00 -5.26
CA LYS B 212 -7.18 -42.77 -3.83
C LYS B 212 -8.35 -43.58 -3.29
N THR B 213 -9.34 -43.85 -4.13
CA THR B 213 -10.36 -44.84 -3.77
C THR B 213 -9.76 -46.24 -3.75
N ALA B 214 -8.84 -46.52 -4.67
CA ALA B 214 -8.40 -47.88 -4.96
C ALA B 214 -7.61 -48.52 -3.83
N ILE B 215 -7.06 -47.72 -2.92
CA ILE B 215 -6.26 -48.27 -1.84
C ILE B 215 -7.17 -48.96 -0.81
N VAL B 216 -8.27 -48.30 -0.44
CA VAL B 216 -9.27 -48.92 0.42
C VAL B 216 -9.98 -50.05 -0.33
N GLU B 217 -10.15 -49.89 -1.65
CA GLU B 217 -10.57 -51.01 -2.50
C GLU B 217 -9.57 -52.15 -2.45
N GLY B 218 -8.28 -51.82 -2.40
CA GLY B 218 -7.27 -52.84 -2.18
C GLY B 218 -7.18 -53.29 -0.74
N LEU B 219 -7.48 -52.39 0.21
CA LEU B 219 -7.46 -52.77 1.62
C LEU B 219 -8.63 -53.69 1.96
N ALA B 220 -9.74 -53.55 1.24
CA ALA B 220 -10.91 -54.37 1.51
C ALA B 220 -10.68 -55.83 1.17
N GLN B 221 -9.89 -56.11 0.13
CA GLN B 221 -9.57 -57.48 -0.24
C GLN B 221 -8.31 -57.99 0.43
N ARG B 222 -7.92 -57.39 1.55
CA ARG B 222 -6.85 -57.90 2.38
C ARG B 222 -7.29 -58.19 3.81
N ILE B 223 -8.48 -57.73 4.20
CA ILE B 223 -8.96 -57.95 5.56
C ILE B 223 -9.59 -59.33 5.70
N ILE B 224 -10.52 -59.66 4.81
CA ILE B 224 -11.09 -61.01 4.81
C ILE B 224 -10.06 -62.01 4.27
N ASN B 225 -9.25 -61.60 3.29
CA ASN B 225 -8.19 -62.45 2.77
C ASN B 225 -7.06 -62.68 3.78
N GLY B 226 -6.95 -61.85 4.82
CA GLY B 226 -5.95 -62.06 5.84
C GLY B 226 -4.57 -61.60 5.49
N GLU B 227 -4.41 -60.79 4.45
CA GLU B 227 -3.09 -60.28 4.08
C GLU B 227 -2.72 -59.03 4.88
N VAL B 228 -3.65 -58.51 5.69
CA VAL B 228 -3.36 -57.47 6.67
C VAL B 228 -2.63 -58.12 7.85
N PRO B 229 -1.94 -57.33 8.68
CA PRO B 229 -1.40 -57.87 9.92
C PRO B 229 -2.50 -58.30 10.90
N GLU B 230 -2.06 -59.06 11.91
CA GLU B 230 -2.94 -59.80 12.80
C GLU B 230 -3.79 -58.92 13.73
N GLY B 231 -3.56 -57.61 13.78
CA GLY B 231 -4.39 -56.73 14.56
C GLY B 231 -5.60 -56.18 13.84
N LEU B 232 -5.61 -56.21 12.51
CA LEU B 232 -6.77 -55.78 11.74
C LEU B 232 -7.69 -56.93 11.37
N LYS B 233 -7.52 -58.10 12.01
CA LYS B 233 -8.41 -59.22 11.79
C LYS B 233 -9.70 -58.99 12.55
N GLY B 234 -10.82 -59.00 11.84
CA GLY B 234 -12.12 -58.74 12.41
C GLY B 234 -12.59 -57.30 12.27
N ARG B 235 -11.67 -56.35 12.22
CA ARG B 235 -12.03 -54.95 12.05
C ARG B 235 -12.40 -54.72 10.60
N ARG B 236 -13.70 -54.52 10.33
CA ARG B 236 -14.23 -54.41 8.98
C ARG B 236 -14.36 -52.95 8.62
N VAL B 237 -13.75 -52.56 7.50
CA VAL B 237 -13.66 -51.16 7.10
C VAL B 237 -14.88 -50.81 6.26
N LEU B 238 -15.59 -49.77 6.68
CA LEU B 238 -16.81 -49.29 6.06
C LEU B 238 -16.46 -48.21 5.04
N ALA B 239 -17.46 -47.46 4.60
CA ALA B 239 -17.26 -46.23 3.85
C ALA B 239 -18.28 -45.20 4.30
N LEU B 240 -17.96 -43.93 4.10
CA LEU B 240 -18.90 -42.83 4.36
C LEU B 240 -19.99 -42.88 3.30
N ASP B 241 -21.20 -43.26 3.72
CA ASP B 241 -22.35 -43.23 2.83
C ASP B 241 -22.94 -41.82 2.83
N MET B 242 -23.11 -41.27 1.64
CA MET B 242 -23.70 -39.93 1.47
C MET B 242 -25.22 -40.00 1.37
N GLY B 243 -25.74 -41.03 0.70
CA GLY B 243 -27.16 -41.13 0.44
C GLY B 243 -27.99 -41.54 1.64
N ALA B 244 -27.36 -42.07 2.68
CA ALA B 244 -28.04 -42.40 3.93
C ALA B 244 -28.08 -41.24 4.92
N LEU B 245 -27.93 -40.01 4.43
CA LEU B 245 -27.87 -38.84 5.29
C LEU B 245 -28.93 -37.79 4.98
N VAL B 246 -29.14 -37.47 3.70
CA VAL B 246 -29.97 -36.35 3.30
C VAL B 246 -31.25 -36.82 2.61
N ALA B 247 -31.49 -38.13 2.58
CA ALA B 247 -32.63 -38.69 1.85
C ALA B 247 -33.89 -38.51 2.68
N GLY B 248 -34.85 -37.78 2.12
CA GLY B 248 -36.16 -37.65 2.73
C GLY B 248 -36.21 -36.75 3.95
N ALA B 249 -35.83 -35.49 3.78
CA ALA B 249 -35.94 -34.53 4.87
C ALA B 249 -37.40 -34.14 5.10
N LYS B 250 -37.70 -33.72 6.30
CA LYS B 250 -39.06 -33.31 6.57
C LYS B 250 -39.17 -31.88 7.07
N TYR B 251 -38.27 -31.44 7.95
CA TYR B 251 -38.28 -30.08 8.44
C TYR B 251 -36.86 -29.53 8.43
N ARG B 252 -36.71 -28.31 8.95
CA ARG B 252 -35.48 -27.53 8.77
C ARG B 252 -34.35 -28.10 9.63
N GLY B 253 -33.19 -28.26 9.02
CA GLY B 253 -32.05 -28.83 9.72
C GLY B 253 -32.14 -30.33 9.88
N GLU B 254 -32.09 -31.07 8.77
CA GLU B 254 -32.09 -32.53 8.78
C GLU B 254 -30.69 -33.08 8.46
N PHE B 255 -29.64 -32.43 8.98
CA PHE B 255 -28.29 -32.91 8.74
C PHE B 255 -27.74 -33.64 9.96
N GLU B 256 -27.72 -32.97 11.11
CA GLU B 256 -27.00 -33.47 12.28
C GLU B 256 -27.68 -34.63 12.99
N GLU B 257 -28.96 -34.88 12.72
CA GLU B 257 -29.64 -35.94 13.45
C GLU B 257 -29.34 -37.32 12.84
N ARG B 258 -29.54 -37.47 11.53
CA ARG B 258 -29.22 -38.72 10.85
C ARG B 258 -27.78 -38.73 10.33
N LEU B 259 -26.90 -37.94 10.95
CA LEU B 259 -25.47 -38.21 11.03
C LEU B 259 -25.05 -38.75 12.37
N LYS B 260 -25.65 -38.27 13.46
CA LYS B 260 -25.22 -38.66 14.80
C LYS B 260 -25.65 -40.08 15.14
N GLY B 261 -26.86 -40.46 14.72
CA GLY B 261 -27.32 -41.83 14.94
C GLY B 261 -26.52 -42.85 14.15
N VAL B 262 -25.96 -42.42 13.02
CA VAL B 262 -24.98 -43.22 12.30
C VAL B 262 -23.63 -43.15 12.98
N LEU B 263 -23.36 -42.09 13.75
CA LEU B 263 -22.07 -41.90 14.38
C LEU B 263 -21.98 -42.47 15.79
N ASN B 264 -22.96 -42.18 16.67
CA ASN B 264 -22.79 -42.46 18.09
C ASN B 264 -22.80 -43.93 18.44
N ASP B 265 -23.42 -44.78 17.62
CA ASP B 265 -23.52 -46.20 17.91
C ASP B 265 -22.21 -46.95 17.71
N LEU B 266 -21.19 -46.30 17.14
CA LEU B 266 -19.90 -46.93 16.92
C LEU B 266 -18.93 -46.71 18.08
N ALA B 267 -19.45 -46.43 19.27
CA ALA B 267 -18.60 -46.33 20.45
C ALA B 267 -18.24 -47.70 21.00
N LYS B 268 -19.18 -48.65 20.97
CA LYS B 268 -18.97 -49.97 21.55
C LYS B 268 -18.40 -50.98 20.56
N GLN B 269 -18.12 -50.56 19.31
CA GLN B 269 -17.55 -51.48 18.33
C GLN B 269 -16.10 -51.79 18.66
N GLU B 270 -15.40 -50.83 19.31
CA GLU B 270 -13.99 -50.93 19.71
C GLU B 270 -13.09 -51.17 18.50
N GLY B 271 -13.07 -50.17 17.63
CA GLY B 271 -12.22 -50.19 16.45
C GLY B 271 -12.64 -51.15 15.37
N ASN B 272 -13.87 -51.68 15.43
CA ASN B 272 -14.29 -52.69 14.47
C ASN B 272 -14.67 -52.03 13.16
N VAL B 273 -15.71 -51.19 13.17
CA VAL B 273 -16.13 -50.46 11.98
C VAL B 273 -15.18 -49.28 11.83
N ILE B 274 -14.20 -49.43 10.95
CA ILE B 274 -13.25 -48.36 10.65
C ILE B 274 -13.79 -47.60 9.44
N LEU B 275 -14.19 -46.35 9.66
CA LEU B 275 -14.86 -45.57 8.62
C LEU B 275 -13.87 -45.13 7.56
N PHE B 276 -14.38 -44.99 6.34
CA PHE B 276 -13.63 -44.40 5.24
C PHE B 276 -14.42 -43.22 4.71
N ILE B 277 -13.79 -42.05 4.66
CA ILE B 277 -14.42 -40.83 4.19
C ILE B 277 -13.81 -40.51 2.83
N ASP B 278 -14.50 -40.89 1.76
CA ASP B 278 -14.17 -40.36 0.45
C ASP B 278 -14.65 -38.91 0.39
N GLU B 279 -13.89 -38.09 -0.35
CA GLU B 279 -14.06 -36.64 -0.41
C GLU B 279 -14.03 -36.03 0.99
N LEU B 280 -12.85 -36.15 1.60
CA LEU B 280 -12.60 -35.50 2.88
C LEU B 280 -12.49 -33.98 2.74
N HIS B 281 -12.19 -33.49 1.54
CA HIS B 281 -12.20 -32.05 1.30
C HIS B 281 -13.59 -31.46 1.42
N THR B 282 -14.62 -32.23 1.09
CA THR B 282 -15.98 -31.79 1.37
C THR B 282 -16.31 -31.96 2.84
N MET B 283 -16.30 -33.20 3.32
CA MET B 283 -16.60 -33.48 4.72
C MET B 283 -15.34 -33.44 5.55
N ALA B 295 -17.89 -28.06 6.17
CA ALA B 295 -18.78 -29.19 6.40
C ALA B 295 -18.04 -30.28 7.17
N GLY B 296 -18.76 -31.37 7.46
CA GLY B 296 -18.22 -32.48 8.24
C GLY B 296 -17.83 -32.10 9.64
N ASN B 297 -18.41 -31.03 10.17
CA ASN B 297 -17.94 -30.36 11.37
C ASN B 297 -18.68 -30.81 12.63
N MET B 298 -19.20 -32.03 12.63
CA MET B 298 -19.72 -32.69 13.82
C MET B 298 -18.91 -33.95 14.14
N LEU B 299 -18.04 -34.36 13.21
CA LEU B 299 -17.12 -35.47 13.37
C LEU B 299 -15.84 -35.07 14.11
N LYS B 300 -15.77 -33.84 14.62
CA LYS B 300 -14.52 -33.36 15.20
C LYS B 300 -14.18 -33.93 16.58
N PRO B 301 -15.01 -33.74 17.64
CA PRO B 301 -14.44 -33.76 19.00
C PRO B 301 -14.17 -35.14 19.56
N ALA B 302 -14.41 -36.21 18.80
CA ALA B 302 -14.32 -37.56 19.34
C ALA B 302 -13.36 -38.45 18.56
N LEU B 303 -12.27 -37.88 18.02
CA LEU B 303 -11.25 -38.70 17.37
C LEU B 303 -10.56 -39.61 18.37
N ALA B 304 -10.15 -39.07 19.52
CA ALA B 304 -9.46 -39.84 20.55
C ALA B 304 -10.40 -40.65 21.42
N ARG B 305 -11.71 -40.57 21.19
CA ARG B 305 -12.66 -41.34 21.97
C ARG B 305 -12.63 -42.82 21.58
N GLY B 306 -12.24 -43.13 20.35
CA GLY B 306 -12.44 -44.45 19.80
C GLY B 306 -13.82 -44.68 19.23
N GLU B 307 -14.72 -43.70 19.39
CA GLU B 307 -16.07 -43.76 18.86
C GLU B 307 -16.09 -43.59 17.34
N LEU B 308 -15.03 -43.04 16.77
CA LEU B 308 -14.89 -42.91 15.32
C LEU B 308 -13.44 -43.14 14.92
N HIS B 309 -13.26 -43.83 13.79
CA HIS B 309 -11.94 -44.20 13.29
C HIS B 309 -11.99 -44.08 11.77
N CYS B 310 -11.45 -43.00 11.23
CA CYS B 310 -11.72 -42.58 9.86
C CYS B 310 -10.52 -42.85 8.95
N VAL B 311 -10.82 -42.98 7.66
CA VAL B 311 -9.82 -43.11 6.61
C VAL B 311 -10.13 -42.05 5.55
N GLY B 312 -9.13 -41.26 5.18
CA GLY B 312 -9.34 -40.14 4.29
C GLY B 312 -8.92 -40.39 2.86
N ALA B 313 -9.44 -39.57 1.96
CA ALA B 313 -9.05 -39.55 0.55
C ALA B 313 -9.26 -38.13 0.06
N THR B 314 -8.17 -37.46 -0.30
CA THR B 314 -8.18 -36.03 -0.56
C THR B 314 -7.24 -35.80 -1.74
N THR B 315 -7.31 -34.62 -2.34
CA THR B 315 -6.32 -34.19 -3.33
C THR B 315 -5.31 -33.28 -2.62
N LEU B 316 -4.26 -32.87 -3.35
CA LEU B 316 -3.15 -32.15 -2.72
C LEU B 316 -3.57 -30.78 -2.22
N ASP B 317 -4.07 -29.92 -3.12
CA ASP B 317 -4.53 -28.59 -2.74
C ASP B 317 -5.77 -28.69 -1.87
N GLU B 318 -6.58 -29.72 -2.07
CA GLU B 318 -7.80 -29.90 -1.31
C GLU B 318 -7.55 -30.37 0.13
N TYR B 319 -6.30 -30.68 0.49
CA TYR B 319 -5.98 -31.03 1.87
C TYR B 319 -5.48 -29.82 2.65
N ARG B 320 -4.83 -28.88 1.98
CA ARG B 320 -4.27 -27.71 2.67
C ARG B 320 -5.37 -26.77 3.15
N GLN B 321 -6.53 -26.79 2.50
CA GLN B 321 -7.63 -25.93 2.89
C GLN B 321 -8.38 -26.44 4.10
N TYR B 322 -8.31 -27.73 4.39
CA TYR B 322 -9.22 -28.32 5.36
C TYR B 322 -8.56 -28.78 6.64
N ILE B 323 -7.36 -29.35 6.57
CA ILE B 323 -6.68 -29.90 7.73
C ILE B 323 -5.42 -29.10 8.06
N GLU B 324 -4.59 -28.81 7.06
CA GLU B 324 -3.32 -28.13 7.32
C GLU B 324 -3.49 -26.66 7.65
N LYS B 325 -4.65 -26.06 7.36
CA LYS B 325 -4.90 -24.69 7.79
C LYS B 325 -5.15 -24.64 9.29
N ASP B 326 -5.72 -25.69 9.86
CA ASP B 326 -6.00 -25.77 11.28
C ASP B 326 -4.94 -26.61 12.00
N ALA B 327 -5.02 -26.60 13.32
CA ALA B 327 -4.15 -27.43 14.16
C ALA B 327 -4.90 -28.56 14.85
N ALA B 328 -6.24 -28.56 14.78
CA ALA B 328 -7.02 -29.61 15.42
C ALA B 328 -6.89 -30.94 14.67
N LEU B 329 -7.23 -30.95 13.38
CA LEU B 329 -7.10 -32.13 12.57
C LEU B 329 -5.70 -32.33 12.01
N GLU B 330 -4.78 -31.38 12.25
CA GLU B 330 -3.41 -31.48 11.78
C GLU B 330 -2.69 -32.69 12.38
N ARG B 331 -2.99 -33.01 13.63
CA ARG B 331 -2.42 -34.19 14.25
C ARG B 331 -3.09 -35.46 13.72
N ARG B 332 -4.42 -35.54 13.83
CA ARG B 332 -5.13 -36.81 13.79
C ARG B 332 -5.27 -37.42 12.39
N PHE B 333 -4.60 -36.92 11.37
CA PHE B 333 -4.67 -37.52 10.04
C PHE B 333 -3.29 -37.49 9.39
N GLN B 334 -2.85 -38.64 8.85
CA GLN B 334 -1.59 -38.73 8.14
C GLN B 334 -1.82 -38.92 6.65
N LYS B 335 -0.90 -38.39 5.86
CA LYS B 335 -1.07 -38.23 4.42
C LYS B 335 -0.29 -39.32 3.68
N VAL B 336 -1.01 -40.14 2.91
CA VAL B 336 -0.36 -41.17 2.10
C VAL B 336 -0.31 -40.66 0.67
N PHE B 337 0.85 -40.16 0.26
CA PHE B 337 0.98 -39.51 -1.03
C PHE B 337 1.01 -40.54 -2.15
N VAL B 338 0.09 -40.40 -3.10
CA VAL B 338 -0.06 -41.34 -4.20
C VAL B 338 0.29 -40.59 -5.48
N ALA B 339 1.15 -41.18 -6.31
CA ALA B 339 1.73 -40.49 -7.44
C ALA B 339 1.22 -41.02 -8.78
N GLU B 340 1.55 -40.27 -9.83
CA GLU B 340 1.44 -40.65 -11.23
C GLU B 340 2.24 -41.92 -11.49
N PRO B 341 1.60 -43.04 -11.77
CA PRO B 341 2.30 -44.32 -11.85
C PRO B 341 3.09 -44.44 -13.15
N SER B 342 3.79 -45.56 -13.27
CA SER B 342 4.50 -45.83 -14.51
C SER B 342 3.53 -46.29 -15.58
N VAL B 343 3.94 -46.13 -16.84
CA VAL B 343 3.09 -46.47 -17.97
C VAL B 343 2.90 -47.99 -18.07
N GLU B 344 3.94 -48.76 -17.74
CA GLU B 344 3.85 -50.21 -17.82
C GLU B 344 2.99 -50.78 -16.69
N ASP B 345 3.07 -50.21 -15.48
CA ASP B 345 2.18 -50.64 -14.40
C ASP B 345 0.75 -50.13 -14.61
N THR B 346 0.58 -49.06 -15.38
CA THR B 346 -0.76 -48.61 -15.76
C THR B 346 -1.47 -49.67 -16.59
N ILE B 347 -0.77 -50.24 -17.57
CA ILE B 347 -1.35 -51.30 -18.37
C ILE B 347 -1.44 -52.61 -17.57
N ALA B 348 -0.52 -52.82 -16.61
CA ALA B 348 -0.40 -54.11 -15.95
C ALA B 348 -1.57 -54.40 -15.00
N ILE B 349 -2.17 -53.38 -14.40
CA ILE B 349 -3.37 -53.60 -13.61
C ILE B 349 -4.56 -53.87 -14.52
N LEU B 350 -4.52 -53.33 -15.74
CA LEU B 350 -5.51 -53.65 -16.76
C LEU B 350 -5.11 -54.88 -17.58
N ARG B 351 -4.04 -55.58 -17.20
CA ARG B 351 -3.65 -56.82 -17.85
C ARG B 351 -4.29 -58.05 -17.21
N GLY B 352 -4.79 -57.91 -15.97
CA GLY B 352 -5.46 -59.01 -15.32
C GLY B 352 -6.92 -58.68 -15.07
N LEU B 353 -7.27 -57.42 -15.32
CA LEU B 353 -8.64 -56.95 -15.12
C LEU B 353 -9.19 -56.48 -16.46
N LYS B 354 -8.97 -57.29 -17.50
CA LYS B 354 -9.28 -56.91 -18.88
C LYS B 354 -10.59 -57.49 -19.38
N GLU B 355 -11.30 -58.27 -18.56
CA GLU B 355 -12.51 -58.93 -19.03
C GLU B 355 -13.68 -57.95 -19.14
N ARG B 356 -13.82 -57.06 -18.16
CA ARG B 356 -14.87 -56.04 -18.17
C ARG B 356 -14.53 -54.86 -19.06
N TYR B 357 -13.34 -54.84 -19.65
CA TYR B 357 -12.99 -53.86 -20.67
C TYR B 357 -13.24 -54.38 -22.08
N GLU B 358 -13.50 -55.68 -22.24
CA GLU B 358 -13.64 -56.27 -23.57
C GLU B 358 -15.07 -56.24 -24.09
N LEU B 359 -16.08 -56.19 -23.22
CA LEU B 359 -17.47 -56.29 -23.62
C LEU B 359 -18.30 -55.07 -23.20
N HIS B 360 -17.64 -53.98 -22.87
CA HIS B 360 -18.35 -52.81 -22.34
C HIS B 360 -18.09 -51.55 -23.13
N HIS B 361 -16.86 -51.33 -23.59
CA HIS B 361 -16.49 -50.12 -24.31
C HIS B 361 -16.78 -50.22 -25.80
N HIS B 362 -17.37 -51.33 -26.24
CA HIS B 362 -17.50 -51.71 -27.65
C HIS B 362 -16.14 -51.70 -28.35
N VAL B 363 -15.20 -52.43 -27.77
CA VAL B 363 -13.86 -52.56 -28.32
C VAL B 363 -13.50 -54.04 -28.38
N GLN B 364 -12.75 -54.42 -29.40
CA GLN B 364 -12.32 -55.81 -29.54
C GLN B 364 -10.94 -55.96 -28.92
N ILE B 365 -10.64 -57.17 -28.46
CA ILE B 365 -9.46 -57.41 -27.63
C ILE B 365 -8.19 -57.32 -28.48
N THR B 366 -7.31 -56.40 -28.11
CA THR B 366 -5.98 -56.34 -28.68
C THR B 366 -5.00 -55.83 -27.63
N ASP B 367 -3.72 -56.10 -27.87
CA ASP B 367 -2.68 -55.63 -26.94
C ASP B 367 -2.44 -54.12 -27.02
N PRO B 368 -2.11 -53.50 -28.16
CA PRO B 368 -1.59 -52.13 -28.11
C PRO B 368 -2.64 -51.04 -27.90
N ALA B 369 -3.88 -51.39 -27.56
CA ALA B 369 -4.95 -50.39 -27.50
C ALA B 369 -4.74 -49.39 -26.38
N ILE B 370 -4.26 -49.84 -25.22
CA ILE B 370 -3.97 -48.93 -24.13
C ILE B 370 -2.66 -48.18 -24.38
N VAL B 371 -1.82 -48.69 -25.29
CA VAL B 371 -0.42 -48.31 -25.35
C VAL B 371 -0.24 -46.88 -25.87
N ALA B 372 -0.77 -46.60 -27.06
CA ALA B 372 -0.52 -45.30 -27.69
C ALA B 372 -1.33 -44.16 -27.10
N ALA B 373 -2.12 -44.42 -26.06
CA ALA B 373 -2.73 -43.38 -25.25
C ALA B 373 -2.02 -43.16 -23.92
N ALA B 374 -1.13 -44.06 -23.52
CA ALA B 374 -0.40 -43.91 -22.27
C ALA B 374 1.05 -43.51 -22.46
N THR B 375 1.70 -43.96 -23.53
CA THR B 375 3.07 -43.56 -23.80
C THR B 375 3.14 -42.21 -24.50
N LEU B 376 2.11 -41.85 -25.26
CA LEU B 376 2.10 -40.64 -26.07
C LEU B 376 1.28 -39.53 -25.41
N SER B 377 0.96 -39.68 -24.12
CA SER B 377 0.17 -38.65 -23.45
C SER B 377 0.63 -38.38 -22.01
N HIS B 378 1.80 -38.88 -21.61
CA HIS B 378 2.36 -38.50 -20.32
C HIS B 378 3.10 -37.17 -20.37
N ARG B 379 3.49 -36.71 -21.56
CA ARG B 379 4.19 -35.45 -21.75
C ARG B 379 3.39 -34.43 -22.55
N TYR B 380 2.58 -34.89 -23.51
CA TYR B 380 1.82 -33.98 -24.37
C TYR B 380 0.68 -33.31 -23.62
N ILE B 381 -0.08 -34.09 -22.85
CA ILE B 381 -1.19 -33.56 -22.07
C ILE B 381 -0.84 -33.77 -20.60
N ALA B 382 0.44 -33.53 -20.28
CA ALA B 382 0.95 -33.68 -18.91
C ALA B 382 0.26 -32.77 -17.89
N ASP B 383 -0.45 -31.73 -18.33
CA ASP B 383 -1.29 -30.93 -17.45
C ASP B 383 -2.50 -31.71 -16.93
N ARG B 384 -2.86 -32.82 -17.57
CA ARG B 384 -3.84 -33.76 -17.06
C ARG B 384 -3.11 -34.81 -16.20
N GLN B 385 -3.84 -35.84 -15.79
CA GLN B 385 -3.29 -36.93 -15.00
C GLN B 385 -3.46 -38.25 -15.74
N LEU B 386 -2.35 -38.93 -16.02
CA LEU B 386 -2.40 -40.24 -16.64
C LEU B 386 -3.19 -41.33 -15.88
N PRO B 387 -3.20 -41.41 -14.54
CA PRO B 387 -4.10 -42.41 -13.92
C PRO B 387 -5.56 -42.06 -14.04
N ASP B 388 -5.89 -40.78 -14.25
CA ASP B 388 -7.22 -40.38 -14.69
C ASP B 388 -7.37 -40.50 -16.21
N LYS B 389 -6.29 -40.28 -16.96
CA LYS B 389 -6.26 -40.62 -18.38
C LYS B 389 -6.07 -42.11 -18.61
N ALA B 390 -5.91 -42.90 -17.54
CA ALA B 390 -6.04 -44.35 -17.61
C ALA B 390 -7.49 -44.80 -17.79
N ILE B 391 -8.45 -43.90 -17.63
CA ILE B 391 -9.79 -44.11 -18.15
C ILE B 391 -10.18 -43.06 -19.19
N ASP B 392 -9.80 -41.79 -18.98
CA ASP B 392 -10.31 -40.72 -19.83
C ASP B 392 -9.63 -40.65 -21.18
N LEU B 393 -8.63 -41.50 -21.43
CA LEU B 393 -8.12 -41.69 -22.78
C LEU B 393 -8.48 -43.04 -23.38
N ILE B 394 -8.95 -43.98 -22.57
CA ILE B 394 -9.54 -45.16 -23.17
C ILE B 394 -10.98 -44.89 -23.52
N ASP B 395 -11.71 -44.14 -22.69
CA ASP B 395 -13.12 -43.88 -22.93
C ASP B 395 -13.37 -42.80 -23.96
N GLU B 396 -12.36 -42.04 -24.36
CA GLU B 396 -12.57 -40.96 -25.32
C GLU B 396 -11.92 -41.19 -26.67
N ALA B 397 -10.75 -41.82 -26.70
CA ALA B 397 -10.19 -42.24 -27.99
C ALA B 397 -11.03 -43.34 -28.60
N ALA B 398 -11.64 -44.19 -27.78
CA ALA B 398 -12.63 -45.16 -28.24
C ALA B 398 -14.04 -44.60 -28.21
N SER B 399 -14.19 -43.28 -28.20
CA SER B 399 -15.47 -42.64 -28.43
C SER B 399 -15.57 -42.02 -29.80
N SER B 400 -14.46 -41.54 -30.36
CA SER B 400 -14.44 -41.17 -31.77
C SER B 400 -14.46 -42.41 -32.66
N ILE B 401 -13.97 -43.53 -32.12
CA ILE B 401 -14.11 -44.83 -32.78
C ILE B 401 -15.58 -45.25 -32.82
N ARG B 402 -16.37 -44.84 -31.82
CA ARG B 402 -17.76 -45.27 -31.68
C ARG B 402 -18.71 -44.68 -32.72
N MET B 403 -18.22 -43.92 -33.70
CA MET B 403 -19.09 -43.46 -34.79
C MET B 403 -19.53 -44.61 -35.69
N GLN B 404 -18.68 -45.64 -35.86
CA GLN B 404 -18.99 -46.74 -36.77
C GLN B 404 -19.00 -48.11 -36.08
N ILE B 405 -18.99 -48.16 -34.75
CA ILE B 405 -18.91 -49.45 -34.07
C ILE B 405 -20.26 -50.19 -34.10
N ASP B 406 -21.37 -49.47 -34.20
CA ASP B 406 -22.70 -50.08 -34.25
C ASP B 406 -23.58 -49.42 -35.30
N SER B 407 -23.00 -48.59 -36.16
CA SER B 407 -23.76 -47.81 -37.12
C SER B 407 -23.95 -48.60 -38.40
N LYS B 408 -25.16 -48.55 -38.95
CA LYS B 408 -25.49 -49.29 -40.16
C LYS B 408 -25.80 -48.34 -41.32
N ARG B 525 -10.38 -54.74 -41.76
CA ARG B 525 -11.57 -55.36 -42.33
C ARG B 525 -12.41 -54.33 -43.09
N LEU B 526 -13.71 -54.28 -42.80
CA LEU B 526 -14.59 -53.34 -43.50
C LEU B 526 -14.48 -51.94 -42.90
N LEU B 527 -14.63 -51.83 -41.59
CA LEU B 527 -14.51 -50.54 -40.90
C LEU B 527 -13.83 -50.75 -39.56
N ARG B 528 -13.76 -49.67 -38.77
CA ARG B 528 -13.02 -49.65 -37.52
C ARG B 528 -13.85 -50.32 -36.44
N ASN B 529 -13.70 -51.65 -36.34
CA ASN B 529 -14.30 -52.43 -35.27
C ASN B 529 -13.32 -52.64 -34.12
N LYS B 530 -12.14 -53.16 -34.43
CA LYS B 530 -11.03 -53.16 -33.49
C LYS B 530 -10.59 -51.71 -33.22
N VAL B 531 -10.04 -51.49 -32.03
CA VAL B 531 -9.30 -50.26 -31.77
C VAL B 531 -8.09 -50.22 -32.70
N THR B 532 -7.82 -49.04 -33.22
CA THR B 532 -6.51 -48.77 -33.78
C THR B 532 -5.85 -47.67 -32.95
N ASP B 533 -4.55 -47.53 -33.12
CA ASP B 533 -3.76 -46.62 -32.31
C ASP B 533 -3.23 -45.42 -33.09
N ALA B 534 -3.44 -45.39 -34.41
CA ALA B 534 -3.26 -44.15 -35.15
C ALA B 534 -4.42 -43.19 -34.93
N GLU B 535 -5.64 -43.70 -34.77
CA GLU B 535 -6.77 -42.84 -34.43
C GLU B 535 -6.75 -42.43 -32.97
N ILE B 536 -5.99 -43.13 -32.12
CA ILE B 536 -5.65 -42.60 -30.82
C ILE B 536 -4.68 -41.44 -30.97
N ALA B 537 -3.72 -41.57 -31.90
CA ALA B 537 -2.81 -40.46 -32.19
C ALA B 537 -3.53 -39.33 -32.91
N GLU B 538 -4.51 -39.67 -33.76
CA GLU B 538 -5.26 -38.66 -34.49
C GLU B 538 -6.20 -37.88 -33.58
N VAL B 539 -6.74 -38.53 -32.55
CA VAL B 539 -7.61 -37.80 -31.63
C VAL B 539 -6.77 -37.05 -30.60
N LEU B 540 -5.50 -37.42 -30.44
CA LEU B 540 -4.61 -36.62 -29.60
C LEU B 540 -4.32 -35.27 -30.22
N ALA B 541 -4.39 -35.17 -31.55
CA ALA B 541 -4.19 -33.89 -32.22
C ALA B 541 -5.39 -32.97 -32.01
N ARG B 542 -6.55 -33.54 -31.72
CA ARG B 542 -7.76 -32.79 -31.44
C ARG B 542 -7.91 -32.41 -29.98
N TRP B 543 -6.86 -32.59 -29.17
CA TRP B 543 -6.90 -32.27 -27.75
C TRP B 543 -5.92 -31.17 -27.37
N THR B 544 -4.65 -31.33 -27.76
CA THR B 544 -3.60 -30.39 -27.38
C THR B 544 -3.22 -29.42 -28.48
N GLY B 545 -3.83 -29.51 -29.66
CA GLY B 545 -3.55 -28.62 -30.75
C GLY B 545 -2.38 -29.01 -31.63
N ILE B 546 -1.49 -29.86 -31.15
CA ILE B 546 -0.35 -30.34 -31.92
C ILE B 546 -0.87 -31.27 -33.01
N PRO B 547 -0.85 -30.85 -34.29
CA PRO B 547 -1.66 -31.52 -35.31
C PRO B 547 -1.10 -32.84 -35.79
N VAL B 548 -1.73 -33.38 -36.85
CA VAL B 548 -1.32 -34.66 -37.42
C VAL B 548 -0.14 -34.54 -38.37
N SER B 549 0.30 -33.31 -38.68
CA SER B 549 1.44 -33.16 -39.58
C SER B 549 2.77 -33.39 -38.88
N ARG B 550 2.77 -33.45 -37.55
CA ARG B 550 3.92 -33.92 -36.79
C ARG B 550 3.85 -35.40 -36.47
N MET B 551 2.63 -35.95 -36.39
CA MET B 551 2.42 -37.33 -35.97
C MET B 551 2.29 -38.29 -37.16
N MET B 552 2.70 -37.87 -38.34
CA MET B 552 2.92 -38.79 -39.45
C MET B 552 4.31 -38.69 -40.04
N GLU B 553 5.01 -37.57 -39.84
CA GLU B 553 6.35 -37.39 -40.36
C GLU B 553 7.35 -38.18 -39.53
N SER B 554 8.55 -38.35 -40.07
CA SER B 554 9.59 -39.10 -39.40
C SER B 554 10.23 -38.25 -38.30
N GLU B 555 11.25 -38.81 -37.64
CA GLU B 555 11.88 -38.10 -36.53
C GLU B 555 12.80 -37.00 -37.02
N ARG B 556 13.66 -37.29 -38.01
CA ARG B 556 14.57 -36.28 -38.54
C ARG B 556 13.87 -35.26 -39.42
N GLU B 557 12.63 -35.52 -39.85
CA GLU B 557 11.85 -34.49 -40.53
C GLU B 557 11.01 -33.70 -39.54
N LYS B 558 10.76 -34.26 -38.35
CA LYS B 558 10.02 -33.52 -37.32
C LYS B 558 10.82 -32.31 -36.84
N LEU B 559 12.14 -32.45 -36.73
CA LEU B 559 13.00 -31.33 -36.41
C LEU B 559 13.54 -30.64 -37.65
N LEU B 560 13.02 -30.99 -38.82
CA LEU B 560 13.29 -30.29 -40.08
C LEU B 560 11.99 -29.76 -40.68
N ARG B 561 11.14 -29.19 -39.83
CA ARG B 561 9.97 -28.43 -40.25
C ARG B 561 10.07 -26.95 -39.89
N MET B 562 10.70 -26.63 -38.75
CA MET B 562 10.97 -25.25 -38.35
C MET B 562 11.95 -24.56 -39.28
N GLU B 563 12.70 -25.33 -40.08
CA GLU B 563 13.77 -24.78 -40.90
C GLU B 563 13.22 -23.94 -42.04
N GLN B 564 12.32 -24.50 -42.85
CA GLN B 564 11.62 -23.72 -43.88
C GLN B 564 10.24 -23.31 -43.39
N GLU B 565 10.22 -22.52 -42.31
CA GLU B 565 8.99 -22.06 -41.69
C GLU B 565 8.80 -20.56 -41.79
N LEU B 566 9.76 -19.78 -41.27
CA LEU B 566 9.66 -18.32 -41.28
C LEU B 566 10.29 -17.77 -42.55
N HIS B 567 9.72 -18.19 -43.68
CA HIS B 567 10.14 -17.79 -45.00
C HIS B 567 9.04 -17.14 -45.83
N HIS B 568 7.78 -17.27 -45.39
CA HIS B 568 6.65 -16.74 -46.15
C HIS B 568 6.39 -15.27 -45.79
N ARG B 569 6.32 -14.97 -44.50
CA ARG B 569 6.08 -13.60 -44.06
C ARG B 569 7.38 -12.82 -43.99
N VAL B 570 8.40 -13.39 -43.37
CA VAL B 570 9.71 -12.78 -43.29
C VAL B 570 10.59 -13.46 -44.34
N ILE B 571 10.92 -12.70 -45.38
CA ILE B 571 11.52 -13.28 -46.57
C ILE B 571 13.04 -13.37 -46.41
N GLY B 572 13.64 -14.33 -47.12
CA GLY B 572 15.06 -14.61 -47.04
C GLY B 572 15.34 -15.72 -46.05
N GLN B 573 16.54 -15.68 -45.45
CA GLN B 573 16.94 -16.52 -44.31
C GLN B 573 16.93 -18.01 -44.67
N ASN B 574 17.63 -18.33 -45.76
CA ASN B 574 17.71 -19.71 -46.23
C ASN B 574 18.77 -20.53 -45.52
N GLU B 575 19.56 -19.92 -44.63
CA GLU B 575 20.51 -20.66 -43.82
C GLU B 575 20.35 -20.25 -42.37
N ALA B 576 19.96 -19.00 -42.13
CA ALA B 576 19.77 -18.47 -40.78
C ALA B 576 18.42 -18.86 -40.16
N VAL B 577 17.71 -19.83 -40.74
CA VAL B 577 16.74 -20.64 -40.00
C VAL B 577 17.12 -22.11 -39.98
N ASP B 578 18.02 -22.55 -40.87
CA ASP B 578 18.57 -23.90 -40.77
C ASP B 578 19.46 -24.05 -39.55
N ALA B 579 20.30 -23.06 -39.27
CA ALA B 579 21.25 -23.11 -38.17
C ALA B 579 20.85 -22.21 -37.00
N VAL B 580 19.55 -22.14 -36.68
CA VAL B 580 19.09 -21.46 -35.47
C VAL B 580 18.46 -22.44 -34.48
N SER B 581 17.64 -23.37 -34.98
CA SER B 581 17.24 -24.55 -34.22
C SER B 581 18.26 -25.69 -34.34
N ASN B 582 19.48 -25.40 -34.77
CA ASN B 582 20.52 -26.43 -34.82
C ASN B 582 20.97 -26.80 -33.42
N ALA B 583 20.96 -25.84 -32.49
CA ALA B 583 21.29 -26.14 -31.10
C ALA B 583 20.20 -26.98 -30.44
N ILE B 584 18.98 -26.98 -30.99
CA ILE B 584 17.97 -27.93 -30.53
C ILE B 584 18.37 -29.35 -30.89
N ARG B 585 19.02 -29.52 -32.06
CA ARG B 585 19.65 -30.79 -32.34
C ARG B 585 20.98 -30.98 -31.60
N ARG B 586 21.43 -29.98 -30.84
CA ARG B 586 22.70 -30.02 -30.13
C ARG B 586 22.61 -29.72 -28.64
N SER B 587 21.43 -29.33 -28.13
CA SER B 587 21.25 -29.18 -26.69
C SER B 587 20.00 -29.89 -26.17
N ARG B 588 18.91 -29.89 -26.93
CA ARG B 588 17.72 -30.64 -26.53
C ARG B 588 17.96 -32.14 -26.60
N ALA B 589 18.73 -32.59 -27.59
CA ALA B 589 19.36 -33.89 -27.50
C ALA B 589 20.66 -33.80 -26.70
N GLY B 590 21.54 -32.88 -27.10
CA GLY B 590 22.75 -32.54 -26.37
C GLY B 590 24.00 -33.00 -27.09
N LEU B 591 24.60 -32.11 -27.88
CA LEU B 591 25.81 -32.45 -28.62
C LEU B 591 26.97 -31.50 -28.37
N ALA B 592 26.75 -30.21 -28.61
CA ALA B 592 27.85 -29.28 -28.89
C ALA B 592 28.26 -28.56 -27.62
N ASP B 593 28.85 -29.32 -26.67
CA ASP B 593 29.46 -28.87 -25.42
C ASP B 593 28.50 -28.00 -24.61
N PRO B 594 27.53 -28.59 -23.90
CA PRO B 594 26.44 -27.80 -23.30
C PRO B 594 26.85 -26.89 -22.15
N ASN B 595 28.12 -26.89 -21.73
CA ASN B 595 28.61 -25.93 -20.74
C ASN B 595 29.01 -24.63 -21.44
N ARG B 596 28.00 -23.94 -21.95
CA ARG B 596 28.19 -22.78 -22.81
C ARG B 596 26.93 -21.92 -22.73
N PRO B 597 27.02 -20.64 -23.10
CA PRO B 597 25.83 -19.88 -23.48
C PRO B 597 25.44 -20.25 -24.91
N ILE B 598 24.31 -19.69 -25.35
CA ILE B 598 23.82 -20.05 -26.68
C ILE B 598 24.52 -19.21 -27.76
N GLY B 599 24.59 -17.90 -27.58
CA GLY B 599 25.37 -17.06 -28.47
C GLY B 599 24.98 -15.60 -28.67
N SER B 600 25.99 -14.73 -28.71
CA SER B 600 25.79 -13.29 -28.76
C SER B 600 26.79 -12.65 -29.73
N PHE B 601 26.93 -13.21 -30.92
CA PHE B 601 27.64 -12.54 -32.00
C PHE B 601 26.60 -11.83 -32.86
N LEU B 602 26.98 -11.34 -34.04
CA LEU B 602 26.18 -10.40 -34.79
C LEU B 602 24.92 -11.06 -35.38
N PHE B 603 23.80 -10.35 -35.27
CA PHE B 603 22.57 -10.64 -36.02
C PHE B 603 22.11 -9.28 -36.55
N LEU B 604 22.52 -8.98 -37.78
CA LEU B 604 22.26 -7.67 -38.39
C LEU B 604 20.83 -7.58 -38.90
N GLY B 605 20.19 -6.43 -38.67
CA GLY B 605 18.79 -6.26 -39.00
C GLY B 605 18.35 -4.84 -39.31
N PRO B 606 17.19 -4.70 -39.96
CA PRO B 606 16.60 -3.38 -40.17
C PRO B 606 15.66 -2.99 -39.04
N THR B 607 15.55 -1.69 -38.81
CA THR B 607 14.85 -1.16 -37.65
C THR B 607 13.33 -1.32 -37.82
N GLY B 608 12.79 -2.43 -37.29
CA GLY B 608 11.37 -2.60 -37.07
C GLY B 608 10.75 -3.79 -37.77
N VAL B 609 11.36 -4.24 -38.87
CA VAL B 609 10.69 -5.17 -39.77
C VAL B 609 11.49 -6.46 -39.96
N GLY B 610 12.10 -6.94 -38.89
CA GLY B 610 13.09 -7.98 -39.04
C GLY B 610 14.32 -7.73 -38.20
N LYS B 611 14.18 -6.87 -37.19
CA LYS B 611 15.07 -6.85 -36.03
C LYS B 611 14.47 -7.54 -34.80
N THR B 612 13.28 -7.12 -34.38
CA THR B 612 12.63 -7.67 -33.19
C THR B 612 11.31 -8.36 -33.55
N GLU B 613 11.00 -8.38 -34.85
CA GLU B 613 9.76 -8.99 -35.32
C GLU B 613 9.81 -10.52 -35.28
N LEU B 614 11.02 -11.10 -35.24
CA LEU B 614 11.19 -12.54 -35.35
C LEU B 614 10.84 -13.31 -34.08
N CYS B 615 10.15 -12.69 -33.13
CA CYS B 615 9.47 -13.41 -32.06
C CYS B 615 7.96 -13.16 -32.08
N LYS B 616 7.49 -12.23 -32.92
CA LYS B 616 6.07 -12.03 -33.20
C LYS B 616 5.54 -13.02 -34.22
N ALA B 617 6.39 -13.54 -35.10
CA ALA B 617 6.00 -14.52 -36.09
C ALA B 617 6.23 -15.95 -35.61
N LEU B 618 6.51 -16.14 -34.31
CA LEU B 618 6.76 -17.46 -33.74
C LEU B 618 5.56 -17.95 -32.95
N ALA B 619 4.36 -17.79 -33.51
CA ALA B 619 3.15 -18.38 -32.97
C ALA B 619 2.76 -19.67 -33.67
N ASN B 620 3.74 -20.48 -34.09
CA ASN B 620 3.46 -21.61 -34.97
C ASN B 620 4.31 -22.85 -34.72
N PHE B 621 4.92 -23.03 -33.54
CA PHE B 621 5.98 -24.04 -33.40
C PHE B 621 5.59 -25.24 -32.54
N MET B 622 5.38 -25.07 -31.22
CA MET B 622 5.17 -26.28 -30.42
C MET B 622 4.01 -26.22 -29.43
N PHE B 623 3.80 -25.07 -28.79
CA PHE B 623 2.78 -24.96 -27.75
C PHE B 623 1.82 -23.79 -27.98
N ASP B 624 2.06 -22.97 -29.01
CA ASP B 624 1.26 -21.78 -29.35
C ASP B 624 1.17 -20.81 -28.17
N SER B 625 2.35 -20.31 -27.80
CA SER B 625 2.48 -19.41 -26.66
C SER B 625 2.80 -18.00 -27.14
N ASP B 626 1.78 -17.15 -27.15
CA ASP B 626 1.95 -15.75 -27.51
C ASP B 626 2.28 -14.88 -26.30
N GLU B 627 2.36 -15.48 -25.12
CA GLU B 627 2.60 -14.76 -23.87
C GLU B 627 4.04 -14.93 -23.42
N ALA B 628 4.92 -15.19 -24.37
CA ALA B 628 6.34 -15.41 -24.11
C ALA B 628 7.14 -14.11 -24.07
N MET B 629 6.48 -12.96 -23.93
CA MET B 629 7.10 -11.66 -24.14
C MET B 629 8.04 -11.33 -22.99
N VAL B 630 9.28 -11.83 -23.11
CA VAL B 630 10.40 -11.35 -22.32
C VAL B 630 11.49 -11.03 -23.33
N ARG B 631 11.57 -9.76 -23.73
CA ARG B 631 12.62 -9.26 -24.60
C ARG B 631 13.23 -8.04 -23.94
N ILE B 632 14.54 -7.95 -23.95
CA ILE B 632 15.29 -6.97 -23.17
C ILE B 632 16.27 -6.27 -24.09
N ASP B 633 16.29 -4.93 -24.03
CA ASP B 633 17.40 -4.15 -24.56
C ASP B 633 18.47 -4.12 -23.48
N MET B 634 19.66 -4.59 -23.81
CA MET B 634 20.75 -4.72 -22.84
C MET B 634 22.01 -4.04 -23.41
N SER B 635 21.83 -2.83 -23.91
CA SER B 635 22.85 -2.16 -24.71
C SER B 635 23.78 -1.24 -23.91
N GLU B 636 23.25 -0.24 -23.19
CA GLU B 636 24.06 0.75 -22.50
C GLU B 636 23.80 0.78 -21.01
N PHE B 637 23.70 -0.37 -20.36
CA PHE B 637 23.33 -0.46 -18.93
C PHE B 637 24.61 -0.56 -18.11
N MET B 638 25.12 0.60 -17.67
CA MET B 638 26.36 0.68 -16.92
C MET B 638 26.17 0.94 -15.43
N GLU B 639 25.00 1.40 -15.01
CA GLU B 639 24.73 1.70 -13.61
C GLU B 639 24.09 0.49 -12.94
N LYS B 640 24.27 0.39 -11.62
CA LYS B 640 23.87 -0.76 -10.83
C LYS B 640 22.43 -0.67 -10.32
N HIS B 641 21.58 0.14 -10.96
CA HIS B 641 20.23 0.38 -10.48
C HIS B 641 19.18 0.13 -11.56
N SER B 642 19.31 -0.97 -12.30
CA SER B 642 18.35 -1.31 -13.35
C SER B 642 17.99 -2.80 -13.32
N VAL B 643 17.96 -3.40 -12.14
CA VAL B 643 17.70 -4.83 -12.02
C VAL B 643 16.43 -5.14 -11.22
N SER B 644 15.88 -4.17 -10.48
CA SER B 644 14.84 -4.43 -9.50
C SER B 644 13.43 -4.36 -10.08
N ARG B 645 13.26 -4.57 -11.40
CA ARG B 645 11.94 -4.65 -12.00
C ARG B 645 11.57 -6.07 -12.42
N LEU B 646 12.54 -6.90 -12.78
CA LEU B 646 12.27 -8.29 -13.15
C LEU B 646 12.00 -9.16 -11.93
N VAL B 647 12.66 -8.87 -10.81
CA VAL B 647 12.54 -9.68 -9.61
C VAL B 647 11.24 -9.37 -8.89
N GLY B 660 2.69 -6.94 -9.28
CA GLY B 660 3.11 -8.33 -9.08
C GLY B 660 2.41 -9.28 -10.01
N TYR B 661 3.15 -9.77 -11.02
CA TYR B 661 2.56 -10.56 -12.10
C TYR B 661 3.38 -11.78 -12.52
N LEU B 662 4.14 -12.39 -11.61
CA LEU B 662 4.87 -13.60 -11.98
C LEU B 662 4.00 -14.85 -11.97
N THR B 663 2.88 -14.84 -11.22
CA THR B 663 2.01 -16.00 -11.10
C THR B 663 0.67 -15.71 -11.77
N GLU B 664 0.69 -14.87 -12.80
CA GLU B 664 -0.49 -14.57 -13.60
C GLU B 664 -0.42 -15.11 -15.02
N ALA B 665 0.78 -15.40 -15.52
CA ALA B 665 0.92 -15.72 -16.94
C ALA B 665 1.63 -17.03 -17.23
N VAL B 666 2.50 -17.53 -16.35
CA VAL B 666 3.35 -18.65 -16.73
C VAL B 666 2.99 -19.94 -15.98
N ARG B 667 2.25 -19.85 -14.86
CA ARG B 667 2.01 -21.02 -14.02
C ARG B 667 0.72 -21.75 -14.33
N ARG B 668 -0.27 -21.09 -14.94
CA ARG B 668 -1.47 -21.80 -15.37
C ARG B 668 -1.17 -22.71 -16.55
N ARG B 669 -0.19 -22.33 -17.37
CA ARG B 669 0.28 -23.14 -18.48
C ARG B 669 1.80 -23.17 -18.39
N PRO B 670 2.40 -24.21 -17.80
CA PRO B 670 3.85 -24.19 -17.57
C PRO B 670 4.68 -24.48 -18.82
N TYR B 671 4.21 -25.40 -19.65
CA TYR B 671 4.97 -25.84 -20.83
C TYR B 671 4.70 -24.88 -21.99
N SER B 672 5.70 -24.06 -22.28
CA SER B 672 5.55 -22.91 -23.16
C SER B 672 6.88 -22.65 -23.88
N VAL B 673 6.96 -21.49 -24.54
CA VAL B 673 8.24 -20.92 -24.95
C VAL B 673 8.52 -19.74 -24.05
N ILE B 674 9.79 -19.52 -23.77
CA ILE B 674 10.28 -18.41 -22.97
C ILE B 674 11.41 -17.76 -23.74
N LEU B 675 11.31 -16.45 -23.95
CA LEU B 675 12.24 -15.75 -24.81
C LEU B 675 13.26 -14.92 -24.02
N LEU B 676 14.39 -14.69 -24.70
CA LEU B 676 15.33 -13.62 -24.36
C LEU B 676 16.18 -13.34 -25.58
N ASP B 677 16.23 -12.07 -25.99
CA ASP B 677 17.05 -11.64 -27.11
C ASP B 677 17.59 -10.25 -26.81
N GLU B 678 18.63 -9.87 -27.56
CA GLU B 678 19.43 -8.66 -27.34
C GLU B 678 20.00 -8.63 -25.91
N VAL B 679 20.82 -9.62 -25.61
CA VAL B 679 21.66 -9.61 -24.42
C VAL B 679 23.11 -9.47 -24.84
N GLU B 680 23.57 -8.23 -24.98
CA GLU B 680 24.79 -7.94 -25.73
C GLU B 680 25.91 -7.34 -24.88
N LYS B 681 25.66 -6.22 -24.21
CA LYS B 681 26.72 -5.47 -23.53
C LYS B 681 26.19 -5.10 -22.15
N ALA B 682 26.51 -5.94 -21.16
CA ALA B 682 26.22 -5.66 -19.77
C ALA B 682 27.40 -6.10 -18.93
N HIS B 683 27.37 -5.73 -17.67
CA HIS B 683 28.40 -6.11 -16.72
C HIS B 683 27.89 -7.24 -15.83
N PRO B 684 28.76 -7.91 -15.07
CA PRO B 684 28.27 -8.90 -14.10
C PRO B 684 27.48 -8.34 -12.92
N ASP B 685 27.13 -7.05 -12.90
CA ASP B 685 26.10 -6.58 -11.98
C ASP B 685 24.73 -7.13 -12.34
N VAL B 686 24.45 -7.32 -13.64
CA VAL B 686 23.21 -7.93 -14.07
C VAL B 686 23.46 -9.32 -14.66
N PHE B 687 24.67 -9.59 -15.18
CA PHE B 687 25.01 -10.93 -15.65
C PHE B 687 25.21 -11.95 -14.52
N ASN B 688 25.25 -11.51 -13.25
CA ASN B 688 25.44 -12.46 -12.15
C ASN B 688 24.24 -13.38 -11.96
N ILE B 689 23.03 -12.87 -12.18
CA ILE B 689 21.88 -13.74 -12.27
C ILE B 689 21.97 -14.57 -13.54
N LEU B 690 22.33 -13.93 -14.66
CA LEU B 690 22.27 -14.54 -15.98
C LEU B 690 23.51 -15.38 -16.31
N LEU B 691 24.30 -15.79 -15.32
CA LEU B 691 25.44 -16.67 -15.56
C LEU B 691 25.09 -18.13 -15.36
N GLN B 692 24.05 -18.42 -14.58
CA GLN B 692 23.54 -19.77 -14.42
C GLN B 692 22.22 -19.97 -15.16
N VAL B 693 21.73 -18.93 -15.85
CA VAL B 693 20.60 -19.06 -16.75
C VAL B 693 21.08 -19.49 -18.13
N LEU B 694 22.40 -19.48 -18.37
CA LEU B 694 22.96 -20.10 -19.57
C LEU B 694 22.70 -21.61 -19.60
N ASP B 695 22.53 -22.21 -18.44
CA ASP B 695 22.34 -23.65 -18.31
C ASP B 695 21.38 -23.90 -17.15
N ASP B 696 21.35 -25.16 -16.68
CA ASP B 696 20.80 -25.62 -15.40
C ASP B 696 19.27 -25.62 -15.34
N GLY B 697 18.60 -24.92 -16.25
CA GLY B 697 17.15 -24.96 -16.31
C GLY B 697 16.39 -24.29 -15.18
N ARG B 698 16.58 -24.77 -13.95
CA ARG B 698 15.73 -24.39 -12.84
C ARG B 698 16.22 -23.11 -12.19
N LEU B 699 15.31 -22.16 -12.02
CA LEU B 699 15.64 -20.80 -11.61
C LEU B 699 15.56 -20.67 -10.10
N THR B 700 16.67 -20.25 -9.49
CA THR B 700 16.74 -19.97 -8.06
C THR B 700 17.33 -18.57 -7.91
N ASP B 701 16.47 -17.57 -8.06
CA ASP B 701 16.77 -16.19 -7.68
C ASP B 701 15.73 -15.74 -6.67
N GLY B 702 14.47 -15.83 -7.08
CA GLY B 702 13.33 -15.60 -6.21
C GLY B 702 12.24 -16.58 -6.56
N GLN B 703 12.52 -17.44 -7.54
CA GLN B 703 11.57 -18.46 -7.96
C GLN B 703 11.64 -19.67 -7.02
N GLY B 704 12.79 -20.33 -6.97
CA GLY B 704 13.04 -21.36 -5.97
C GLY B 704 12.57 -22.76 -6.32
N ARG B 705 11.43 -22.85 -7.01
CA ARG B 705 10.76 -24.12 -7.31
C ARG B 705 11.40 -24.86 -8.48
N THR B 706 10.68 -25.84 -9.01
CA THR B 706 11.04 -26.49 -10.26
C THR B 706 10.56 -25.59 -11.41
N VAL B 707 11.51 -24.91 -12.05
CA VAL B 707 11.22 -24.09 -13.22
C VAL B 707 11.65 -24.91 -14.43
N ASP B 708 10.70 -25.66 -14.99
CA ASP B 708 11.00 -26.78 -15.89
C ASP B 708 11.45 -26.32 -17.28
N PHE B 709 12.59 -25.64 -17.30
CA PHE B 709 13.12 -25.05 -18.53
C PHE B 709 13.86 -26.06 -19.41
N ARG B 710 13.94 -27.32 -18.99
CA ARG B 710 14.43 -28.36 -19.89
C ARG B 710 13.31 -28.86 -20.79
N ASN B 711 12.06 -28.66 -20.38
CA ASN B 711 10.92 -28.90 -21.25
C ASN B 711 10.23 -27.61 -21.67
N THR B 712 10.68 -26.47 -21.14
CA THR B 712 10.38 -25.14 -21.67
C THR B 712 11.63 -24.79 -22.48
N VAL B 713 11.80 -23.57 -22.99
CA VAL B 713 13.01 -23.24 -23.74
C VAL B 713 13.77 -22.11 -23.04
N VAL B 714 15.10 -22.15 -23.17
CA VAL B 714 15.99 -21.07 -22.75
C VAL B 714 16.78 -20.63 -23.98
N ILE B 715 16.57 -19.40 -24.41
CA ILE B 715 17.20 -18.87 -25.61
C ILE B 715 17.85 -17.53 -25.27
N MET B 716 19.07 -17.32 -25.75
CA MET B 716 19.66 -15.99 -25.76
C MET B 716 20.23 -15.71 -27.15
N THR B 717 19.96 -14.51 -27.64
CA THR B 717 20.55 -14.00 -28.86
C THR B 717 20.91 -12.54 -28.64
N SER B 718 21.78 -12.03 -29.50
CA SER B 718 22.09 -10.61 -29.55
C SER B 718 21.97 -10.16 -30.99
N ASN B 719 21.10 -9.19 -31.23
CA ASN B 719 20.69 -8.84 -32.58
C ASN B 719 21.13 -7.43 -32.92
N LEU B 720 22.38 -7.09 -32.58
CA LEU B 720 22.93 -5.75 -32.78
C LEU B 720 23.15 -5.52 -34.27
N GLY B 721 22.16 -4.90 -34.92
CA GLY B 721 22.22 -4.59 -36.33
C GLY B 721 21.95 -3.12 -36.57
N SER B 722 22.43 -2.27 -35.67
CA SER B 722 22.05 -0.86 -35.65
C SER B 722 23.02 0.06 -36.38
N ASP B 723 24.30 -0.01 -36.03
CA ASP B 723 25.30 0.84 -36.68
C ASP B 723 26.45 0.03 -37.27
N LEU B 724 27.45 0.75 -37.78
CA LEU B 724 28.65 0.16 -38.38
C LEU B 724 28.39 -0.88 -39.47
N ILE B 725 27.20 -0.85 -40.07
CA ILE B 725 26.89 -1.81 -41.14
C ILE B 725 25.37 -1.91 -41.07
N GLN B 726 24.69 -1.78 -42.19
CA GLN B 726 23.24 -1.81 -42.20
C GLN B 726 22.74 -2.25 -43.57
N GLU B 727 21.45 -2.54 -43.65
CA GLU B 727 20.76 -2.80 -44.90
C GLU B 727 20.55 -1.48 -45.64
N ARG B 728 19.86 -1.54 -46.77
CA ARG B 728 19.24 -0.33 -47.28
C ARG B 728 17.72 -0.47 -47.39
N PHE B 729 17.22 -1.42 -48.17
CA PHE B 729 15.78 -1.65 -48.31
C PHE B 729 15.37 -3.11 -48.41
N GLY B 730 16.26 -4.05 -48.73
CA GLY B 730 15.92 -5.47 -48.74
C GLY B 730 16.15 -6.37 -49.95
N GLU B 731 17.11 -6.10 -50.84
CA GLU B 731 17.49 -7.02 -51.93
C GLU B 731 18.98 -6.88 -52.23
N LEU B 732 19.81 -7.76 -51.65
CA LEU B 732 21.20 -7.92 -52.10
C LEU B 732 21.62 -9.38 -52.01
N ASP B 733 22.90 -9.61 -52.28
CA ASP B 733 23.49 -10.93 -52.38
C ASP B 733 24.07 -11.35 -51.02
N TYR B 734 24.87 -12.40 -51.01
CA TYR B 734 25.38 -13.01 -49.78
C TYR B 734 26.90 -12.92 -49.68
N ALA B 735 27.48 -11.77 -50.01
CA ALA B 735 28.92 -11.57 -49.96
C ALA B 735 29.33 -10.69 -48.78
N HIS B 736 28.42 -10.50 -47.82
CA HIS B 736 28.70 -9.70 -46.63
C HIS B 736 28.22 -10.41 -45.37
N MET B 737 28.59 -11.68 -45.21
CA MET B 737 28.03 -12.51 -44.14
C MET B 737 28.68 -12.21 -42.79
N LYS B 738 29.98 -12.48 -42.67
CA LYS B 738 30.70 -12.42 -41.40
C LYS B 738 32.06 -11.79 -41.67
N GLU B 739 32.23 -10.52 -41.29
CA GLU B 739 33.50 -9.85 -41.56
C GLU B 739 34.04 -9.07 -40.37
N LEU B 740 33.18 -8.71 -39.43
CA LEU B 740 33.58 -7.84 -38.31
C LEU B 740 33.42 -8.60 -37.00
N VAL B 741 34.56 -8.91 -36.36
CA VAL B 741 34.53 -9.69 -35.13
C VAL B 741 34.53 -8.76 -33.92
N LEU B 742 35.48 -7.81 -33.88
CA LEU B 742 35.60 -6.85 -32.79
C LEU B 742 35.06 -5.48 -33.18
N GLY B 743 34.11 -5.45 -34.12
CA GLY B 743 33.70 -4.20 -34.71
C GLY B 743 32.23 -3.84 -34.65
N VAL B 744 31.36 -4.82 -34.49
CA VAL B 744 29.91 -4.59 -34.61
C VAL B 744 29.18 -4.81 -33.30
N VAL B 745 29.57 -5.83 -32.52
CA VAL B 745 28.87 -6.18 -31.28
C VAL B 745 29.83 -5.96 -30.12
N SER B 746 31.09 -6.27 -30.34
CA SER B 746 32.12 -6.38 -29.30
C SER B 746 33.02 -5.16 -29.29
N HIS B 747 32.37 -3.98 -29.41
CA HIS B 747 33.03 -2.68 -29.45
C HIS B 747 34.03 -2.49 -28.32
N ASN B 748 33.60 -2.66 -27.07
CA ASN B 748 34.49 -2.45 -25.94
C ASN B 748 34.46 -3.60 -24.94
N PHE B 749 34.11 -4.81 -25.38
CA PHE B 749 33.98 -5.92 -24.46
C PHE B 749 34.88 -7.07 -24.93
N ARG B 750 35.06 -8.05 -24.04
CA ARG B 750 36.09 -9.06 -24.19
C ARG B 750 35.77 -10.03 -25.32
N PRO B 751 36.80 -10.60 -25.97
CA PRO B 751 36.56 -11.59 -27.02
C PRO B 751 36.10 -12.95 -26.53
N GLU B 752 36.12 -13.21 -25.22
CA GLU B 752 35.56 -14.42 -24.65
C GLU B 752 34.04 -14.38 -24.56
N PHE B 753 33.43 -13.24 -24.89
CA PHE B 753 31.98 -13.08 -25.01
C PHE B 753 31.51 -13.26 -26.44
N ILE B 754 32.44 -13.36 -27.40
CA ILE B 754 32.11 -13.52 -28.81
C ILE B 754 32.79 -14.73 -29.45
N ASN B 755 33.47 -15.57 -28.67
CA ASN B 755 33.88 -16.89 -29.14
C ASN B 755 33.15 -18.01 -28.44
N ARG B 756 32.18 -17.70 -27.58
CA ARG B 756 31.37 -18.68 -26.88
C ARG B 756 30.01 -18.88 -27.56
N ILE B 757 29.93 -18.62 -28.85
CA ILE B 757 28.70 -18.76 -29.63
C ILE B 757 28.79 -20.03 -30.47
N ASP B 758 27.73 -20.85 -30.41
CA ASP B 758 27.66 -22.03 -31.26
C ASP B 758 27.30 -21.65 -32.69
N GLU B 759 26.14 -21.02 -32.87
CA GLU B 759 25.60 -20.75 -34.21
C GLU B 759 25.99 -19.33 -34.63
N VAL B 760 27.16 -19.22 -35.25
CA VAL B 760 27.64 -17.91 -35.74
C VAL B 760 27.00 -17.74 -37.11
N VAL B 761 25.75 -17.29 -37.11
CA VAL B 761 24.93 -17.21 -38.31
C VAL B 761 24.19 -15.88 -38.34
N VAL B 762 23.79 -15.49 -39.55
CA VAL B 762 23.11 -14.22 -39.80
C VAL B 762 22.44 -14.32 -41.16
N PHE B 763 21.45 -13.48 -41.40
CA PHE B 763 20.99 -13.27 -42.76
C PHE B 763 21.71 -12.04 -43.33
N HIS B 764 21.32 -11.63 -44.53
CA HIS B 764 22.11 -10.68 -45.31
C HIS B 764 21.87 -9.24 -44.84
N PRO B 765 22.79 -8.31 -45.16
CA PRO B 765 22.47 -6.86 -45.10
C PRO B 765 21.86 -6.34 -46.41
N LEU B 766 20.94 -7.14 -46.94
CA LEU B 766 20.26 -6.86 -48.19
C LEU B 766 19.99 -5.38 -48.32
N GLY B 767 19.58 -4.93 -49.51
CA GLY B 767 19.33 -3.50 -49.62
C GLY B 767 18.57 -3.06 -50.85
N GLU B 768 18.38 -1.74 -50.94
CA GLU B 768 18.24 -0.94 -52.15
C GLU B 768 16.90 -1.01 -52.89
N GLN B 769 16.02 -1.98 -52.61
CA GLN B 769 14.83 -2.07 -53.47
C GLN B 769 13.49 -2.54 -52.87
N HIS B 770 13.41 -2.85 -51.58
CA HIS B 770 12.37 -3.81 -51.21
C HIS B 770 11.59 -3.53 -49.92
N ILE B 771 11.72 -2.35 -49.32
CA ILE B 771 11.09 -2.10 -48.02
C ILE B 771 9.58 -1.95 -48.12
N ALA B 772 9.05 -1.61 -49.31
CA ALA B 772 7.62 -1.64 -49.54
C ALA B 772 7.12 -3.02 -49.92
N SER B 773 8.01 -4.01 -49.91
CA SER B 773 7.68 -5.39 -50.22
C SER B 773 7.93 -6.35 -49.06
N ILE B 774 8.93 -6.11 -48.22
CA ILE B 774 8.99 -6.81 -46.94
C ILE B 774 7.90 -6.28 -46.03
N ALA B 775 7.71 -4.97 -46.03
CA ALA B 775 6.49 -4.35 -45.52
C ALA B 775 5.57 -4.03 -46.69
N GLN B 776 5.06 -5.09 -47.29
CA GLN B 776 4.01 -5.03 -48.31
C GLN B 776 2.61 -4.97 -47.69
N ILE B 777 2.53 -4.90 -46.37
CA ILE B 777 1.26 -4.85 -45.66
C ILE B 777 0.54 -3.53 -45.89
N GLN B 778 1.28 -2.48 -46.24
CA GLN B 778 0.70 -1.18 -46.55
C GLN B 778 0.71 -0.88 -48.04
N LEU B 779 1.06 -1.85 -48.86
CA LEU B 779 0.93 -1.74 -50.31
C LEU B 779 -0.10 -2.72 -50.85
N LYS B 780 0.04 -4.00 -50.54
CA LYS B 780 -0.93 -4.97 -51.02
C LYS B 780 -2.25 -4.84 -50.26
N ARG B 781 -2.21 -5.04 -48.95
CA ARG B 781 -3.42 -5.17 -48.14
C ARG B 781 -4.20 -3.86 -48.07
N LEU B 782 -3.52 -2.72 -48.05
CA LEU B 782 -4.20 -1.45 -47.93
C LEU B 782 -4.77 -0.95 -49.24
N TYR B 783 -4.33 -1.49 -50.37
CA TYR B 783 -4.79 -1.03 -51.66
C TYR B 783 -5.57 -2.10 -52.43
N LYS B 784 -5.83 -3.24 -51.81
CA LYS B 784 -7.01 -4.03 -52.13
C LYS B 784 -8.09 -3.85 -51.07
N ARG B 785 -8.06 -2.72 -50.36
CA ARG B 785 -9.02 -2.45 -49.29
C ARG B 785 -10.44 -2.33 -49.81
N LEU B 786 -10.63 -1.61 -50.91
CA LEU B 786 -11.91 -1.59 -51.60
C LEU B 786 -11.89 -2.63 -52.72
N GLU B 787 -11.87 -3.90 -52.30
CA GLU B 787 -11.92 -4.99 -53.27
C GLU B 787 -13.33 -5.25 -53.77
N GLU B 788 -14.33 -4.70 -53.07
CA GLU B 788 -15.72 -4.80 -53.48
C GLU B 788 -16.16 -3.49 -54.13
N ARG B 789 -17.47 -3.37 -54.38
CA ARG B 789 -18.12 -2.24 -55.07
C ARG B 789 -17.56 -1.99 -56.48
N GLY B 790 -16.97 -3.02 -57.11
CA GLY B 790 -16.35 -2.84 -58.42
C GLY B 790 -15.11 -1.98 -58.42
N TYR B 791 -14.35 -1.97 -57.33
CA TYR B 791 -13.21 -1.08 -57.16
C TYR B 791 -11.92 -1.87 -57.09
N GLU B 792 -10.82 -1.20 -57.49
CA GLU B 792 -9.47 -1.77 -57.40
C GLU B 792 -8.48 -0.62 -57.50
N ILE B 793 -7.60 -0.50 -56.52
CA ILE B 793 -6.66 0.62 -56.43
C ILE B 793 -5.35 0.19 -57.07
N HIS B 794 -5.05 0.75 -58.24
CA HIS B 794 -3.80 0.50 -58.95
C HIS B 794 -2.81 1.63 -58.68
N ILE B 795 -1.58 1.25 -58.38
CA ILE B 795 -0.53 2.19 -58.01
C ILE B 795 0.39 2.44 -59.19
N SER B 796 0.92 3.65 -59.27
CA SER B 796 1.83 4.00 -60.35
C SER B 796 3.23 3.52 -60.04
N ASP B 797 4.08 3.56 -61.08
CA ASP B 797 5.49 3.23 -60.94
C ASP B 797 6.28 4.27 -60.18
N GLU B 798 5.72 5.47 -59.99
CA GLU B 798 6.34 6.48 -59.15
C GLU B 798 6.37 6.06 -57.69
N ALA B 799 5.30 5.47 -57.19
CA ALA B 799 5.26 4.92 -55.85
C ALA B 799 5.71 3.46 -55.82
N LEU B 800 6.20 2.94 -56.94
CA LEU B 800 6.66 1.57 -57.02
C LEU B 800 8.14 1.45 -57.32
N LYS B 801 8.63 2.06 -58.41
CA LYS B 801 10.02 1.91 -58.81
C LYS B 801 10.82 3.21 -58.85
N LEU B 802 10.14 4.35 -58.75
CA LEU B 802 10.81 5.65 -58.78
C LEU B 802 11.48 6.00 -57.45
N LEU B 803 10.70 5.97 -56.37
CA LEU B 803 11.22 6.31 -55.05
C LEU B 803 11.58 5.07 -54.23
N SER B 804 11.61 3.91 -54.88
CA SER B 804 11.92 2.67 -54.20
C SER B 804 13.36 2.65 -53.68
N GLU B 805 14.09 3.75 -53.85
CA GLU B 805 15.47 3.79 -53.40
C GLU B 805 15.94 5.10 -52.78
N ASN B 806 15.16 6.18 -52.80
CA ASN B 806 15.76 7.51 -52.65
C ASN B 806 15.98 7.93 -51.20
N GLY B 807 14.92 8.01 -50.41
CA GLY B 807 15.02 8.60 -49.09
C GLY B 807 15.53 7.67 -48.01
N TYR B 808 16.70 7.06 -48.25
CA TYR B 808 17.25 6.06 -47.34
C TYR B 808 17.81 6.74 -46.09
N ASP B 809 17.27 6.36 -44.95
CA ASP B 809 17.82 6.73 -43.66
C ASP B 809 18.00 5.47 -42.81
N PRO B 810 19.16 5.30 -42.18
CA PRO B 810 19.48 4.02 -41.54
C PRO B 810 18.95 3.89 -40.11
N VAL B 811 18.05 4.79 -39.70
CA VAL B 811 17.52 4.82 -38.33
C VAL B 811 16.04 4.44 -38.29
N TYR B 812 15.23 5.06 -39.16
CA TYR B 812 13.78 5.03 -39.01
C TYR B 812 13.15 3.84 -39.75
N GLY B 813 13.32 3.78 -41.05
CA GLY B 813 12.87 2.65 -41.85
C GLY B 813 11.40 2.64 -42.21
N ALA B 814 10.54 2.33 -41.24
CA ALA B 814 9.13 2.08 -41.50
C ALA B 814 8.28 3.34 -41.50
N ARG B 815 8.62 4.32 -40.68
CA ARG B 815 7.88 5.58 -40.77
C ARG B 815 8.18 6.46 -42.00
N PRO B 816 9.38 6.50 -42.62
CA PRO B 816 9.47 7.24 -43.88
C PRO B 816 8.87 6.51 -45.07
N LEU B 817 8.60 5.22 -44.94
CA LEU B 817 7.68 4.56 -45.87
C LEU B 817 6.30 5.21 -45.79
N LYS B 818 5.86 5.55 -44.58
CA LYS B 818 4.62 6.25 -44.35
C LYS B 818 4.81 7.76 -44.23
N ARG B 819 5.91 8.27 -44.77
CA ARG B 819 6.16 9.71 -44.85
C ARG B 819 6.57 10.16 -46.24
N ALA B 820 7.20 9.28 -47.03
CA ALA B 820 7.44 9.60 -48.43
C ALA B 820 6.26 9.21 -49.30
N ILE B 821 5.44 8.26 -48.84
CA ILE B 821 4.22 7.86 -49.52
C ILE B 821 3.05 8.18 -48.60
N GLN B 822 3.13 9.30 -47.88
CA GLN B 822 2.07 9.72 -46.95
C GLN B 822 1.04 10.62 -47.59
N GLN B 823 1.09 10.79 -48.91
CA GLN B 823 0.38 11.84 -49.61
C GLN B 823 -0.51 11.30 -50.72
N GLN B 824 -0.90 10.02 -50.64
CA GLN B 824 -1.74 9.44 -51.67
C GLN B 824 -2.80 8.47 -51.17
N ILE B 825 -2.90 8.20 -49.87
CA ILE B 825 -3.54 6.96 -49.43
C ILE B 825 -5.05 7.06 -49.46
N GLU B 826 -5.64 7.94 -48.64
CA GLU B 826 -7.09 7.99 -48.51
C GLU B 826 -7.70 9.26 -49.08
N ASN B 827 -7.34 10.44 -48.56
CA ASN B 827 -7.97 11.66 -49.06
C ASN B 827 -7.35 12.32 -50.29
N PRO B 828 -6.03 12.27 -50.53
CA PRO B 828 -5.56 12.55 -51.90
C PRO B 828 -6.08 11.54 -52.91
N LEU B 829 -6.35 10.31 -52.48
CA LEU B 829 -7.17 9.41 -53.27
C LEU B 829 -8.60 9.93 -53.36
N ALA B 830 -9.11 10.56 -52.30
CA ALA B 830 -10.49 11.03 -52.30
C ALA B 830 -10.65 12.43 -52.87
N GLN B 831 -9.77 12.81 -53.80
CA GLN B 831 -10.00 14.05 -54.54
C GLN B 831 -11.07 13.87 -55.61
N GLN B 832 -11.17 12.67 -56.20
CA GLN B 832 -12.20 12.36 -57.18
C GLN B 832 -12.90 11.03 -56.95
N ILE B 833 -12.56 10.27 -55.91
CA ILE B 833 -13.13 8.93 -55.75
C ILE B 833 -14.31 8.94 -54.79
N LEU B 834 -14.16 9.60 -53.65
CA LEU B 834 -15.19 9.56 -52.61
C LEU B 834 -16.21 10.68 -52.80
N SER B 835 -17.34 10.53 -52.11
CA SER B 835 -18.36 11.56 -51.87
C SER B 835 -18.98 12.08 -53.18
N GLY B 836 -19.69 11.19 -53.86
CA GLY B 836 -20.51 11.55 -55.01
C GLY B 836 -20.08 10.92 -56.31
N GLU B 837 -18.87 10.39 -56.39
CA GLU B 837 -18.33 9.80 -57.61
C GLU B 837 -18.08 8.30 -57.45
N LEU B 838 -19.00 7.60 -56.79
CA LEU B 838 -18.90 6.16 -56.58
C LEU B 838 -19.48 5.35 -57.74
N VAL B 839 -19.67 5.95 -58.90
CA VAL B 839 -20.19 5.24 -60.07
C VAL B 839 -19.09 4.34 -60.65
N PRO B 840 -19.40 3.11 -61.04
CA PRO B 840 -18.38 2.26 -61.65
C PRO B 840 -18.26 2.52 -63.15
N GLY B 841 -17.24 1.90 -63.75
CA GLY B 841 -16.97 2.05 -65.16
C GLY B 841 -15.64 2.74 -65.43
N LYS B 842 -14.81 2.85 -64.41
CA LYS B 842 -13.54 3.54 -64.50
C LYS B 842 -12.49 2.84 -63.64
N VAL B 843 -11.22 3.08 -63.96
CA VAL B 843 -10.10 2.38 -63.35
C VAL B 843 -9.27 3.37 -62.55
N ILE B 844 -8.97 3.02 -61.30
CA ILE B 844 -8.18 3.87 -60.42
C ILE B 844 -6.71 3.80 -60.85
N ARG B 845 -6.08 4.97 -60.99
CA ARG B 845 -4.69 5.07 -61.42
C ARG B 845 -4.06 6.29 -60.77
N LEU B 846 -2.73 6.32 -60.77
CA LEU B 846 -1.96 7.52 -60.49
C LEU B 846 -1.11 7.87 -61.71
N GLU B 847 -0.65 9.12 -61.76
CA GLU B 847 -0.12 9.70 -62.98
C GLU B 847 1.28 10.25 -62.75
N VAL B 848 1.87 10.81 -63.81
CA VAL B 848 3.20 11.39 -63.76
C VAL B 848 3.10 12.82 -63.23
N ASN B 849 3.41 12.99 -61.96
CA ASN B 849 3.40 14.29 -61.29
C ASN B 849 4.64 14.35 -60.40
N GLU B 850 4.64 15.28 -59.46
CA GLU B 850 5.67 15.34 -58.43
C GLU B 850 5.31 14.37 -57.31
N ASP B 851 5.99 14.48 -56.16
CA ASP B 851 5.94 13.45 -55.13
C ASP B 851 4.58 13.37 -54.45
N ARG B 852 3.82 14.46 -54.44
CA ARG B 852 2.40 14.40 -54.04
C ARG B 852 1.53 14.46 -55.29
N ILE B 853 0.66 13.46 -55.45
CA ILE B 853 -0.21 13.32 -56.60
C ILE B 853 -1.65 13.48 -56.13
N VAL B 854 -2.44 14.23 -56.89
CA VAL B 854 -3.90 14.13 -56.82
C VAL B 854 -4.31 12.97 -57.71
N ALA B 855 -4.88 11.93 -57.11
CA ALA B 855 -5.20 10.71 -57.85
C ALA B 855 -6.50 10.93 -58.63
N VAL B 856 -6.39 11.52 -59.82
CA VAL B 856 -7.52 11.76 -60.69
C VAL B 856 -7.78 10.50 -61.51
N GLN B 857 -9.05 10.23 -61.78
CA GLN B 857 -9.45 9.04 -62.52
C GLN B 857 -10.04 9.41 -63.87
N LEU C 161 -40.59 -32.05 -16.43
CA LEU C 161 -39.56 -32.06 -17.48
C LEU C 161 -40.11 -31.55 -18.79
N LYS C 162 -40.66 -32.47 -19.58
CA LYS C 162 -41.11 -32.17 -20.94
C LYS C 162 -42.29 -31.21 -20.94
N LYS C 163 -42.98 -31.10 -19.82
CA LYS C 163 -43.96 -30.05 -19.66
C LYS C 163 -43.30 -28.69 -19.55
N TYR C 164 -42.05 -28.64 -19.08
CA TYR C 164 -41.49 -27.35 -18.67
C TYR C 164 -40.24 -26.90 -19.42
N THR C 165 -39.19 -27.71 -19.44
CA THR C 165 -37.91 -27.30 -20.04
C THR C 165 -38.04 -27.23 -21.55
N ILE C 166 -37.35 -26.26 -22.14
CA ILE C 166 -37.51 -25.97 -23.57
C ILE C 166 -36.90 -27.10 -24.38
N ASP C 167 -37.70 -27.70 -25.24
CA ASP C 167 -37.24 -28.83 -26.04
C ASP C 167 -36.55 -28.27 -27.27
N LEU C 168 -35.22 -28.32 -27.27
CA LEU C 168 -34.44 -27.67 -28.32
C LEU C 168 -34.51 -28.39 -29.64
N THR C 169 -34.76 -29.70 -29.65
CA THR C 169 -34.93 -30.38 -30.91
C THR C 169 -36.32 -30.13 -31.48
N GLU C 170 -37.33 -30.02 -30.61
CA GLU C 170 -38.66 -29.65 -31.08
C GLU C 170 -38.75 -28.19 -31.45
N ARG C 171 -37.79 -27.36 -31.03
CA ARG C 171 -37.67 -26.05 -31.64
C ARG C 171 -36.98 -26.16 -32.98
N ALA C 172 -36.02 -27.07 -33.10
CA ALA C 172 -35.36 -27.26 -34.39
C ALA C 172 -36.24 -28.00 -35.38
N GLU C 173 -37.20 -28.79 -34.90
CA GLU C 173 -38.14 -29.47 -35.79
C GLU C 173 -38.98 -28.47 -36.56
N GLN C 174 -39.38 -27.39 -35.91
CA GLN C 174 -40.13 -26.35 -36.58
C GLN C 174 -39.23 -25.36 -37.31
N GLY C 175 -37.92 -25.52 -37.22
CA GLY C 175 -37.01 -24.58 -37.84
C GLY C 175 -36.93 -23.28 -37.09
N LYS C 176 -37.21 -23.28 -35.80
CA LYS C 176 -37.18 -22.07 -35.00
C LYS C 176 -35.80 -21.82 -34.38
N LEU C 177 -34.75 -22.33 -35.00
CA LEU C 177 -33.38 -22.09 -34.55
C LEU C 177 -32.57 -21.51 -35.70
N ASP C 178 -31.53 -20.80 -35.35
CA ASP C 178 -30.68 -20.13 -36.33
C ASP C 178 -29.71 -21.14 -36.95
N PRO C 179 -29.51 -21.09 -38.26
CA PRO C 179 -28.78 -22.16 -38.96
C PRO C 179 -27.29 -22.09 -38.69
N VAL C 180 -26.81 -23.03 -37.87
CA VAL C 180 -25.43 -23.01 -37.39
C VAL C 180 -24.54 -23.58 -38.47
N ILE C 181 -23.90 -22.71 -39.18
CA ILE C 181 -22.91 -23.06 -40.18
C ILE C 181 -21.55 -23.05 -39.51
N GLY C 182 -20.65 -23.90 -39.96
CA GLY C 182 -19.34 -23.96 -39.38
C GLY C 182 -19.36 -24.80 -38.12
N ARG C 183 -18.28 -24.62 -37.34
CA ARG C 183 -18.12 -25.22 -36.01
C ARG C 183 -18.16 -26.73 -36.03
N ASP C 184 -17.59 -27.36 -37.06
CA ASP C 184 -17.75 -28.80 -37.22
C ASP C 184 -16.97 -29.57 -36.17
N GLU C 185 -15.86 -29.02 -35.69
CA GLU C 185 -15.05 -29.72 -34.71
C GLU C 185 -15.66 -29.68 -33.33
N GLU C 186 -16.19 -28.53 -32.91
CA GLU C 186 -16.74 -28.40 -31.58
C GLU C 186 -18.09 -29.08 -31.42
N ILE C 187 -18.76 -29.42 -32.51
CA ILE C 187 -19.92 -30.29 -32.41
C ILE C 187 -19.49 -31.75 -32.46
N ARG C 188 -18.42 -32.07 -33.19
CA ARG C 188 -17.86 -33.41 -33.07
C ARG C 188 -17.30 -33.67 -31.70
N ARG C 189 -16.61 -32.69 -31.13
CA ARG C 189 -16.00 -32.88 -29.82
C ARG C 189 -17.05 -32.93 -28.73
N THR C 190 -18.14 -32.19 -28.88
CA THR C 190 -19.18 -32.28 -27.87
C THR C 190 -20.06 -33.49 -28.05
N ILE C 191 -19.95 -34.18 -29.18
CA ILE C 191 -20.58 -35.49 -29.31
C ILE C 191 -19.68 -36.55 -28.71
N GLN C 192 -18.39 -36.50 -29.06
CA GLN C 192 -17.36 -37.43 -28.59
C GLN C 192 -17.19 -37.45 -27.09
N VAL C 193 -17.68 -36.45 -26.37
CA VAL C 193 -17.74 -36.52 -24.92
C VAL C 193 -19.14 -36.86 -24.45
N LEU C 194 -20.16 -36.67 -25.29
CA LEU C 194 -21.50 -37.06 -24.87
C LEU C 194 -21.68 -38.56 -24.92
N GLN C 195 -21.00 -39.25 -25.83
CA GLN C 195 -21.01 -40.72 -25.83
C GLN C 195 -19.73 -41.23 -25.19
N ARG C 196 -19.65 -41.05 -23.88
CA ARG C 196 -18.59 -41.64 -23.09
C ARG C 196 -19.21 -42.44 -21.95
N ARG C 197 -18.36 -43.16 -21.22
CA ARG C 197 -18.83 -43.97 -20.10
C ARG C 197 -18.81 -43.19 -18.79
N THR C 198 -17.65 -42.65 -18.43
CA THR C 198 -17.45 -41.88 -17.22
C THR C 198 -17.07 -40.48 -17.63
N LYS C 199 -17.58 -39.49 -16.88
CA LYS C 199 -17.34 -38.05 -17.13
C LYS C 199 -17.78 -37.68 -18.56
N ASN C 200 -19.08 -37.78 -18.80
CA ASN C 200 -19.62 -37.63 -20.14
C ASN C 200 -20.51 -36.39 -20.27
N ASN C 201 -20.08 -35.27 -19.73
CA ASN C 201 -20.84 -34.02 -19.76
C ASN C 201 -19.94 -32.90 -20.26
N PRO C 202 -20.15 -32.37 -21.46
CA PRO C 202 -19.34 -31.25 -21.91
C PRO C 202 -19.71 -29.95 -21.20
N VAL C 203 -18.80 -29.00 -21.26
CA VAL C 203 -19.09 -27.61 -20.97
C VAL C 203 -18.46 -26.77 -22.07
N LEU C 204 -19.28 -26.21 -22.93
CA LEU C 204 -18.79 -25.37 -24.02
C LEU C 204 -18.36 -24.06 -23.39
N ILE C 205 -17.08 -23.88 -23.14
CA ILE C 205 -16.60 -22.65 -22.55
C ILE C 205 -15.86 -21.84 -23.60
N GLY C 206 -15.68 -20.57 -23.31
CA GLY C 206 -15.11 -19.64 -24.26
C GLY C 206 -15.52 -18.24 -23.87
N GLU C 207 -15.09 -17.28 -24.68
CA GLU C 207 -15.47 -15.90 -24.48
C GLU C 207 -16.97 -15.76 -24.73
N PRO C 208 -17.64 -14.84 -24.04
CA PRO C 208 -19.06 -14.60 -24.33
C PRO C 208 -19.23 -13.96 -25.69
N GLY C 209 -19.84 -14.69 -26.61
CA GLY C 209 -20.20 -14.20 -27.91
C GLY C 209 -19.86 -15.16 -29.01
N VAL C 210 -19.16 -16.25 -28.70
CA VAL C 210 -18.50 -17.04 -29.71
C VAL C 210 -19.32 -18.21 -30.20
N GLY C 211 -20.43 -18.53 -29.57
CA GLY C 211 -21.26 -19.58 -30.09
C GLY C 211 -21.40 -20.76 -29.17
N LYS C 212 -21.37 -20.57 -27.86
CA LYS C 212 -21.50 -21.71 -26.96
C LYS C 212 -22.93 -22.21 -26.85
N THR C 213 -23.92 -21.36 -27.09
CA THR C 213 -25.28 -21.81 -27.26
C THR C 213 -25.55 -22.18 -28.71
N ALA C 214 -24.87 -21.52 -29.64
CA ALA C 214 -25.01 -21.91 -31.03
C ALA C 214 -24.32 -23.22 -31.37
N ILE C 215 -23.48 -23.77 -30.50
CA ILE C 215 -23.06 -25.15 -30.69
C ILE C 215 -24.23 -26.07 -30.46
N VAL C 216 -24.91 -25.90 -29.32
CA VAL C 216 -25.96 -26.82 -28.94
C VAL C 216 -27.26 -26.52 -29.67
N GLU C 217 -27.45 -25.28 -30.12
CA GLU C 217 -28.48 -25.04 -31.11
C GLU C 217 -28.17 -25.69 -32.43
N GLY C 218 -26.90 -25.99 -32.70
CA GLY C 218 -26.49 -26.59 -33.95
C GLY C 218 -26.30 -28.07 -33.81
N LEU C 219 -26.17 -28.53 -32.58
CA LEU C 219 -26.24 -29.96 -32.31
C LEU C 219 -27.68 -30.45 -32.44
N ALA C 220 -28.65 -29.65 -32.04
CA ALA C 220 -30.03 -30.04 -32.16
C ALA C 220 -30.58 -29.90 -33.56
N GLN C 221 -29.83 -29.32 -34.48
CA GLN C 221 -30.13 -29.44 -35.89
C GLN C 221 -29.27 -30.47 -36.58
N ARG C 222 -28.19 -30.88 -35.93
CA ARG C 222 -27.43 -32.02 -36.37
C ARG C 222 -28.08 -33.32 -35.94
N ILE C 223 -29.00 -33.26 -34.98
CA ILE C 223 -29.67 -34.46 -34.53
C ILE C 223 -30.93 -34.72 -35.34
N ILE C 224 -31.78 -33.71 -35.50
CA ILE C 224 -33.03 -33.96 -36.22
C ILE C 224 -32.83 -34.04 -37.73
N ASN C 225 -31.69 -33.61 -38.24
CA ASN C 225 -31.39 -33.80 -39.65
C ASN C 225 -30.53 -35.03 -39.89
N GLY C 226 -30.33 -35.84 -38.85
CA GLY C 226 -29.63 -37.10 -38.97
C GLY C 226 -28.13 -36.98 -39.13
N GLU C 227 -27.57 -35.77 -39.17
CA GLU C 227 -26.15 -35.58 -39.36
C GLU C 227 -25.33 -35.94 -38.13
N VAL C 228 -25.99 -36.25 -37.02
CA VAL C 228 -25.35 -36.82 -35.85
C VAL C 228 -25.00 -38.25 -36.20
N PRO C 229 -23.98 -38.86 -35.57
CA PRO C 229 -23.78 -40.30 -35.74
C PRO C 229 -24.90 -41.12 -35.13
N GLU C 230 -24.84 -42.42 -35.40
CA GLU C 230 -25.77 -43.36 -34.79
C GLU C 230 -25.53 -43.44 -33.29
N GLY C 231 -26.56 -43.83 -32.56
CA GLY C 231 -26.53 -43.78 -31.12
C GLY C 231 -27.06 -42.49 -30.54
N LEU C 232 -26.89 -41.37 -31.23
CA LEU C 232 -27.55 -40.14 -30.83
C LEU C 232 -28.62 -39.70 -31.82
N LYS C 233 -28.95 -40.51 -32.83
CA LYS C 233 -30.11 -40.19 -33.63
C LYS C 233 -31.36 -40.40 -32.81
N GLY C 234 -32.32 -39.49 -32.97
CA GLY C 234 -33.55 -39.57 -32.21
C GLY C 234 -33.41 -39.23 -30.75
N ARG C 235 -32.28 -38.66 -30.35
CA ARG C 235 -32.06 -38.22 -28.98
C ARG C 235 -32.62 -36.82 -28.84
N ARG C 236 -33.37 -36.59 -27.78
CA ARG C 236 -33.94 -35.27 -27.55
C ARG C 236 -32.93 -34.38 -26.84
N VAL C 237 -32.72 -33.18 -27.36
CA VAL C 237 -31.91 -32.17 -26.69
C VAL C 237 -32.88 -31.26 -25.95
N LEU C 238 -32.76 -31.22 -24.63
CA LEU C 238 -33.64 -30.42 -23.82
C LEU C 238 -32.81 -29.36 -23.12
N ALA C 239 -33.40 -28.19 -22.93
CA ALA C 239 -32.74 -27.16 -22.16
C ALA C 239 -32.99 -27.45 -20.68
N LEU C 240 -32.60 -26.55 -19.80
CA LEU C 240 -33.13 -26.61 -18.45
C LEU C 240 -34.03 -25.39 -18.24
N ASP C 241 -34.90 -25.50 -17.26
CA ASP C 241 -35.81 -24.43 -16.86
C ASP C 241 -34.96 -23.27 -16.40
N MET C 242 -34.85 -22.25 -17.23
CA MET C 242 -33.95 -21.13 -16.94
C MET C 242 -34.57 -20.26 -15.86
N GLY C 243 -34.38 -20.63 -14.60
CA GLY C 243 -35.01 -19.94 -13.50
C GLY C 243 -36.48 -20.24 -13.32
N ALA C 244 -37.07 -21.07 -14.16
CA ALA C 244 -38.39 -21.61 -13.90
C ALA C 244 -38.37 -22.79 -12.97
N LEU C 245 -37.19 -23.36 -12.71
CA LEU C 245 -37.05 -24.27 -11.59
C LEU C 245 -37.08 -23.49 -10.28
N VAL C 246 -36.53 -22.28 -10.28
CA VAL C 246 -36.51 -21.43 -9.10
C VAL C 246 -37.61 -20.38 -9.18
N ALA C 247 -38.68 -20.66 -9.93
CA ALA C 247 -39.89 -19.83 -9.96
C ALA C 247 -40.68 -20.09 -8.69
N GLY C 248 -41.98 -19.84 -8.67
CA GLY C 248 -42.70 -19.66 -7.41
C GLY C 248 -42.75 -20.83 -6.45
N ALA C 249 -41.55 -21.23 -6.03
CA ALA C 249 -41.28 -22.35 -5.14
C ALA C 249 -41.02 -21.83 -3.74
N LYS C 250 -42.07 -21.28 -3.14
CA LYS C 250 -41.94 -20.64 -1.85
C LYS C 250 -41.70 -21.65 -0.74
N TYR C 251 -42.26 -22.84 -0.87
CA TYR C 251 -42.28 -23.78 0.23
C TYR C 251 -40.99 -24.57 0.30
N ARG C 252 -40.62 -24.96 1.52
CA ARG C 252 -39.31 -25.56 1.74
C ARG C 252 -39.28 -26.96 1.15
N GLY C 253 -38.33 -27.18 0.27
CA GLY C 253 -38.29 -28.42 -0.47
C GLY C 253 -39.05 -28.43 -1.77
N GLU C 254 -39.49 -27.29 -2.27
CA GLU C 254 -40.16 -27.31 -3.56
C GLU C 254 -39.17 -27.31 -4.70
N PHE C 255 -38.01 -26.67 -4.51
CA PHE C 255 -36.98 -26.73 -5.54
C PHE C 255 -36.34 -28.11 -5.59
N GLU C 256 -36.20 -28.79 -4.46
CA GLU C 256 -35.68 -30.15 -4.48
C GLU C 256 -36.71 -31.10 -5.07
N GLU C 257 -38.00 -30.81 -4.89
CA GLU C 257 -39.02 -31.62 -5.52
C GLU C 257 -39.10 -31.35 -7.02
N ARG C 258 -38.77 -30.12 -7.43
CA ARG C 258 -38.77 -29.81 -8.84
C ARG C 258 -37.55 -30.35 -9.53
N LEU C 259 -36.39 -30.32 -8.88
CA LEU C 259 -35.19 -30.78 -9.55
C LEU C 259 -35.08 -32.30 -9.54
N LYS C 260 -35.54 -32.96 -8.48
CA LYS C 260 -35.59 -34.42 -8.51
C LYS C 260 -36.64 -34.89 -9.50
N GLY C 261 -37.73 -34.14 -9.67
CA GLY C 261 -38.75 -34.52 -10.62
C GLY C 261 -38.31 -34.40 -12.05
N VAL C 262 -37.38 -33.49 -12.34
CA VAL C 262 -36.80 -33.37 -13.67
C VAL C 262 -35.46 -34.06 -13.76
N LEU C 263 -35.05 -34.75 -12.71
CA LEU C 263 -33.98 -35.73 -12.78
C LEU C 263 -34.51 -37.14 -12.94
N ASN C 264 -35.59 -37.45 -12.22
CA ASN C 264 -36.23 -38.76 -12.32
C ASN C 264 -37.08 -38.88 -13.56
N ASP C 265 -37.32 -37.80 -14.28
CA ASP C 265 -37.92 -37.88 -15.60
C ASP C 265 -36.88 -37.91 -16.71
N LEU C 266 -35.60 -37.94 -16.35
CA LEU C 266 -34.58 -38.34 -17.30
C LEU C 266 -34.20 -39.79 -17.15
N ALA C 267 -34.24 -40.30 -15.92
CA ALA C 267 -34.01 -41.71 -15.67
C ALA C 267 -35.13 -42.60 -16.18
N LYS C 268 -36.32 -42.04 -16.44
CA LYS C 268 -37.33 -42.74 -17.22
C LYS C 268 -37.43 -42.20 -18.64
N GLN C 269 -36.42 -41.46 -19.09
CA GLN C 269 -36.15 -41.27 -20.50
C GLN C 269 -34.94 -42.06 -20.96
N GLU C 270 -34.52 -43.07 -20.18
CA GLU C 270 -33.54 -44.11 -20.49
C GLU C 270 -32.14 -43.61 -20.84
N GLY C 271 -31.89 -42.32 -20.74
CA GLY C 271 -30.67 -41.74 -21.25
C GLY C 271 -30.78 -41.22 -22.67
N ASN C 272 -31.98 -40.97 -23.14
CA ASN C 272 -32.22 -40.44 -24.47
C ASN C 272 -32.46 -38.94 -24.46
N VAL C 273 -32.14 -38.25 -23.38
CA VAL C 273 -32.35 -36.81 -23.29
C VAL C 273 -31.04 -36.15 -22.91
N ILE C 274 -30.63 -35.17 -23.71
CA ILE C 274 -29.44 -34.36 -23.44
C ILE C 274 -29.89 -33.08 -22.77
N LEU C 275 -29.55 -32.89 -21.51
CA LEU C 275 -29.81 -31.60 -20.87
C LEU C 275 -28.82 -30.56 -21.36
N PHE C 276 -29.33 -29.51 -21.98
CA PHE C 276 -28.49 -28.36 -22.27
C PHE C 276 -28.71 -27.37 -21.16
N ILE C 277 -27.93 -27.49 -20.10
CA ILE C 277 -27.99 -26.49 -19.05
C ILE C 277 -27.18 -25.31 -19.51
N ASP C 278 -27.83 -24.36 -20.19
CA ASP C 278 -27.17 -23.14 -20.58
C ASP C 278 -26.90 -22.28 -19.37
N GLU C 279 -25.76 -21.60 -19.39
CA GLU C 279 -25.24 -20.81 -18.27
C GLU C 279 -25.16 -21.68 -17.01
N LEU C 280 -24.24 -22.63 -17.08
CA LEU C 280 -24.15 -23.67 -16.07
C LEU C 280 -23.81 -23.12 -14.70
N HIS C 281 -23.08 -22.00 -14.65
CA HIS C 281 -22.62 -21.42 -13.40
C HIS C 281 -23.75 -20.88 -12.52
N THR C 282 -24.97 -20.80 -13.04
CA THR C 282 -26.15 -20.48 -12.27
C THR C 282 -26.78 -21.71 -11.61
N MET C 283 -26.02 -22.78 -11.44
CA MET C 283 -26.51 -23.99 -10.82
C MET C 283 -25.62 -24.41 -9.65
N ALA C 295 -29.58 -26.87 -6.07
CA ALA C 295 -29.04 -27.40 -7.31
C ALA C 295 -27.57 -27.61 -7.16
N GLY C 296 -26.95 -28.18 -8.19
CA GLY C 296 -25.52 -28.44 -8.14
C GLY C 296 -25.19 -29.69 -7.37
N ASN C 297 -25.52 -29.71 -6.07
CA ASN C 297 -25.38 -30.92 -5.29
C ASN C 297 -26.42 -31.96 -5.68
N MET C 298 -27.56 -31.53 -6.21
CA MET C 298 -28.58 -32.49 -6.63
C MET C 298 -28.24 -33.12 -7.96
N LEU C 299 -27.54 -32.39 -8.83
CA LEU C 299 -27.05 -32.98 -10.07
C LEU C 299 -25.75 -33.72 -9.88
N LYS C 300 -25.09 -33.52 -8.74
CA LYS C 300 -23.83 -34.22 -8.46
C LYS C 300 -23.92 -35.74 -8.47
N PRO C 301 -24.99 -36.41 -8.03
CA PRO C 301 -25.04 -37.86 -8.27
C PRO C 301 -25.31 -38.21 -9.72
N ALA C 302 -26.27 -37.55 -10.35
CA ALA C 302 -26.68 -37.93 -11.70
C ALA C 302 -25.62 -37.62 -12.75
N LEU C 303 -24.77 -36.61 -12.50
CA LEU C 303 -23.63 -36.38 -13.38
C LEU C 303 -22.53 -37.38 -13.12
N ALA C 304 -22.48 -37.92 -11.90
CA ALA C 304 -21.39 -38.82 -11.54
C ALA C 304 -21.53 -40.15 -12.23
N ARG C 305 -22.73 -40.71 -12.20
CA ARG C 305 -22.97 -42.06 -12.69
C ARG C 305 -23.28 -42.09 -14.18
N GLY C 306 -23.08 -40.98 -14.89
CA GLY C 306 -23.36 -40.92 -16.31
C GLY C 306 -24.81 -40.98 -16.69
N GLU C 307 -25.73 -40.88 -15.73
CA GLU C 307 -27.15 -40.96 -16.05
C GLU C 307 -27.64 -39.66 -16.68
N LEU C 308 -27.11 -38.54 -16.22
CA LEU C 308 -27.37 -37.27 -16.85
C LEU C 308 -26.37 -37.04 -17.99
N HIS C 309 -26.88 -36.86 -19.20
CA HIS C 309 -26.04 -36.52 -20.34
C HIS C 309 -26.15 -35.01 -20.51
N CYS C 310 -25.55 -34.29 -19.59
CA CYS C 310 -25.65 -32.84 -19.56
C CYS C 310 -24.73 -32.22 -20.58
N VAL C 311 -25.03 -30.98 -20.94
CA VAL C 311 -24.18 -30.12 -21.73
C VAL C 311 -24.21 -28.75 -21.05
N GLY C 312 -23.07 -28.25 -20.66
CA GLY C 312 -22.99 -26.93 -20.09
C GLY C 312 -22.56 -25.91 -21.12
N ALA C 313 -22.75 -24.64 -20.75
CA ALA C 313 -22.12 -23.56 -21.50
C ALA C 313 -21.88 -22.43 -20.50
N THR C 314 -20.72 -22.43 -19.88
CA THR C 314 -20.28 -21.28 -19.11
C THR C 314 -19.37 -20.46 -19.99
N THR C 315 -19.03 -19.26 -19.53
CA THR C 315 -17.94 -18.58 -20.20
C THR C 315 -16.62 -19.12 -19.66
N LEU C 316 -15.53 -18.52 -20.15
CA LEU C 316 -14.20 -18.92 -19.73
C LEU C 316 -13.90 -18.36 -18.34
N ASP C 317 -14.43 -17.17 -18.07
CA ASP C 317 -14.24 -16.52 -16.78
C ASP C 317 -15.37 -16.90 -15.84
N GLU C 318 -16.50 -17.30 -16.41
CA GLU C 318 -17.66 -17.70 -15.63
C GLU C 318 -17.61 -19.18 -15.32
N TYR C 319 -16.67 -19.88 -15.94
CA TYR C 319 -16.50 -21.32 -15.72
C TYR C 319 -15.27 -21.60 -14.87
N ARG C 320 -14.66 -20.54 -14.35
CA ARG C 320 -13.46 -20.66 -13.52
C ARG C 320 -13.65 -19.92 -12.20
N GLN C 321 -14.52 -18.93 -12.21
CA GLN C 321 -14.79 -18.13 -11.01
C GLN C 321 -16.13 -18.49 -10.40
N TYR C 322 -16.77 -19.52 -10.94
CA TYR C 322 -18.06 -19.97 -10.45
C TYR C 322 -18.07 -21.47 -10.22
N ILE C 323 -17.71 -21.89 -9.01
CA ILE C 323 -17.68 -23.30 -8.64
C ILE C 323 -16.92 -24.16 -9.65
N GLU C 324 -15.62 -23.91 -9.77
CA GLU C 324 -14.79 -24.66 -10.71
C GLU C 324 -14.33 -25.98 -10.10
N LYS C 325 -13.98 -25.94 -8.82
CA LYS C 325 -13.52 -27.14 -8.12
C LYS C 325 -14.65 -27.75 -7.29
N ASP C 326 -14.78 -27.26 -6.05
CA ASP C 326 -15.81 -27.74 -5.12
C ASP C 326 -15.85 -29.27 -5.03
N ALA C 327 -14.78 -29.85 -4.51
CA ALA C 327 -14.67 -31.30 -4.34
C ALA C 327 -15.05 -32.07 -5.61
N ALA C 328 -16.12 -32.84 -5.53
CA ALA C 328 -16.59 -33.64 -6.66
C ALA C 328 -17.42 -32.81 -7.63
N LEU C 329 -16.77 -31.93 -8.37
CA LEU C 329 -17.45 -31.08 -9.35
C LEU C 329 -16.47 -30.52 -10.38
N GLU C 330 -15.25 -31.03 -10.35
CA GLU C 330 -14.21 -30.59 -11.28
C GLU C 330 -13.72 -31.75 -12.16
N ARG C 331 -14.59 -32.73 -12.35
CA ARG C 331 -14.24 -33.89 -13.17
C ARG C 331 -15.46 -34.36 -13.98
N ARG C 332 -16.64 -34.26 -13.38
CA ARG C 332 -17.87 -34.67 -14.03
C ARG C 332 -18.12 -33.89 -15.31
N PHE C 333 -17.52 -32.73 -15.45
CA PHE C 333 -17.66 -31.89 -16.63
C PHE C 333 -16.34 -31.82 -17.36
N GLN C 334 -16.36 -32.15 -18.63
CA GLN C 334 -15.18 -32.07 -19.47
C GLN C 334 -15.27 -30.82 -20.32
N LYS C 335 -14.24 -29.99 -20.26
CA LYS C 335 -14.27 -28.71 -20.95
C LYS C 335 -14.19 -28.88 -22.44
N VAL C 336 -14.98 -28.10 -23.16
CA VAL C 336 -14.89 -27.98 -24.60
C VAL C 336 -14.67 -26.50 -24.87
N PHE C 337 -13.49 -26.15 -25.39
CA PHE C 337 -13.17 -24.75 -25.60
C PHE C 337 -13.70 -24.29 -26.93
N VAL C 338 -14.58 -23.30 -26.91
CA VAL C 338 -15.14 -22.71 -28.11
C VAL C 338 -14.33 -21.46 -28.38
N ALA C 339 -13.29 -21.58 -29.20
CA ALA C 339 -12.51 -20.43 -29.60
C ALA C 339 -13.32 -19.58 -30.54
N GLU C 340 -13.09 -18.28 -30.50
CA GLU C 340 -13.83 -17.39 -31.38
C GLU C 340 -13.35 -17.57 -32.80
N PRO C 341 -14.23 -17.39 -33.78
CA PRO C 341 -13.84 -17.52 -35.18
C PRO C 341 -12.84 -16.47 -35.60
N SER C 342 -12.20 -16.74 -36.72
CA SER C 342 -11.37 -15.76 -37.39
C SER C 342 -12.28 -14.87 -38.22
N VAL C 343 -11.70 -14.01 -39.05
CA VAL C 343 -12.54 -13.25 -39.95
C VAL C 343 -12.98 -14.13 -41.11
N GLU C 344 -12.14 -15.09 -41.51
CA GLU C 344 -12.50 -15.96 -42.60
C GLU C 344 -13.60 -16.94 -42.20
N ASP C 345 -13.63 -17.33 -40.93
CA ASP C 345 -14.70 -18.18 -40.46
C ASP C 345 -15.99 -17.40 -40.32
N THR C 346 -15.90 -16.18 -39.81
CA THR C 346 -17.09 -15.39 -39.51
C THR C 346 -17.84 -14.96 -40.76
N ILE C 347 -17.13 -14.72 -41.86
CA ILE C 347 -17.82 -14.50 -43.12
C ILE C 347 -18.59 -15.74 -43.52
N ALA C 348 -18.01 -16.91 -43.30
CA ALA C 348 -18.76 -18.15 -43.53
C ALA C 348 -19.87 -18.34 -42.52
N ILE C 349 -19.71 -17.79 -41.30
CA ILE C 349 -20.83 -17.78 -40.36
C ILE C 349 -21.94 -16.87 -40.86
N LEU C 350 -21.59 -15.72 -41.42
CA LEU C 350 -22.59 -14.75 -41.80
C LEU C 350 -23.28 -15.08 -43.11
N ARG C 351 -22.71 -15.94 -43.95
CA ARG C 351 -23.41 -16.34 -45.16
C ARG C 351 -24.61 -17.21 -44.83
N GLY C 352 -24.52 -17.99 -43.77
CA GLY C 352 -25.62 -18.87 -43.42
C GLY C 352 -26.72 -18.16 -42.64
N LEU C 353 -26.36 -17.21 -41.81
CA LEU C 353 -27.34 -16.48 -41.03
C LEU C 353 -28.07 -15.41 -41.80
N LYS C 354 -27.52 -14.96 -42.94
CA LYS C 354 -28.08 -13.80 -43.62
C LYS C 354 -29.44 -14.09 -44.21
N GLU C 355 -29.79 -15.35 -44.45
CA GLU C 355 -31.13 -15.65 -44.92
C GLU C 355 -32.16 -15.51 -43.81
N ARG C 356 -31.74 -15.39 -42.56
CA ARG C 356 -32.64 -15.05 -41.48
C ARG C 356 -32.76 -13.56 -41.25
N TYR C 357 -31.71 -12.79 -41.54
CA TYR C 357 -31.81 -11.35 -41.42
C TYR C 357 -32.35 -10.70 -42.68
N GLU C 358 -32.18 -11.34 -43.82
CA GLU C 358 -32.89 -10.88 -45.00
C GLU C 358 -34.38 -11.12 -44.86
N LEU C 359 -34.76 -12.28 -44.33
CA LEU C 359 -36.17 -12.62 -44.22
C LEU C 359 -36.85 -11.94 -43.05
N HIS C 360 -36.11 -11.28 -42.17
CA HIS C 360 -36.75 -10.57 -41.08
C HIS C 360 -36.86 -9.07 -41.37
N HIS C 361 -35.84 -8.49 -41.97
CA HIS C 361 -35.84 -7.07 -42.25
C HIS C 361 -36.37 -6.75 -43.63
N HIS C 362 -36.57 -7.76 -44.48
CA HIS C 362 -36.96 -7.62 -45.87
C HIS C 362 -35.98 -6.73 -46.62
N VAL C 363 -34.69 -6.97 -46.39
CA VAL C 363 -33.62 -6.30 -47.11
C VAL C 363 -32.79 -7.37 -47.80
N GLN C 364 -31.89 -6.93 -48.67
CA GLN C 364 -30.95 -7.83 -49.33
C GLN C 364 -29.56 -7.51 -48.82
N ILE C 365 -29.10 -8.27 -47.82
CA ILE C 365 -27.74 -8.11 -47.36
C ILE C 365 -26.79 -8.60 -48.43
N THR C 366 -25.78 -7.79 -48.75
CA THR C 366 -24.95 -8.04 -49.91
C THR C 366 -23.66 -8.70 -49.48
N ASP C 367 -23.08 -9.50 -50.36
CA ASP C 367 -21.85 -10.20 -50.06
C ASP C 367 -20.63 -9.27 -49.93
N PRO C 368 -20.59 -8.09 -50.54
CA PRO C 368 -19.69 -7.05 -50.03
C PRO C 368 -19.91 -6.69 -48.58
N ALA C 369 -21.14 -6.70 -48.10
CA ALA C 369 -21.43 -6.21 -46.76
C ALA C 369 -21.25 -7.27 -45.70
N ILE C 370 -21.14 -8.54 -46.05
CA ILE C 370 -20.83 -9.54 -45.04
C ILE C 370 -19.33 -9.77 -44.91
N VAL C 371 -18.54 -9.52 -45.94
CA VAL C 371 -17.11 -9.58 -45.76
C VAL C 371 -16.59 -8.33 -45.08
N ALA C 372 -17.35 -7.24 -45.14
CA ALA C 372 -16.98 -5.96 -44.53
C ALA C 372 -17.73 -5.72 -43.24
N ALA C 373 -18.47 -6.69 -42.75
CA ALA C 373 -18.97 -6.63 -41.40
C ALA C 373 -18.18 -7.52 -40.48
N ALA C 374 -17.45 -8.47 -41.04
CA ALA C 374 -16.54 -9.27 -40.24
C ALA C 374 -15.13 -8.72 -40.23
N THR C 375 -14.68 -8.08 -41.31
CA THR C 375 -13.37 -7.43 -41.26
C THR C 375 -13.41 -6.16 -40.43
N LEU C 376 -14.45 -5.33 -40.62
CA LEU C 376 -14.54 -4.06 -39.93
C LEU C 376 -14.79 -4.23 -38.44
N SER C 377 -15.63 -5.16 -38.04
CA SER C 377 -15.86 -5.39 -36.63
C SER C 377 -14.79 -6.26 -36.00
N HIS C 378 -13.80 -6.68 -36.75
CA HIS C 378 -12.61 -7.27 -36.16
C HIS C 378 -11.60 -6.21 -35.82
N ARG C 379 -11.53 -5.17 -36.65
CA ARG C 379 -10.58 -4.10 -36.41
C ARG C 379 -11.08 -3.17 -35.32
N TYR C 380 -12.29 -2.67 -35.48
CA TYR C 380 -12.76 -1.52 -34.72
C TYR C 380 -13.47 -1.87 -33.43
N ILE C 381 -13.80 -3.12 -33.19
CA ILE C 381 -14.40 -3.52 -31.92
C ILE C 381 -13.40 -4.32 -31.13
N ALA C 382 -12.92 -3.76 -30.03
CA ALA C 382 -11.92 -4.40 -29.21
C ALA C 382 -12.53 -5.19 -28.06
N ASP C 383 -13.76 -4.88 -27.67
CA ASP C 383 -14.41 -5.69 -26.67
C ASP C 383 -15.07 -6.91 -27.29
N ARG C 384 -15.41 -6.84 -28.56
CA ARG C 384 -16.09 -7.93 -29.27
C ARG C 384 -15.44 -8.17 -30.63
N GLN C 385 -14.40 -9.00 -30.67
CA GLN C 385 -13.79 -9.45 -31.93
C GLN C 385 -14.34 -10.81 -32.34
N LEU C 386 -15.63 -11.01 -32.08
CA LEU C 386 -16.43 -12.23 -31.99
C LEU C 386 -17.01 -12.64 -33.35
N PRO C 387 -17.88 -13.69 -33.43
CA PRO C 387 -18.79 -13.77 -34.58
C PRO C 387 -20.08 -13.05 -34.26
N ASP C 388 -20.26 -12.75 -32.98
CA ASP C 388 -21.43 -12.02 -32.52
C ASP C 388 -21.38 -10.58 -32.98
N LYS C 389 -20.21 -10.00 -33.06
CA LYS C 389 -20.11 -8.60 -33.40
C LYS C 389 -20.21 -8.36 -34.90
N ALA C 390 -19.92 -9.36 -35.71
CA ALA C 390 -20.15 -9.18 -37.13
C ALA C 390 -21.61 -9.35 -37.47
N ILE C 391 -22.35 -10.05 -36.63
CA ILE C 391 -23.77 -10.27 -36.83
C ILE C 391 -24.55 -9.01 -36.58
N ASP C 392 -24.24 -8.27 -35.52
CA ASP C 392 -25.06 -7.11 -35.24
C ASP C 392 -24.57 -5.84 -35.91
N LEU C 393 -23.62 -5.95 -36.83
CA LEU C 393 -23.48 -4.93 -37.84
C LEU C 393 -24.31 -5.30 -39.06
N ILE C 394 -24.36 -6.59 -39.37
CA ILE C 394 -25.28 -7.13 -40.36
C ILE C 394 -26.72 -6.93 -39.93
N ASP C 395 -26.99 -7.12 -38.64
CA ASP C 395 -28.34 -6.99 -38.14
C ASP C 395 -28.78 -5.56 -37.98
N GLU C 396 -27.86 -4.64 -37.75
CA GLU C 396 -28.22 -3.26 -37.52
C GLU C 396 -28.11 -2.39 -38.77
N ALA C 397 -27.28 -2.78 -39.74
CA ALA C 397 -27.35 -2.09 -41.00
C ALA C 397 -28.64 -2.40 -41.72
N ALA C 398 -29.12 -3.62 -41.56
CA ALA C 398 -30.39 -4.01 -42.14
C ALA C 398 -31.57 -3.32 -41.50
N SER C 399 -31.45 -2.95 -40.23
CA SER C 399 -32.52 -2.19 -39.60
C SER C 399 -32.50 -0.73 -39.99
N SER C 400 -31.33 -0.20 -40.35
CA SER C 400 -31.31 1.14 -40.88
C SER C 400 -31.83 1.22 -42.30
N ILE C 401 -31.86 0.11 -43.03
CA ILE C 401 -32.54 0.11 -44.32
C ILE C 401 -34.05 0.07 -44.11
N ARG C 402 -34.51 -0.58 -43.05
CA ARG C 402 -35.88 -0.40 -42.60
C ARG C 402 -36.17 1.03 -42.17
N MET C 403 -35.18 1.76 -41.65
CA MET C 403 -35.36 3.19 -41.42
C MET C 403 -35.46 3.95 -42.72
N GLN C 404 -34.82 3.45 -43.78
CA GLN C 404 -34.82 4.18 -45.06
C GLN C 404 -36.16 4.07 -45.75
N ILE C 405 -36.69 2.86 -45.86
CA ILE C 405 -37.81 2.61 -46.74
C ILE C 405 -39.15 2.62 -46.02
N ASP C 406 -39.16 2.64 -44.69
CA ASP C 406 -40.39 2.74 -43.93
C ASP C 406 -40.54 4.06 -43.19
N SER C 407 -39.82 5.10 -43.59
CA SER C 407 -39.96 6.40 -42.98
C SER C 407 -40.18 7.47 -44.04
N LYS C 408 -40.82 8.56 -43.64
CA LYS C 408 -41.09 9.68 -44.53
C LYS C 408 -40.47 10.97 -43.99
N ARG C 525 -35.36 1.55 -57.37
CA ARG C 525 -33.92 1.70 -57.32
C ARG C 525 -33.52 2.82 -56.36
N LEU C 526 -34.33 3.89 -56.35
CA LEU C 526 -34.05 5.08 -55.56
C LEU C 526 -34.28 4.86 -54.06
N LEU C 527 -35.12 3.90 -53.70
CA LEU C 527 -35.35 3.52 -52.31
C LEU C 527 -34.57 2.23 -52.09
N ARG C 528 -33.43 2.35 -51.43
CA ARG C 528 -32.42 1.30 -51.39
C ARG C 528 -32.90 0.11 -50.57
N ASN C 529 -32.81 -1.08 -51.14
CA ASN C 529 -33.25 -2.30 -50.48
C ASN C 529 -32.07 -3.17 -50.07
N LYS C 530 -30.85 -2.75 -50.33
CA LYS C 530 -29.67 -3.56 -50.08
C LYS C 530 -28.86 -2.91 -48.98
N VAL C 531 -28.31 -3.70 -48.09
CA VAL C 531 -27.27 -3.17 -47.23
C VAL C 531 -25.98 -3.37 -47.99
N THR C 532 -25.04 -2.45 -47.82
CA THR C 532 -23.78 -2.51 -48.52
C THR C 532 -22.67 -2.25 -47.51
N ASP C 533 -21.43 -2.33 -47.97
CA ASP C 533 -20.31 -2.02 -47.09
C ASP C 533 -20.21 -0.54 -46.76
N ALA C 534 -20.94 0.31 -47.48
CA ALA C 534 -21.14 1.69 -47.09
C ALA C 534 -22.22 1.85 -46.05
N GLU C 535 -23.07 0.84 -45.88
CA GLU C 535 -24.10 0.84 -44.84
C GLU C 535 -23.67 0.07 -43.61
N ILE C 536 -22.81 -0.93 -43.76
CA ILE C 536 -22.19 -1.56 -42.60
C ILE C 536 -21.28 -0.62 -41.87
N ALA C 537 -20.43 0.10 -42.59
CA ALA C 537 -19.51 1.05 -42.00
C ALA C 537 -20.19 2.24 -41.36
N GLU C 538 -21.40 2.59 -41.80
CA GLU C 538 -22.12 3.68 -41.17
C GLU C 538 -22.70 3.30 -39.84
N VAL C 539 -22.75 2.00 -39.52
CA VAL C 539 -23.10 1.55 -38.18
C VAL C 539 -21.86 1.57 -37.29
N LEU C 540 -20.72 1.24 -37.86
CA LEU C 540 -19.49 1.24 -37.10
C LEU C 540 -18.99 2.65 -36.81
N ALA C 541 -19.41 3.62 -37.60
CA ALA C 541 -19.17 5.01 -37.25
C ALA C 541 -20.16 5.52 -36.23
N ARG C 542 -21.16 4.73 -35.89
CA ARG C 542 -22.08 5.08 -34.82
C ARG C 542 -21.94 4.18 -33.62
N TRP C 543 -21.54 2.92 -33.82
CA TRP C 543 -21.32 2.03 -32.70
C TRP C 543 -20.11 2.50 -31.91
N THR C 544 -18.95 2.44 -32.53
CA THR C 544 -17.73 2.93 -31.90
C THR C 544 -17.69 4.44 -31.91
N GLY C 545 -17.85 5.02 -33.07
CA GLY C 545 -17.78 6.44 -33.30
C GLY C 545 -16.35 6.62 -33.74
N ILE C 546 -16.11 6.39 -35.02
CA ILE C 546 -14.81 6.29 -35.66
C ILE C 546 -15.16 6.51 -37.12
N PRO C 547 -14.71 7.56 -37.75
CA PRO C 547 -15.47 8.03 -38.92
C PRO C 547 -15.16 7.27 -40.21
N VAL C 548 -15.68 6.05 -40.31
CA VAL C 548 -15.56 5.27 -41.53
C VAL C 548 -16.78 5.54 -42.40
N SER C 549 -16.88 6.74 -42.98
CA SER C 549 -18.12 7.09 -43.67
C SER C 549 -18.03 8.11 -44.80
N ARG C 550 -16.84 8.50 -45.29
CA ARG C 550 -16.71 9.82 -45.93
C ARG C 550 -17.31 9.93 -47.33
N MET C 551 -17.96 8.89 -47.86
CA MET C 551 -18.63 8.99 -49.16
C MET C 551 -19.94 9.75 -49.11
N MET C 552 -20.36 10.24 -47.95
CA MET C 552 -21.49 11.14 -47.80
C MET C 552 -21.13 12.40 -47.03
N GLU C 553 -19.86 12.77 -46.96
CA GLU C 553 -19.42 13.90 -46.17
C GLU C 553 -18.89 15.00 -47.09
N SER C 554 -18.82 16.22 -46.56
CA SER C 554 -18.06 17.31 -47.17
C SER C 554 -16.60 17.25 -46.76
N GLU C 555 -15.94 16.15 -47.10
CA GLU C 555 -14.49 16.05 -46.93
C GLU C 555 -13.76 16.93 -47.92
N ARG C 556 -14.35 17.12 -49.10
CA ARG C 556 -13.85 18.09 -50.07
C ARG C 556 -13.88 19.49 -49.47
N GLU C 557 -14.88 19.77 -48.66
CA GLU C 557 -14.95 21.06 -47.99
C GLU C 557 -14.16 21.06 -46.69
N LYS C 558 -14.31 20.04 -45.83
CA LYS C 558 -13.75 20.17 -44.48
C LYS C 558 -12.38 19.53 -44.35
N LEU C 559 -12.22 18.28 -44.77
CA LEU C 559 -10.93 17.61 -44.60
C LEU C 559 -9.89 18.06 -45.59
N LEU C 560 -10.27 18.80 -46.63
CA LEU C 560 -9.30 19.34 -47.57
C LEU C 560 -8.89 20.75 -47.21
N ARG C 561 -9.18 21.19 -45.99
CA ARG C 561 -8.59 22.39 -45.44
C ARG C 561 -7.31 21.96 -44.74
N MET C 562 -6.20 22.13 -45.47
CA MET C 562 -4.89 21.61 -45.08
C MET C 562 -4.36 22.27 -43.82
N GLU C 563 -4.26 23.57 -43.82
CA GLU C 563 -4.07 24.33 -42.60
C GLU C 563 -5.17 25.34 -42.44
N GLN C 564 -6.03 25.51 -43.46
CA GLN C 564 -6.98 26.61 -43.55
C GLN C 564 -7.97 26.63 -42.40
N GLU C 565 -8.23 25.50 -41.76
CA GLU C 565 -9.00 25.48 -40.54
C GLU C 565 -8.13 25.53 -39.30
N LEU C 566 -6.88 25.11 -39.39
CA LEU C 566 -6.00 25.19 -38.26
C LEU C 566 -5.23 26.50 -38.19
N HIS C 567 -5.00 27.17 -39.33
CA HIS C 567 -4.44 28.51 -39.36
C HIS C 567 -5.39 29.55 -38.79
N HIS C 568 -6.66 29.23 -38.63
CA HIS C 568 -7.56 30.10 -37.92
C HIS C 568 -7.21 30.20 -36.45
N ARG C 569 -6.55 29.18 -35.89
CA ARG C 569 -6.22 29.16 -34.48
C ARG C 569 -4.76 28.82 -34.19
N VAL C 570 -4.02 28.25 -35.12
CA VAL C 570 -2.58 28.08 -34.96
C VAL C 570 -1.93 28.82 -36.12
N ILE C 571 -1.62 30.07 -35.91
CA ILE C 571 -0.89 30.84 -36.90
C ILE C 571 0.58 30.50 -36.77
N GLY C 572 1.18 30.11 -37.87
CA GLY C 572 2.53 29.63 -37.89
C GLY C 572 2.56 28.14 -38.05
N GLN C 573 3.73 27.57 -37.80
CA GLN C 573 4.03 26.14 -37.92
C GLN C 573 3.71 25.65 -39.34
N ASN C 574 4.28 26.35 -40.31
CA ASN C 574 4.09 26.12 -41.73
C ASN C 574 5.27 25.41 -42.38
N GLU C 575 5.82 24.40 -41.71
CA GLU C 575 6.91 23.60 -42.30
C GLU C 575 6.40 22.87 -43.54
N ALA C 576 5.21 22.30 -43.44
CA ALA C 576 4.47 21.60 -44.49
C ALA C 576 3.09 22.23 -44.46
N VAL C 577 2.08 21.54 -44.98
CA VAL C 577 0.69 22.00 -44.80
C VAL C 577 0.36 22.14 -43.31
N ASP C 578 0.25 21.03 -42.55
CA ASP C 578 0.41 21.13 -41.10
C ASP C 578 1.07 19.92 -40.47
N ALA C 579 1.07 18.75 -41.13
CA ALA C 579 1.61 17.47 -40.69
C ALA C 579 0.93 16.91 -39.45
N VAL C 580 -0.13 17.56 -38.96
CA VAL C 580 -1.12 16.92 -38.10
C VAL C 580 -2.45 16.81 -38.83
N SER C 581 -2.65 17.58 -39.90
CA SER C 581 -3.72 17.37 -40.84
C SER C 581 -3.25 16.55 -42.02
N ASN C 582 -2.20 15.77 -41.84
CA ASN C 582 -1.84 14.73 -42.77
C ASN C 582 -1.96 13.36 -42.19
N ALA C 583 -1.99 13.22 -40.88
CA ALA C 583 -2.20 11.90 -40.32
C ALA C 583 -3.67 11.61 -40.13
N ILE C 584 -4.47 12.64 -39.90
CA ILE C 584 -5.92 12.50 -39.93
C ILE C 584 -6.44 12.53 -41.35
N ARG C 585 -5.59 12.87 -42.31
CA ARG C 585 -5.94 12.84 -43.72
C ARG C 585 -5.55 11.54 -44.38
N ARG C 586 -4.44 10.92 -43.94
CA ARG C 586 -4.17 9.54 -44.28
C ARG C 586 -5.23 8.59 -43.77
N SER C 587 -5.87 8.89 -42.66
CA SER C 587 -6.77 7.91 -42.07
C SER C 587 -7.95 8.67 -41.47
N ARG C 588 -8.97 8.89 -42.29
CA ARG C 588 -10.28 9.29 -41.83
C ARG C 588 -11.18 8.09 -41.63
N ALA C 589 -11.40 7.29 -42.67
CA ALA C 589 -11.99 5.97 -42.48
C ALA C 589 -10.98 4.99 -41.88
N GLY C 590 -9.70 5.28 -42.01
CA GLY C 590 -8.62 4.44 -41.53
C GLY C 590 -7.85 3.82 -42.68
N LEU C 591 -6.78 4.50 -43.09
CA LEU C 591 -5.87 4.00 -44.12
C LEU C 591 -4.43 4.27 -43.72
N ALA C 592 -4.15 4.43 -42.44
CA ALA C 592 -2.80 4.37 -41.92
C ALA C 592 -2.49 2.92 -41.57
N ASP C 593 -1.42 2.70 -40.84
CA ASP C 593 -1.16 1.35 -40.35
C ASP C 593 -2.16 1.02 -39.27
N PRO C 594 -2.96 -0.03 -39.41
CA PRO C 594 -3.95 -0.34 -38.37
C PRO C 594 -3.41 -1.17 -37.24
N ASN C 595 -2.21 -0.87 -36.77
CA ASN C 595 -1.64 -1.49 -35.58
C ASN C 595 -1.01 -0.45 -34.70
N ARG C 596 -1.04 0.81 -35.09
CA ARG C 596 -0.47 1.93 -34.35
C ARG C 596 -1.44 3.08 -34.51
N PRO C 597 -1.42 4.07 -33.61
CA PRO C 597 -2.42 5.14 -33.64
C PRO C 597 -2.45 5.94 -34.93
N ILE C 598 -3.49 6.77 -35.05
CA ILE C 598 -3.67 7.60 -36.23
C ILE C 598 -2.52 8.58 -36.37
N GLY C 599 -2.13 9.20 -35.27
CA GLY C 599 -0.98 10.05 -35.27
C GLY C 599 -0.26 9.97 -33.94
N SER C 600 1.05 9.83 -33.98
CA SER C 600 1.89 9.92 -32.80
C SER C 600 2.84 11.08 -33.01
N PHE C 601 2.61 12.19 -32.32
CA PHE C 601 3.38 13.39 -32.57
C PHE C 601 4.06 13.84 -31.31
N LEU C 602 5.33 14.18 -31.42
CA LEU C 602 6.02 14.93 -30.38
C LEU C 602 6.01 16.37 -30.84
N PHE C 603 5.51 17.24 -30.00
CA PHE C 603 5.42 18.65 -30.33
C PHE C 603 6.52 19.31 -29.51
N LEU C 604 7.69 19.45 -30.10
CA LEU C 604 8.81 20.10 -29.45
C LEU C 604 8.89 21.53 -29.90
N GLY C 605 9.31 22.40 -29.00
CA GLY C 605 9.40 23.78 -29.35
C GLY C 605 9.77 24.66 -28.18
N PRO C 606 9.85 25.94 -28.42
CA PRO C 606 9.99 26.90 -27.33
C PRO C 606 8.69 27.08 -26.56
N THR C 607 8.65 28.03 -25.67
CA THR C 607 7.42 28.30 -24.95
C THR C 607 6.56 29.24 -25.74
N GLY C 608 5.25 29.07 -25.64
CA GLY C 608 4.33 30.03 -26.19
C GLY C 608 4.16 29.98 -27.68
N VAL C 609 4.53 28.89 -28.34
CA VAL C 609 4.57 28.88 -29.79
C VAL C 609 3.38 28.20 -30.42
N GLY C 610 2.64 27.41 -29.69
CA GLY C 610 1.46 26.81 -30.29
C GLY C 610 1.46 25.31 -30.25
N LYS C 611 2.24 24.73 -29.35
CA LYS C 611 2.23 23.29 -29.22
C LYS C 611 0.92 22.80 -28.62
N THR C 612 0.53 23.37 -27.49
CA THR C 612 -0.74 22.98 -26.90
C THR C 612 -1.91 23.60 -27.63
N GLU C 613 -1.69 24.68 -28.38
CA GLU C 613 -2.78 25.21 -29.20
C GLU C 613 -3.04 24.40 -30.45
N LEU C 614 -2.06 23.66 -30.94
CA LEU C 614 -2.37 22.76 -32.03
C LEU C 614 -3.16 21.56 -31.55
N CYS C 615 -3.00 21.19 -30.29
CA CYS C 615 -3.82 20.10 -29.78
C CYS C 615 -5.21 20.56 -29.40
N LYS C 616 -5.46 21.86 -29.36
CA LYS C 616 -6.80 22.35 -29.14
C LYS C 616 -7.41 22.95 -30.39
N ALA C 617 -6.62 23.10 -31.45
CA ALA C 617 -7.20 23.43 -32.74
C ALA C 617 -7.44 22.19 -33.59
N LEU C 618 -6.75 21.10 -33.28
CA LEU C 618 -7.04 19.82 -33.91
C LEU C 618 -8.22 19.14 -33.22
N ALA C 619 -8.27 19.22 -31.89
CA ALA C 619 -9.42 18.69 -31.17
C ALA C 619 -10.67 19.50 -31.43
N ASN C 620 -10.54 20.77 -31.80
CA ASN C 620 -11.66 21.57 -32.23
C ASN C 620 -12.03 21.29 -33.66
N PHE C 621 -11.11 20.77 -34.44
CA PHE C 621 -11.40 20.50 -35.82
C PHE C 621 -12.07 19.15 -35.97
N MET C 622 -11.60 18.18 -35.21
CA MET C 622 -12.20 16.85 -35.29
C MET C 622 -13.52 16.77 -34.56
N PHE C 623 -13.61 17.39 -33.39
CA PHE C 623 -14.73 17.15 -32.48
C PHE C 623 -15.54 18.40 -32.15
N ASP C 624 -15.24 19.53 -32.78
CA ASP C 624 -15.98 20.79 -32.63
C ASP C 624 -15.97 21.33 -31.20
N SER C 625 -14.92 21.04 -30.44
CA SER C 625 -14.74 21.60 -29.11
C SER C 625 -13.27 21.50 -28.73
N ASP C 626 -12.74 22.57 -28.12
CA ASP C 626 -11.33 22.58 -27.71
C ASP C 626 -11.08 21.55 -26.62
N GLU C 627 -12.01 21.41 -25.69
CA GLU C 627 -11.87 20.50 -24.56
C GLU C 627 -12.29 19.08 -24.89
N ALA C 628 -12.38 18.73 -26.18
CA ALA C 628 -12.84 17.40 -26.58
C ALA C 628 -11.69 16.47 -26.94
N MET C 629 -10.61 16.60 -26.20
CA MET C 629 -9.45 15.74 -26.31
C MET C 629 -9.23 15.11 -24.94
N VAL C 630 -8.37 14.08 -24.88
CA VAL C 630 -8.01 13.52 -23.58
C VAL C 630 -6.74 14.20 -23.11
N ARG C 631 -6.86 15.35 -22.48
CA ARG C 631 -5.70 16.15 -22.09
C ARG C 631 -5.14 15.59 -20.80
N ILE C 632 -4.04 14.89 -20.90
CA ILE C 632 -3.28 14.47 -19.74
C ILE C 632 -2.13 15.45 -19.62
N ASP C 633 -2.28 16.40 -18.73
CA ASP C 633 -1.14 17.14 -18.26
C ASP C 633 -0.29 16.19 -17.44
N MET C 634 1.01 16.38 -17.46
CA MET C 634 1.90 15.52 -16.69
C MET C 634 2.06 15.97 -15.23
N SER C 635 1.06 16.68 -14.72
CA SER C 635 0.77 16.88 -13.30
C SER C 635 0.81 15.58 -12.55
N GLU C 636 1.73 15.51 -11.58
CA GLU C 636 1.96 14.35 -10.72
C GLU C 636 2.11 13.09 -11.56
N PHE C 637 3.09 13.16 -12.45
CA PHE C 637 3.45 12.04 -13.33
C PHE C 637 4.92 11.64 -13.08
N MET C 638 5.60 12.40 -12.23
CA MET C 638 6.98 12.13 -11.91
C MET C 638 7.08 11.10 -10.79
N GLU C 639 6.13 11.16 -9.86
CA GLU C 639 6.09 10.23 -8.75
C GLU C 639 6.72 8.91 -9.15
N LYS C 640 6.77 7.97 -8.21
CA LYS C 640 7.34 6.66 -8.49
C LYS C 640 6.24 5.66 -8.82
N HIS C 641 5.02 6.15 -8.99
CA HIS C 641 3.89 5.28 -9.32
C HIS C 641 2.71 5.98 -9.98
N SER C 642 2.83 7.27 -10.29
CA SER C 642 1.72 7.96 -10.92
C SER C 642 1.17 7.17 -12.11
N VAL C 643 1.90 6.13 -12.50
CA VAL C 643 1.49 5.29 -13.63
C VAL C 643 0.07 4.77 -13.43
N SER C 644 -0.24 4.37 -12.19
CA SER C 644 -1.56 3.85 -11.87
C SER C 644 -2.62 4.93 -11.89
N ARG C 645 -2.21 6.19 -12.02
CA ARG C 645 -3.17 7.26 -12.16
C ARG C 645 -3.78 7.26 -13.55
N LEU C 646 -2.97 7.03 -14.57
CA LEU C 646 -3.45 7.07 -15.94
C LEU C 646 -3.67 5.69 -16.52
N VAL C 647 -3.31 4.62 -15.82
CA VAL C 647 -3.70 3.31 -16.31
C VAL C 647 -4.59 2.55 -15.34
N GLY C 648 -4.66 2.94 -14.07
CA GLY C 648 -5.54 2.27 -13.14
C GLY C 648 -4.77 1.56 -12.04
N ALA C 649 -5.42 1.44 -10.89
CA ALA C 649 -4.84 0.73 -9.79
C ALA C 649 -4.82 -0.77 -10.09
N PRO C 650 -3.94 -1.53 -9.43
CA PRO C 650 -3.98 -2.98 -9.54
C PRO C 650 -5.25 -3.54 -8.94
N PRO C 651 -5.60 -4.80 -9.22
CA PRO C 651 -6.87 -5.35 -8.72
C PRO C 651 -6.88 -5.49 -7.21
N GLY C 652 -7.96 -5.01 -6.61
CA GLY C 652 -8.15 -5.10 -5.18
C GLY C 652 -7.57 -3.96 -4.39
N TYR C 653 -7.14 -2.89 -5.03
CA TYR C 653 -6.62 -1.73 -4.32
C TYR C 653 -7.73 -0.68 -4.24
N VAL C 654 -7.39 0.52 -3.76
CA VAL C 654 -8.47 1.38 -3.31
C VAL C 654 -9.12 2.17 -4.46
N GLY C 655 -8.39 2.49 -5.52
CA GLY C 655 -9.01 3.20 -6.61
C GLY C 655 -9.25 2.29 -7.79
N TYR C 656 -9.38 1.01 -7.48
CA TYR C 656 -9.39 -0.04 -8.50
C TYR C 656 -10.64 0.01 -9.34
N GLU C 657 -11.79 0.21 -8.72
CA GLU C 657 -13.07 0.13 -9.41
C GLU C 657 -13.40 1.37 -10.23
N GLU C 658 -12.51 2.35 -10.29
CA GLU C 658 -12.76 3.58 -11.02
C GLU C 658 -11.90 3.71 -12.26
N GLY C 659 -11.18 2.66 -12.64
CA GLY C 659 -10.36 2.66 -13.83
C GLY C 659 -9.18 3.61 -13.75
N GLY C 660 -8.64 3.91 -14.92
CA GLY C 660 -7.58 4.88 -15.06
C GLY C 660 -8.07 6.04 -15.92
N TYR C 661 -7.31 7.11 -15.90
CA TYR C 661 -7.76 8.32 -16.60
C TYR C 661 -7.60 8.16 -18.11
N LEU C 662 -6.45 7.70 -18.56
CA LEU C 662 -6.22 7.53 -19.99
C LEU C 662 -6.99 6.36 -20.54
N THR C 663 -7.00 5.26 -19.80
CA THR C 663 -7.58 4.02 -20.29
C THR C 663 -9.09 4.08 -20.39
N GLU C 664 -9.77 4.62 -19.38
CA GLU C 664 -11.21 4.70 -19.45
C GLU C 664 -11.70 5.72 -20.47
N ALA C 665 -10.94 6.77 -20.71
CA ALA C 665 -11.38 7.78 -21.65
C ALA C 665 -11.28 7.33 -23.10
N VAL C 666 -10.49 6.30 -23.38
CA VAL C 666 -10.37 5.76 -24.73
C VAL C 666 -11.15 4.46 -24.89
N ARG C 667 -11.44 3.74 -23.81
CA ARG C 667 -12.46 2.71 -23.90
C ARG C 667 -13.83 3.31 -24.16
N ARG C 668 -14.11 4.46 -23.57
CA ARG C 668 -15.42 5.06 -23.73
C ARG C 668 -15.60 5.67 -25.10
N ARG C 669 -14.56 6.29 -25.63
CA ARG C 669 -14.57 6.82 -26.99
C ARG C 669 -13.25 6.46 -27.63
N PRO C 670 -13.23 5.54 -28.59
CA PRO C 670 -11.95 5.11 -29.16
C PRO C 670 -11.33 6.12 -30.10
N TYR C 671 -12.10 7.05 -30.61
CA TYR C 671 -11.59 8.03 -31.54
C TYR C 671 -11.55 9.35 -30.80
N SER C 672 -10.41 9.65 -30.21
CA SER C 672 -10.20 10.88 -29.48
C SER C 672 -8.83 11.41 -29.85
N VAL C 673 -8.51 12.60 -29.35
CA VAL C 673 -7.17 13.12 -29.36
C VAL C 673 -6.65 13.01 -27.96
N ILE C 674 -5.40 12.58 -27.80
CA ILE C 674 -4.80 12.43 -26.50
C ILE C 674 -3.63 13.38 -26.42
N LEU C 675 -3.79 14.45 -25.67
CA LEU C 675 -2.71 15.39 -25.45
C LEU C 675 -1.97 15.00 -24.20
N LEU C 676 -0.67 14.83 -24.32
CA LEU C 676 0.20 14.51 -23.19
C LEU C 676 1.09 15.72 -23.01
N ASP C 677 0.59 16.72 -22.28
CA ASP C 677 1.25 18.00 -22.15
C ASP C 677 2.48 17.90 -21.28
N GLU C 678 3.57 18.48 -21.77
CA GLU C 678 4.87 18.55 -21.11
C GLU C 678 5.30 17.14 -20.69
N VAL C 679 5.49 16.30 -21.70
CA VAL C 679 5.64 14.88 -21.44
C VAL C 679 7.00 14.58 -20.83
N GLU C 680 7.98 15.46 -21.01
CA GLU C 680 9.28 15.27 -20.40
C GLU C 680 9.25 15.47 -18.89
N LYS C 681 8.22 16.13 -18.37
CA LYS C 681 8.07 16.36 -16.94
C LYS C 681 7.43 15.19 -16.23
N ALA C 682 7.34 14.06 -16.89
CA ALA C 682 6.80 12.83 -16.32
C ALA C 682 7.94 11.90 -15.97
N HIS C 683 7.62 10.88 -15.18
CA HIS C 683 8.62 9.91 -14.82
C HIS C 683 8.96 9.04 -16.02
N PRO C 684 10.15 8.44 -16.06
CA PRO C 684 10.43 7.46 -17.11
C PRO C 684 9.56 6.23 -17.02
N ASP C 685 8.95 5.94 -15.88
CA ASP C 685 8.01 4.84 -15.79
C ASP C 685 6.71 5.16 -16.53
N VAL C 686 6.43 6.43 -16.80
CA VAL C 686 5.24 6.77 -17.59
C VAL C 686 5.43 6.36 -19.03
N PHE C 687 6.62 6.59 -19.59
CA PHE C 687 6.85 6.20 -20.97
C PHE C 687 6.90 4.69 -21.12
N ASN C 688 7.29 3.98 -20.07
CA ASN C 688 7.39 2.53 -20.14
C ASN C 688 6.03 1.84 -20.22
N ILE C 689 4.94 2.54 -19.90
CA ILE C 689 3.62 2.08 -20.29
C ILE C 689 3.11 2.83 -21.51
N LEU C 690 3.78 3.89 -21.91
CA LEU C 690 3.37 4.65 -23.06
C LEU C 690 4.10 4.23 -24.31
N LEU C 691 5.08 3.32 -24.19
CA LEU C 691 5.57 2.62 -25.37
C LEU C 691 4.47 1.77 -25.97
N GLN C 692 3.66 1.12 -25.11
CA GLN C 692 2.68 0.14 -25.56
C GLN C 692 1.57 0.76 -26.39
N VAL C 693 1.22 2.02 -26.12
CA VAL C 693 0.25 2.70 -26.96
C VAL C 693 0.88 3.20 -28.26
N LEU C 694 2.17 3.51 -28.26
CA LEU C 694 2.75 4.09 -29.46
C LEU C 694 3.08 3.06 -30.52
N ASP C 695 3.53 1.86 -30.16
CA ASP C 695 3.83 0.91 -31.21
C ASP C 695 2.73 -0.12 -31.38
N ASP C 696 2.34 -0.78 -30.29
CA ASP C 696 1.32 -1.80 -30.33
C ASP C 696 -0.06 -1.21 -30.53
N GLY C 697 -0.26 0.05 -30.17
CA GLY C 697 -1.57 0.64 -30.25
C GLY C 697 -2.55 0.10 -29.25
N ARG C 698 -2.07 -0.45 -28.15
CA ARG C 698 -2.93 -1.20 -27.25
C ARG C 698 -2.32 -1.19 -25.86
N LEU C 699 -3.02 -0.56 -24.92
CA LEU C 699 -2.52 -0.41 -23.55
C LEU C 699 -3.41 -1.18 -22.61
N THR C 700 -2.88 -2.26 -22.03
CA THR C 700 -3.61 -2.98 -20.99
C THR C 700 -3.55 -2.17 -19.70
N ASP C 701 -4.52 -2.38 -18.83
CA ASP C 701 -4.63 -1.49 -17.69
C ASP C 701 -4.49 -2.26 -16.38
N GLY C 702 -4.70 -1.55 -15.27
CA GLY C 702 -4.54 -2.16 -13.97
C GLY C 702 -5.60 -3.19 -13.66
N GLN C 703 -6.82 -2.95 -14.14
CA GLN C 703 -7.86 -3.96 -14.05
C GLN C 703 -7.48 -5.20 -14.85
N GLY C 704 -6.91 -4.99 -16.04
CA GLY C 704 -6.43 -6.09 -16.85
C GLY C 704 -7.20 -6.26 -18.13
N ARG C 705 -7.64 -5.16 -18.73
CA ARG C 705 -8.31 -5.19 -20.02
C ARG C 705 -7.52 -4.35 -21.01
N THR C 706 -7.52 -4.74 -22.27
CA THR C 706 -6.72 -4.09 -23.29
C THR C 706 -7.56 -3.10 -24.07
N VAL C 707 -6.97 -1.95 -24.38
CA VAL C 707 -7.68 -0.77 -24.86
C VAL C 707 -7.09 -0.36 -26.20
N ASP C 708 -7.92 -0.29 -27.23
CA ASP C 708 -7.46 0.09 -28.56
C ASP C 708 -7.18 1.57 -28.62
N PHE C 709 -5.90 1.92 -28.73
CA PHE C 709 -5.50 3.27 -29.09
C PHE C 709 -5.21 3.38 -30.57
N ARG C 710 -5.64 2.42 -31.36
CA ARG C 710 -5.30 2.40 -32.78
C ARG C 710 -6.06 3.43 -33.57
N ASN C 711 -7.08 4.07 -32.99
CA ASN C 711 -7.84 5.08 -33.69
C ASN C 711 -7.66 6.46 -33.08
N THR C 712 -6.90 6.59 -32.02
CA THR C 712 -6.72 7.87 -31.36
C THR C 712 -5.50 8.57 -31.93
N VAL C 713 -5.38 9.86 -31.60
CA VAL C 713 -4.24 10.68 -32.00
C VAL C 713 -3.49 11.04 -30.74
N VAL C 714 -2.25 10.60 -30.62
CA VAL C 714 -1.50 10.77 -29.39
C VAL C 714 -0.47 11.86 -29.61
N ILE C 715 -0.70 13.03 -29.05
CA ILE C 715 0.21 14.16 -29.16
C ILE C 715 0.93 14.35 -27.84
N MET C 716 2.25 14.52 -27.90
CA MET C 716 3.09 14.70 -26.73
C MET C 716 3.77 16.05 -26.86
N THR C 717 3.17 17.11 -26.35
CA THR C 717 3.92 18.34 -26.35
C THR C 717 4.99 18.28 -25.27
N SER C 718 6.07 18.99 -25.51
CA SER C 718 7.20 19.00 -24.59
C SER C 718 8.02 20.25 -24.84
N ASN C 719 9.00 20.50 -24.00
CA ASN C 719 9.78 21.73 -24.08
C ASN C 719 11.26 21.49 -24.34
N LEU C 720 11.65 20.29 -24.74
CA LEU C 720 13.06 20.04 -24.99
C LEU C 720 13.50 20.70 -26.29
N GLY C 721 14.79 20.99 -26.36
CA GLY C 721 15.30 21.72 -27.49
C GLY C 721 14.79 23.12 -27.58
N SER C 722 14.47 23.76 -26.45
CA SER C 722 13.87 25.09 -26.50
C SER C 722 14.89 26.15 -26.85
N ASP C 723 16.15 25.96 -26.49
CA ASP C 723 17.20 26.90 -26.83
C ASP C 723 17.74 26.70 -28.24
N LEU C 724 17.56 25.51 -28.82
CA LEU C 724 18.09 25.21 -30.14
C LEU C 724 17.19 25.68 -31.27
N ILE C 725 16.03 26.26 -30.97
CA ILE C 725 15.17 26.79 -32.02
C ILE C 725 15.16 28.30 -32.03
N GLN C 726 15.32 28.96 -30.88
CA GLN C 726 15.45 30.41 -30.86
C GLN C 726 16.80 30.86 -31.38
N GLU C 727 17.82 29.99 -31.30
CA GLU C 727 19.13 30.30 -31.87
C GLU C 727 19.15 30.05 -33.37
N ARG C 728 18.68 28.89 -33.79
CA ARG C 728 18.79 28.44 -35.17
C ARG C 728 17.45 28.67 -35.88
N PHE C 729 17.36 29.78 -36.60
CA PHE C 729 16.12 30.16 -37.28
C PHE C 729 16.08 29.66 -38.73
N GLY C 730 16.40 28.39 -38.93
CA GLY C 730 16.42 27.83 -40.26
C GLY C 730 17.57 26.87 -40.41
N GLU C 731 18.63 27.12 -39.66
CA GLU C 731 19.75 26.20 -39.58
C GLU C 731 19.39 24.90 -38.88
N LEU C 732 18.34 24.92 -38.04
CA LEU C 732 17.91 23.73 -37.33
C LEU C 732 16.99 22.90 -38.20
N ASP C 733 17.34 21.64 -38.40
CA ASP C 733 16.40 20.70 -38.97
C ASP C 733 15.71 19.98 -37.80
N TYR C 734 15.01 18.89 -38.07
CA TYR C 734 14.46 18.11 -36.96
C TYR C 734 15.56 17.34 -36.24
N ALA C 735 16.63 16.99 -36.95
CA ALA C 735 17.73 16.19 -36.42
C ALA C 735 19.00 16.99 -36.22
N HIS C 736 18.99 18.30 -36.47
CA HIS C 736 20.02 19.18 -35.94
C HIS C 736 19.82 19.47 -34.46
N MET C 737 18.73 18.97 -33.89
CA MET C 737 18.28 19.12 -32.52
C MET C 737 18.18 17.81 -31.77
N LYS C 738 17.46 16.83 -32.31
CA LYS C 738 16.92 15.72 -31.52
C LYS C 738 17.98 14.73 -31.01
N GLU C 739 19.26 15.00 -31.21
CA GLU C 739 20.31 14.31 -30.46
C GLU C 739 21.29 15.27 -29.81
N LEU C 740 21.28 16.56 -30.16
CA LEU C 740 22.15 17.51 -29.47
C LEU C 740 21.59 17.79 -28.08
N VAL C 741 20.27 17.88 -27.96
CA VAL C 741 19.62 17.73 -26.66
C VAL C 741 19.45 16.24 -26.41
N LEU C 742 20.21 15.73 -25.43
CA LEU C 742 20.44 14.30 -25.30
C LEU C 742 20.28 13.75 -23.88
N GLY C 743 20.52 14.56 -22.85
CA GLY C 743 20.38 14.10 -21.47
C GLY C 743 18.96 13.73 -21.08
N VAL C 744 17.98 14.18 -21.86
CA VAL C 744 16.62 13.69 -21.78
C VAL C 744 16.27 12.76 -22.94
N VAL C 745 16.91 12.93 -24.10
CA VAL C 745 16.66 12.07 -25.25
C VAL C 745 17.37 10.73 -25.09
N SER C 746 18.55 10.69 -24.46
CA SER C 746 19.15 9.39 -24.19
C SER C 746 18.72 8.78 -22.86
N HIS C 747 18.56 9.59 -21.81
CA HIS C 747 18.29 9.04 -20.48
C HIS C 747 16.80 8.99 -20.17
N ASN C 748 16.11 10.12 -20.24
CA ASN C 748 14.67 10.12 -19.96
C ASN C 748 13.89 9.52 -21.12
N PHE C 749 14.26 9.82 -22.36
CA PHE C 749 13.66 9.16 -23.50
C PHE C 749 14.48 7.92 -23.84
N ARG C 750 13.82 6.91 -24.36
CA ARG C 750 14.51 5.71 -24.80
C ARG C 750 15.18 6.00 -26.14
N PRO C 751 16.18 5.21 -26.52
CA PRO C 751 16.73 5.31 -27.89
C PRO C 751 15.72 5.28 -29.03
N GLU C 752 14.72 4.40 -28.98
CA GLU C 752 13.74 4.33 -30.06
C GLU C 752 12.32 4.65 -29.61
N PHE C 753 12.14 5.21 -28.40
CA PHE C 753 10.85 5.85 -28.08
C PHE C 753 10.59 7.00 -29.03
N ILE C 754 11.64 7.74 -29.41
CA ILE C 754 11.48 8.75 -30.44
C ILE C 754 11.39 8.13 -31.83
N ASN C 755 11.70 6.84 -31.98
CA ASN C 755 11.35 6.15 -33.21
C ASN C 755 9.93 5.63 -33.22
N ARG C 756 9.32 5.45 -32.05
CA ARG C 756 7.95 4.96 -32.03
C ARG C 756 6.93 6.05 -32.28
N ILE C 757 7.27 7.30 -32.01
CA ILE C 757 6.39 8.40 -32.38
C ILE C 757 6.53 8.65 -33.87
N ASP C 758 5.44 9.02 -34.52
CA ASP C 758 5.43 9.07 -35.97
C ASP C 758 6.20 10.28 -36.48
N GLU C 759 5.81 11.47 -36.07
CA GLU C 759 6.42 12.68 -36.61
C GLU C 759 6.76 13.61 -35.45
N VAL C 760 8.06 13.83 -35.24
CA VAL C 760 8.50 14.78 -34.23
C VAL C 760 8.47 16.17 -34.83
N VAL C 761 7.36 16.85 -34.71
CA VAL C 761 7.20 18.19 -35.26
C VAL C 761 7.94 19.15 -34.35
N VAL C 762 8.75 20.01 -34.95
CA VAL C 762 9.50 21.02 -34.23
C VAL C 762 8.86 22.36 -34.51
N PHE C 763 8.67 23.15 -33.48
CA PHE C 763 7.90 24.38 -33.59
C PHE C 763 8.86 25.57 -33.64
N HIS C 764 8.62 26.41 -34.49
CA HIS C 764 9.54 27.51 -34.63
C HIS C 764 9.09 28.69 -33.79
N PRO C 765 9.98 29.58 -33.36
CA PRO C 765 9.54 30.72 -32.57
C PRO C 765 8.83 31.75 -33.43
N LEU C 766 7.93 32.49 -32.80
CA LEU C 766 7.01 33.36 -33.52
C LEU C 766 7.69 34.69 -33.80
N GLY C 767 7.92 34.97 -35.09
CA GLY C 767 8.44 36.26 -35.47
C GLY C 767 7.38 37.33 -35.35
N GLU C 768 7.80 38.57 -35.61
CA GLU C 768 6.89 39.70 -35.47
C GLU C 768 5.81 39.73 -36.53
N GLN C 769 5.99 39.00 -37.63
CA GLN C 769 4.92 38.88 -38.61
C GLN C 769 3.83 37.92 -38.13
N HIS C 770 4.13 37.07 -37.16
CA HIS C 770 3.16 36.16 -36.57
C HIS C 770 2.41 36.81 -35.42
N ILE C 771 3.15 37.41 -34.48
CA ILE C 771 2.54 38.01 -33.31
C ILE C 771 1.69 39.22 -33.67
N ALA C 772 1.99 39.89 -34.77
CA ALA C 772 1.10 40.93 -35.25
C ALA C 772 -0.18 40.37 -35.87
N SER C 773 -0.22 39.08 -36.16
CA SER C 773 -1.41 38.45 -36.70
C SER C 773 -2.14 37.55 -35.73
N ILE C 774 -1.48 37.13 -34.63
CA ILE C 774 -2.23 36.59 -33.50
C ILE C 774 -2.48 37.64 -32.45
N ALA C 775 -2.11 38.89 -32.70
CA ALA C 775 -2.79 39.95 -32.00
C ALA C 775 -4.24 39.98 -32.40
N GLN C 776 -4.53 39.75 -33.69
CA GLN C 776 -5.89 39.87 -34.18
C GLN C 776 -6.76 38.71 -33.74
N ILE C 777 -6.25 37.48 -33.72
CA ILE C 777 -7.11 36.38 -33.29
C ILE C 777 -7.18 36.29 -31.78
N GLN C 778 -6.32 36.99 -31.06
CA GLN C 778 -6.52 37.19 -29.63
C GLN C 778 -7.34 38.42 -29.33
N LEU C 779 -7.56 39.28 -30.32
CA LEU C 779 -8.44 40.43 -30.14
C LEU C 779 -9.84 40.16 -30.61
N LYS C 780 -10.02 39.28 -31.59
CA LYS C 780 -11.37 38.82 -31.90
C LYS C 780 -11.94 37.96 -30.79
N ARG C 781 -11.09 37.29 -30.04
CA ARG C 781 -11.52 36.66 -28.79
C ARG C 781 -11.93 37.70 -27.77
N LEU C 782 -11.37 38.89 -27.84
CA LEU C 782 -11.70 39.95 -26.91
C LEU C 782 -12.95 40.70 -27.31
N TYR C 783 -13.20 40.84 -28.62
CA TYR C 783 -14.40 41.52 -29.07
C TYR C 783 -15.64 40.71 -28.74
N LYS C 784 -15.54 39.38 -28.88
CA LYS C 784 -16.66 38.52 -28.50
C LYS C 784 -16.84 38.49 -26.99
N ARG C 785 -15.78 38.79 -26.23
CA ARG C 785 -15.94 38.88 -24.79
C ARG C 785 -16.67 40.13 -24.38
N LEU C 786 -16.80 41.10 -25.28
CA LEU C 786 -17.49 42.34 -25.00
C LEU C 786 -18.80 42.50 -25.73
N GLU C 787 -18.96 41.87 -26.90
CA GLU C 787 -20.27 41.81 -27.53
C GLU C 787 -21.23 40.94 -26.73
N GLU C 788 -20.71 40.04 -25.91
CA GLU C 788 -21.52 39.35 -24.91
C GLU C 788 -21.84 40.22 -23.71
N ARG C 789 -21.32 41.45 -23.67
CA ARG C 789 -21.78 42.48 -22.74
C ARG C 789 -22.47 43.63 -23.45
N GLY C 790 -22.39 43.70 -24.77
CA GLY C 790 -23.05 44.73 -25.53
C GLY C 790 -22.19 45.92 -25.87
N TYR C 791 -20.88 45.71 -25.98
CA TYR C 791 -19.93 46.78 -26.28
C TYR C 791 -19.27 46.46 -27.61
N GLU C 792 -19.06 47.47 -28.43
CA GLU C 792 -18.31 47.30 -29.66
C GLU C 792 -16.92 47.91 -29.51
N ILE C 793 -15.91 47.14 -29.85
CA ILE C 793 -14.53 47.56 -29.67
C ILE C 793 -13.86 47.65 -31.02
N HIS C 794 -13.40 48.84 -31.37
CA HIS C 794 -12.62 49.03 -32.57
C HIS C 794 -11.21 49.43 -32.17
N ILE C 795 -10.24 49.04 -32.99
CA ILE C 795 -8.84 49.35 -32.74
C ILE C 795 -8.26 49.95 -34.00
N SER C 796 -7.83 51.20 -33.90
CA SER C 796 -7.10 51.80 -34.99
C SER C 796 -5.77 51.10 -35.17
N ASP C 797 -5.33 51.00 -36.43
CA ASP C 797 -4.13 50.23 -36.76
C ASP C 797 -2.84 50.86 -36.25
N GLU C 798 -2.90 52.06 -35.69
CA GLU C 798 -1.78 52.56 -34.91
C GLU C 798 -1.65 51.79 -33.60
N ALA C 799 -2.77 51.30 -33.05
CA ALA C 799 -2.74 50.63 -31.75
C ALA C 799 -2.50 49.14 -31.86
N LEU C 800 -2.97 48.49 -32.93
CA LEU C 800 -2.59 47.11 -33.15
C LEU C 800 -1.14 47.02 -33.58
N LYS C 801 -0.60 48.10 -34.15
CA LYS C 801 0.84 48.24 -34.30
C LYS C 801 1.52 48.42 -32.95
N LEU C 802 0.80 48.93 -31.95
CA LEU C 802 1.41 49.15 -30.64
C LEU C 802 1.37 47.92 -29.76
N LEU C 803 0.34 47.07 -29.88
CA LEU C 803 0.35 45.80 -29.15
C LEU C 803 1.43 44.89 -29.68
N SER C 804 1.59 44.84 -30.99
CA SER C 804 2.54 43.94 -31.63
C SER C 804 3.99 44.38 -31.41
N GLU C 805 4.22 45.62 -31.01
CA GLU C 805 5.54 46.02 -30.57
C GLU C 805 5.77 45.68 -29.11
N ASN C 806 4.77 45.91 -28.28
CA ASN C 806 4.90 45.65 -26.85
C ASN C 806 4.72 44.19 -26.50
N GLY C 807 4.23 43.38 -27.42
CA GLY C 807 4.02 41.98 -27.12
C GLY C 807 4.90 41.05 -27.89
N TYR C 808 6.05 41.53 -28.36
CA TYR C 808 6.95 40.73 -29.17
C TYR C 808 8.31 40.63 -28.51
N ASP C 809 8.68 39.42 -28.12
CA ASP C 809 10.05 39.04 -27.80
C ASP C 809 10.17 37.54 -28.03
N PRO C 810 11.13 37.10 -28.85
CA PRO C 810 11.10 35.73 -29.37
C PRO C 810 11.42 34.67 -28.35
N VAL C 811 11.95 35.03 -27.17
CA VAL C 811 12.26 34.02 -26.18
C VAL C 811 10.99 33.51 -25.51
N TYR C 812 9.98 34.36 -25.34
CA TYR C 812 8.80 33.99 -24.60
C TYR C 812 7.60 33.68 -25.46
N GLY C 813 7.73 33.71 -26.77
CA GLY C 813 6.64 33.28 -27.62
C GLY C 813 5.54 34.32 -27.68
N ALA C 814 4.31 33.86 -27.50
CA ALA C 814 3.14 34.69 -27.67
C ALA C 814 2.29 34.82 -26.43
N ARG C 815 2.78 34.40 -25.29
CA ARG C 815 2.05 34.75 -24.09
C ARG C 815 2.27 36.20 -23.68
N PRO C 816 3.46 36.82 -23.80
CA PRO C 816 3.55 38.27 -23.58
C PRO C 816 2.77 39.12 -24.55
N LEU C 817 2.31 38.60 -25.68
CA LEU C 817 1.38 39.36 -26.49
C LEU C 817 0.02 39.46 -25.82
N LYS C 818 -0.55 38.33 -25.44
CA LYS C 818 -1.85 38.35 -24.81
C LYS C 818 -1.78 38.69 -23.35
N ARG C 819 -0.58 38.88 -22.82
CA ARG C 819 -0.38 39.54 -21.54
C ARG C 819 -0.37 41.04 -21.71
N ALA C 820 0.11 41.51 -22.86
CA ALA C 820 0.02 42.92 -23.21
C ALA C 820 -1.33 43.30 -23.77
N ILE C 821 -2.21 42.34 -24.03
CA ILE C 821 -3.60 42.68 -24.30
C ILE C 821 -4.36 42.85 -22.99
N GLN C 822 -4.10 41.99 -22.02
CA GLN C 822 -4.77 42.07 -20.75
C GLN C 822 -4.12 43.02 -19.78
N GLN C 823 -3.23 43.89 -20.25
CA GLN C 823 -2.75 44.95 -19.39
C GLN C 823 -2.62 46.28 -20.08
N GLN C 824 -2.68 46.35 -21.39
CA GLN C 824 -2.78 47.62 -22.08
C GLN C 824 -4.16 47.89 -22.65
N ILE C 825 -4.95 46.85 -22.86
CA ILE C 825 -6.31 47.02 -23.36
C ILE C 825 -7.33 46.71 -22.28
N GLU C 826 -7.34 45.49 -21.75
CA GLU C 826 -8.40 45.12 -20.84
C GLU C 826 -8.21 45.70 -19.45
N ASN C 827 -7.05 46.20 -19.14
CA ASN C 827 -6.88 46.81 -17.82
C ASN C 827 -7.42 48.23 -17.75
N PRO C 828 -7.27 49.10 -18.76
CA PRO C 828 -8.06 50.34 -18.72
C PRO C 828 -9.51 50.14 -19.05
N LEU C 829 -9.82 49.13 -19.87
CA LEU C 829 -11.20 48.94 -20.32
C LEU C 829 -12.09 48.48 -19.18
N ALA C 830 -11.57 47.61 -18.32
CA ALA C 830 -12.37 47.13 -17.21
C ALA C 830 -12.60 48.22 -16.18
N GLN C 831 -11.67 49.15 -16.06
CA GLN C 831 -11.88 50.28 -15.16
C GLN C 831 -12.90 51.23 -15.74
N GLN C 832 -12.86 51.44 -17.05
CA GLN C 832 -13.81 52.35 -17.66
C GLN C 832 -15.19 51.72 -17.81
N ILE C 833 -15.26 50.39 -17.92
CA ILE C 833 -16.56 49.73 -17.95
C ILE C 833 -17.18 49.74 -16.56
N LEU C 834 -16.36 49.57 -15.53
CA LEU C 834 -16.88 49.54 -14.17
C LEU C 834 -17.32 50.92 -13.71
N SER C 835 -16.55 51.95 -14.03
CA SER C 835 -16.86 53.29 -13.56
C SER C 835 -17.90 54.00 -14.38
N GLY C 836 -18.51 53.32 -15.35
CA GLY C 836 -19.56 53.93 -16.13
C GLY C 836 -19.08 54.96 -17.12
N GLU C 837 -17.81 54.94 -17.48
CA GLU C 837 -17.29 55.91 -18.44
C GLU C 837 -17.48 55.48 -19.87
N LEU C 838 -17.72 54.21 -20.12
CA LEU C 838 -17.94 53.70 -21.47
C LEU C 838 -19.33 53.08 -21.54
N VAL C 839 -20.22 53.76 -22.25
CA VAL C 839 -21.62 53.37 -22.40
C VAL C 839 -21.69 52.16 -23.32
N PRO C 840 -22.49 51.14 -23.00
CA PRO C 840 -22.74 50.08 -23.97
C PRO C 840 -23.59 50.61 -25.12
N GLY C 841 -23.49 49.93 -26.26
CA GLY C 841 -24.22 50.34 -27.43
C GLY C 841 -23.54 51.36 -28.30
N LYS C 842 -22.65 52.18 -27.73
CA LYS C 842 -21.78 53.03 -28.54
C LYS C 842 -20.51 52.27 -28.87
N VAL C 843 -19.78 52.77 -29.84
CA VAL C 843 -18.57 52.11 -30.29
C VAL C 843 -17.42 52.61 -29.42
N ILE C 844 -16.43 51.74 -29.21
CA ILE C 844 -15.25 52.08 -28.43
C ILE C 844 -14.05 51.92 -29.34
N ARG C 845 -13.35 53.01 -29.59
CA ARG C 845 -12.22 53.01 -30.52
C ARG C 845 -10.95 53.11 -29.70
N LEU C 846 -10.25 51.98 -29.60
CA LEU C 846 -8.97 51.95 -28.89
C LEU C 846 -7.93 52.64 -29.75
N GLU C 847 -7.74 53.93 -29.51
CA GLU C 847 -6.78 54.73 -30.26
C GLU C 847 -5.57 55.04 -29.40
N VAL C 848 -4.54 55.49 -30.05
CA VAL C 848 -3.25 55.74 -29.41
C VAL C 848 -3.23 57.14 -28.80
N ASN C 849 -2.61 57.23 -27.63
CA ASN C 849 -2.45 58.49 -26.90
C ASN C 849 -0.94 58.62 -26.73
N GLU C 850 -0.51 59.45 -25.79
CA GLU C 850 0.92 59.57 -25.54
C GLU C 850 1.50 58.28 -24.98
N ASP C 851 2.04 57.44 -25.89
CA ASP C 851 2.72 56.18 -25.59
C ASP C 851 1.80 55.21 -24.85
N ARG C 852 0.56 55.09 -25.34
CA ARG C 852 -0.43 54.29 -24.64
C ARG C 852 -1.56 53.97 -25.60
N ILE C 853 -2.39 53.00 -25.20
CA ILE C 853 -3.64 52.69 -25.88
C ILE C 853 -4.76 53.14 -24.96
N VAL C 854 -5.62 54.03 -25.45
CA VAL C 854 -6.74 54.53 -24.66
C VAL C 854 -8.04 54.25 -25.40
N ALA C 855 -9.12 54.16 -24.63
CA ALA C 855 -10.45 53.85 -25.14
C ALA C 855 -11.33 55.09 -25.02
N VAL C 856 -12.07 55.40 -26.08
CA VAL C 856 -12.87 56.63 -26.11
C VAL C 856 -14.20 56.36 -26.81
N GLN C 857 -15.12 57.29 -26.63
CA GLN C 857 -16.43 57.26 -27.26
C GLN C 857 -16.56 58.36 -28.30
N LEU D 161 -46.31 -9.41 -13.13
CA LEU D 161 -47.39 -10.00 -13.90
C LEU D 161 -48.26 -8.83 -14.33
N LYS D 162 -49.51 -8.83 -13.90
CA LYS D 162 -50.44 -7.74 -14.17
C LYS D 162 -50.49 -6.74 -13.03
N LYS D 163 -49.49 -6.78 -12.14
CA LYS D 163 -49.16 -5.70 -11.22
C LYS D 163 -48.20 -4.71 -11.85
N TYR D 164 -47.97 -4.86 -13.14
CA TYR D 164 -47.00 -4.08 -13.89
C TYR D 164 -47.65 -3.79 -15.22
N THR D 165 -48.30 -2.62 -15.29
CA THR D 165 -48.61 -1.94 -16.55
C THR D 165 -48.07 -0.51 -16.40
N ILE D 166 -46.76 -0.32 -16.65
CA ILE D 166 -46.12 0.95 -16.32
C ILE D 166 -45.88 1.70 -17.61
N ASP D 167 -46.90 2.38 -18.10
CA ASP D 167 -46.89 2.74 -19.50
C ASP D 167 -46.31 4.12 -19.67
N LEU D 168 -45.07 4.17 -20.13
CA LEU D 168 -44.41 5.40 -20.45
C LEU D 168 -44.91 6.02 -21.74
N THR D 169 -45.68 5.27 -22.52
CA THR D 169 -46.28 5.83 -23.71
C THR D 169 -47.63 6.44 -23.44
N GLU D 170 -48.32 6.03 -22.37
CA GLU D 170 -49.50 6.78 -21.98
C GLU D 170 -49.18 7.94 -21.08
N ARG D 171 -47.98 7.98 -20.48
CA ARG D 171 -47.55 9.24 -19.88
C ARG D 171 -47.23 10.24 -20.96
N ALA D 172 -46.80 9.77 -22.13
CA ALA D 172 -46.57 10.68 -23.25
C ALA D 172 -47.85 10.95 -23.99
N GLU D 173 -48.84 10.07 -23.88
CA GLU D 173 -50.13 10.33 -24.49
C GLU D 173 -50.88 11.39 -23.71
N GLN D 174 -50.79 11.36 -22.40
CA GLN D 174 -51.45 12.34 -21.56
C GLN D 174 -50.64 13.61 -21.39
N GLY D 175 -49.57 13.79 -22.14
CA GLY D 175 -48.77 14.99 -22.06
C GLY D 175 -48.00 15.15 -20.77
N LYS D 176 -47.67 14.06 -20.09
CA LYS D 176 -46.97 14.09 -18.82
C LYS D 176 -45.48 13.86 -18.97
N LEU D 177 -44.96 13.86 -20.18
CA LEU D 177 -43.54 13.79 -20.40
C LEU D 177 -43.05 15.11 -20.98
N ASP D 178 -41.84 15.48 -20.61
CA ASP D 178 -41.24 16.71 -21.09
C ASP D 178 -40.87 16.57 -22.56
N PRO D 179 -40.98 17.62 -23.36
CA PRO D 179 -40.69 17.46 -24.80
C PRO D 179 -39.20 17.34 -25.02
N VAL D 180 -38.80 16.38 -25.82
CA VAL D 180 -37.38 16.23 -26.03
C VAL D 180 -37.07 16.83 -27.39
N ILE D 181 -35.85 17.34 -27.52
CA ILE D 181 -35.46 18.19 -28.63
C ILE D 181 -34.12 17.70 -29.15
N GLY D 182 -34.08 17.32 -30.41
CA GLY D 182 -32.84 17.39 -31.14
C GLY D 182 -31.89 16.26 -30.93
N ARG D 183 -32.27 15.23 -30.19
CA ARG D 183 -31.45 14.03 -30.17
C ARG D 183 -31.94 13.05 -31.21
N ASP D 184 -32.08 13.52 -32.44
CA ASP D 184 -32.68 12.73 -33.51
C ASP D 184 -31.71 11.80 -34.17
N GLU D 185 -30.49 11.68 -33.69
CA GLU D 185 -29.55 10.69 -34.16
C GLU D 185 -29.22 9.66 -33.10
N GLU D 186 -29.58 9.91 -31.85
CA GLU D 186 -29.50 8.89 -30.82
C GLU D 186 -30.83 8.20 -30.61
N ILE D 187 -31.93 8.84 -31.01
CA ILE D 187 -33.21 8.16 -31.07
C ILE D 187 -33.28 7.28 -32.29
N ARG D 188 -32.81 7.80 -33.43
CA ARG D 188 -32.75 7.04 -34.67
C ARG D 188 -31.84 5.83 -34.54
N ARG D 189 -30.80 5.93 -33.71
CA ARG D 189 -30.04 4.74 -33.38
C ARG D 189 -30.73 3.89 -32.32
N THR D 190 -31.43 4.50 -31.36
CA THR D 190 -32.21 3.71 -30.40
C THR D 190 -33.33 2.96 -31.09
N ILE D 191 -33.95 3.55 -32.10
CA ILE D 191 -35.00 2.87 -32.85
C ILE D 191 -34.42 1.71 -33.62
N GLN D 192 -33.36 1.95 -34.37
CA GLN D 192 -32.87 0.91 -35.26
C GLN D 192 -32.07 -0.16 -34.53
N VAL D 193 -31.65 0.09 -33.30
CA VAL D 193 -31.17 -1.04 -32.51
C VAL D 193 -32.36 -1.82 -32.00
N LEU D 194 -33.49 -1.17 -31.70
CA LEU D 194 -34.66 -1.88 -31.21
C LEU D 194 -35.41 -2.64 -32.28
N GLN D 195 -34.94 -2.67 -33.51
CA GLN D 195 -35.64 -3.27 -34.62
C GLN D 195 -34.75 -4.26 -35.32
N ARG D 196 -34.09 -5.12 -34.56
CA ARG D 196 -33.28 -6.16 -35.16
C ARG D 196 -33.54 -7.47 -34.42
N ARG D 197 -33.37 -8.58 -35.11
CA ARG D 197 -34.04 -9.77 -34.59
C ARG D 197 -33.26 -10.47 -33.50
N THR D 198 -31.98 -10.20 -33.34
CA THR D 198 -31.21 -10.76 -32.24
C THR D 198 -30.64 -9.61 -31.43
N LYS D 199 -30.82 -9.66 -30.12
CA LYS D 199 -30.49 -8.65 -29.12
C LYS D 199 -30.76 -7.22 -29.56
N ASN D 200 -32.02 -6.92 -29.81
CA ASN D 200 -32.50 -5.55 -29.95
C ASN D 200 -32.64 -4.90 -28.59
N ASN D 201 -31.49 -4.54 -28.01
CA ASN D 201 -31.44 -3.94 -26.69
C ASN D 201 -30.44 -2.80 -26.71
N PRO D 202 -30.87 -1.57 -26.91
CA PRO D 202 -29.95 -0.45 -26.80
C PRO D 202 -29.69 -0.07 -25.35
N VAL D 203 -28.56 0.57 -25.12
CA VAL D 203 -28.20 1.02 -23.78
C VAL D 203 -27.74 2.48 -23.87
N LEU D 204 -28.67 3.42 -23.66
CA LEU D 204 -28.30 4.81 -23.74
C LEU D 204 -27.28 5.11 -22.68
N ILE D 205 -26.03 5.11 -23.07
CA ILE D 205 -24.94 5.22 -22.13
C ILE D 205 -24.38 6.62 -22.30
N GLY D 206 -23.75 7.13 -21.26
CA GLY D 206 -23.29 8.50 -21.28
C GLY D 206 -23.29 9.03 -19.86
N GLU D 207 -22.77 10.24 -19.73
CA GLU D 207 -22.57 10.86 -18.44
C GLU D 207 -23.91 11.18 -17.77
N PRO D 208 -23.93 11.41 -16.46
CA PRO D 208 -25.18 11.81 -15.83
C PRO D 208 -25.65 13.17 -16.29
N GLY D 209 -26.96 13.32 -16.38
CA GLY D 209 -27.56 14.58 -16.74
C GLY D 209 -27.61 14.86 -18.20
N VAL D 210 -27.15 13.94 -19.02
CA VAL D 210 -26.89 14.20 -20.42
C VAL D 210 -28.18 14.18 -21.24
N GLY D 211 -29.12 13.32 -20.88
CA GLY D 211 -30.33 13.27 -21.66
C GLY D 211 -30.69 11.90 -22.13
N LYS D 212 -30.30 10.87 -21.39
CA LYS D 212 -30.51 9.52 -21.85
C LYS D 212 -31.72 8.83 -21.24
N THR D 213 -32.20 9.27 -20.08
CA THR D 213 -33.56 8.91 -19.69
C THR D 213 -34.55 9.64 -20.58
N ALA D 214 -34.24 10.87 -20.97
CA ALA D 214 -35.09 11.66 -21.84
C ALA D 214 -34.79 11.46 -23.31
N ILE D 215 -34.30 10.29 -23.70
CA ILE D 215 -34.41 9.81 -25.06
C ILE D 215 -35.53 8.79 -25.19
N VAL D 216 -35.66 7.93 -24.18
CA VAL D 216 -36.78 7.01 -24.15
C VAL D 216 -38.08 7.75 -23.94
N GLU D 217 -38.04 8.89 -23.28
CA GLU D 217 -39.19 9.76 -23.26
C GLU D 217 -39.30 10.61 -24.50
N GLY D 218 -38.50 10.35 -25.53
CA GLY D 218 -38.66 10.93 -26.83
C GLY D 218 -38.90 9.85 -27.85
N LEU D 219 -38.56 8.61 -27.51
CA LEU D 219 -39.20 7.48 -28.18
C LEU D 219 -40.68 7.47 -27.88
N ALA D 220 -41.03 7.51 -26.59
CA ALA D 220 -42.41 7.46 -26.18
C ALA D 220 -43.22 8.65 -26.68
N GLN D 221 -42.59 9.78 -26.93
CA GLN D 221 -43.27 10.90 -27.54
C GLN D 221 -43.20 10.88 -29.06
N ARG D 222 -42.52 9.92 -29.64
CA ARG D 222 -42.58 9.78 -31.09
C ARG D 222 -43.42 8.61 -31.50
N ILE D 223 -43.45 7.58 -30.67
CA ILE D 223 -44.31 6.43 -30.90
C ILE D 223 -45.77 6.85 -30.76
N ILE D 224 -46.07 7.67 -29.75
CA ILE D 224 -47.42 8.16 -29.55
C ILE D 224 -47.78 9.28 -30.53
N ASN D 225 -46.80 9.84 -31.25
CA ASN D 225 -47.07 10.92 -32.19
C ASN D 225 -46.87 10.50 -33.63
N GLY D 226 -46.33 9.32 -33.89
CA GLY D 226 -46.17 8.89 -35.26
C GLY D 226 -45.08 9.58 -36.03
N GLU D 227 -43.95 9.87 -35.39
CA GLU D 227 -42.74 10.30 -36.08
C GLU D 227 -41.73 9.17 -36.17
N VAL D 228 -42.15 7.94 -35.88
CA VAL D 228 -41.30 6.77 -35.90
C VAL D 228 -41.41 6.11 -37.27
N PRO D 229 -40.60 5.10 -37.58
CA PRO D 229 -40.90 4.25 -38.74
C PRO D 229 -42.22 3.54 -38.57
N GLU D 230 -42.80 3.15 -39.69
CA GLU D 230 -44.10 2.50 -39.66
C GLU D 230 -44.03 1.01 -39.34
N GLY D 231 -42.91 0.53 -38.81
CA GLY D 231 -42.85 -0.78 -38.21
C GLY D 231 -42.74 -0.63 -36.71
N LEU D 232 -42.50 0.59 -36.27
CA LEU D 232 -42.46 0.93 -34.86
C LEU D 232 -43.67 1.74 -34.43
N LYS D 233 -44.60 1.97 -35.34
CA LYS D 233 -45.79 2.74 -35.00
C LYS D 233 -46.67 1.96 -34.06
N GLY D 234 -47.25 2.66 -33.08
CA GLY D 234 -48.16 2.02 -32.16
C GLY D 234 -47.51 1.02 -31.22
N ARG D 235 -46.28 1.26 -30.81
CA ARG D 235 -45.66 0.41 -29.81
C ARG D 235 -46.07 0.84 -28.42
N ARG D 236 -45.46 0.25 -27.42
CA ARG D 236 -45.69 0.62 -26.04
C ARG D 236 -44.36 0.64 -25.34
N VAL D 237 -43.94 1.80 -24.84
CA VAL D 237 -42.73 1.88 -24.06
C VAL D 237 -43.12 1.73 -22.60
N LEU D 238 -42.54 0.74 -21.93
CA LEU D 238 -42.93 0.38 -20.58
C LEU D 238 -41.72 0.49 -19.68
N ALA D 239 -41.79 1.32 -18.66
CA ALA D 239 -40.64 1.57 -17.81
C ALA D 239 -40.61 0.54 -16.70
N LEU D 240 -39.77 -0.47 -16.83
CA LEU D 240 -39.69 -1.53 -15.83
C LEU D 240 -38.96 -1.00 -14.60
N ASP D 241 -39.62 -1.11 -13.45
CA ASP D 241 -39.04 -0.69 -12.18
C ASP D 241 -38.39 -1.87 -11.51
N MET D 242 -37.07 -1.79 -11.27
CA MET D 242 -36.38 -2.81 -10.52
C MET D 242 -36.90 -2.87 -9.10
N GLY D 243 -37.17 -1.71 -8.52
CA GLY D 243 -37.60 -1.67 -7.14
C GLY D 243 -38.95 -2.31 -6.94
N ALA D 244 -39.85 -2.14 -7.91
CA ALA D 244 -41.17 -2.74 -7.80
C ALA D 244 -41.15 -4.23 -8.06
N LEU D 245 -40.13 -4.75 -8.74
CA LEU D 245 -40.04 -6.19 -8.93
C LEU D 245 -39.41 -6.89 -7.75
N VAL D 246 -38.57 -6.19 -6.98
CA VAL D 246 -37.95 -6.84 -5.83
C VAL D 246 -38.73 -6.55 -4.55
N ALA D 247 -39.55 -5.49 -4.52
CA ALA D 247 -40.30 -5.13 -3.33
C ALA D 247 -41.28 -6.22 -2.92
N GLY D 248 -41.19 -6.63 -1.67
CA GLY D 248 -42.10 -7.63 -1.16
C GLY D 248 -41.84 -9.04 -1.64
N ALA D 249 -40.73 -9.27 -2.32
CA ALA D 249 -40.39 -10.59 -2.85
C ALA D 249 -39.60 -11.38 -1.82
N LYS D 250 -40.20 -11.46 -0.64
CA LYS D 250 -39.54 -11.98 0.55
C LYS D 250 -39.29 -13.48 0.45
N TYR D 251 -40.24 -14.22 -0.07
CA TYR D 251 -40.16 -15.67 -0.11
C TYR D 251 -39.26 -16.12 -1.24
N ARG D 252 -38.87 -17.38 -1.18
CA ARG D 252 -37.93 -17.89 -2.16
C ARG D 252 -38.63 -18.10 -3.49
N GLY D 253 -38.01 -17.64 -4.56
CA GLY D 253 -38.64 -17.76 -5.84
C GLY D 253 -39.82 -16.86 -6.06
N GLU D 254 -40.04 -15.84 -5.23
CA GLU D 254 -41.07 -14.88 -5.60
C GLU D 254 -40.59 -13.88 -6.62
N PHE D 255 -39.32 -13.51 -6.59
CA PHE D 255 -38.84 -12.58 -7.59
C PHE D 255 -38.72 -13.25 -8.94
N GLU D 256 -38.30 -14.52 -8.97
CA GLU D 256 -38.16 -15.22 -10.23
C GLU D 256 -39.49 -15.52 -10.87
N GLU D 257 -40.54 -15.78 -10.09
CA GLU D 257 -41.86 -15.92 -10.67
C GLU D 257 -42.45 -14.57 -11.02
N ARG D 258 -41.93 -13.50 -10.43
CA ARG D 258 -42.38 -12.16 -10.77
C ARG D 258 -41.74 -11.73 -12.07
N LEU D 259 -40.46 -12.03 -12.25
CA LEU D 259 -39.77 -11.65 -13.47
C LEU D 259 -40.17 -12.53 -14.64
N LYS D 260 -40.35 -13.83 -14.40
CA LYS D 260 -40.86 -14.68 -15.47
C LYS D 260 -42.30 -14.34 -15.79
N GLY D 261 -43.07 -13.94 -14.80
CA GLY D 261 -44.41 -13.45 -15.08
C GLY D 261 -44.44 -12.10 -15.75
N VAL D 262 -43.32 -11.40 -15.79
CA VAL D 262 -43.18 -10.24 -16.68
C VAL D 262 -42.74 -10.68 -18.06
N LEU D 263 -41.75 -11.57 -18.13
CA LEU D 263 -41.24 -12.05 -19.41
C LEU D 263 -42.29 -12.83 -20.19
N ASN D 264 -43.25 -13.45 -19.50
CA ASN D 264 -44.29 -14.19 -20.19
C ASN D 264 -45.25 -13.24 -20.88
N ASP D 265 -45.75 -12.22 -20.17
CA ASP D 265 -46.70 -11.31 -20.79
C ASP D 265 -46.03 -10.11 -21.41
N LEU D 266 -44.71 -10.13 -21.57
CA LEU D 266 -44.11 -9.33 -22.61
C LEU D 266 -44.15 -10.06 -23.93
N ALA D 267 -44.10 -11.39 -23.88
CA ALA D 267 -44.16 -12.20 -25.07
C ALA D 267 -45.57 -12.31 -25.63
N LYS D 268 -46.59 -12.00 -24.83
CA LYS D 268 -47.95 -12.11 -25.32
C LYS D 268 -48.32 -11.00 -26.28
N GLN D 269 -47.64 -9.87 -26.24
CA GLN D 269 -47.89 -8.84 -27.24
C GLN D 269 -47.19 -9.15 -28.56
N GLU D 270 -46.34 -10.16 -28.58
CA GLU D 270 -45.51 -10.54 -29.72
C GLU D 270 -44.68 -9.36 -30.20
N GLY D 271 -43.84 -8.87 -29.31
CA GLY D 271 -42.90 -7.82 -29.65
C GLY D 271 -43.53 -6.49 -29.94
N ASN D 272 -44.58 -6.14 -29.22
CA ASN D 272 -45.19 -4.82 -29.33
C ASN D 272 -45.09 -4.07 -28.02
N VAL D 273 -44.08 -4.38 -27.22
CA VAL D 273 -43.78 -3.66 -25.99
C VAL D 273 -42.28 -3.43 -25.97
N ILE D 274 -41.88 -2.17 -25.91
CA ILE D 274 -40.49 -1.78 -25.77
C ILE D 274 -40.24 -1.60 -24.28
N LEU D 275 -39.49 -2.49 -23.67
CA LEU D 275 -39.25 -2.35 -22.25
C LEU D 275 -38.17 -1.32 -22.03
N PHE D 276 -38.28 -0.58 -20.94
CA PHE D 276 -37.31 0.45 -20.60
C PHE D 276 -36.83 0.16 -19.20
N ILE D 277 -35.63 -0.39 -19.09
CA ILE D 277 -35.04 -0.54 -17.77
C ILE D 277 -34.17 0.67 -17.53
N ASP D 278 -34.74 1.69 -16.92
CA ASP D 278 -33.98 2.85 -16.49
C ASP D 278 -33.09 2.44 -15.34
N GLU D 279 -31.86 2.96 -15.32
CA GLU D 279 -30.80 2.52 -14.42
C GLU D 279 -30.63 1.01 -14.51
N LEU D 280 -30.15 0.62 -15.69
CA LEU D 280 -30.11 -0.78 -16.10
C LEU D 280 -29.26 -1.62 -15.19
N HIS D 281 -28.18 -1.06 -14.65
CA HIS D 281 -27.23 -1.76 -13.79
C HIS D 281 -27.85 -2.29 -12.50
N THR D 282 -29.07 -1.93 -12.17
CA THR D 282 -29.79 -2.56 -11.09
C THR D 282 -30.42 -3.88 -11.49
N MET D 283 -30.26 -4.32 -12.73
CA MET D 283 -30.68 -5.64 -13.15
C MET D 283 -29.53 -6.62 -13.07
N ALA D 295 -30.16 -8.03 -8.64
CA ALA D 295 -31.35 -8.83 -8.90
C ALA D 295 -31.92 -8.50 -10.27
N GLY D 296 -32.34 -9.53 -11.02
CA GLY D 296 -32.59 -9.46 -12.45
C GLY D 296 -31.73 -10.46 -13.20
N ASN D 297 -31.54 -11.61 -12.60
CA ASN D 297 -30.50 -12.56 -12.96
C ASN D 297 -30.76 -13.31 -14.27
N MET D 298 -32.01 -13.31 -14.75
CA MET D 298 -32.51 -14.40 -15.58
C MET D 298 -33.03 -13.91 -16.92
N LEU D 299 -32.95 -12.61 -17.20
CA LEU D 299 -33.34 -12.07 -18.49
C LEU D 299 -32.32 -12.36 -19.57
N LYS D 300 -31.15 -12.87 -19.19
CA LYS D 300 -30.01 -13.08 -20.06
C LYS D 300 -30.26 -13.95 -21.30
N PRO D 301 -31.06 -15.02 -21.26
CA PRO D 301 -31.38 -15.68 -22.54
C PRO D 301 -32.42 -14.94 -23.34
N ALA D 302 -33.40 -14.32 -22.70
CA ALA D 302 -34.45 -13.64 -23.42
C ALA D 302 -33.99 -12.31 -23.99
N LEU D 303 -32.94 -11.72 -23.43
CA LEU D 303 -32.36 -10.53 -24.01
C LEU D 303 -31.62 -10.84 -25.29
N ALA D 304 -31.11 -12.06 -25.42
CA ALA D 304 -30.29 -12.42 -26.56
C ALA D 304 -31.11 -12.75 -27.79
N ARG D 305 -32.30 -13.30 -27.62
CA ARG D 305 -33.10 -13.70 -28.76
C ARG D 305 -33.95 -12.57 -29.29
N GLY D 306 -33.96 -11.42 -28.64
CA GLY D 306 -34.90 -10.39 -29.05
C GLY D 306 -36.29 -10.63 -28.54
N GLU D 307 -36.42 -11.22 -27.36
CA GLU D 307 -37.75 -11.52 -26.83
C GLU D 307 -38.26 -10.38 -25.97
N LEU D 308 -37.37 -9.58 -25.42
CA LEU D 308 -37.72 -8.29 -24.86
C LEU D 308 -36.89 -7.20 -25.52
N HIS D 309 -37.55 -6.11 -25.86
CA HIS D 309 -36.94 -4.99 -26.54
C HIS D 309 -36.60 -4.01 -25.43
N CYS D 310 -35.36 -3.99 -25.01
CA CYS D 310 -35.03 -3.51 -23.68
C CYS D 310 -34.07 -2.34 -23.75
N VAL D 311 -34.61 -1.13 -23.80
CA VAL D 311 -33.78 0.07 -23.80
C VAL D 311 -33.27 0.25 -22.38
N GLY D 312 -32.04 -0.11 -22.12
CA GLY D 312 -31.45 0.28 -20.88
C GLY D 312 -30.99 1.70 -20.95
N ALA D 313 -30.80 2.33 -19.81
CA ALA D 313 -30.20 3.66 -19.84
C ALA D 313 -29.40 3.80 -18.55
N THR D 314 -28.16 3.39 -18.59
CA THR D 314 -27.29 3.48 -17.44
C THR D 314 -26.17 4.46 -17.75
N THR D 315 -25.50 4.93 -16.71
CA THR D 315 -24.49 5.94 -16.93
C THR D 315 -23.23 5.27 -17.44
N LEU D 316 -22.20 6.05 -17.62
CA LEU D 316 -21.00 5.57 -18.27
C LEU D 316 -20.06 4.91 -17.29
N ASP D 317 -20.23 5.20 -16.00
CA ASP D 317 -19.46 4.62 -14.92
C ASP D 317 -20.22 3.55 -14.17
N GLU D 318 -21.54 3.51 -14.29
CA GLU D 318 -22.31 2.46 -13.65
C GLU D 318 -22.50 1.28 -14.56
N TYR D 319 -22.33 1.47 -15.86
CA TYR D 319 -22.20 0.35 -16.76
C TYR D 319 -20.85 -0.31 -16.61
N ARG D 320 -19.86 0.45 -16.19
CA ARG D 320 -18.52 -0.13 -16.06
C ARG D 320 -18.44 -1.03 -14.85
N GLN D 321 -19.09 -0.66 -13.77
CA GLN D 321 -18.86 -1.38 -12.53
C GLN D 321 -20.00 -2.29 -12.14
N TYR D 322 -21.05 -2.40 -12.94
CA TYR D 322 -21.91 -3.58 -12.86
C TYR D 322 -21.96 -4.36 -14.16
N ILE D 323 -22.37 -3.73 -15.26
CA ILE D 323 -22.72 -4.50 -16.44
C ILE D 323 -21.49 -4.95 -17.22
N GLU D 324 -20.40 -4.20 -17.14
CA GLU D 324 -19.15 -4.63 -17.71
C GLU D 324 -18.53 -5.77 -16.92
N LYS D 325 -18.92 -5.94 -15.66
CA LYS D 325 -18.47 -7.08 -14.88
C LYS D 325 -19.14 -8.38 -15.31
N ASP D 326 -20.37 -8.31 -15.80
CA ASP D 326 -21.08 -9.47 -16.32
C ASP D 326 -20.86 -9.47 -17.82
N ALA D 327 -19.74 -10.07 -18.25
CA ALA D 327 -19.32 -9.98 -19.63
C ALA D 327 -20.21 -10.78 -20.57
N ALA D 328 -21.02 -11.69 -20.02
CA ALA D 328 -22.05 -12.34 -20.81
C ALA D 328 -23.31 -11.52 -20.90
N LEU D 329 -23.44 -10.48 -20.10
CA LEU D 329 -24.62 -9.61 -20.13
C LEU D 329 -24.38 -8.35 -20.93
N GLU D 330 -23.16 -7.84 -20.95
CA GLU D 330 -22.91 -6.69 -21.79
C GLU D 330 -22.81 -7.06 -23.26
N ARG D 331 -22.77 -8.35 -23.60
CA ARG D 331 -22.89 -8.75 -24.99
C ARG D 331 -24.28 -8.43 -25.51
N ARG D 332 -25.30 -8.64 -24.67
CA ARG D 332 -26.69 -8.53 -25.08
C ARG D 332 -27.17 -7.11 -25.28
N PHE D 333 -26.32 -6.11 -25.08
CA PHE D 333 -26.71 -4.71 -25.05
C PHE D 333 -25.83 -3.91 -25.99
N GLN D 334 -26.42 -3.07 -26.82
CA GLN D 334 -25.67 -2.20 -27.72
C GLN D 334 -25.64 -0.80 -27.16
N LYS D 335 -24.46 -0.33 -26.80
CA LYS D 335 -24.32 1.00 -26.24
C LYS D 335 -24.58 2.01 -27.33
N VAL D 336 -25.56 2.88 -27.11
CA VAL D 336 -26.01 3.80 -28.16
C VAL D 336 -25.66 5.20 -27.70
N PHE D 337 -24.41 5.33 -27.21
CA PHE D 337 -23.78 6.38 -26.41
C PHE D 337 -24.37 7.77 -26.60
N VAL D 338 -24.77 8.38 -25.50
CA VAL D 338 -25.49 9.64 -25.52
C VAL D 338 -24.50 10.70 -25.10
N ALA D 339 -24.03 11.48 -26.07
CA ALA D 339 -23.01 12.46 -25.78
C ALA D 339 -23.64 13.70 -25.18
N GLU D 340 -22.86 14.40 -24.39
CA GLU D 340 -23.32 15.64 -23.81
C GLU D 340 -23.40 16.71 -24.88
N PRO D 341 -24.52 17.40 -25.02
CA PRO D 341 -24.68 18.32 -26.14
C PRO D 341 -23.91 19.59 -25.90
N SER D 342 -23.80 20.39 -26.96
CA SER D 342 -23.00 21.60 -26.93
C SER D 342 -23.78 22.71 -26.24
N VAL D 343 -23.25 23.92 -26.27
CA VAL D 343 -24.05 25.06 -25.82
C VAL D 343 -25.12 25.36 -26.84
N GLU D 344 -24.79 25.27 -28.13
CA GLU D 344 -25.77 25.57 -29.17
C GLU D 344 -26.86 24.53 -29.25
N ASP D 345 -26.58 23.29 -28.84
CA ASP D 345 -27.61 22.27 -28.77
C ASP D 345 -28.38 22.32 -27.47
N THR D 346 -27.87 23.01 -26.45
CA THR D 346 -28.58 23.15 -25.21
C THR D 346 -29.51 24.35 -25.23
N ILE D 347 -29.17 25.38 -25.98
CA ILE D 347 -30.09 26.50 -26.13
C ILE D 347 -31.33 26.06 -26.88
N ALA D 348 -31.16 25.19 -27.88
CA ALA D 348 -32.30 24.63 -28.58
C ALA D 348 -33.07 23.64 -27.72
N ILE D 349 -32.38 22.93 -26.82
CA ILE D 349 -33.06 22.10 -25.83
C ILE D 349 -33.83 22.97 -24.86
N LEU D 350 -33.28 24.12 -24.52
CA LEU D 350 -33.91 24.98 -23.54
C LEU D 350 -35.02 25.82 -24.14
N ARG D 351 -34.93 26.14 -25.43
CA ARG D 351 -35.99 26.91 -26.04
C ARG D 351 -37.25 26.09 -26.22
N GLY D 352 -37.11 24.76 -26.27
CA GLY D 352 -38.25 23.89 -26.34
C GLY D 352 -38.71 23.35 -25.02
N LEU D 353 -38.03 23.69 -23.93
CA LEU D 353 -38.45 23.27 -22.60
C LEU D 353 -38.99 24.39 -21.75
N LYS D 354 -38.85 25.64 -22.15
CA LYS D 354 -39.19 26.73 -21.26
C LYS D 354 -40.69 26.85 -21.02
N GLU D 355 -41.51 26.33 -21.93
CA GLU D 355 -42.94 26.36 -21.68
C GLU D 355 -43.36 25.35 -20.61
N ARG D 356 -42.49 24.45 -20.22
CA ARG D 356 -42.76 23.63 -19.05
C ARG D 356 -42.40 24.35 -17.76
N TYR D 357 -41.45 25.28 -17.83
CA TYR D 357 -41.04 26.03 -16.65
C TYR D 357 -41.65 27.42 -16.61
N GLU D 358 -42.11 27.94 -17.74
CA GLU D 358 -42.92 29.14 -17.69
C GLU D 358 -44.30 28.84 -17.14
N LEU D 359 -44.71 27.58 -17.14
CA LEU D 359 -46.04 27.17 -16.71
C LEU D 359 -46.04 26.53 -15.34
N HIS D 360 -44.92 26.02 -14.86
CA HIS D 360 -44.90 25.54 -13.50
C HIS D 360 -44.67 26.67 -12.52
N HIS D 361 -43.92 27.67 -12.91
CA HIS D 361 -43.59 28.78 -12.03
C HIS D 361 -44.40 30.01 -12.32
N HIS D 362 -45.16 30.02 -13.42
CA HIS D 362 -45.91 31.17 -13.91
C HIS D 362 -45.03 32.39 -14.07
N VAL D 363 -43.97 32.23 -14.87
CA VAL D 363 -43.00 33.29 -15.10
C VAL D 363 -42.80 33.47 -16.60
N GLN D 364 -41.82 34.28 -16.99
CA GLN D 364 -41.51 34.55 -18.38
C GLN D 364 -40.01 34.34 -18.55
N ILE D 365 -39.61 33.15 -18.96
CA ILE D 365 -38.21 32.89 -19.22
C ILE D 365 -37.87 33.48 -20.58
N THR D 366 -37.17 34.60 -20.59
CA THR D 366 -36.87 35.25 -21.83
C THR D 366 -35.67 34.60 -22.51
N ASP D 367 -35.58 34.78 -23.81
CA ASP D 367 -34.48 34.17 -24.57
C ASP D 367 -33.08 34.68 -24.24
N PRO D 368 -32.87 35.91 -23.72
CA PRO D 368 -31.58 36.17 -23.07
C PRO D 368 -31.30 35.31 -21.86
N ALA D 369 -32.32 34.86 -21.13
CA ALA D 369 -32.08 34.02 -19.97
C ALA D 369 -31.93 32.56 -20.31
N ILE D 370 -31.87 32.23 -21.60
CA ILE D 370 -31.63 30.89 -22.08
C ILE D 370 -30.31 30.81 -22.82
N VAL D 371 -30.01 31.81 -23.63
CA VAL D 371 -28.69 31.91 -24.24
C VAL D 371 -27.65 32.13 -23.15
N ALA D 372 -27.96 32.92 -22.13
CA ALA D 372 -27.06 33.14 -21.01
C ALA D 372 -27.36 32.26 -19.82
N ALA D 373 -27.87 31.05 -20.04
CA ALA D 373 -27.88 30.03 -19.02
C ALA D 373 -27.29 28.74 -19.48
N ALA D 374 -27.20 28.52 -20.78
CA ALA D 374 -26.37 27.48 -21.33
C ALA D 374 -24.97 27.96 -21.63
N THR D 375 -24.75 29.27 -21.61
CA THR D 375 -23.41 29.82 -21.73
C THR D 375 -22.75 29.95 -20.37
N LEU D 376 -23.46 30.51 -19.41
CA LEU D 376 -22.90 30.70 -18.08
C LEU D 376 -22.72 29.40 -17.33
N SER D 377 -23.61 28.46 -17.47
CA SER D 377 -23.44 27.20 -16.77
C SER D 377 -22.45 26.29 -17.47
N HIS D 378 -22.24 26.49 -18.76
CA HIS D 378 -21.33 25.66 -19.52
C HIS D 378 -19.87 26.04 -19.30
N ARG D 379 -19.66 27.17 -18.62
CA ARG D 379 -18.31 27.65 -18.35
C ARG D 379 -18.01 27.69 -16.85
N TYR D 380 -19.01 28.05 -16.07
CA TYR D 380 -18.85 28.15 -14.61
C TYR D 380 -19.04 26.79 -13.93
N ILE D 381 -19.87 25.94 -14.53
CA ILE D 381 -20.12 24.62 -13.98
C ILE D 381 -19.29 23.55 -14.68
N ALA D 382 -18.57 22.76 -13.89
CA ALA D 382 -17.73 21.69 -14.43
C ALA D 382 -18.01 20.37 -13.75
N ASP D 383 -18.74 20.42 -12.63
CA ASP D 383 -19.08 19.21 -11.88
C ASP D 383 -20.28 18.50 -12.49
N ARG D 384 -21.03 19.23 -13.32
CA ARG D 384 -22.21 18.67 -13.97
C ARG D 384 -21.93 18.40 -15.45
N GLN D 385 -23.00 18.14 -16.21
CA GLN D 385 -22.87 17.85 -17.64
C GLN D 385 -22.96 19.14 -18.46
N LEU D 386 -24.10 19.32 -19.13
CA LEU D 386 -24.32 20.50 -19.94
C LEU D 386 -25.80 20.85 -20.01
N PRO D 387 -26.64 19.85 -20.32
CA PRO D 387 -28.09 20.01 -20.43
C PRO D 387 -28.76 19.98 -19.07
N ASP D 388 -28.02 19.57 -18.05
CA ASP D 388 -28.56 19.46 -16.69
C ASP D 388 -28.21 20.69 -15.87
N LYS D 389 -27.30 21.52 -16.39
CA LYS D 389 -26.88 22.73 -15.69
C LYS D 389 -27.71 23.93 -16.13
N ALA D 390 -27.79 24.14 -17.44
CA ALA D 390 -28.55 25.25 -18.00
C ALA D 390 -30.03 25.12 -17.67
N ILE D 391 -30.54 23.89 -17.77
CA ILE D 391 -31.94 23.62 -17.49
C ILE D 391 -32.28 23.89 -16.02
N ASP D 392 -31.34 23.54 -15.14
CA ASP D 392 -31.53 23.74 -13.71
C ASP D 392 -31.54 25.23 -13.36
N LEU D 393 -30.52 25.95 -13.83
CA LEU D 393 -30.40 27.38 -13.57
C LEU D 393 -31.71 28.10 -13.85
N ILE D 394 -32.34 27.77 -14.97
CA ILE D 394 -33.62 28.36 -15.34
C ILE D 394 -34.73 27.83 -14.47
N ASP D 395 -34.62 26.58 -14.03
CA ASP D 395 -35.56 26.05 -13.07
C ASP D 395 -35.45 26.73 -11.73
N GLU D 396 -34.26 27.20 -11.38
CA GLU D 396 -34.05 27.84 -10.09
C GLU D 396 -34.20 29.34 -10.16
N ALA D 397 -33.90 29.95 -11.29
CA ALA D 397 -34.17 31.36 -11.43
C ALA D 397 -35.67 31.62 -11.49
N ALA D 398 -36.42 30.69 -12.05
CA ALA D 398 -37.87 30.84 -12.09
C ALA D 398 -38.49 30.61 -10.75
N SER D 399 -37.96 29.68 -9.96
CA SER D 399 -38.47 29.49 -8.62
C SER D 399 -38.00 30.58 -7.68
N SER D 400 -37.02 31.39 -8.08
CA SER D 400 -36.65 32.57 -7.32
C SER D 400 -37.52 33.75 -7.69
N ILE D 401 -37.91 33.85 -8.97
CA ILE D 401 -38.76 34.95 -9.41
C ILE D 401 -40.15 34.79 -8.85
N ARG D 402 -40.71 33.58 -8.92
CA ARG D 402 -42.00 33.27 -8.31
C ARG D 402 -41.98 33.46 -6.80
N MET D 403 -40.81 33.26 -6.18
CA MET D 403 -40.65 33.62 -4.77
C MET D 403 -40.76 35.11 -4.56
N GLN D 404 -40.15 35.90 -5.43
CA GLN D 404 -40.21 37.35 -5.32
C GLN D 404 -41.49 37.92 -5.90
N ILE D 405 -42.21 37.16 -6.70
CA ILE D 405 -43.56 37.56 -7.10
C ILE D 405 -44.49 37.48 -5.91
N ASP D 406 -44.39 36.40 -5.14
CA ASP D 406 -45.33 36.15 -4.05
C ASP D 406 -44.93 36.87 -2.77
N SER D 407 -43.74 36.60 -2.26
CA SER D 407 -43.37 36.99 -0.90
C SER D 407 -43.17 38.50 -0.79
N LYS D 408 -43.33 39.00 0.43
CA LYS D 408 -43.22 40.42 0.71
C LYS D 408 -42.06 40.69 1.67
N ARG D 525 -42.71 45.27 -13.81
CA ARG D 525 -42.54 46.58 -13.19
C ARG D 525 -41.30 46.62 -12.31
N LEU D 526 -41.47 47.00 -11.04
CA LEU D 526 -40.37 46.92 -10.09
C LEU D 526 -40.06 45.47 -9.74
N LEU D 527 -41.07 44.63 -9.67
CA LEU D 527 -40.91 43.20 -9.54
C LEU D 527 -40.77 42.58 -10.92
N ARG D 528 -40.16 41.40 -10.96
CA ARG D 528 -40.03 40.67 -12.21
C ARG D 528 -41.11 39.61 -12.28
N ASN D 529 -41.89 39.62 -13.36
CA ASN D 529 -42.63 38.45 -13.79
C ASN D 529 -41.80 37.59 -14.72
N LYS D 530 -40.52 37.91 -14.85
CA LYS D 530 -39.75 37.55 -16.02
C LYS D 530 -38.34 37.15 -15.59
N VAL D 531 -37.97 35.91 -15.89
CA VAL D 531 -36.59 35.44 -15.69
C VAL D 531 -35.75 36.07 -16.77
N THR D 532 -34.85 36.95 -16.39
CA THR D 532 -33.99 37.57 -17.37
C THR D 532 -32.57 37.10 -17.16
N ASP D 533 -31.66 37.55 -18.04
CA ASP D 533 -30.30 37.05 -18.02
C ASP D 533 -29.52 37.47 -16.79
N ALA D 534 -29.96 38.53 -16.12
CA ALA D 534 -29.37 38.91 -14.85
C ALA D 534 -29.84 38.03 -13.71
N GLU D 535 -31.03 37.46 -13.81
CA GLU D 535 -31.55 36.56 -12.78
C GLU D 535 -30.91 35.19 -12.85
N ILE D 536 -30.40 34.80 -14.01
CA ILE D 536 -29.64 33.57 -14.14
C ILE D 536 -28.30 33.71 -13.42
N ALA D 537 -27.65 34.86 -13.62
CA ALA D 537 -26.34 35.09 -13.02
C ALA D 537 -26.44 35.25 -11.52
N GLU D 538 -27.57 35.71 -11.02
CA GLU D 538 -27.75 35.74 -9.58
C GLU D 538 -27.90 34.36 -8.99
N VAL D 539 -28.35 33.40 -9.79
CA VAL D 539 -28.52 32.02 -9.32
C VAL D 539 -27.20 31.27 -9.36
N LEU D 540 -26.24 31.82 -10.10
CA LEU D 540 -24.92 31.20 -10.23
C LEU D 540 -23.92 31.90 -9.33
N ALA D 541 -24.19 33.15 -8.99
CA ALA D 541 -23.31 33.93 -8.13
C ALA D 541 -23.24 33.33 -6.73
N ARG D 542 -24.38 32.85 -6.24
CA ARG D 542 -24.46 32.26 -4.92
C ARG D 542 -24.47 30.74 -5.02
N TRP D 543 -23.73 30.21 -5.98
CA TRP D 543 -23.67 28.77 -6.20
C TRP D 543 -22.26 28.32 -6.59
N THR D 544 -21.43 29.29 -6.96
CA THR D 544 -20.08 28.99 -7.42
C THR D 544 -19.09 30.12 -7.08
N GLY D 545 -19.60 31.17 -6.46
CA GLY D 545 -18.76 32.29 -6.10
C GLY D 545 -19.15 33.67 -6.59
N ILE D 546 -18.96 33.98 -7.87
CA ILE D 546 -19.17 35.34 -8.39
C ILE D 546 -19.90 35.34 -9.72
N PRO D 547 -20.91 36.23 -9.92
CA PRO D 547 -21.69 36.23 -11.15
C PRO D 547 -20.97 36.93 -12.26
N VAL D 548 -21.72 37.25 -13.30
CA VAL D 548 -21.29 38.25 -14.26
C VAL D 548 -21.97 39.60 -14.07
N SER D 549 -23.11 39.69 -13.36
CA SER D 549 -23.97 40.86 -13.50
C SER D 549 -24.52 41.48 -12.20
N ARG D 550 -24.10 41.02 -11.01
CA ARG D 550 -24.65 41.58 -9.78
C ARG D 550 -23.98 42.88 -9.34
N MET D 551 -23.31 43.60 -10.22
CA MET D 551 -22.31 44.56 -9.76
C MET D 551 -22.81 45.99 -9.71
N MET D 552 -23.97 46.28 -10.30
CA MET D 552 -24.28 47.64 -10.74
C MET D 552 -24.62 48.64 -9.62
N GLU D 553 -24.49 48.30 -8.33
CA GLU D 553 -25.05 49.18 -7.30
C GLU D 553 -24.00 49.80 -6.39
N SER D 554 -23.27 49.01 -5.61
CA SER D 554 -22.29 49.49 -4.65
C SER D 554 -21.03 48.64 -4.63
N GLU D 555 -21.08 47.44 -5.20
CA GLU D 555 -19.88 46.65 -5.40
C GLU D 555 -19.01 47.28 -6.46
N ARG D 556 -19.60 47.90 -7.47
CA ARG D 556 -18.78 48.57 -8.47
C ARG D 556 -18.21 49.86 -7.94
N GLU D 557 -18.81 50.41 -6.88
CA GLU D 557 -18.19 51.55 -6.21
C GLU D 557 -16.96 51.11 -5.44
N LYS D 558 -17.03 49.97 -4.77
CA LYS D 558 -15.91 49.49 -3.99
C LYS D 558 -14.95 48.64 -4.79
N LEU D 559 -15.13 48.52 -6.09
CA LEU D 559 -14.09 48.00 -6.96
C LEU D 559 -13.22 49.09 -7.52
N LEU D 560 -13.76 50.27 -7.75
CA LEU D 560 -12.92 51.40 -8.10
C LEU D 560 -12.19 51.94 -6.89
N ARG D 561 -12.74 51.71 -5.71
CA ARG D 561 -12.08 51.98 -4.45
C ARG D 561 -11.25 50.81 -3.97
N MET D 562 -10.74 49.97 -4.87
CA MET D 562 -9.99 48.81 -4.40
C MET D 562 -8.61 49.20 -3.94
N GLU D 563 -7.91 50.03 -4.71
CA GLU D 563 -6.59 50.48 -4.31
C GLU D 563 -6.62 51.39 -3.10
N GLN D 564 -7.75 51.99 -2.78
CA GLN D 564 -7.89 52.60 -1.48
C GLN D 564 -8.17 51.58 -0.41
N GLU D 565 -8.90 50.53 -0.75
CA GLU D 565 -9.22 49.51 0.23
C GLU D 565 -8.06 48.58 0.48
N LEU D 566 -7.22 48.34 -0.52
CA LEU D 566 -6.05 47.50 -0.31
C LEU D 566 -4.93 48.27 0.34
N HIS D 567 -4.86 49.58 0.15
CA HIS D 567 -3.83 50.38 0.81
C HIS D 567 -4.18 50.73 2.24
N HIS D 568 -5.35 50.32 2.73
CA HIS D 568 -5.66 50.48 4.14
C HIS D 568 -4.92 49.48 4.98
N ARG D 569 -4.41 48.41 4.37
CA ARG D 569 -3.65 47.39 5.05
C ARG D 569 -2.30 47.14 4.43
N VAL D 570 -2.08 47.50 3.18
CA VAL D 570 -0.80 47.36 2.51
C VAL D 570 -0.40 48.76 2.07
N ILE D 571 0.31 49.49 2.89
CA ILE D 571 0.77 50.76 2.38
C ILE D 571 2.04 50.52 1.57
N GLY D 572 2.32 51.46 0.70
CA GLY D 572 3.34 51.26 -0.29
C GLY D 572 2.86 50.27 -1.33
N GLN D 573 3.76 49.99 -2.27
CA GLN D 573 3.55 49.04 -3.36
C GLN D 573 2.28 49.33 -4.13
N ASN D 574 2.24 50.53 -4.71
CA ASN D 574 1.15 50.85 -5.62
C ASN D 574 1.20 49.96 -6.84
N GLU D 575 2.40 49.64 -7.32
CA GLU D 575 2.56 48.79 -8.48
C GLU D 575 2.11 47.36 -8.23
N ALA D 576 2.02 46.95 -6.98
CA ALA D 576 1.50 45.64 -6.60
C ALA D 576 0.00 45.67 -6.37
N VAL D 577 -0.48 46.72 -5.74
CA VAL D 577 -1.90 46.87 -5.50
C VAL D 577 -2.63 47.21 -6.81
N ASP D 578 -2.00 47.99 -7.69
CA ASP D 578 -2.60 48.21 -9.00
C ASP D 578 -2.58 46.95 -9.84
N ALA D 579 -1.54 46.14 -9.78
CA ALA D 579 -1.52 44.94 -10.60
C ALA D 579 -2.44 43.87 -10.06
N VAL D 580 -2.79 43.94 -8.78
CA VAL D 580 -3.75 43.01 -8.23
C VAL D 580 -5.16 43.47 -8.53
N SER D 581 -5.44 44.75 -8.28
CA SER D 581 -6.78 45.27 -8.43
C SER D 581 -7.22 45.36 -9.88
N ASN D 582 -6.28 45.45 -10.82
CA ASN D 582 -6.67 45.40 -12.22
C ASN D 582 -7.20 44.03 -12.59
N ALA D 583 -6.64 42.97 -12.01
CA ALA D 583 -7.10 41.64 -12.35
C ALA D 583 -8.44 41.34 -11.72
N ILE D 584 -8.76 41.96 -10.61
CA ILE D 584 -10.09 41.75 -10.05
C ILE D 584 -11.09 42.61 -10.80
N ARG D 585 -10.67 43.74 -11.34
CA ARG D 585 -11.55 44.50 -12.20
C ARG D 585 -11.72 43.86 -13.56
N ARG D 586 -10.67 43.23 -14.09
CA ARG D 586 -10.76 42.55 -15.37
C ARG D 586 -11.73 41.40 -15.35
N SER D 587 -11.93 40.76 -14.21
CA SER D 587 -12.88 39.68 -14.11
C SER D 587 -14.29 40.16 -13.88
N ARG D 588 -14.49 41.18 -13.05
CA ARG D 588 -15.84 41.69 -12.80
C ARG D 588 -16.41 42.42 -13.99
N ALA D 589 -15.57 42.93 -14.88
CA ALA D 589 -16.06 43.46 -16.14
C ALA D 589 -16.27 42.39 -17.17
N GLY D 590 -16.01 41.13 -16.85
CA GLY D 590 -16.12 40.07 -17.82
C GLY D 590 -15.03 40.07 -18.85
N LEU D 591 -13.98 40.85 -18.65
CA LEU D 591 -12.90 41.02 -19.60
C LEU D 591 -11.82 39.97 -19.45
N ALA D 592 -11.87 39.14 -18.41
CA ALA D 592 -10.80 38.20 -18.17
C ALA D 592 -10.85 37.07 -19.17
N ASP D 593 -9.67 36.60 -19.58
CA ASP D 593 -9.48 35.43 -20.41
C ASP D 593 -10.15 34.26 -19.73
N PRO D 594 -11.24 33.73 -20.28
CA PRO D 594 -12.03 32.73 -19.55
C PRO D 594 -11.35 31.39 -19.42
N ASN D 595 -10.22 31.16 -20.08
CA ASN D 595 -9.51 29.91 -19.96
C ASN D 595 -8.49 29.94 -18.84
N ARG D 596 -7.77 31.03 -18.69
CA ARG D 596 -6.75 31.15 -17.65
C ARG D 596 -7.39 31.53 -16.33
N PRO D 597 -6.64 31.55 -15.23
CA PRO D 597 -7.18 32.17 -14.01
C PRO D 597 -7.50 33.65 -14.12
N ILE D 598 -8.12 34.19 -13.07
CA ILE D 598 -8.43 35.60 -13.02
C ILE D 598 -7.15 36.42 -12.97
N GLY D 599 -6.21 35.98 -12.16
CA GLY D 599 -4.91 36.60 -12.14
C GLY D 599 -3.90 35.62 -11.58
N SER D 600 -2.70 35.61 -12.13
CA SER D 600 -1.64 34.76 -11.64
C SER D 600 -0.41 35.64 -11.46
N PHE D 601 -0.11 36.02 -10.22
CA PHE D 601 0.94 36.99 -9.94
C PHE D 601 2.13 36.34 -9.26
N LEU D 602 3.30 36.88 -9.52
CA LEU D 602 4.49 36.57 -8.76
C LEU D 602 4.89 37.79 -7.99
N PHE D 603 4.98 37.67 -6.68
CA PHE D 603 5.28 38.79 -5.81
C PHE D 603 6.73 38.69 -5.39
N LEU D 604 7.61 39.30 -6.16
CA LEU D 604 9.02 39.29 -5.86
C LEU D 604 9.36 40.55 -5.10
N GLY D 605 10.06 40.41 -3.99
CA GLY D 605 10.50 41.57 -3.27
C GLY D 605 11.39 41.18 -2.12
N PRO D 606 11.81 42.15 -1.34
CA PRO D 606 12.55 41.85 -0.11
C PRO D 606 11.67 41.24 0.97
N THR D 607 12.21 41.08 2.16
CA THR D 607 11.40 40.59 3.25
C THR D 607 10.67 41.76 3.87
N GLY D 608 9.53 41.47 4.49
CA GLY D 608 8.83 42.45 5.26
C GLY D 608 8.24 43.60 4.50
N VAL D 609 8.00 43.46 3.20
CA VAL D 609 7.49 44.57 2.40
C VAL D 609 6.04 44.40 2.04
N GLY D 610 5.40 43.32 2.42
CA GLY D 610 3.98 43.23 2.20
C GLY D 610 3.59 42.27 1.10
N LYS D 611 4.39 41.24 0.85
CA LYS D 611 4.06 40.35 -0.25
C LYS D 611 2.97 39.38 0.12
N THR D 612 2.96 38.90 1.35
CA THR D 612 1.83 38.13 1.85
C THR D 612 0.96 38.95 2.74
N GLU D 613 1.21 40.25 2.83
CA GLU D 613 0.22 41.15 3.39
C GLU D 613 -0.74 41.61 2.33
N LEU D 614 -0.31 41.67 1.09
CA LEU D 614 -1.23 41.97 0.02
C LEU D 614 -2.19 40.84 -0.20
N CYS D 615 -1.72 39.60 -0.11
CA CYS D 615 -2.61 38.46 -0.31
C CYS D 615 -3.52 38.24 0.89
N LYS D 616 -3.17 38.78 2.04
CA LYS D 616 -4.13 38.76 3.12
C LYS D 616 -5.06 39.94 3.06
N ALA D 617 -4.63 41.07 2.52
CA ALA D 617 -5.52 42.20 2.30
C ALA D 617 -6.34 42.04 1.05
N LEU D 618 -5.94 41.16 0.14
CA LEU D 618 -6.78 40.86 -1.01
C LEU D 618 -7.93 39.95 -0.62
N ALA D 619 -7.63 38.89 0.11
CA ALA D 619 -8.68 37.98 0.54
C ALA D 619 -9.57 38.59 1.61
N ASN D 620 -9.07 39.56 2.35
CA ASN D 620 -9.93 40.33 3.23
C ASN D 620 -10.79 41.30 2.47
N PHE D 621 -10.37 41.68 1.27
CA PHE D 621 -11.18 42.59 0.48
C PHE D 621 -12.35 41.85 -0.12
N MET D 622 -12.08 40.72 -0.75
CA MET D 622 -13.10 40.06 -1.54
C MET D 622 -13.83 38.95 -0.80
N PHE D 623 -13.27 38.44 0.30
CA PHE D 623 -13.97 37.45 1.09
C PHE D 623 -14.19 37.85 2.53
N ASP D 624 -13.75 39.05 2.93
CA ASP D 624 -13.95 39.63 4.25
C ASP D 624 -13.35 38.79 5.37
N SER D 625 -12.27 38.07 5.09
CA SER D 625 -11.45 37.47 6.13
C SER D 625 -10.04 37.25 5.58
N ASP D 626 -9.04 37.50 6.43
CA ASP D 626 -7.65 37.30 6.04
C ASP D 626 -7.37 35.84 5.75
N GLU D 627 -7.93 34.93 6.54
CA GLU D 627 -7.71 33.51 6.34
C GLU D 627 -8.77 32.90 5.43
N ALA D 628 -9.00 33.56 4.30
CA ALA D 628 -9.88 33.04 3.27
C ALA D 628 -9.12 32.73 1.99
N MET D 629 -7.81 32.82 2.01
CA MET D 629 -7.02 32.27 0.93
C MET D 629 -7.05 30.75 1.00
N VAL D 630 -6.76 30.13 -0.14
CA VAL D 630 -6.20 28.79 -0.14
C VAL D 630 -4.69 29.02 -0.04
N ARG D 631 -4.23 29.22 1.18
CA ARG D 631 -2.82 29.51 1.37
C ARG D 631 -2.07 28.23 1.64
N ILE D 632 -0.94 28.13 0.98
CA ILE D 632 -0.14 26.92 0.89
C ILE D 632 1.28 27.43 1.05
N ASP D 633 1.92 27.14 2.17
CA ASP D 633 3.32 27.52 2.23
C ASP D 633 4.09 26.55 1.38
N MET D 634 4.72 27.08 0.34
CA MET D 634 5.48 26.25 -0.57
C MET D 634 6.73 25.69 0.06
N SER D 635 7.16 26.23 1.19
CA SER D 635 8.36 25.72 1.83
C SER D 635 8.15 24.43 2.60
N GLU D 636 6.95 23.87 2.52
CA GLU D 636 6.64 22.62 3.20
C GLU D 636 6.89 21.42 2.29
N PHE D 637 6.93 21.67 0.99
CA PHE D 637 7.18 20.61 0.01
C PHE D 637 8.52 20.80 -0.68
N MET D 638 9.60 20.49 0.03
CA MET D 638 10.94 20.62 -0.52
C MET D 638 11.38 19.35 -1.22
N GLU D 639 10.55 18.32 -1.16
CA GLU D 639 10.85 17.04 -1.79
C GLU D 639 10.00 16.82 -3.03
N LYS D 640 10.31 15.77 -3.79
CA LYS D 640 9.57 15.44 -5.00
C LYS D 640 8.27 14.71 -4.66
N HIS D 641 8.21 14.14 -3.48
CA HIS D 641 7.02 13.41 -3.04
C HIS D 641 6.02 14.33 -2.37
N SER D 642 6.44 15.56 -2.09
CA SER D 642 5.57 16.54 -1.45
C SER D 642 4.60 17.17 -2.41
N VAL D 643 4.64 16.82 -3.69
CA VAL D 643 3.68 17.31 -4.65
C VAL D 643 2.40 16.49 -4.62
N SER D 644 2.37 15.43 -3.86
CA SER D 644 1.19 14.58 -3.74
C SER D 644 0.26 15.03 -2.65
N ARG D 645 0.48 16.19 -2.06
CA ARG D 645 -0.44 16.71 -1.07
C ARG D 645 -1.22 17.89 -1.59
N LEU D 646 -0.88 18.33 -2.79
CA LEU D 646 -1.58 19.42 -3.45
C LEU D 646 -2.58 18.83 -4.42
N VAL D 647 -2.31 17.61 -4.89
CA VAL D 647 -3.19 16.93 -5.82
C VAL D 647 -3.72 15.62 -5.28
N GLY D 648 -3.17 15.09 -4.21
CA GLY D 648 -3.63 13.85 -3.64
C GLY D 648 -2.90 12.64 -4.22
N ALA D 649 -3.02 11.53 -3.51
CA ALA D 649 -2.33 10.32 -3.86
C ALA D 649 -2.98 9.67 -5.08
N PRO D 650 -2.24 8.87 -5.84
CA PRO D 650 -2.79 8.23 -7.02
C PRO D 650 -3.74 7.10 -6.64
N PRO D 651 -4.43 6.49 -7.60
CA PRO D 651 -5.26 5.34 -7.26
C PRO D 651 -4.46 4.17 -6.71
N GLY D 652 -4.91 3.68 -5.56
CA GLY D 652 -4.26 2.57 -4.92
C GLY D 652 -3.23 2.93 -3.89
N TYR D 653 -3.31 4.09 -3.27
CA TYR D 653 -2.34 4.48 -2.26
C TYR D 653 -3.06 5.07 -1.06
N VAL D 654 -2.30 5.36 -0.02
CA VAL D 654 -2.88 5.86 1.21
C VAL D 654 -3.20 7.32 1.02
N GLY D 655 -4.37 7.75 1.50
CA GLY D 655 -4.75 9.11 1.26
C GLY D 655 -5.13 9.38 -0.17
N TYR D 656 -5.53 8.34 -0.90
CA TYR D 656 -6.09 8.54 -2.23
C TYR D 656 -7.48 9.13 -2.12
N GLU D 657 -8.26 8.61 -1.20
CA GLU D 657 -9.66 8.97 -1.07
C GLU D 657 -9.88 10.30 -0.39
N GLU D 658 -8.83 11.04 -0.06
CA GLU D 658 -8.95 12.32 0.60
C GLU D 658 -8.62 13.49 -0.30
N GLY D 659 -8.08 13.24 -1.48
CA GLY D 659 -7.72 14.30 -2.38
C GLY D 659 -6.49 15.04 -1.89
N GLY D 660 -6.29 16.22 -2.44
CA GLY D 660 -5.23 17.10 -1.99
C GLY D 660 -5.80 18.49 -1.84
N TYR D 661 -5.24 19.24 -0.90
CA TYR D 661 -5.92 20.44 -0.44
C TYR D 661 -5.67 21.64 -1.33
N LEU D 662 -5.06 21.49 -2.48
CA LEU D 662 -5.18 22.57 -3.45
C LEU D 662 -6.36 22.30 -4.35
N THR D 663 -6.45 21.11 -4.93
CA THR D 663 -7.58 20.84 -5.79
C THR D 663 -8.85 20.61 -5.02
N GLU D 664 -8.80 20.19 -3.77
CA GLU D 664 -10.05 20.01 -3.05
C GLU D 664 -10.58 21.33 -2.55
N ALA D 665 -9.72 22.21 -2.07
CA ALA D 665 -10.16 23.50 -1.58
C ALA D 665 -10.62 24.42 -2.67
N VAL D 666 -10.20 24.18 -3.91
CA VAL D 666 -10.67 24.93 -5.07
C VAL D 666 -11.88 24.27 -5.72
N ARG D 667 -12.01 22.96 -5.64
CA ARG D 667 -13.24 22.33 -6.07
C ARG D 667 -14.41 22.66 -5.16
N ARG D 668 -14.15 22.91 -3.89
CA ARG D 668 -15.20 23.29 -2.95
C ARG D 668 -15.65 24.70 -3.23
N ARG D 669 -14.75 25.66 -3.12
CA ARG D 669 -15.06 27.06 -3.39
C ARG D 669 -14.30 27.49 -4.63
N PRO D 670 -14.95 27.67 -5.78
CA PRO D 670 -14.18 27.82 -7.02
C PRO D 670 -13.63 29.20 -7.23
N TYR D 671 -14.16 30.20 -6.55
CA TYR D 671 -13.69 31.57 -6.62
C TYR D 671 -12.96 31.83 -5.31
N SER D 672 -11.63 31.74 -5.35
CA SER D 672 -10.82 31.89 -4.17
C SER D 672 -9.53 32.58 -4.58
N VAL D 673 -8.70 32.88 -3.59
CA VAL D 673 -7.35 33.36 -3.80
C VAL D 673 -6.42 32.26 -3.33
N ILE D 674 -5.48 31.87 -4.18
CA ILE D 674 -4.54 30.83 -3.83
C ILE D 674 -3.21 31.49 -3.56
N LEU D 675 -2.74 31.38 -2.34
CA LEU D 675 -1.47 31.95 -1.95
C LEU D 675 -0.46 30.82 -1.91
N LEU D 676 0.39 30.74 -2.93
CA LEU D 676 1.48 29.78 -2.94
C LEU D 676 2.67 30.51 -2.33
N ASP D 677 2.62 30.62 -1.02
CA ASP D 677 3.52 31.48 -0.28
C ASP D 677 4.91 30.88 -0.18
N GLU D 678 5.92 31.72 -0.35
CA GLU D 678 7.34 31.38 -0.31
C GLU D 678 7.68 30.34 -1.38
N VAL D 679 7.46 30.73 -2.62
CA VAL D 679 7.50 29.79 -3.74
C VAL D 679 8.94 29.80 -4.27
N GLU D 680 9.78 29.04 -3.59
CA GLU D 680 11.19 28.94 -3.95
C GLU D 680 11.73 27.54 -3.68
N LYS D 681 11.32 26.59 -4.51
CA LYS D 681 11.76 25.21 -4.37
C LYS D 681 12.72 24.82 -5.49
N ALA D 682 13.36 23.66 -5.35
CA ALA D 682 14.30 23.17 -6.35
C ALA D 682 13.85 21.84 -6.93
N HIS D 683 12.56 21.74 -7.25
CA HIS D 683 12.00 20.52 -7.82
C HIS D 683 11.01 20.82 -8.94
N PRO D 684 11.36 20.42 -10.17
CA PRO D 684 10.53 20.64 -11.35
C PRO D 684 9.22 19.86 -11.29
N ASP D 685 9.25 18.69 -10.65
CA ASP D 685 8.06 17.86 -10.52
C ASP D 685 6.95 18.57 -9.76
N VAL D 686 7.33 19.30 -8.71
CA VAL D 686 6.36 20.03 -7.89
C VAL D 686 5.99 21.37 -8.51
N PHE D 687 6.77 21.80 -9.50
CA PHE D 687 6.52 23.07 -10.17
C PHE D 687 5.59 22.88 -11.37
N ASN D 688 5.69 21.73 -12.03
CA ASN D 688 4.85 21.43 -13.18
C ASN D 688 3.38 21.59 -12.84
N ILE D 689 3.01 21.21 -11.62
CA ILE D 689 1.64 21.31 -11.16
C ILE D 689 1.07 22.67 -11.51
N LEU D 690 1.86 23.70 -11.36
CA LEU D 690 1.46 25.04 -11.72
C LEU D 690 1.65 25.34 -13.18
N LEU D 691 2.11 24.39 -13.99
CA LEU D 691 2.13 24.65 -15.42
C LEU D 691 0.75 24.64 -16.01
N GLN D 692 -0.21 23.99 -15.36
CA GLN D 692 -1.55 23.90 -15.87
C GLN D 692 -2.54 24.71 -15.07
N VAL D 693 -2.21 25.02 -13.82
CA VAL D 693 -3.04 25.88 -13.02
C VAL D 693 -3.05 27.27 -13.61
N LEU D 694 -1.91 27.77 -14.05
CA LEU D 694 -1.81 29.13 -14.55
C LEU D 694 -2.15 29.26 -16.02
N ASP D 695 -1.93 28.22 -16.81
CA ASP D 695 -2.26 28.24 -18.22
C ASP D 695 -3.30 27.16 -18.44
N ASP D 696 -4.47 27.56 -18.92
CA ASP D 696 -5.72 26.85 -19.18
C ASP D 696 -6.47 26.55 -17.89
N GLY D 697 -5.88 26.76 -16.72
CA GLY D 697 -6.66 26.82 -15.50
C GLY D 697 -7.27 25.54 -15.03
N ARG D 698 -6.63 24.41 -15.25
CA ARG D 698 -7.13 23.14 -14.79
C ARG D 698 -6.04 22.42 -14.03
N LEU D 699 -6.44 21.58 -13.08
CA LEU D 699 -5.51 20.72 -12.37
C LEU D 699 -6.31 19.55 -11.83
N THR D 700 -5.88 18.33 -12.12
CA THR D 700 -6.67 17.16 -11.80
C THR D 700 -6.21 16.52 -10.50
N ASP D 701 -7.16 15.97 -9.76
CA ASP D 701 -6.93 15.16 -8.57
C ASP D 701 -6.03 13.97 -8.87
N GLY D 702 -5.60 13.30 -7.81
CA GLY D 702 -5.15 11.93 -7.99
C GLY D 702 -6.31 11.04 -8.34
N GLN D 703 -7.50 11.38 -7.85
CA GLN D 703 -8.72 10.64 -8.13
C GLN D 703 -9.16 10.81 -9.57
N GLY D 704 -8.61 11.76 -10.29
CA GLY D 704 -8.90 11.96 -11.70
C GLY D 704 -9.87 13.10 -11.96
N ARG D 705 -10.43 13.69 -10.92
CA ARG D 705 -11.39 14.77 -11.07
C ARG D 705 -10.68 16.07 -11.38
N THR D 706 -10.98 16.63 -12.55
CA THR D 706 -10.32 17.87 -12.99
C THR D 706 -10.97 19.06 -12.32
N VAL D 707 -10.16 19.85 -11.62
CA VAL D 707 -10.61 21.01 -10.87
C VAL D 707 -10.25 22.25 -11.67
N ASP D 708 -11.20 23.12 -11.91
CA ASP D 708 -10.93 24.28 -12.74
C ASP D 708 -10.48 25.46 -11.88
N PHE D 709 -9.43 26.11 -12.33
CA PHE D 709 -8.81 27.23 -11.64
C PHE D 709 -9.06 28.50 -12.41
N ARG D 710 -10.05 28.52 -13.28
CA ARG D 710 -10.23 29.65 -14.16
C ARG D 710 -10.95 30.79 -13.48
N ASN D 711 -11.34 30.63 -12.23
CA ASN D 711 -12.06 31.65 -11.49
C ASN D 711 -11.30 32.03 -10.24
N THR D 712 -10.06 31.60 -10.15
CA THR D 712 -9.29 31.80 -8.93
C THR D 712 -8.11 32.71 -9.21
N VAL D 713 -7.55 33.27 -8.14
CA VAL D 713 -6.47 34.23 -8.23
C VAL D 713 -5.25 33.58 -7.58
N VAL D 714 -4.30 33.14 -8.39
CA VAL D 714 -3.15 32.41 -7.89
C VAL D 714 -2.03 33.39 -7.61
N ILE D 715 -1.63 33.52 -6.36
CA ILE D 715 -0.55 34.46 -6.04
C ILE D 715 0.64 33.68 -5.49
N MET D 716 1.82 34.04 -5.95
CA MET D 716 3.04 33.29 -5.71
C MET D 716 4.09 34.25 -5.18
N THR D 717 4.27 34.32 -3.88
CA THR D 717 5.10 35.36 -3.28
C THR D 717 6.43 34.80 -2.84
N SER D 718 7.46 34.99 -3.66
CA SER D 718 8.79 34.52 -3.35
C SER D 718 9.70 35.69 -3.03
N ASN D 719 10.96 35.39 -2.77
CA ASN D 719 11.93 36.31 -2.19
C ASN D 719 13.16 36.44 -3.07
N LEU D 720 12.95 36.54 -4.37
CA LEU D 720 14.06 36.23 -5.26
C LEU D 720 14.89 37.41 -5.69
N GLY D 721 14.32 38.58 -5.85
CA GLY D 721 15.16 39.71 -6.19
C GLY D 721 15.65 40.47 -4.98
N SER D 722 15.69 39.81 -3.82
CA SER D 722 15.76 40.50 -2.53
C SER D 722 17.03 41.32 -2.36
N ASP D 723 18.17 40.73 -2.66
CA ASP D 723 19.44 41.44 -2.54
C ASP D 723 19.77 42.23 -3.80
N LEU D 724 18.85 42.29 -4.76
CA LEU D 724 19.00 43.09 -5.96
C LEU D 724 17.98 44.21 -6.07
N ILE D 725 16.82 44.05 -5.45
CA ILE D 725 15.86 45.15 -5.36
C ILE D 725 16.34 46.18 -4.36
N GLN D 726 17.01 45.72 -3.30
CA GLN D 726 17.45 46.64 -2.26
C GLN D 726 18.56 47.54 -2.75
N GLU D 727 19.59 46.98 -3.38
CA GLU D 727 20.70 47.84 -3.79
C GLU D 727 20.39 48.60 -5.07
N ARG D 728 19.90 47.93 -6.10
CA ARG D 728 19.73 48.52 -7.41
C ARG D 728 18.29 48.96 -7.61
N PHE D 729 17.83 49.91 -6.81
CA PHE D 729 16.45 50.33 -6.91
C PHE D 729 16.34 51.58 -7.77
N GLY D 730 15.58 51.46 -8.86
CA GLY D 730 15.29 52.53 -9.78
C GLY D 730 15.40 52.13 -11.23
N GLU D 731 14.29 52.28 -11.98
CA GLU D 731 14.20 52.12 -13.44
C GLU D 731 14.62 50.69 -13.88
N LEU D 732 14.35 49.70 -13.03
CA LEU D 732 14.51 48.33 -13.47
C LEU D 732 13.31 47.90 -14.28
N ASP D 733 12.11 48.30 -13.82
CA ASP D 733 10.83 48.06 -14.48
C ASP D 733 10.58 46.57 -14.73
N TYR D 734 10.70 45.78 -13.66
CA TYR D 734 10.66 44.32 -13.57
C TYR D 734 11.38 43.64 -14.73
N ALA D 735 12.51 44.19 -15.15
CA ALA D 735 13.30 43.62 -16.23
C ALA D 735 14.66 43.21 -15.74
N HIS D 736 14.90 43.36 -14.46
CA HIS D 736 16.19 43.15 -13.82
C HIS D 736 16.13 42.11 -12.72
N MET D 737 15.12 42.19 -11.85
CA MET D 737 14.84 41.12 -10.92
C MET D 737 14.12 39.97 -11.59
N LYS D 738 13.65 40.18 -12.81
CA LYS D 738 13.02 39.12 -13.57
C LYS D 738 14.05 38.27 -14.27
N GLU D 739 15.23 38.81 -14.49
CA GLU D 739 16.34 37.96 -14.90
C GLU D 739 16.74 37.04 -13.77
N LEU D 740 16.68 37.52 -12.54
CA LEU D 740 17.11 36.72 -11.41
C LEU D 740 16.07 35.66 -11.03
N VAL D 741 14.80 35.89 -11.36
CA VAL D 741 13.84 34.80 -11.28
C VAL D 741 13.89 33.95 -12.53
N LEU D 742 14.46 34.46 -13.62
CA LEU D 742 14.65 33.62 -14.79
C LEU D 742 15.81 32.66 -14.57
N GLY D 743 16.87 33.13 -13.92
CA GLY D 743 18.19 32.47 -13.76
C GLY D 743 18.21 31.42 -12.77
N VAL D 744 17.04 30.94 -12.34
CA VAL D 744 16.97 29.78 -11.47
C VAL D 744 17.22 28.48 -12.23
N VAL D 745 17.44 28.55 -13.56
CA VAL D 745 17.24 27.41 -14.46
C VAL D 745 18.31 26.34 -14.30
N SER D 746 19.32 26.59 -13.45
CA SER D 746 20.16 25.50 -12.97
C SER D 746 19.33 24.51 -12.14
N HIS D 747 18.30 25.00 -11.47
CA HIS D 747 17.34 24.16 -10.76
C HIS D 747 15.92 24.28 -11.32
N ASN D 748 15.35 25.49 -11.36
CA ASN D 748 13.94 25.64 -11.71
C ASN D 748 13.56 27.03 -12.24
N PHE D 749 12.30 27.41 -12.07
CA PHE D 749 11.84 28.68 -12.58
C PHE D 749 11.98 28.64 -14.09
N ARG D 750 11.76 27.46 -14.67
CA ARG D 750 11.85 27.25 -16.11
C ARG D 750 11.04 28.27 -16.89
N PRO D 751 11.61 28.79 -17.98
CA PRO D 751 10.86 29.82 -18.73
C PRO D 751 9.48 29.46 -19.24
N GLU D 752 9.19 28.16 -19.33
CA GLU D 752 7.83 27.65 -19.47
C GLU D 752 6.94 28.12 -18.34
N PHE D 753 7.47 28.31 -17.14
CA PHE D 753 6.66 28.70 -15.99
C PHE D 753 6.50 30.21 -15.86
N ILE D 754 7.55 30.99 -16.12
CA ILE D 754 7.43 32.44 -16.04
C ILE D 754 6.60 32.97 -17.19
N ASN D 755 6.53 32.25 -18.29
CA ASN D 755 5.71 32.68 -19.41
C ASN D 755 4.23 32.62 -19.06
N ARG D 756 3.86 31.80 -18.09
CA ARG D 756 2.48 31.64 -17.70
C ARG D 756 1.99 32.69 -16.72
N ILE D 757 2.85 33.20 -15.86
CA ILE D 757 2.38 34.09 -14.80
C ILE D 757 2.11 35.47 -15.37
N ASP D 758 0.99 36.05 -14.95
CA ASP D 758 0.44 37.20 -15.65
C ASP D 758 1.15 38.48 -15.26
N GLU D 759 1.55 38.60 -14.01
CA GLU D 759 2.26 39.77 -13.54
C GLU D 759 3.39 39.35 -12.63
N VAL D 760 4.61 39.50 -13.11
CA VAL D 760 5.74 39.60 -12.19
C VAL D 760 5.69 41.00 -11.61
N VAL D 761 5.63 41.09 -10.29
CA VAL D 761 5.28 42.33 -9.61
C VAL D 761 6.49 42.81 -8.80
N VAL D 762 6.84 44.08 -9.00
CA VAL D 762 7.92 44.73 -8.27
C VAL D 762 7.43 45.14 -6.88
N PHE D 763 8.04 44.58 -5.85
CA PHE D 763 7.82 45.01 -4.48
C PHE D 763 9.04 45.77 -4.01
N HIS D 764 8.84 47.01 -3.63
CA HIS D 764 9.99 47.81 -3.26
C HIS D 764 10.24 47.72 -1.77
N PRO D 765 11.44 48.05 -1.31
CA PRO D 765 11.65 48.16 0.13
C PRO D 765 10.90 49.34 0.71
N LEU D 766 10.74 49.32 2.02
CA LEU D 766 9.94 50.32 2.69
C LEU D 766 10.81 51.47 3.16
N GLY D 767 10.34 52.68 2.93
CA GLY D 767 11.08 53.88 3.26
C GLY D 767 10.86 54.30 4.70
N GLU D 768 11.31 55.51 5.01
CA GLU D 768 11.07 56.06 6.33
C GLU D 768 9.63 56.47 6.50
N GLN D 769 9.04 57.03 5.46
CA GLN D 769 7.68 57.50 5.54
C GLN D 769 6.68 56.36 5.47
N HIS D 770 7.10 55.21 4.94
CA HIS D 770 6.23 54.05 4.91
C HIS D 770 6.10 53.45 6.29
N ILE D 771 7.23 53.13 6.90
CA ILE D 771 7.22 52.50 8.21
C ILE D 771 6.71 53.46 9.28
N ALA D 772 6.75 54.76 9.01
CA ALA D 772 6.04 55.70 9.87
C ALA D 772 4.53 55.57 9.76
N SER D 773 4.02 54.97 8.69
CA SER D 773 2.60 54.76 8.53
C SER D 773 2.17 53.32 8.72
N ILE D 774 3.10 52.37 8.68
CA ILE D 774 2.85 51.03 9.18
C ILE D 774 2.90 51.03 10.70
N ALA D 775 3.48 52.07 11.30
CA ALA D 775 3.36 52.27 12.74
C ALA D 775 1.91 52.37 13.13
N GLN D 776 1.21 53.38 12.63
CA GLN D 776 -0.17 53.61 13.03
C GLN D 776 -1.15 52.68 12.35
N ILE D 777 -0.69 51.65 11.66
CA ILE D 777 -1.52 50.47 11.40
C ILE D 777 -1.37 49.46 12.51
N GLN D 778 -0.14 49.11 12.84
CA GLN D 778 0.12 48.19 13.93
C GLN D 778 -0.20 48.80 15.28
N LEU D 779 -0.16 50.13 15.38
CA LEU D 779 -0.65 50.79 16.58
C LEU D 779 -2.16 50.73 16.64
N LYS D 780 -2.84 50.97 15.52
CA LYS D 780 -4.29 50.84 15.47
C LYS D 780 -4.70 49.40 15.73
N ARG D 781 -3.87 48.46 15.29
CA ARG D 781 -4.11 47.05 15.56
C ARG D 781 -3.86 46.69 17.01
N LEU D 782 -3.10 47.52 17.73
CA LEU D 782 -2.82 47.23 19.13
C LEU D 782 -3.88 47.78 20.05
N TYR D 783 -4.47 48.94 19.73
CA TYR D 783 -5.51 49.49 20.60
C TYR D 783 -6.76 48.64 20.55
N LYS D 784 -7.02 48.00 19.41
CA LYS D 784 -8.15 47.09 19.31
C LYS D 784 -7.92 45.83 20.11
N ARG D 785 -6.65 45.47 20.31
CA ARG D 785 -6.31 44.40 21.24
C ARG D 785 -6.41 44.84 22.68
N LEU D 786 -6.63 46.13 22.93
CA LEU D 786 -6.71 46.65 24.27
C LEU D 786 -8.07 47.22 24.63
N GLU D 787 -8.86 47.65 23.65
CA GLU D 787 -10.25 47.98 23.94
C GLU D 787 -11.02 46.75 24.42
N GLU D 788 -10.71 45.59 23.83
CA GLU D 788 -11.31 44.35 24.30
C GLU D 788 -10.78 43.95 25.66
N ARG D 789 -9.58 44.37 26.03
CA ARG D 789 -9.12 44.22 27.40
C ARG D 789 -9.74 45.29 28.29
N GLY D 790 -10.14 46.41 27.69
CA GLY D 790 -10.68 47.52 28.45
C GLY D 790 -9.72 48.65 28.71
N TYR D 791 -8.59 48.68 28.02
CA TYR D 791 -7.61 49.75 28.17
C TYR D 791 -7.60 50.61 26.92
N GLU D 792 -7.55 51.92 27.12
CA GLU D 792 -7.55 52.83 25.99
C GLU D 792 -6.23 53.58 25.96
N ILE D 793 -5.60 53.62 24.79
CA ILE D 793 -4.28 54.20 24.63
C ILE D 793 -4.34 55.42 23.74
N HIS D 794 -3.75 56.51 24.20
CA HIS D 794 -3.32 57.59 23.34
C HIS D 794 -1.82 57.45 23.09
N ILE D 795 -1.40 57.67 21.86
CA ILE D 795 0.01 57.66 21.50
C ILE D 795 0.51 59.10 21.43
N SER D 796 1.76 59.33 21.82
CA SER D 796 2.36 60.64 21.65
C SER D 796 2.71 60.89 20.19
N ASP D 797 3.19 62.10 19.91
CA ASP D 797 3.69 62.45 18.59
C ASP D 797 5.18 62.19 18.44
N GLU D 798 5.88 61.94 19.54
CA GLU D 798 7.26 61.50 19.50
C GLU D 798 7.40 60.01 19.74
N ALA D 799 6.46 59.43 20.49
CA ALA D 799 6.48 57.98 20.66
C ALA D 799 6.15 57.27 19.37
N LEU D 800 5.30 57.86 18.54
CA LEU D 800 5.09 57.34 17.21
C LEU D 800 6.27 57.65 16.30
N LYS D 801 7.10 58.63 16.69
CA LYS D 801 8.32 58.93 15.96
C LYS D 801 9.50 58.12 16.46
N LEU D 802 9.45 57.59 17.68
CA LEU D 802 10.52 56.67 18.10
C LEU D 802 10.40 55.33 17.39
N LEU D 803 9.19 54.75 17.35
CA LEU D 803 9.02 53.48 16.67
C LEU D 803 9.24 53.62 15.17
N SER D 804 8.98 54.80 14.63
CA SER D 804 9.25 55.05 13.22
C SER D 804 10.72 55.33 12.95
N GLU D 805 11.56 55.40 13.97
CA GLU D 805 13.00 55.46 13.78
C GLU D 805 13.76 54.33 14.44
N ASN D 806 13.19 53.66 15.44
CA ASN D 806 13.80 52.47 15.97
C ASN D 806 13.39 51.24 15.17
N GLY D 807 12.14 51.21 14.75
CA GLY D 807 11.67 50.10 13.95
C GLY D 807 11.82 50.33 12.47
N TYR D 808 12.69 51.24 12.09
CA TYR D 808 13.07 51.39 10.69
C TYR D 808 14.37 50.61 10.50
N ASP D 809 14.31 49.59 9.65
CA ASP D 809 15.51 48.94 9.16
C ASP D 809 15.28 48.71 7.67
N PRO D 810 16.21 49.12 6.80
CA PRO D 810 15.93 49.02 5.36
C PRO D 810 16.01 47.63 4.82
N VAL D 811 16.72 46.74 5.50
CA VAL D 811 16.97 45.42 4.95
C VAL D 811 15.93 44.41 5.43
N TYR D 812 15.20 44.73 6.49
CA TYR D 812 14.30 43.77 7.09
C TYR D 812 12.85 44.20 7.00
N GLY D 813 12.55 45.23 6.24
CA GLY D 813 11.18 45.58 5.94
C GLY D 813 10.46 46.21 7.10
N ALA D 814 9.22 45.78 7.34
CA ALA D 814 8.41 46.33 8.40
C ALA D 814 8.27 45.42 9.59
N ARG D 815 8.94 44.31 9.60
CA ARG D 815 8.97 43.50 10.81
C ARG D 815 9.82 44.07 11.95
N PRO D 816 10.91 44.84 11.72
CA PRO D 816 11.50 45.57 12.85
C PRO D 816 10.56 46.51 13.58
N LEU D 817 9.67 47.20 12.88
CA LEU D 817 8.67 48.01 13.57
C LEU D 817 7.67 47.15 14.29
N LYS D 818 7.31 46.03 13.69
CA LYS D 818 6.44 45.07 14.32
C LYS D 818 7.07 44.46 15.55
N ARG D 819 8.40 44.42 15.61
CA ARG D 819 9.14 44.03 16.80
C ARG D 819 9.41 45.19 17.72
N ALA D 820 9.59 46.41 17.22
CA ALA D 820 9.79 47.53 18.10
C ALA D 820 8.55 47.83 18.91
N ILE D 821 7.37 47.61 18.35
CA ILE D 821 6.14 47.79 19.08
C ILE D 821 5.99 46.74 20.17
N GLN D 822 6.32 45.50 19.85
CA GLN D 822 6.15 44.46 20.86
C GLN D 822 7.31 44.38 21.82
N GLN D 823 8.29 45.28 21.71
CA GLN D 823 9.42 45.34 22.62
C GLN D 823 9.50 46.65 23.37
N GLN D 824 9.11 47.75 22.74
CA GLN D 824 9.18 49.04 23.39
C GLN D 824 7.86 49.53 23.95
N ILE D 825 6.71 49.08 23.45
CA ILE D 825 5.43 49.54 23.97
C ILE D 825 4.51 48.41 24.40
N GLU D 826 4.90 47.15 24.26
CA GLU D 826 4.08 46.05 24.74
C GLU D 826 4.69 45.31 25.92
N ASN D 827 5.99 45.21 25.99
CA ASN D 827 6.62 44.74 27.21
C ASN D 827 6.58 45.78 28.32
N PRO D 828 6.69 47.10 28.06
CA PRO D 828 6.34 48.04 29.12
C PRO D 828 4.88 48.05 29.47
N LEU D 829 4.00 47.68 28.55
CA LEU D 829 2.58 47.66 28.89
C LEU D 829 2.24 46.46 29.76
N ALA D 830 2.80 45.30 29.46
CA ALA D 830 2.43 44.09 30.16
C ALA D 830 2.96 44.04 31.59
N GLN D 831 4.06 44.75 31.88
CA GLN D 831 4.50 44.83 33.26
C GLN D 831 3.68 45.82 34.06
N GLN D 832 2.78 46.56 33.43
CA GLN D 832 1.85 47.42 34.11
C GLN D 832 0.40 47.02 33.90
N ILE D 833 0.11 46.17 32.93
CA ILE D 833 -1.23 45.61 32.82
C ILE D 833 -1.40 44.45 33.76
N LEU D 834 -0.38 43.59 33.85
CA LEU D 834 -0.38 42.55 34.86
C LEU D 834 -0.30 43.11 36.27
N SER D 835 0.63 44.02 36.53
CA SER D 835 0.94 44.44 37.89
C SER D 835 -0.09 45.39 38.49
N GLY D 836 -1.22 45.62 37.82
CA GLY D 836 -2.23 46.52 38.32
C GLY D 836 -1.83 47.97 38.34
N GLU D 837 -0.71 48.31 37.70
CA GLU D 837 -0.24 49.69 37.68
C GLU D 837 -1.09 50.54 36.77
N LEU D 838 -1.77 49.91 35.82
CA LEU D 838 -2.61 50.60 34.85
C LEU D 838 -4.03 50.08 35.05
N VAL D 839 -4.92 50.93 35.55
CA VAL D 839 -6.31 50.53 35.72
C VAL D 839 -7.02 50.58 34.36
N PRO D 840 -8.00 49.72 34.09
CA PRO D 840 -8.76 49.86 32.84
C PRO D 840 -9.69 51.05 32.89
N GLY D 841 -9.75 51.78 31.78
CA GLY D 841 -10.65 52.92 31.69
C GLY D 841 -9.92 54.25 31.55
N LYS D 842 -8.84 54.41 32.30
CA LYS D 842 -8.05 55.63 32.18
C LYS D 842 -7.19 55.57 30.94
N VAL D 843 -6.99 56.73 30.32
CA VAL D 843 -6.30 56.82 29.03
C VAL D 843 -4.82 56.61 29.26
N ILE D 844 -4.28 55.52 28.72
CA ILE D 844 -2.85 55.26 28.82
C ILE D 844 -2.15 56.17 27.82
N ARG D 845 -1.58 57.24 28.32
CA ARG D 845 -0.81 58.16 27.50
C ARG D 845 0.56 57.56 27.28
N LEU D 846 0.95 57.39 26.02
CA LEU D 846 2.25 56.80 25.72
C LEU D 846 3.29 57.92 25.56
N GLU D 847 3.61 58.54 26.68
CA GLU D 847 4.61 59.60 26.69
C GLU D 847 6.01 59.03 26.45
N VAL D 848 6.96 59.93 26.25
CA VAL D 848 8.34 59.59 25.95
C VAL D 848 9.23 60.06 27.10
N ASN D 849 9.95 59.12 27.71
CA ASN D 849 11.09 59.44 28.57
C ASN D 849 12.34 59.65 27.73
N GLU D 850 13.53 59.50 28.33
CA GLU D 850 14.77 59.75 27.60
C GLU D 850 14.95 58.66 26.53
N ASP D 851 14.34 58.94 25.37
CA ASP D 851 14.29 58.08 24.19
C ASP D 851 13.71 56.69 24.47
N ARG D 852 12.85 56.57 25.47
CA ARG D 852 12.29 55.29 25.85
C ARG D 852 10.81 55.50 26.15
N ILE D 853 9.96 54.84 25.39
CA ILE D 853 8.52 55.06 25.48
C ILE D 853 7.99 54.50 26.79
N VAL D 854 7.28 55.33 27.54
CA VAL D 854 6.74 54.97 28.84
C VAL D 854 5.23 55.07 28.77
N ALA D 855 4.56 54.12 29.41
CA ALA D 855 3.11 54.10 29.50
C ALA D 855 2.69 54.68 30.83
N VAL D 856 1.98 55.80 30.80
CA VAL D 856 1.47 56.43 32.00
C VAL D 856 0.02 56.83 31.77
N GLN D 857 -0.74 56.89 32.85
CA GLN D 857 -2.13 57.32 32.77
C GLN D 857 -2.29 58.74 33.28
N LEU E 161 -32.21 -4.37 24.81
CA LEU E 161 -31.30 -3.61 25.65
C LEU E 161 -30.63 -4.47 26.71
N LYS E 162 -31.37 -5.44 27.25
CA LYS E 162 -30.74 -6.40 28.16
C LYS E 162 -29.93 -7.44 27.42
N LYS E 163 -30.12 -7.59 26.12
CA LYS E 163 -29.33 -8.51 25.32
C LYS E 163 -27.89 -8.03 25.21
N TYR E 164 -27.71 -6.72 25.02
CA TYR E 164 -26.42 -6.16 24.67
C TYR E 164 -25.79 -5.33 25.76
N THR E 165 -26.48 -4.37 26.33
CA THR E 165 -25.88 -3.52 27.34
C THR E 165 -25.71 -4.27 28.66
N ILE E 166 -24.71 -3.84 29.41
CA ILE E 166 -24.39 -4.39 30.71
C ILE E 166 -24.49 -3.26 31.71
N ASP E 167 -25.32 -3.42 32.73
CA ASP E 167 -25.63 -2.34 33.65
C ASP E 167 -24.52 -2.22 34.69
N LEU E 168 -23.71 -1.17 34.57
CA LEU E 168 -22.62 -0.97 35.53
C LEU E 168 -23.14 -0.52 36.89
N THR E 169 -24.28 0.16 36.91
CA THR E 169 -24.89 0.52 38.17
C THR E 169 -25.65 -0.63 38.81
N GLU E 170 -25.70 -1.79 38.17
CA GLU E 170 -26.12 -3.01 38.84
C GLU E 170 -24.91 -3.81 39.31
N ARG E 171 -23.79 -3.69 38.60
CA ARG E 171 -22.57 -4.32 39.03
C ARG E 171 -21.85 -3.53 40.11
N ALA E 172 -22.28 -2.31 40.40
CA ALA E 172 -21.69 -1.53 41.47
C ALA E 172 -22.55 -1.52 42.72
N GLU E 173 -23.84 -1.82 42.62
CA GLU E 173 -24.65 -2.13 43.79
C GLU E 173 -24.13 -3.38 44.47
N GLN E 174 -23.77 -4.38 43.69
CA GLN E 174 -23.30 -5.65 44.19
C GLN E 174 -21.81 -5.65 44.49
N GLY E 175 -21.18 -4.49 44.52
CA GLY E 175 -19.79 -4.37 44.88
C GLY E 175 -18.81 -4.93 43.88
N LYS E 176 -19.26 -5.38 42.71
CA LYS E 176 -18.39 -6.07 41.78
C LYS E 176 -17.49 -5.13 41.01
N LEU E 177 -17.62 -3.83 41.18
CA LEU E 177 -16.69 -2.91 40.57
C LEU E 177 -15.54 -2.63 41.53
N ASP E 178 -14.40 -2.29 40.97
CA ASP E 178 -13.22 -2.04 41.78
C ASP E 178 -13.36 -0.70 42.48
N PRO E 179 -12.82 -0.57 43.70
CA PRO E 179 -12.83 0.74 44.39
C PRO E 179 -12.00 1.74 43.62
N VAL E 180 -12.65 2.77 43.14
CA VAL E 180 -12.01 3.77 42.30
C VAL E 180 -11.55 4.92 43.17
N ILE E 181 -10.25 5.18 43.17
CA ILE E 181 -9.61 6.07 44.12
C ILE E 181 -9.13 7.30 43.38
N GLY E 182 -9.60 8.46 43.82
CA GLY E 182 -9.16 9.68 43.19
C GLY E 182 -9.92 9.96 41.92
N ARG E 183 -9.22 10.44 40.90
CA ARG E 183 -9.75 10.77 39.57
C ARG E 183 -10.84 11.83 39.63
N ASP E 184 -10.90 12.62 40.71
CA ASP E 184 -11.98 13.56 40.95
C ASP E 184 -11.98 14.73 39.99
N GLU E 185 -10.85 15.06 39.39
CA GLU E 185 -10.80 16.16 38.46
C GLU E 185 -11.34 15.76 37.11
N GLU E 186 -11.31 14.47 36.78
CA GLU E 186 -11.85 13.92 35.55
C GLU E 186 -13.24 13.35 35.71
N ILE E 187 -13.51 12.67 36.84
CA ILE E 187 -14.84 12.10 37.08
C ILE E 187 -15.87 13.16 37.40
N ARG E 188 -15.46 14.38 37.69
CA ARG E 188 -16.32 15.54 37.68
C ARG E 188 -16.24 16.30 36.38
N ARG E 189 -15.25 16.01 35.55
CA ARG E 189 -15.21 16.61 34.24
C ARG E 189 -16.11 15.85 33.27
N THR E 190 -16.33 14.56 33.49
CA THR E 190 -17.30 13.86 32.67
C THR E 190 -18.72 14.22 33.06
N ILE E 191 -19.00 14.42 34.35
CA ILE E 191 -20.33 14.82 34.77
C ILE E 191 -20.67 16.18 34.20
N GLN E 192 -19.71 17.09 34.21
CA GLN E 192 -19.89 18.42 33.64
C GLN E 192 -20.16 18.35 32.14
N VAL E 193 -19.69 17.31 31.47
CA VAL E 193 -20.06 17.08 30.08
C VAL E 193 -21.41 16.40 30.01
N LEU E 194 -21.71 15.49 30.94
CA LEU E 194 -22.98 14.78 30.90
C LEU E 194 -24.16 15.67 31.29
N GLN E 195 -23.92 16.76 31.99
CA GLN E 195 -24.96 17.71 32.37
C GLN E 195 -25.39 18.59 31.22
N ARG E 196 -24.68 18.55 30.10
CA ARG E 196 -24.85 19.56 29.07
C ARG E 196 -26.16 19.40 28.34
N ARG E 197 -26.56 20.44 27.62
CA ARG E 197 -27.85 20.41 26.93
C ARG E 197 -27.78 19.56 25.68
N THR E 198 -26.92 19.93 24.74
CA THR E 198 -26.71 19.19 23.51
C THR E 198 -25.27 18.72 23.44
N LYS E 199 -25.08 17.58 22.79
CA LYS E 199 -23.77 16.93 22.59
C LYS E 199 -23.10 16.68 23.93
N ASN E 200 -23.85 16.04 24.82
CA ASN E 200 -23.40 15.81 26.20
C ASN E 200 -22.64 14.49 26.33
N ASN E 201 -21.60 14.32 25.53
CA ASN E 201 -20.92 13.04 25.45
C ASN E 201 -19.44 13.14 25.79
N PRO E 202 -19.02 12.61 26.91
CA PRO E 202 -17.59 12.62 27.20
C PRO E 202 -16.86 11.46 26.55
N VAL E 203 -15.61 11.67 26.17
CA VAL E 203 -14.77 10.61 25.62
C VAL E 203 -13.53 10.52 26.50
N LEU E 204 -13.49 9.57 27.43
CA LEU E 204 -12.34 9.50 28.32
C LEU E 204 -11.09 9.17 27.53
N ILE E 205 -10.53 10.15 26.87
CA ILE E 205 -9.33 9.96 26.07
C ILE E 205 -8.12 9.90 26.98
N GLY E 206 -7.32 8.88 26.82
CA GLY E 206 -6.03 8.85 27.48
C GLY E 206 -5.12 7.92 26.75
N GLU E 207 -4.09 7.50 27.46
CA GLU E 207 -3.24 6.41 27.05
C GLU E 207 -3.88 5.12 27.57
N PRO E 208 -3.42 3.92 27.13
CA PRO E 208 -4.14 2.69 27.49
C PRO E 208 -4.36 2.36 28.96
N GLY E 209 -3.34 2.21 29.78
CA GLY E 209 -3.59 1.69 31.11
C GLY E 209 -4.12 2.66 32.13
N VAL E 210 -4.33 3.93 31.75
CA VAL E 210 -4.44 5.03 32.71
C VAL E 210 -5.73 5.07 33.51
N GLY E 211 -6.65 4.14 33.31
CA GLY E 211 -7.89 4.11 34.06
C GLY E 211 -9.09 4.69 33.37
N LYS E 212 -9.24 4.50 32.06
CA LYS E 212 -10.34 5.13 31.32
C LYS E 212 -11.65 4.42 31.57
N THR E 213 -11.67 3.10 31.53
CA THR E 213 -12.89 2.39 31.88
C THR E 213 -12.97 2.08 33.36
N ALA E 214 -12.21 2.79 34.18
CA ALA E 214 -12.39 2.76 35.62
C ALA E 214 -12.63 4.16 36.15
N ILE E 215 -12.97 5.10 35.28
CA ILE E 215 -13.59 6.33 35.73
C ILE E 215 -15.09 6.16 35.72
N VAL E 216 -15.64 5.56 34.66
CA VAL E 216 -17.05 5.26 34.65
C VAL E 216 -17.39 4.09 35.54
N GLU E 217 -16.41 3.28 35.93
CA GLU E 217 -16.66 2.35 37.01
C GLU E 217 -16.69 3.06 38.35
N GLY E 218 -16.13 4.26 38.41
CA GLY E 218 -16.23 5.08 39.58
C GLY E 218 -17.41 6.00 39.48
N LEU E 219 -17.81 6.33 38.25
CA LEU E 219 -19.02 7.11 38.06
C LEU E 219 -20.24 6.30 38.41
N ALA E 220 -20.24 5.02 38.10
CA ALA E 220 -21.33 4.15 38.51
C ALA E 220 -21.33 3.89 40.00
N GLN E 221 -20.24 4.13 40.69
CA GLN E 221 -20.25 4.11 42.14
C GLN E 221 -20.48 5.48 42.74
N ARG E 222 -20.32 6.54 41.96
CA ARG E 222 -20.67 7.87 42.43
C ARG E 222 -22.12 8.17 42.17
N ILE E 223 -22.72 7.50 41.19
CA ILE E 223 -24.15 7.61 40.94
C ILE E 223 -24.92 6.88 42.02
N ILE E 224 -24.39 5.76 42.49
CA ILE E 224 -25.08 4.93 43.45
C ILE E 224 -24.93 5.50 44.86
N ASN E 225 -23.71 5.82 45.26
CA ASN E 225 -23.48 6.28 46.63
C ASN E 225 -23.95 7.70 46.87
N GLY E 226 -24.37 8.41 45.84
CA GLY E 226 -25.01 9.69 46.03
C GLY E 226 -24.10 10.89 46.06
N GLU E 227 -22.82 10.75 45.69
CA GLU E 227 -21.96 11.91 45.54
C GLU E 227 -21.97 12.45 44.12
N VAL E 228 -23.06 12.28 43.40
CA VAL E 228 -23.21 12.82 42.07
C VAL E 228 -24.14 14.02 42.26
N PRO E 229 -24.10 15.05 41.41
CA PRO E 229 -25.05 16.14 41.57
C PRO E 229 -26.48 15.71 41.27
N GLU E 230 -27.42 16.50 41.78
CA GLU E 230 -28.83 16.25 41.52
C GLU E 230 -29.12 16.48 40.05
N GLY E 231 -29.74 15.49 39.43
CA GLY E 231 -29.88 15.42 38.00
C GLY E 231 -29.18 14.23 37.40
N LEU E 232 -28.23 13.65 38.14
CA LEU E 232 -27.65 12.34 37.82
C LEU E 232 -27.91 11.31 38.92
N LYS E 233 -28.78 11.62 39.87
CA LYS E 233 -28.84 10.81 41.08
C LYS E 233 -29.59 9.50 40.90
N GLY E 234 -30.27 9.31 39.79
CA GLY E 234 -30.92 8.03 39.60
C GLY E 234 -30.58 7.40 38.28
N ARG E 235 -29.46 7.79 37.69
CA ARG E 235 -29.12 7.31 36.38
C ARG E 235 -28.64 5.88 36.45
N ARG E 236 -28.48 5.29 35.28
CA ARG E 236 -27.95 3.94 35.14
C ARG E 236 -26.89 3.99 34.07
N VAL E 237 -25.66 3.62 34.42
CA VAL E 237 -24.59 3.48 33.44
C VAL E 237 -24.75 2.12 32.79
N LEU E 238 -24.96 2.09 31.48
CA LEU E 238 -25.14 0.86 30.73
C LEU E 238 -23.97 0.66 29.79
N ALA E 239 -23.13 -0.32 30.08
CA ALA E 239 -21.98 -0.54 29.23
C ALA E 239 -22.41 -1.22 27.93
N LEU E 240 -22.40 -0.45 26.85
CA LEU E 240 -22.78 -0.98 25.56
C LEU E 240 -21.53 -1.53 24.91
N ASP E 241 -21.57 -2.78 24.50
CA ASP E 241 -20.44 -3.42 23.85
C ASP E 241 -20.74 -3.53 22.36
N MET E 242 -20.14 -2.64 21.58
CA MET E 242 -20.41 -2.66 20.15
C MET E 242 -19.55 -3.65 19.40
N GLY E 243 -18.98 -4.63 20.08
CA GLY E 243 -18.47 -5.81 19.44
C GLY E 243 -19.47 -6.94 19.55
N ALA E 244 -20.31 -6.89 20.59
CA ALA E 244 -21.39 -7.84 20.79
C ALA E 244 -22.67 -7.42 20.08
N LEU E 245 -22.59 -6.45 19.18
CA LEU E 245 -23.66 -6.13 18.26
C LEU E 245 -23.35 -6.56 16.84
N VAL E 246 -22.08 -6.72 16.49
CA VAL E 246 -21.68 -7.13 15.16
C VAL E 246 -21.49 -8.65 15.10
N ALA E 247 -22.09 -9.38 16.03
CA ALA E 247 -22.05 -10.84 15.98
C ALA E 247 -22.93 -11.38 14.87
N GLY E 248 -24.09 -10.77 14.67
CA GLY E 248 -25.04 -11.18 13.65
C GLY E 248 -25.08 -10.20 12.50
N ALA E 249 -23.91 -9.79 12.02
CA ALA E 249 -23.80 -8.90 10.89
C ALA E 249 -23.92 -9.59 9.55
N LYS E 250 -24.55 -10.77 9.51
CA LYS E 250 -24.78 -11.46 8.25
C LYS E 250 -25.84 -10.74 7.42
N TYR E 251 -27.04 -10.63 7.96
CA TYR E 251 -28.17 -10.23 7.15
C TYR E 251 -28.27 -8.72 7.03
N ARG E 252 -28.87 -8.28 5.92
CA ARG E 252 -29.03 -6.86 5.63
C ARG E 252 -29.95 -6.26 6.66
N GLY E 253 -29.39 -5.48 7.57
CA GLY E 253 -30.19 -4.78 8.55
C GLY E 253 -30.36 -5.48 9.87
N GLU E 254 -29.60 -6.54 10.16
CA GLU E 254 -29.69 -7.07 11.51
C GLU E 254 -28.97 -6.19 12.51
N PHE E 255 -27.80 -5.65 12.15
CA PHE E 255 -27.08 -4.80 13.08
C PHE E 255 -27.83 -3.49 13.31
N GLU E 256 -28.47 -2.96 12.27
CA GLU E 256 -29.27 -1.76 12.41
C GLU E 256 -30.49 -1.99 13.28
N GLU E 257 -31.04 -3.20 13.27
CA GLU E 257 -32.14 -3.54 14.15
C GLU E 257 -31.67 -3.71 15.59
N ARG E 258 -30.46 -4.22 15.77
CA ARG E 258 -29.90 -4.36 17.11
C ARG E 258 -29.64 -2.99 17.73
N LEU E 259 -29.11 -2.07 16.96
CA LEU E 259 -28.80 -0.76 17.50
C LEU E 259 -30.06 0.09 17.65
N LYS E 260 -30.97 0.04 16.70
CA LYS E 260 -32.22 0.78 16.86
C LYS E 260 -33.12 0.14 17.90
N GLY E 261 -32.91 -1.14 18.21
CA GLY E 261 -33.54 -1.70 19.39
C GLY E 261 -32.93 -1.20 20.67
N VAL E 262 -31.68 -0.76 20.62
CA VAL E 262 -31.04 -0.16 21.77
C VAL E 262 -31.41 1.31 21.88
N LEU E 263 -31.33 2.03 20.76
CA LEU E 263 -31.61 3.46 20.75
C LEU E 263 -33.07 3.79 21.03
N ASN E 264 -33.98 2.88 20.76
CA ASN E 264 -35.36 3.10 21.16
C ASN E 264 -35.57 2.75 22.62
N ASP E 265 -34.87 1.74 23.11
CA ASP E 265 -34.95 1.40 24.52
C ASP E 265 -34.30 2.42 25.42
N LEU E 266 -33.34 3.19 24.93
CA LEU E 266 -32.84 4.29 25.71
C LEU E 266 -33.79 5.46 25.69
N ALA E 267 -34.49 5.66 24.57
CA ALA E 267 -35.46 6.74 24.49
C ALA E 267 -36.69 6.46 25.35
N LYS E 268 -36.97 5.20 25.65
CA LYS E 268 -38.06 4.91 26.58
C LYS E 268 -37.67 5.22 28.01
N GLN E 269 -36.37 5.24 28.31
CA GLN E 269 -35.94 5.52 29.67
C GLN E 269 -36.07 6.99 30.00
N GLU E 270 -36.00 7.86 28.99
CA GLU E 270 -36.17 9.31 29.10
C GLU E 270 -35.14 9.90 30.07
N GLY E 271 -33.89 9.83 29.62
CA GLY E 271 -32.80 10.49 30.31
C GLY E 271 -32.20 9.71 31.45
N ASN E 272 -32.90 8.71 31.98
CA ASN E 272 -32.45 7.99 33.17
C ASN E 272 -31.49 6.88 32.86
N VAL E 273 -30.73 6.99 31.78
CA VAL E 273 -29.67 6.07 31.43
C VAL E 273 -28.55 6.88 30.81
N ILE E 274 -27.31 6.61 31.20
CA ILE E 274 -26.16 7.16 30.50
C ILE E 274 -25.40 5.98 29.91
N LEU E 275 -25.10 6.06 28.63
CA LEU E 275 -24.51 4.93 27.94
C LEU E 275 -23.01 5.01 28.03
N PHE E 276 -22.37 3.90 28.29
CA PHE E 276 -20.93 3.82 28.31
C PHE E 276 -20.51 2.93 27.15
N ILE E 277 -20.04 3.54 26.07
CA ILE E 277 -19.54 2.81 24.93
C ILE E 277 -18.03 2.70 25.09
N ASP E 278 -17.57 1.56 25.58
CA ASP E 278 -16.15 1.35 25.74
C ASP E 278 -15.53 0.98 24.41
N GLU E 279 -14.27 1.40 24.24
CA GLU E 279 -13.53 1.31 22.97
C GLU E 279 -14.36 1.93 21.86
N LEU E 280 -14.54 3.24 21.99
CA LEU E 280 -15.46 4.00 21.17
C LEU E 280 -15.11 4.00 19.69
N HIS E 281 -13.85 3.74 19.36
CA HIS E 281 -13.40 3.75 17.97
C HIS E 281 -13.96 2.61 17.14
N THR E 282 -14.64 1.64 17.75
CA THR E 282 -15.29 0.56 17.01
C THR E 282 -16.53 1.12 16.34
N MET E 283 -16.34 1.61 15.10
CA MET E 283 -17.41 2.10 14.24
C MET E 283 -17.28 1.54 12.83
N ALA E 295 -23.46 2.08 14.58
CA ALA E 295 -22.57 2.15 13.44
C ALA E 295 -21.83 3.43 13.47
N GLY E 296 -22.20 4.30 14.40
CA GLY E 296 -21.67 5.64 14.38
C GLY E 296 -22.61 6.54 13.62
N ASN E 297 -22.89 6.22 12.36
CA ASN E 297 -23.84 7.01 11.57
C ASN E 297 -25.27 6.89 12.06
N MET E 298 -25.60 5.87 12.82
CA MET E 298 -26.95 5.77 13.36
C MET E 298 -27.09 6.42 14.71
N LEU E 299 -26.04 6.37 15.54
CA LEU E 299 -26.01 7.15 16.77
C LEU E 299 -25.86 8.63 16.48
N LYS E 300 -25.30 8.99 15.33
CA LYS E 300 -24.93 10.37 15.02
C LYS E 300 -26.05 11.41 15.11
N PRO E 301 -27.31 11.15 14.73
CA PRO E 301 -28.34 12.14 15.06
C PRO E 301 -28.78 12.09 16.49
N ALA E 302 -28.56 10.98 17.20
CA ALA E 302 -29.01 10.88 18.58
C ALA E 302 -27.98 11.38 19.57
N LEU E 303 -26.73 11.57 19.15
CA LEU E 303 -25.72 12.14 20.02
C LEU E 303 -25.75 13.66 19.98
N ALA E 304 -26.07 14.25 18.84
CA ALA E 304 -26.00 15.69 18.65
C ALA E 304 -27.15 16.43 19.28
N ARG E 305 -28.19 15.74 19.69
CA ARG E 305 -29.29 16.39 20.37
C ARG E 305 -29.25 16.16 21.87
N GLY E 306 -28.30 15.36 22.34
CA GLY E 306 -28.24 15.07 23.75
C GLY E 306 -29.30 14.11 24.23
N GLU E 307 -29.93 13.38 23.32
CA GLU E 307 -30.91 12.37 23.74
C GLU E 307 -30.25 11.05 24.05
N LEU E 308 -28.93 11.01 24.01
CA LEU E 308 -28.14 9.82 24.26
C LEU E 308 -26.90 10.24 25.02
N HIS E 309 -26.80 9.82 26.28
CA HIS E 309 -25.76 10.33 27.17
C HIS E 309 -24.53 9.44 27.10
N CYS E 310 -23.97 9.35 25.90
CA CYS E 310 -22.91 8.39 25.64
C CYS E 310 -21.64 8.82 26.34
N VAL E 311 -20.90 7.84 26.86
CA VAL E 311 -19.61 8.09 27.49
C VAL E 311 -18.59 7.24 26.76
N GLY E 312 -17.75 7.84 25.98
CA GLY E 312 -16.74 7.07 25.28
C GLY E 312 -15.58 6.74 26.18
N ALA E 313 -14.73 5.85 25.70
CA ALA E 313 -13.46 5.59 26.37
C ALA E 313 -12.51 5.05 25.32
N THR E 314 -11.68 5.93 24.78
CA THR E 314 -10.81 5.51 23.70
C THR E 314 -9.42 6.05 23.97
N THR E 315 -8.45 5.48 23.27
CA THR E 315 -7.06 5.88 23.40
C THR E 315 -6.85 7.13 22.54
N LEU E 316 -5.85 7.93 22.91
CA LEU E 316 -5.61 9.19 22.22
C LEU E 316 -5.09 8.97 20.81
N ASP E 317 -4.48 7.83 20.53
CA ASP E 317 -4.08 7.50 19.17
C ASP E 317 -5.08 6.62 18.46
N GLU E 318 -5.99 5.98 19.19
CA GLU E 318 -7.13 5.32 18.59
C GLU E 318 -8.30 6.27 18.43
N TYR E 319 -8.10 7.54 18.76
CA TYR E 319 -8.97 8.62 18.36
C TYR E 319 -8.68 9.09 16.94
N ARG E 320 -7.73 8.47 16.25
CA ARG E 320 -7.53 8.69 14.82
C ARG E 320 -7.66 7.42 13.98
N GLN E 321 -7.65 6.29 14.69
CA GLN E 321 -8.05 5.03 14.11
C GLN E 321 -9.59 5.25 13.96
N TYR E 322 -10.21 5.95 14.94
CA TYR E 322 -11.60 6.36 14.92
C TYR E 322 -11.67 7.25 13.68
N ILE E 323 -12.70 7.03 12.89
CA ILE E 323 -12.80 7.66 11.57
C ILE E 323 -12.86 9.16 11.79
N GLU E 324 -11.69 9.81 11.74
CA GLU E 324 -11.60 11.26 11.82
C GLU E 324 -11.94 11.90 10.51
N LYS E 325 -11.99 11.12 9.43
CA LYS E 325 -12.58 11.60 8.20
C LYS E 325 -14.09 11.69 8.35
N ASP E 326 -14.64 10.94 9.32
CA ASP E 326 -15.98 11.19 9.84
C ASP E 326 -15.83 12.14 11.02
N ALA E 327 -15.58 13.41 10.67
CA ALA E 327 -15.32 14.45 11.65
C ALA E 327 -16.64 15.04 12.14
N ALA E 328 -17.75 14.54 11.61
CA ALA E 328 -19.05 14.84 12.17
C ALA E 328 -19.30 14.10 13.47
N LEU E 329 -18.58 13.02 13.72
CA LEU E 329 -18.65 12.31 14.98
C LEU E 329 -17.71 12.90 16.03
N GLU E 330 -16.69 13.61 15.60
CA GLU E 330 -15.83 14.28 16.56
C GLU E 330 -16.55 15.40 17.27
N ARG E 331 -17.48 16.07 16.59
CA ARG E 331 -18.19 17.20 17.17
C ARG E 331 -19.11 16.78 18.30
N ARG E 332 -19.64 15.57 18.23
CA ARG E 332 -20.62 15.10 19.19
C ARG E 332 -19.98 14.42 20.36
N PHE E 333 -18.70 14.64 20.59
CA PHE E 333 -17.95 13.86 21.55
C PHE E 333 -16.92 14.78 22.18
N GLN E 334 -17.07 15.07 23.46
CA GLN E 334 -16.18 15.97 24.16
C GLN E 334 -15.03 15.21 24.77
N LYS E 335 -13.81 15.58 24.40
CA LYS E 335 -12.65 14.87 24.90
C LYS E 335 -12.41 15.19 26.36
N VAL E 336 -12.54 14.20 27.21
CA VAL E 336 -12.20 14.32 28.60
C VAL E 336 -10.84 13.65 28.73
N PHE E 337 -9.79 14.43 28.89
CA PHE E 337 -8.45 13.88 28.82
C PHE E 337 -8.09 13.28 30.17
N VAL E 338 -8.11 11.96 30.23
CA VAL E 338 -7.63 11.21 31.39
C VAL E 338 -6.12 11.21 31.29
N ALA E 339 -5.49 12.13 31.98
CA ALA E 339 -4.04 12.23 31.95
C ALA E 339 -3.40 11.03 32.64
N GLU E 340 -2.24 10.65 32.11
CA GLU E 340 -1.40 9.65 32.74
C GLU E 340 -0.99 10.13 34.12
N PRO E 341 -1.42 9.47 35.21
CA PRO E 341 -1.28 10.07 36.55
C PRO E 341 0.15 10.12 37.06
N SER E 342 0.32 10.59 38.28
CA SER E 342 1.66 10.65 38.85
C SER E 342 2.03 9.29 39.47
N VAL E 343 3.12 9.27 40.21
CA VAL E 343 3.65 8.00 40.70
C VAL E 343 3.20 7.72 42.14
N GLU E 344 2.99 8.77 42.95
CA GLU E 344 2.73 8.57 44.37
C GLU E 344 1.30 8.14 44.63
N ASP E 345 0.38 8.47 43.71
CA ASP E 345 -1.02 8.17 43.93
C ASP E 345 -1.41 6.81 43.40
N THR E 346 -0.53 6.16 42.64
CA THR E 346 -0.73 4.76 42.30
C THR E 346 -0.67 3.90 43.56
N ILE E 347 0.17 4.28 44.52
CA ILE E 347 0.12 3.69 45.85
C ILE E 347 -1.21 3.99 46.50
N ALA E 348 -1.65 5.25 46.42
CA ALA E 348 -2.96 5.63 46.93
C ALA E 348 -4.08 4.95 46.16
N ILE E 349 -3.85 4.65 44.88
CA ILE E 349 -4.76 3.81 44.13
C ILE E 349 -4.74 2.38 44.67
N LEU E 350 -3.53 1.87 44.93
CA LEU E 350 -3.39 0.48 45.32
C LEU E 350 -3.68 0.24 46.80
N ARG E 351 -3.53 1.25 47.65
CA ARG E 351 -3.95 1.11 49.03
C ARG E 351 -5.47 0.95 49.11
N GLY E 352 -6.20 1.53 48.17
CA GLY E 352 -7.63 1.28 48.09
C GLY E 352 -7.97 -0.02 47.40
N LEU E 353 -7.03 -0.59 46.65
CA LEU E 353 -7.31 -1.79 45.89
C LEU E 353 -6.85 -3.08 46.55
N LYS E 354 -5.88 -3.01 47.46
CA LYS E 354 -5.24 -4.22 47.95
C LYS E 354 -6.15 -5.06 48.83
N GLU E 355 -7.25 -4.50 49.33
CA GLU E 355 -8.12 -5.27 50.21
C GLU E 355 -8.91 -6.32 49.44
N ARG E 356 -9.03 -6.19 48.13
CA ARG E 356 -9.68 -7.20 47.31
C ARG E 356 -8.72 -8.25 46.80
N TYR E 357 -7.42 -8.04 46.94
CA TYR E 357 -6.44 -9.09 46.72
C TYR E 357 -6.27 -9.95 47.94
N GLU E 358 -6.51 -9.40 49.13
CA GLU E 358 -6.54 -10.20 50.34
C GLU E 358 -7.73 -11.17 50.33
N LEU E 359 -8.84 -10.79 49.70
CA LEU E 359 -10.04 -11.60 49.72
C LEU E 359 -10.25 -12.40 48.44
N HIS E 360 -9.31 -12.36 47.51
CA HIS E 360 -9.35 -13.24 46.34
C HIS E 360 -8.16 -14.18 46.30
N HIS E 361 -6.94 -13.64 46.44
CA HIS E 361 -5.75 -14.48 46.46
C HIS E 361 -5.56 -15.18 47.79
N HIS E 362 -6.25 -14.71 48.84
CA HIS E 362 -6.02 -15.12 50.24
C HIS E 362 -4.56 -14.95 50.63
N VAL E 363 -3.97 -13.83 50.20
CA VAL E 363 -2.61 -13.46 50.54
C VAL E 363 -2.68 -12.21 51.39
N GLN E 364 -1.52 -11.74 51.81
CA GLN E 364 -1.41 -10.48 52.52
C GLN E 364 -0.40 -9.62 51.80
N ILE E 365 -0.74 -8.35 51.58
CA ILE E 365 0.15 -7.41 50.94
C ILE E 365 0.64 -6.45 52.00
N THR E 366 1.91 -6.09 51.94
CA THR E 366 2.46 -5.09 52.84
C THR E 366 2.63 -3.78 52.07
N ASP E 367 2.50 -2.67 52.79
CA ASP E 367 2.69 -1.37 52.17
C ASP E 367 4.12 -1.13 51.67
N PRO E 368 5.19 -1.76 52.20
CA PRO E 368 6.45 -1.78 51.45
C PRO E 368 6.36 -2.37 50.06
N ALA E 369 5.54 -3.39 49.83
CA ALA E 369 5.38 -3.92 48.48
C ALA E 369 4.67 -2.92 47.58
N ILE E 370 3.69 -2.21 48.13
CA ILE E 370 2.86 -1.31 47.34
C ILE E 370 3.64 -0.08 46.92
N VAL E 371 4.46 0.46 47.82
CA VAL E 371 5.28 1.60 47.42
C VAL E 371 6.41 1.14 46.51
N ALA E 372 6.80 -0.13 46.60
CA ALA E 372 7.81 -0.67 45.70
C ALA E 372 7.25 -0.83 44.30
N ALA E 373 6.12 -1.54 44.19
CA ALA E 373 5.56 -1.93 42.90
C ALA E 373 5.12 -0.74 42.06
N ALA E 374 4.85 0.40 42.68
CA ALA E 374 4.56 1.60 41.92
C ALA E 374 5.79 2.41 41.63
N THR E 375 6.91 2.13 42.28
CA THR E 375 8.19 2.79 42.01
C THR E 375 9.13 1.91 41.19
N LEU E 376 9.04 0.60 41.36
CA LEU E 376 9.80 -0.30 40.50
C LEU E 376 9.20 -0.35 39.10
N SER E 377 7.92 -0.01 38.95
CA SER E 377 7.30 0.00 37.63
C SER E 377 7.48 1.33 36.91
N HIS E 378 7.63 2.42 37.64
CA HIS E 378 7.81 3.71 36.99
C HIS E 378 9.17 3.86 36.33
N ARG E 379 10.16 3.08 36.75
CA ARG E 379 11.52 3.19 36.19
C ARG E 379 11.90 2.01 35.31
N TYR E 380 11.51 0.80 35.68
CA TYR E 380 11.95 -0.39 34.98
C TYR E 380 11.00 -0.82 33.87
N ILE E 381 9.81 -0.22 33.80
CA ILE E 381 8.82 -0.50 32.76
C ILE E 381 8.48 0.81 32.06
N ALA E 382 8.35 0.75 30.73
CA ALA E 382 7.99 1.92 29.95
C ALA E 382 6.81 1.71 29.01
N ASP E 383 6.37 0.47 28.79
CA ASP E 383 5.36 0.17 27.78
C ASP E 383 3.94 0.09 28.34
N ARG E 384 3.76 0.38 29.62
CA ARG E 384 2.45 0.55 30.22
C ARG E 384 2.45 1.88 30.95
N GLN E 385 1.28 2.47 31.20
CA GLN E 385 1.39 3.87 31.58
C GLN E 385 1.59 4.16 33.07
N LEU E 386 0.54 4.34 33.88
CA LEU E 386 0.79 4.18 35.32
C LEU E 386 0.15 2.99 36.03
N PRO E 387 -1.18 2.88 36.15
CA PRO E 387 -1.76 2.17 37.29
C PRO E 387 -2.20 0.74 37.02
N ASP E 388 -2.08 0.20 35.82
CA ASP E 388 -2.24 -1.23 35.60
C ASP E 388 -0.92 -1.94 35.55
N LYS E 389 0.11 -1.19 35.15
CA LYS E 389 1.51 -1.60 35.26
C LYS E 389 1.82 -2.10 36.65
N ALA E 390 1.54 -1.27 37.67
CA ALA E 390 1.79 -1.64 39.04
C ALA E 390 0.84 -2.70 39.56
N ILE E 391 -0.33 -2.87 38.96
CA ILE E 391 -1.27 -3.87 39.44
C ILE E 391 -0.86 -5.26 39.00
N ASP E 392 -0.38 -5.39 37.76
CA ASP E 392 0.03 -6.69 37.26
C ASP E 392 1.28 -7.21 37.95
N LEU E 393 2.08 -6.32 38.56
CA LEU E 393 3.12 -6.76 39.48
C LEU E 393 2.51 -7.43 40.70
N ILE E 394 1.60 -6.73 41.37
CA ILE E 394 1.07 -7.20 42.63
C ILE E 394 0.13 -8.38 42.41
N ASP E 395 -0.53 -8.44 41.26
CA ASP E 395 -1.42 -9.58 41.02
C ASP E 395 -0.62 -10.83 40.67
N GLU E 396 0.51 -10.68 39.97
CA GLU E 396 1.38 -11.82 39.73
C GLU E 396 2.09 -12.26 41.00
N ALA E 397 2.61 -11.31 41.78
CA ALA E 397 3.33 -11.62 43.01
C ALA E 397 2.42 -12.26 44.03
N ALA E 398 1.13 -11.93 43.99
CA ALA E 398 0.17 -12.64 44.82
C ALA E 398 -0.01 -14.08 44.38
N SER E 399 0.28 -14.41 43.13
CA SER E 399 0.17 -15.80 42.70
C SER E 399 1.51 -16.52 42.77
N SER E 400 2.63 -15.78 42.63
CA SER E 400 3.93 -16.41 42.79
C SER E 400 4.18 -16.80 44.24
N ILE E 401 3.66 -16.02 45.18
CA ILE E 401 3.74 -16.40 46.58
C ILE E 401 2.88 -17.62 46.85
N ARG E 402 1.66 -17.65 46.30
CA ARG E 402 0.83 -18.85 46.41
C ARG E 402 1.34 -19.99 45.54
N MET E 403 2.26 -19.73 44.62
CA MET E 403 3.01 -20.80 43.97
C MET E 403 4.07 -21.37 44.91
N GLN E 404 4.94 -20.50 45.43
CA GLN E 404 6.06 -20.94 46.24
C GLN E 404 5.64 -21.49 47.60
N ILE E 405 4.40 -21.25 48.03
CA ILE E 405 3.93 -21.82 49.29
C ILE E 405 3.20 -23.15 49.08
N ASP E 406 2.86 -23.50 47.83
CA ASP E 406 2.20 -24.76 47.51
C ASP E 406 2.83 -25.40 46.27
N SER E 407 4.15 -25.30 46.15
CA SER E 407 4.90 -26.05 45.15
C SER E 407 6.34 -26.14 45.64
N LYS E 408 6.80 -27.35 45.92
CA LYS E 408 8.13 -27.55 46.49
C LYS E 408 9.02 -28.36 45.56
N ARG E 525 6.96 -16.33 57.70
CA ARG E 525 7.81 -16.82 56.62
C ARG E 525 7.44 -18.25 56.24
N LEU E 526 7.15 -19.06 57.27
CA LEU E 526 6.69 -20.43 57.03
C LEU E 526 5.28 -20.42 56.46
N LEU E 527 4.37 -19.68 57.09
CA LEU E 527 3.03 -19.44 56.54
C LEU E 527 3.05 -18.15 55.71
N ARG E 528 3.86 -18.18 54.64
CA ARG E 528 4.07 -17.01 53.80
C ARG E 528 2.83 -16.80 52.93
N ASN E 529 1.99 -15.88 53.36
CA ASN E 529 1.06 -15.23 52.46
C ASN E 529 1.43 -13.77 52.24
N LYS E 530 2.65 -13.39 52.59
CA LYS E 530 3.06 -12.00 52.53
C LYS E 530 3.69 -11.69 51.19
N VAL E 531 3.66 -10.41 50.84
CA VAL E 531 4.33 -9.89 49.66
C VAL E 531 5.04 -8.60 50.09
N THR E 532 6.34 -8.53 49.85
CA THR E 532 7.15 -7.37 50.23
C THR E 532 8.06 -7.07 49.03
N ASP E 533 9.01 -6.15 49.21
CA ASP E 533 9.91 -5.71 48.15
C ASP E 533 10.81 -6.82 47.62
N ALA E 534 11.14 -7.81 48.46
CA ALA E 534 11.99 -8.91 48.04
C ALA E 534 11.32 -9.83 47.03
N GLU E 535 9.99 -9.86 47.02
CA GLU E 535 9.25 -10.73 46.11
C GLU E 535 8.44 -9.97 45.08
N ILE E 536 8.48 -8.63 45.09
CA ILE E 536 8.00 -7.86 43.94
C ILE E 536 9.05 -7.84 42.84
N ALA E 537 10.30 -7.58 43.21
CA ALA E 537 11.36 -7.40 42.22
C ALA E 537 11.72 -8.72 41.54
N GLU E 538 11.53 -9.86 42.21
CA GLU E 538 11.74 -11.13 41.54
C GLU E 538 10.61 -11.46 40.57
N VAL E 539 9.45 -10.85 40.73
CA VAL E 539 8.45 -10.86 39.67
C VAL E 539 8.84 -9.88 38.57
N LEU E 540 9.39 -8.73 38.96
CA LEU E 540 9.86 -7.77 37.97
C LEU E 540 11.15 -8.21 37.29
N ALA E 541 12.02 -8.98 37.96
CA ALA E 541 13.18 -9.52 37.28
C ALA E 541 12.80 -10.62 36.31
N ARG E 542 11.63 -11.23 36.47
CA ARG E 542 11.06 -12.10 35.45
C ARG E 542 10.55 -11.32 34.25
N TRP E 543 10.30 -10.01 34.40
CA TRP E 543 9.82 -9.19 33.31
C TRP E 543 10.96 -8.58 32.50
N THR E 544 11.83 -7.79 33.13
CA THR E 544 12.79 -7.02 32.36
C THR E 544 14.23 -7.14 32.85
N GLY E 545 14.54 -8.05 33.76
CA GLY E 545 15.91 -8.27 34.18
C GLY E 545 16.49 -7.10 34.95
N ILE E 546 15.97 -6.85 36.15
CA ILE E 546 16.23 -5.59 36.84
C ILE E 546 17.45 -5.73 37.74
N PRO E 547 18.02 -4.63 38.25
CA PRO E 547 18.92 -4.74 39.41
C PRO E 547 18.20 -5.09 40.72
N VAL E 548 18.42 -6.31 41.21
CA VAL E 548 17.68 -6.84 42.36
C VAL E 548 18.66 -6.88 43.54
N SER E 549 19.68 -6.02 43.52
CA SER E 549 20.81 -6.19 44.43
C SER E 549 20.48 -5.78 45.85
N ARG E 550 19.56 -4.84 46.05
CA ARG E 550 19.23 -4.40 47.40
C ARG E 550 18.44 -5.43 48.18
N MET E 551 17.86 -6.42 47.51
CA MET E 551 16.98 -7.40 48.13
C MET E 551 17.36 -8.83 47.73
N MET E 552 18.66 -9.10 47.58
CA MET E 552 19.12 -10.44 47.22
C MET E 552 20.10 -11.07 48.21
N GLU E 553 20.85 -10.27 49.00
CA GLU E 553 21.77 -10.71 50.06
C GLU E 553 22.88 -11.64 49.56
N SER E 554 23.25 -11.56 48.29
CA SER E 554 24.39 -12.33 47.77
C SER E 554 25.29 -11.53 46.86
N GLU E 555 24.90 -10.33 46.45
CA GLU E 555 25.73 -9.47 45.61
C GLU E 555 26.85 -8.81 46.39
N ARG E 556 26.79 -8.86 47.73
CA ARG E 556 27.65 -8.05 48.58
C ARG E 556 29.13 -8.42 48.50
N GLU E 557 29.45 -9.64 48.06
CA GLU E 557 30.84 -10.01 47.85
C GLU E 557 31.44 -9.32 46.63
N LYS E 558 30.65 -9.17 45.56
CA LYS E 558 31.13 -8.58 44.31
C LYS E 558 31.41 -7.10 44.42
N LEU E 559 30.97 -6.45 45.50
CA LEU E 559 31.07 -5.00 45.59
C LEU E 559 32.42 -4.56 46.16
N LEU E 560 33.11 -5.46 46.83
CA LEU E 560 34.51 -5.25 47.16
C LEU E 560 35.46 -5.83 46.11
N ARG E 561 35.07 -6.94 45.49
CA ARG E 561 35.84 -7.58 44.43
C ARG E 561 35.45 -7.08 43.05
N MET E 562 35.03 -5.81 42.96
CA MET E 562 34.45 -5.28 41.73
C MET E 562 35.50 -5.11 40.65
N GLU E 563 36.50 -4.27 40.91
CA GLU E 563 37.53 -4.00 39.92
C GLU E 563 38.46 -5.19 39.75
N GLN E 564 38.60 -6.03 40.77
CA GLN E 564 39.46 -7.21 40.64
C GLN E 564 38.83 -8.24 39.71
N GLU E 565 37.51 -8.29 39.63
CA GLU E 565 36.87 -9.16 38.64
C GLU E 565 37.03 -8.60 37.24
N LEU E 566 36.99 -7.28 37.10
CA LEU E 566 37.16 -6.66 35.80
C LEU E 566 38.59 -6.79 35.31
N HIS E 567 39.54 -6.91 36.22
CA HIS E 567 40.93 -7.13 35.86
C HIS E 567 41.25 -8.60 35.58
N HIS E 568 40.30 -9.51 35.85
CA HIS E 568 40.37 -10.84 35.28
C HIS E 568 39.98 -10.87 33.81
N ARG E 569 39.40 -9.78 33.32
CA ARG E 569 38.96 -9.67 31.95
C ARG E 569 39.70 -8.60 31.16
N VAL E 570 40.09 -7.49 31.81
CA VAL E 570 40.96 -6.50 31.18
C VAL E 570 42.01 -6.06 32.20
N ILE E 571 43.25 -6.44 31.94
CA ILE E 571 44.32 -6.28 32.91
C ILE E 571 44.90 -4.88 32.70
N GLY E 572 45.54 -4.34 33.73
CA GLY E 572 45.93 -2.94 33.70
C GLY E 572 44.69 -2.08 33.81
N GLN E 573 44.77 -0.91 33.18
CA GLN E 573 43.65 0.03 33.02
C GLN E 573 43.05 0.43 34.38
N ASN E 574 43.92 0.70 35.34
CA ASN E 574 43.45 1.04 36.68
C ASN E 574 42.84 2.42 36.71
N GLU E 575 43.34 3.34 35.90
CA GLU E 575 42.68 4.64 35.77
C GLU E 575 41.39 4.53 34.97
N ALA E 576 41.25 3.47 34.18
CA ALA E 576 40.13 3.31 33.25
C ALA E 576 38.94 2.60 33.87
N VAL E 577 39.18 1.47 34.53
CA VAL E 577 38.11 0.69 35.12
C VAL E 577 37.49 1.42 36.30
N ASP E 578 38.33 2.00 37.16
CA ASP E 578 37.82 2.78 38.27
C ASP E 578 37.17 4.09 37.83
N ALA E 579 37.42 4.53 36.61
CA ALA E 579 36.63 5.63 36.07
C ALA E 579 35.28 5.17 35.55
N VAL E 580 35.17 3.90 35.19
CA VAL E 580 33.95 3.34 34.65
C VAL E 580 33.16 2.59 35.70
N SER E 581 33.80 1.66 36.40
CA SER E 581 33.08 0.83 37.35
C SER E 581 32.68 1.62 38.59
N ASN E 582 33.42 2.67 38.92
CA ASN E 582 32.96 3.61 39.92
C ASN E 582 32.23 4.78 39.32
N ALA E 583 31.74 4.62 38.10
CA ALA E 583 30.65 5.43 37.60
C ALA E 583 29.34 4.66 37.54
N ILE E 584 29.42 3.33 37.73
CA ILE E 584 28.21 2.52 37.87
C ILE E 584 27.71 2.59 39.30
N ARG E 585 28.63 2.69 40.25
CA ARG E 585 28.25 2.88 41.65
C ARG E 585 27.57 4.21 41.89
N ARG E 586 27.83 5.21 41.04
CA ARG E 586 27.09 6.46 41.10
C ARG E 586 25.61 6.26 40.83
N SER E 587 25.27 5.31 39.95
CA SER E 587 23.88 5.11 39.61
C SER E 587 23.30 3.79 40.08
N ARG E 588 24.10 2.94 40.71
CA ARG E 588 23.48 1.87 41.49
C ARG E 588 22.87 2.43 42.77
N ALA E 589 23.42 3.53 43.26
CA ALA E 589 22.72 4.35 44.24
C ALA E 589 21.96 5.47 43.52
N GLY E 590 21.21 6.24 44.28
CA GLY E 590 20.43 7.29 43.68
C GLY E 590 21.16 8.61 43.55
N LEU E 591 22.43 8.54 43.12
CA LEU E 591 23.27 9.74 43.05
C LEU E 591 23.38 10.33 41.66
N ALA E 592 23.39 9.49 40.63
CA ALA E 592 23.59 9.99 39.29
C ALA E 592 22.37 10.78 38.81
N ASP E 593 22.59 11.57 37.78
CA ASP E 593 21.56 12.41 37.22
C ASP E 593 20.50 11.53 36.54
N PRO E 594 19.22 11.75 36.81
CA PRO E 594 18.20 10.89 36.21
C PRO E 594 18.02 11.15 34.73
N ASN E 595 18.22 12.38 34.29
CA ASN E 595 17.97 12.75 32.91
C ASN E 595 19.22 12.63 32.07
N ARG E 596 20.12 11.73 32.39
CA ARG E 596 21.33 11.49 31.61
C ARG E 596 21.56 10.00 31.58
N PRO E 597 22.42 9.50 30.69
CA PRO E 597 22.85 8.11 30.80
C PRO E 597 23.56 7.77 32.10
N ILE E 598 23.78 6.47 32.31
CA ILE E 598 24.52 6.03 33.49
C ILE E 598 25.95 6.55 33.43
N GLY E 599 26.54 6.48 32.26
CA GLY E 599 27.84 7.07 32.06
C GLY E 599 28.09 7.27 30.59
N SER E 600 28.71 8.38 30.27
CA SER E 600 29.30 8.59 28.95
C SER E 600 30.80 8.45 29.11
N PHE E 601 31.43 7.80 28.16
CA PHE E 601 32.86 7.57 28.21
C PHE E 601 33.47 7.71 26.83
N LEU E 602 34.63 8.34 26.79
CA LEU E 602 35.47 8.39 25.61
C LEU E 602 36.71 7.59 25.94
N PHE E 603 36.74 6.34 25.48
CA PHE E 603 37.87 5.44 25.74
C PHE E 603 38.98 5.78 24.79
N LEU E 604 39.92 6.59 25.25
CA LEU E 604 41.03 6.97 24.40
C LEU E 604 42.26 6.12 24.72
N GLY E 605 42.92 5.64 23.67
CA GLY E 605 44.05 4.76 23.82
C GLY E 605 44.39 4.13 22.50
N PRO E 606 45.50 3.41 22.43
CA PRO E 606 45.89 2.76 21.18
C PRO E 606 45.09 1.49 20.96
N THR E 607 45.47 0.75 19.93
CA THR E 607 44.71 -0.40 19.50
C THR E 607 45.14 -1.62 20.31
N GLY E 608 44.18 -2.49 20.61
CA GLY E 608 44.46 -3.75 21.28
C GLY E 608 44.90 -3.58 22.72
N VAL E 609 44.31 -2.64 23.42
CA VAL E 609 44.73 -2.32 24.78
C VAL E 609 43.67 -2.67 25.81
N GLY E 610 42.51 -3.14 25.39
CA GLY E 610 41.48 -3.54 26.32
C GLY E 610 40.27 -2.63 26.30
N LYS E 611 40.09 -1.91 25.20
CA LYS E 611 38.93 -1.03 25.04
C LYS E 611 37.64 -1.84 25.03
N THR E 612 37.45 -2.64 23.98
CA THR E 612 36.21 -3.39 23.85
C THR E 612 36.13 -4.57 24.81
N GLU E 613 37.25 -4.95 25.42
CA GLU E 613 37.16 -5.96 26.45
C GLU E 613 36.74 -5.40 27.80
N LEU E 614 36.85 -4.08 27.99
CA LEU E 614 36.24 -3.46 29.16
C LEU E 614 34.74 -3.31 28.96
N CYS E 615 34.31 -3.06 27.72
CA CYS E 615 32.89 -2.94 27.47
C CYS E 615 32.19 -4.28 27.54
N LYS E 616 32.83 -5.34 27.04
CA LYS E 616 32.30 -6.68 27.20
C LYS E 616 32.30 -7.09 28.67
N ALA E 617 33.32 -6.65 29.42
CA ALA E 617 33.34 -6.92 30.85
C ALA E 617 32.25 -6.15 31.57
N LEU E 618 32.03 -4.89 31.18
CA LEU E 618 30.94 -4.11 31.74
C LEU E 618 29.59 -4.64 31.28
N ALA E 619 29.57 -5.34 30.14
CA ALA E 619 28.35 -6.00 29.71
C ALA E 619 27.99 -7.15 30.64
N ASN E 620 28.91 -8.08 30.85
CA ASN E 620 28.64 -9.23 31.69
C ASN E 620 28.64 -8.91 33.18
N PHE E 621 29.00 -7.69 33.55
CA PHE E 621 28.94 -7.30 34.96
C PHE E 621 27.57 -6.74 35.32
N MET E 622 27.16 -5.66 34.65
CA MET E 622 25.97 -4.90 35.07
C MET E 622 24.67 -5.64 34.78
N PHE E 623 24.43 -5.94 33.51
CA PHE E 623 23.23 -6.65 33.09
C PHE E 623 23.55 -8.07 32.67
N ASP E 624 24.68 -8.60 33.13
CA ASP E 624 25.04 -10.02 33.22
C ASP E 624 25.23 -10.71 31.88
N SER E 625 24.99 -10.02 30.77
CA SER E 625 25.01 -10.65 29.46
C SER E 625 25.94 -9.86 28.55
N ASP E 626 26.60 -10.57 27.64
CA ASP E 626 27.39 -9.91 26.61
C ASP E 626 26.52 -9.31 25.51
N GLU E 627 25.24 -9.69 25.44
CA GLU E 627 24.34 -9.08 24.46
C GLU E 627 24.01 -7.65 24.85
N ALA E 628 24.16 -7.28 26.13
CA ALA E 628 23.89 -5.91 26.56
C ALA E 628 24.86 -4.93 25.94
N MET E 629 26.04 -5.37 25.53
CA MET E 629 26.90 -4.53 24.71
C MET E 629 26.29 -4.43 23.33
N VAL E 630 25.47 -3.40 23.11
CA VAL E 630 24.97 -3.10 21.78
C VAL E 630 26.12 -2.35 21.10
N ARG E 631 26.95 -3.09 20.40
CA ARG E 631 28.12 -2.52 19.77
C ARG E 631 27.72 -1.92 18.44
N ILE E 632 27.99 -0.64 18.26
CA ILE E 632 27.78 0.03 16.99
C ILE E 632 29.15 0.30 16.41
N ASP E 633 29.33 -0.03 15.14
CA ASP E 633 30.55 0.40 14.49
C ASP E 633 30.45 1.88 14.18
N MET E 634 31.57 2.49 13.82
CA MET E 634 31.51 3.85 13.31
C MET E 634 32.32 3.99 12.03
N SER E 635 32.82 2.89 11.49
CA SER E 635 33.39 2.93 10.17
C SER E 635 32.31 2.84 9.10
N GLU E 636 31.16 2.27 9.45
CA GLU E 636 30.03 2.25 8.52
C GLU E 636 29.46 3.65 8.32
N PHE E 637 29.58 4.51 9.32
CA PHE E 637 28.93 5.81 9.32
C PHE E 637 29.92 6.86 8.88
N MET E 638 30.53 6.63 7.72
CA MET E 638 31.45 7.60 7.17
C MET E 638 30.77 8.81 6.57
N GLU E 639 29.68 8.63 5.84
CA GLU E 639 29.13 9.70 5.01
C GLU E 639 27.92 10.35 5.67
N LYS E 640 27.29 11.26 4.92
CA LYS E 640 26.15 12.00 5.43
C LYS E 640 24.94 11.09 5.61
N HIS E 641 24.49 10.45 4.53
CA HIS E 641 23.26 9.66 4.51
C HIS E 641 23.32 8.42 5.38
N SER E 642 24.49 8.06 5.91
CA SER E 642 24.59 6.94 6.83
C SER E 642 23.99 7.24 8.18
N VAL E 643 23.63 8.49 8.44
CA VAL E 643 23.13 8.89 9.75
C VAL E 643 21.71 8.41 9.96
N SER E 644 21.01 8.06 8.90
CA SER E 644 19.66 7.53 9.01
C SER E 644 19.65 6.05 9.25
N ARG E 645 20.80 5.43 9.50
CA ARG E 645 20.82 4.06 9.96
C ARG E 645 20.63 3.96 11.45
N LEU E 646 21.02 4.99 12.19
CA LEU E 646 20.94 4.93 13.64
C LEU E 646 19.83 5.78 14.23
N VAL E 647 19.22 6.68 13.45
CA VAL E 647 17.90 7.15 13.86
C VAL E 647 16.85 6.42 13.04
N GLY E 648 16.90 6.52 11.73
CA GLY E 648 15.86 5.90 10.93
C GLY E 648 15.52 6.80 9.78
N ALA E 649 14.70 6.38 8.99
CA ALA E 649 14.36 7.23 7.87
C ALA E 649 13.20 8.13 8.24
N PRO E 650 13.11 9.32 7.69
CA PRO E 650 11.97 10.17 7.93
C PRO E 650 10.74 9.60 7.24
N PRO E 651 9.54 10.04 7.62
CA PRO E 651 8.33 9.59 6.95
C PRO E 651 8.33 9.93 5.47
N GLY E 652 7.86 8.99 4.67
CA GLY E 652 7.92 9.08 3.24
C GLY E 652 8.96 8.20 2.61
N TYR E 653 9.92 7.70 3.39
CA TYR E 653 11.12 7.11 2.84
C TYR E 653 11.24 5.66 3.23
N VAL E 654 12.09 4.94 2.49
CA VAL E 654 12.31 3.50 2.72
C VAL E 654 12.93 3.29 4.08
N GLY E 655 12.41 2.33 4.83
CA GLY E 655 12.93 2.10 6.14
C GLY E 655 12.37 3.02 7.19
N TYR E 656 11.25 3.67 6.90
CA TYR E 656 10.55 4.37 7.95
C TYR E 656 9.98 3.38 8.95
N GLU E 657 9.42 2.27 8.47
CA GLU E 657 8.74 1.36 9.37
C GLU E 657 9.71 0.44 10.10
N GLU E 658 10.89 0.21 9.53
CA GLU E 658 11.86 -0.64 10.20
C GLU E 658 12.73 0.12 11.18
N GLY E 659 12.56 1.43 11.28
CA GLY E 659 13.28 2.23 12.25
C GLY E 659 14.75 2.35 11.92
N GLY E 660 15.53 2.58 12.98
CA GLY E 660 16.97 2.64 12.88
C GLY E 660 17.63 1.67 13.85
N TYR E 661 18.95 1.60 13.77
CA TYR E 661 19.66 0.58 14.52
C TYR E 661 19.81 0.95 15.97
N LEU E 662 20.28 2.17 16.24
CA LEU E 662 20.52 2.61 17.60
C LEU E 662 19.22 2.76 18.36
N THR E 663 18.17 3.22 17.68
CA THR E 663 16.95 3.57 18.40
C THR E 663 16.13 2.32 18.75
N GLU E 664 16.01 1.36 17.83
CA GLU E 664 15.27 0.15 18.18
C GLU E 664 16.08 -0.75 19.11
N ALA E 665 17.39 -0.54 19.19
CA ALA E 665 18.19 -1.29 20.15
C ALA E 665 17.88 -0.89 21.58
N VAL E 666 17.65 0.40 21.82
CA VAL E 666 17.31 0.87 23.16
C VAL E 666 15.82 0.79 23.43
N ARG E 667 14.99 0.66 22.41
CA ARG E 667 13.59 0.45 22.70
C ARG E 667 13.35 -0.96 23.24
N ARG E 668 13.95 -1.96 22.61
CA ARG E 668 13.72 -3.32 23.05
C ARG E 668 14.55 -3.68 24.27
N ARG E 669 15.68 -3.01 24.45
CA ARG E 669 16.56 -3.27 25.59
C ARG E 669 17.17 -1.95 26.01
N PRO E 670 16.50 -1.20 26.89
CA PRO E 670 17.02 0.10 27.30
C PRO E 670 18.23 0.02 28.19
N TYR E 671 18.54 -1.16 28.70
CA TYR E 671 19.65 -1.33 29.63
C TYR E 671 20.82 -1.94 28.88
N SER E 672 21.48 -1.09 28.12
CA SER E 672 22.54 -1.51 27.22
C SER E 672 23.88 -0.95 27.69
N VAL E 673 24.93 -1.40 27.02
CA VAL E 673 26.28 -0.94 27.28
C VAL E 673 26.80 -0.44 25.93
N ILE E 674 25.95 0.34 25.24
CA ILE E 674 26.14 0.83 23.89
C ILE E 674 27.55 1.32 23.61
N LEU E 675 28.16 0.75 22.59
CA LEU E 675 29.58 0.90 22.32
C LEU E 675 29.75 1.37 20.89
N LEU E 676 30.61 2.35 20.70
CA LEU E 676 30.74 3.04 19.43
C LEU E 676 32.20 2.95 19.02
N ASP E 677 32.57 1.83 18.42
CA ASP E 677 33.97 1.58 18.12
C ASP E 677 34.47 2.47 17.00
N GLU E 678 35.65 3.04 17.21
CA GLU E 678 36.35 3.91 16.26
C GLU E 678 35.50 5.11 15.90
N VAL E 679 35.09 5.85 16.93
CA VAL E 679 34.11 6.93 16.80
C VAL E 679 34.63 8.10 15.98
N GLU E 680 35.94 8.23 15.82
CA GLU E 680 36.49 9.28 14.97
C GLU E 680 36.39 8.93 13.50
N LYS E 681 36.09 7.69 13.16
CA LYS E 681 35.88 7.34 11.76
C LYS E 681 34.48 7.70 11.30
N ALA E 682 33.60 8.03 12.23
CA ALA E 682 32.31 8.57 11.85
C ALA E 682 32.48 9.97 11.28
N HIS E 683 31.42 10.47 10.67
CA HIS E 683 31.40 11.83 10.19
C HIS E 683 31.44 12.79 11.38
N PRO E 684 31.82 14.05 11.15
CA PRO E 684 31.57 15.07 12.18
C PRO E 684 30.10 15.27 12.52
N ASP E 685 29.19 14.82 11.66
CA ASP E 685 27.75 14.97 11.85
C ASP E 685 27.13 13.83 12.63
N VAL E 686 27.75 12.65 12.64
CA VAL E 686 27.22 11.53 13.40
C VAL E 686 27.44 11.74 14.89
N PHE E 687 28.37 12.61 15.26
CA PHE E 687 28.51 13.02 16.64
C PHE E 687 27.28 13.76 17.12
N ASN E 688 26.65 14.53 16.25
CA ASN E 688 25.52 15.38 16.63
C ASN E 688 24.29 14.57 17.01
N ILE E 689 24.21 13.32 16.59
CA ILE E 689 23.16 12.44 17.06
C ILE E 689 23.40 12.08 18.51
N LEU E 690 24.66 11.97 18.90
CA LEU E 690 24.99 11.63 20.27
C LEU E 690 24.87 12.80 21.22
N LEU E 691 24.69 14.01 20.71
CA LEU E 691 24.51 15.17 21.59
C LEU E 691 23.27 15.02 22.44
N GLN E 692 22.19 14.55 21.85
CA GLN E 692 20.99 14.33 22.63
C GLN E 692 21.02 13.00 23.36
N VAL E 693 21.92 12.11 22.99
CA VAL E 693 22.15 10.92 23.77
C VAL E 693 22.80 11.30 25.09
N LEU E 694 23.58 12.38 25.11
CA LEU E 694 24.29 12.78 26.32
C LEU E 694 23.75 14.05 26.97
N ASP E 695 23.25 15.02 26.20
CA ASP E 695 22.37 16.05 26.74
C ASP E 695 20.97 15.46 26.80
N ASP E 696 20.45 15.29 28.01
CA ASP E 696 19.06 14.90 28.34
C ASP E 696 18.78 13.42 28.05
N GLY E 697 19.67 12.72 27.36
CA GLY E 697 19.61 11.27 27.31
C GLY E 697 18.49 10.67 26.50
N ARG E 698 18.05 11.31 25.44
CA ARG E 698 16.96 10.82 24.62
C ARG E 698 17.29 11.03 23.16
N LEU E 699 17.00 10.05 22.34
CA LEU E 699 17.17 10.17 20.90
C LEU E 699 15.87 9.78 20.25
N THR E 700 15.38 10.60 19.33
CA THR E 700 14.11 10.35 18.67
C THR E 700 14.33 9.96 17.23
N ASP E 701 13.68 8.88 16.81
CA ASP E 701 13.95 8.30 15.50
C ASP E 701 13.06 8.92 14.45
N GLY E 702 13.20 8.43 13.22
CA GLY E 702 12.39 8.93 12.12
C GLY E 702 10.93 8.57 12.24
N GLN E 703 10.60 7.57 13.04
CA GLN E 703 9.20 7.21 13.22
C GLN E 703 8.52 8.05 14.29
N GLY E 704 9.18 9.12 14.76
CA GLY E 704 8.59 10.01 15.73
C GLY E 704 8.60 9.50 17.16
N ARG E 705 8.98 8.25 17.38
CA ARG E 705 9.11 7.71 18.71
C ARG E 705 10.33 8.32 19.39
N THR E 706 10.48 8.05 20.67
CA THR E 706 11.61 8.57 21.42
C THR E 706 12.05 7.49 22.38
N VAL E 707 13.33 7.13 22.29
CA VAL E 707 13.90 6.14 23.19
C VAL E 707 14.74 6.86 24.24
N ASP E 708 14.60 6.45 25.48
CA ASP E 708 15.35 7.03 26.57
C ASP E 708 16.63 6.24 26.77
N PHE E 709 17.74 6.94 26.76
CA PHE E 709 19.04 6.36 26.99
C PHE E 709 19.45 6.46 28.44
N ARG E 710 18.57 6.95 29.30
CA ARG E 710 18.98 7.38 30.63
C ARG E 710 19.25 6.24 31.60
N ASN E 711 19.29 5.00 31.13
CA ASN E 711 19.80 3.89 31.88
C ASN E 711 20.62 2.99 30.98
N THR E 712 21.47 3.61 30.16
CA THR E 712 22.36 2.97 29.21
C THR E 712 23.74 3.58 29.38
N VAL E 713 24.78 2.76 29.43
CA VAL E 713 26.15 3.26 29.41
C VAL E 713 26.57 3.46 27.96
N VAL E 714 26.88 4.70 27.58
CA VAL E 714 27.28 5.01 26.22
C VAL E 714 28.79 5.17 26.19
N ILE E 715 29.46 4.32 25.45
CA ILE E 715 30.92 4.23 25.49
C ILE E 715 31.46 4.38 24.07
N MET E 716 32.36 5.33 23.88
CA MET E 716 32.85 5.62 22.54
C MET E 716 34.36 5.48 22.52
N THR E 717 34.85 4.39 21.95
CA THR E 717 36.28 4.23 21.84
C THR E 717 36.80 4.99 20.64
N SER E 718 38.00 5.53 20.78
CA SER E 718 38.64 6.28 19.71
C SER E 718 40.13 5.97 19.78
N ASN E 719 40.71 5.52 18.69
CA ASN E 719 42.11 5.11 18.70
C ASN E 719 42.97 5.90 17.72
N LEU E 720 42.40 6.90 17.06
CA LEU E 720 43.19 7.82 16.26
C LEU E 720 43.49 9.09 17.03
N GLY E 721 43.00 9.20 18.26
CA GLY E 721 43.56 10.15 19.19
C GLY E 721 44.68 9.53 20.00
N SER E 722 45.47 8.64 19.37
CA SER E 722 46.45 7.85 20.10
C SER E 722 47.74 7.57 19.35
N ASP E 723 48.02 8.25 18.23
CA ASP E 723 49.30 8.05 17.57
C ASP E 723 50.45 8.61 18.38
N LEU E 724 50.16 9.58 19.24
CA LEU E 724 51.17 10.29 20.02
C LEU E 724 50.86 10.29 21.50
N ILE E 725 50.10 9.32 21.99
CA ILE E 725 49.78 9.27 23.40
C ILE E 725 50.43 8.05 24.03
N GLN E 726 50.78 8.23 25.31
CA GLN E 726 51.20 7.23 26.29
C GLN E 726 52.26 6.28 25.72
N GLU E 727 53.42 6.87 25.46
CA GLU E 727 54.62 6.06 25.32
C GLU E 727 54.89 5.41 26.67
N ARG E 728 54.73 4.09 26.75
CA ARG E 728 54.64 3.38 28.04
C ARG E 728 56.02 3.25 28.67
N PHE E 729 56.56 4.39 29.09
CA PHE E 729 57.87 4.45 29.74
C PHE E 729 57.86 5.22 31.06
N GLY E 730 56.97 6.19 31.23
CA GLY E 730 56.96 7.01 32.42
C GLY E 730 56.75 8.48 32.11
N GLU E 731 56.76 8.81 30.83
CA GLU E 731 56.48 10.18 30.39
C GLU E 731 55.03 10.54 30.63
N LEU E 732 54.82 11.73 31.20
CA LEU E 732 53.51 12.38 31.30
C LEU E 732 52.50 11.53 32.06
N ASP E 733 52.65 11.46 33.39
CA ASP E 733 51.93 10.57 34.29
C ASP E 733 50.42 10.62 34.19
N TYR E 734 49.75 9.63 34.80
CA TYR E 734 48.39 9.21 34.46
C TYR E 734 47.37 10.35 34.58
N ALA E 735 47.61 11.30 35.46
CA ALA E 735 46.77 12.49 35.49
C ALA E 735 47.10 13.41 34.31
N HIS E 736 48.38 13.65 34.06
CA HIS E 736 48.81 14.61 33.04
C HIS E 736 48.81 14.01 31.65
N MET E 737 48.49 12.73 31.53
CA MET E 737 48.24 12.12 30.24
C MET E 737 47.02 12.71 29.55
N LYS E 738 46.03 13.16 30.32
CA LYS E 738 44.80 13.74 29.79
C LYS E 738 44.94 15.21 29.45
N GLU E 739 46.15 15.73 29.32
CA GLU E 739 46.32 17.01 28.64
C GLU E 739 46.72 16.83 27.20
N LEU E 740 47.03 15.60 26.78
CA LEU E 740 47.22 15.33 25.37
C LEU E 740 45.92 14.93 24.70
N VAL E 741 45.19 13.98 25.29
CA VAL E 741 43.98 13.50 24.66
C VAL E 741 42.83 14.49 24.79
N LEU E 742 42.94 15.44 25.71
CA LEU E 742 42.02 16.56 25.76
C LEU E 742 42.62 17.79 25.09
N GLY E 743 43.71 18.32 25.64
CA GLY E 743 44.21 19.61 25.23
C GLY E 743 44.98 19.61 23.94
N VAL E 744 45.67 18.51 23.63
CA VAL E 744 46.47 18.45 22.42
C VAL E 744 45.71 17.82 21.27
N VAL E 745 45.26 16.57 21.42
CA VAL E 745 44.90 15.76 20.26
C VAL E 745 43.41 15.50 20.15
N SER E 746 42.61 16.17 20.98
CA SER E 746 41.17 16.03 20.92
C SER E 746 40.69 16.64 19.62
N HIS E 747 40.77 17.97 19.55
CA HIS E 747 40.37 18.72 18.36
C HIS E 747 39.03 18.31 17.77
N ASN E 748 39.06 17.32 16.88
CA ASN E 748 37.86 16.81 16.23
C ASN E 748 36.86 16.25 17.24
N PHE E 749 36.01 17.12 17.76
CA PHE E 749 34.99 16.73 18.74
C PHE E 749 33.92 17.81 18.83
N ARG E 750 34.23 18.99 18.31
CA ARG E 750 33.28 20.10 18.34
C ARG E 750 32.83 20.45 19.75
N PRO E 751 33.53 21.38 20.46
CA PRO E 751 33.51 21.50 21.94
C PRO E 751 32.20 21.33 22.71
N GLU E 752 31.06 21.49 22.04
CA GLU E 752 29.77 21.11 22.58
C GLU E 752 29.63 19.61 22.82
N PHE E 753 30.50 18.78 22.22
CA PHE E 753 30.56 17.35 22.53
C PHE E 753 32.02 17.04 22.87
N ILE E 754 32.45 17.51 24.02
CA ILE E 754 33.52 16.91 24.81
C ILE E 754 32.94 16.94 26.20
N ASN E 755 32.31 18.06 26.53
CA ASN E 755 31.80 18.33 27.86
C ASN E 755 30.50 17.63 28.15
N ARG E 756 29.97 16.82 27.24
CA ARG E 756 28.91 15.92 27.63
C ARG E 756 29.38 14.51 27.91
N ILE E 757 30.61 14.19 27.57
CA ILE E 757 31.22 12.95 27.98
C ILE E 757 31.53 13.02 29.46
N ASP E 758 31.02 12.05 30.22
CA ASP E 758 31.15 12.10 31.68
C ASP E 758 32.58 11.88 32.12
N GLU E 759 33.34 11.09 31.38
CA GLU E 759 34.76 10.96 31.64
C GLU E 759 35.49 10.51 30.40
N VAL E 760 36.37 11.37 29.89
CA VAL E 760 37.38 10.98 28.91
C VAL E 760 38.38 10.11 29.66
N VAL E 761 38.70 8.95 29.11
CA VAL E 761 39.43 7.93 29.82
C VAL E 761 40.62 7.50 28.97
N VAL E 762 41.82 7.57 29.54
CA VAL E 762 43.04 7.17 28.85
C VAL E 762 43.30 5.69 29.04
N PHE E 763 43.68 5.04 27.96
CA PHE E 763 44.00 3.63 27.97
C PHE E 763 45.49 3.44 27.72
N HIS E 764 46.22 3.12 28.73
CA HIS E 764 47.64 2.99 28.55
C HIS E 764 47.95 1.64 27.92
N PRO E 765 49.01 1.56 27.12
CA PRO E 765 49.40 0.27 26.56
C PRO E 765 49.88 -0.69 27.63
N LEU E 766 49.87 -1.95 27.27
CA LEU E 766 49.96 -3.07 28.19
C LEU E 766 51.35 -3.19 28.82
N GLY E 767 52.37 -2.75 28.10
CA GLY E 767 53.73 -3.06 28.48
C GLY E 767 54.29 -4.06 27.50
N GLU E 768 55.23 -4.88 27.97
CA GLU E 768 55.70 -6.01 27.16
C GLU E 768 55.45 -7.33 27.88
N GLN E 769 55.67 -7.34 29.19
CA GLN E 769 55.51 -8.55 30.00
C GLN E 769 54.06 -8.77 30.40
N HIS E 770 53.25 -7.72 30.45
CA HIS E 770 51.86 -7.90 30.84
C HIS E 770 51.02 -8.41 29.68
N ILE E 771 51.53 -8.31 28.46
CA ILE E 771 50.89 -8.96 27.33
C ILE E 771 50.94 -10.47 27.52
N ALA E 772 52.04 -10.98 28.09
CA ALA E 772 52.10 -12.39 28.45
C ALA E 772 51.19 -12.71 29.63
N SER E 773 50.83 -11.70 30.43
CA SER E 773 49.86 -11.85 31.49
C SER E 773 48.43 -11.73 30.98
N ILE E 774 48.24 -11.50 29.69
CA ILE E 774 46.89 -11.44 29.13
C ILE E 774 46.41 -12.82 28.72
N ALA E 775 47.25 -13.58 28.02
CA ALA E 775 46.85 -14.91 27.57
C ALA E 775 46.69 -15.88 28.72
N GLN E 776 47.59 -15.87 29.70
CA GLN E 776 47.61 -16.89 30.74
C GLN E 776 46.47 -16.75 31.73
N ILE E 777 45.84 -15.58 31.80
CA ILE E 777 44.63 -15.41 32.60
C ILE E 777 43.38 -15.73 31.77
N GLN E 778 43.48 -15.72 30.44
CA GLN E 778 42.36 -16.16 29.61
C GLN E 778 42.21 -17.67 29.68
N LEU E 779 43.33 -18.39 29.73
CA LEU E 779 43.34 -19.84 29.78
C LEU E 779 43.07 -20.38 31.18
N LYS E 780 43.31 -19.59 32.23
CA LYS E 780 42.96 -20.03 33.58
C LYS E 780 41.60 -19.53 34.04
N ARG E 781 40.94 -18.67 33.25
CA ARG E 781 39.53 -18.37 33.50
C ARG E 781 38.65 -19.53 33.06
N LEU E 782 39.20 -20.44 32.25
CA LEU E 782 38.54 -21.71 31.99
C LEU E 782 38.52 -22.60 33.23
N TYR E 783 37.46 -22.50 34.04
CA TYR E 783 37.29 -23.28 35.28
C TYR E 783 37.47 -24.78 35.07
N LYS E 784 38.46 -25.40 35.72
CA LYS E 784 38.82 -26.79 35.43
C LYS E 784 38.25 -27.81 36.40
N ARG E 785 37.64 -27.40 37.51
CA ARG E 785 37.05 -28.37 38.43
C ARG E 785 35.77 -28.98 37.87
N LEU E 786 35.08 -28.27 37.00
CA LEU E 786 33.89 -28.78 36.32
C LEU E 786 34.20 -29.09 34.86
N GLU E 787 35.48 -29.29 34.55
CA GLU E 787 35.94 -29.51 33.19
C GLU E 787 36.79 -30.77 33.07
N GLU E 788 36.24 -31.92 33.48
CA GLU E 788 36.99 -33.17 33.69
C GLU E 788 37.43 -33.84 32.38
N ARG E 789 37.44 -33.11 31.26
CA ARG E 789 37.93 -33.62 29.97
C ARG E 789 39.45 -33.67 29.86
N GLY E 790 40.18 -33.54 30.97
CA GLY E 790 41.60 -33.81 30.95
C GLY E 790 42.48 -32.68 30.46
N TYR E 791 42.03 -31.43 30.59
CA TYR E 791 42.79 -30.27 30.15
C TYR E 791 43.75 -29.85 31.26
N GLU E 792 44.70 -30.71 31.57
CA GLU E 792 45.85 -30.28 32.35
C GLU E 792 47.01 -29.99 31.41
N ILE E 793 47.35 -28.73 31.28
CA ILE E 793 48.35 -28.26 30.33
C ILE E 793 49.50 -27.68 31.15
N HIS E 794 50.71 -28.21 30.92
CA HIS E 794 51.89 -27.71 31.63
C HIS E 794 52.40 -26.48 30.92
N ILE E 795 52.05 -25.31 31.44
CA ILE E 795 52.50 -24.06 30.83
C ILE E 795 53.97 -23.86 31.12
N SER E 796 54.80 -24.02 30.10
CA SER E 796 56.23 -23.87 30.25
C SER E 796 56.62 -22.41 30.11
N ASP E 797 57.77 -22.05 30.67
CA ASP E 797 58.25 -20.68 30.59
C ASP E 797 58.77 -20.33 29.21
N GLU E 798 59.10 -21.34 28.40
CA GLU E 798 59.74 -21.06 27.13
C GLU E 798 58.75 -20.61 26.06
N ALA E 799 57.47 -20.94 26.19
CA ALA E 799 56.46 -20.27 25.37
C ALA E 799 56.22 -18.85 25.84
N LEU E 800 56.45 -18.58 27.13
CA LEU E 800 56.27 -17.25 27.67
C LEU E 800 57.38 -16.27 27.28
N LYS E 801 58.53 -16.77 26.82
CA LYS E 801 59.51 -15.90 26.19
C LYS E 801 59.37 -15.87 24.67
N LEU E 802 58.75 -16.90 24.08
CA LEU E 802 58.52 -16.89 22.65
C LEU E 802 57.29 -16.06 22.30
N LEU E 803 56.25 -16.10 23.13
CA LEU E 803 55.06 -15.28 22.89
C LEU E 803 55.22 -13.85 23.41
N SER E 804 56.39 -13.50 23.95
CA SER E 804 56.68 -12.14 24.36
C SER E 804 57.66 -11.43 23.44
N GLU E 805 58.43 -12.17 22.64
CA GLU E 805 59.33 -11.51 21.69
C GLU E 805 58.57 -10.94 20.50
N ASN E 806 57.40 -11.50 20.19
CA ASN E 806 56.45 -10.83 19.32
C ASN E 806 55.48 -9.94 20.10
N GLY E 807 55.73 -9.74 21.38
CA GLY E 807 55.04 -8.77 22.19
C GLY E 807 55.92 -7.60 22.57
N TYR E 808 56.85 -7.25 21.67
CA TYR E 808 57.71 -6.08 21.82
C TYR E 808 57.08 -4.88 21.11
N ASP E 809 55.83 -4.60 21.46
CA ASP E 809 55.12 -3.58 20.72
C ASP E 809 54.27 -2.68 21.63
N PRO E 810 54.69 -1.43 21.84
CA PRO E 810 53.78 -0.43 22.39
C PRO E 810 52.89 0.21 21.33
N VAL E 811 53.07 -0.18 20.07
CA VAL E 811 52.34 0.41 18.95
C VAL E 811 51.20 -0.48 18.51
N TYR E 812 51.50 -1.75 18.23
CA TYR E 812 50.53 -2.59 17.55
C TYR E 812 49.61 -3.34 18.53
N GLY E 813 49.87 -3.23 19.83
CA GLY E 813 48.95 -3.72 20.83
C GLY E 813 49.03 -5.21 21.04
N ALA E 814 47.93 -5.76 21.56
CA ALA E 814 47.79 -7.19 21.79
C ALA E 814 47.23 -7.93 20.58
N ARG E 815 47.33 -7.34 19.41
CA ARG E 815 46.99 -7.98 18.14
C ARG E 815 47.91 -9.13 17.69
N PRO E 816 49.24 -9.11 17.88
CA PRO E 816 50.05 -10.30 17.53
C PRO E 816 49.80 -11.52 18.41
N LEU E 817 49.26 -11.34 19.62
CA LEU E 817 49.08 -12.48 20.49
C LEU E 817 47.91 -13.35 20.06
N LYS E 818 46.89 -12.76 19.43
CA LYS E 818 45.69 -13.53 19.12
C LYS E 818 45.86 -14.41 17.88
N ARG E 819 46.68 -13.98 16.93
CA ARG E 819 47.01 -14.89 15.83
C ARG E 819 47.99 -15.97 16.30
N ALA E 820 48.90 -15.61 17.20
CA ALA E 820 49.92 -16.52 17.69
C ALA E 820 49.40 -17.58 18.64
N ILE E 821 48.09 -17.63 18.91
CA ILE E 821 47.50 -18.81 19.50
C ILE E 821 46.95 -19.73 18.42
N GLN E 822 46.31 -19.17 17.40
CA GLN E 822 45.85 -19.94 16.26
C GLN E 822 46.92 -20.13 15.20
N GLN E 823 48.17 -19.77 15.49
CA GLN E 823 49.29 -20.12 14.63
C GLN E 823 50.24 -21.11 15.29
N GLN E 824 50.14 -21.32 16.60
CA GLN E 824 51.13 -22.10 17.32
C GLN E 824 50.58 -23.30 18.08
N ILE E 825 49.30 -23.31 18.45
CA ILE E 825 48.83 -24.27 19.43
C ILE E 825 48.28 -25.55 18.80
N GLU E 826 47.27 -25.41 17.95
CA GLU E 826 46.29 -26.46 17.69
C GLU E 826 46.51 -27.24 16.40
N ASN E 827 47.64 -27.04 15.72
CA ASN E 827 47.82 -27.50 14.35
C ASN E 827 47.81 -29.02 14.11
N PRO E 828 48.49 -29.88 14.88
CA PRO E 828 48.35 -31.32 14.63
C PRO E 828 47.24 -32.00 15.42
N LEU E 829 46.28 -31.26 15.97
CA LEU E 829 45.41 -31.79 17.02
C LEU E 829 44.39 -32.78 16.47
N ALA E 830 43.69 -32.42 15.40
CA ALA E 830 42.60 -33.28 14.93
C ALA E 830 43.11 -34.48 14.15
N GLN E 831 44.39 -34.53 13.80
CA GLN E 831 44.94 -35.68 13.08
C GLN E 831 45.58 -36.70 13.99
N GLN E 832 45.63 -36.46 15.30
CA GLN E 832 46.13 -37.42 16.28
C GLN E 832 45.19 -37.64 17.45
N ILE E 833 44.51 -36.60 17.92
CA ILE E 833 43.65 -36.69 19.10
C ILE E 833 42.22 -37.05 18.71
N LEU E 834 41.71 -36.44 17.65
CA LEU E 834 40.39 -36.78 17.11
C LEU E 834 40.45 -37.84 16.04
N SER E 835 41.64 -38.13 15.48
CA SER E 835 41.78 -39.23 14.53
C SER E 835 41.96 -40.58 15.21
N GLY E 836 41.99 -40.63 16.53
CA GLY E 836 41.94 -41.88 17.25
C GLY E 836 43.28 -42.49 17.62
N GLU E 837 44.25 -41.64 17.96
CA GLU E 837 45.54 -42.11 18.46
C GLU E 837 45.83 -41.65 19.87
N LEU E 838 45.35 -40.48 20.27
CA LEU E 838 45.52 -39.96 21.62
C LEU E 838 44.15 -39.65 22.20
N VAL E 839 43.98 -39.97 23.48
CA VAL E 839 42.71 -39.79 24.18
C VAL E 839 42.81 -38.54 25.04
N PRO E 840 41.75 -37.72 25.13
CA PRO E 840 41.72 -36.64 26.13
C PRO E 840 41.74 -37.23 27.54
N GLY E 841 42.71 -36.78 28.34
CA GLY E 841 42.87 -37.32 29.68
C GLY E 841 44.31 -37.35 30.15
N LYS E 842 45.24 -37.05 29.25
CA LYS E 842 46.65 -36.96 29.59
C LYS E 842 47.15 -35.53 29.43
N VAL E 843 48.33 -35.26 30.02
CA VAL E 843 48.84 -33.91 30.19
C VAL E 843 49.64 -33.53 28.95
N ILE E 844 49.11 -32.56 28.19
CA ILE E 844 49.79 -32.03 27.02
C ILE E 844 50.74 -30.94 27.47
N ARG E 845 52.02 -31.14 27.28
CA ARG E 845 53.04 -30.22 27.76
C ARG E 845 53.21 -29.12 26.73
N LEU E 846 53.09 -27.86 27.15
CA LEU E 846 53.21 -26.73 26.24
C LEU E 846 54.69 -26.56 25.92
N GLU E 847 55.13 -27.22 24.86
CA GLU E 847 56.52 -27.22 24.48
C GLU E 847 56.73 -26.56 23.13
N VAL E 848 57.99 -26.23 22.85
CA VAL E 848 58.48 -25.91 21.52
C VAL E 848 59.70 -26.79 21.27
N ASN E 849 59.73 -27.45 20.11
CA ASN E 849 60.85 -28.30 19.75
C ASN E 849 61.94 -27.45 19.10
N GLU E 850 62.95 -28.12 18.52
CA GLU E 850 64.13 -27.41 18.04
C GLU E 850 63.87 -26.65 16.75
N ASP E 851 62.95 -27.12 15.91
CA ASP E 851 62.69 -26.49 14.63
C ASP E 851 61.25 -26.06 14.44
N ARG E 852 60.29 -26.84 14.93
CA ARG E 852 58.87 -26.57 14.71
C ARG E 852 58.18 -26.23 16.02
N ILE E 853 57.34 -25.20 15.98
CA ILE E 853 56.55 -24.77 17.15
C ILE E 853 55.40 -25.77 17.33
N VAL E 854 55.66 -26.79 18.15
CA VAL E 854 54.66 -27.82 18.41
C VAL E 854 54.76 -28.23 19.87
N ALA E 855 53.60 -28.37 20.51
CA ALA E 855 53.48 -28.75 21.92
C ALA E 855 52.85 -30.13 21.96
N VAL E 856 53.69 -31.15 21.81
CA VAL E 856 53.22 -32.53 21.72
C VAL E 856 53.84 -33.32 22.87
N GLN E 857 53.28 -34.50 23.14
CA GLN E 857 53.77 -35.33 24.22
C GLN E 857 54.75 -36.38 23.71
N LEU F 161 -24.30 -27.72 33.35
CA LEU F 161 -23.84 -28.73 32.40
C LEU F 161 -24.99 -29.66 32.06
N LYS F 162 -26.12 -29.07 31.67
CA LYS F 162 -27.37 -29.82 31.56
C LYS F 162 -27.39 -30.71 30.31
N LYS F 163 -26.93 -30.18 29.18
CA LYS F 163 -26.93 -30.96 27.95
C LYS F 163 -25.87 -32.06 27.99
N TYR F 164 -24.62 -31.68 28.23
CA TYR F 164 -23.54 -32.64 28.38
C TYR F 164 -22.67 -32.27 29.56
N THR F 165 -21.81 -33.19 29.96
CA THR F 165 -20.93 -33.03 31.12
C THR F 165 -19.52 -33.52 30.80
N ILE F 166 -19.00 -33.14 29.63
CA ILE F 166 -17.67 -33.53 29.18
C ILE F 166 -16.61 -32.91 30.10
N ASP F 167 -15.84 -33.77 30.75
CA ASP F 167 -14.97 -33.39 31.86
C ASP F 167 -13.57 -33.81 31.53
N LEU F 168 -12.62 -32.88 31.62
CA LEU F 168 -11.22 -33.25 31.41
C LEU F 168 -10.66 -33.98 32.61
N THR F 169 -11.13 -33.66 33.82
CA THR F 169 -10.61 -34.30 35.01
C THR F 169 -11.12 -35.73 35.16
N GLU F 170 -12.30 -36.04 34.61
CA GLU F 170 -12.75 -37.43 34.56
C GLU F 170 -11.88 -38.24 33.61
N ARG F 171 -11.45 -37.64 32.50
CA ARG F 171 -10.52 -38.31 31.60
C ARG F 171 -9.15 -38.50 32.23
N ALA F 172 -8.84 -37.72 33.28
CA ALA F 172 -7.61 -37.92 34.04
C ALA F 172 -7.76 -39.02 35.08
N GLU F 173 -8.95 -39.17 35.68
CA GLU F 173 -9.14 -40.19 36.70
C GLU F 173 -9.34 -41.57 36.08
N GLN F 174 -9.73 -41.63 34.80
CA GLN F 174 -9.86 -42.88 34.10
C GLN F 174 -8.62 -43.24 33.31
N GLY F 175 -7.69 -42.30 33.14
CA GLY F 175 -6.48 -42.56 32.40
C GLY F 175 -6.60 -42.41 30.90
N LYS F 176 -7.70 -41.83 30.41
CA LYS F 176 -7.83 -41.61 28.98
C LYS F 176 -6.92 -40.51 28.48
N LEU F 177 -6.66 -39.50 29.31
CA LEU F 177 -5.57 -38.59 29.03
C LEU F 177 -4.25 -39.34 29.11
N ASP F 178 -3.32 -38.98 28.22
CA ASP F 178 -2.05 -39.68 28.16
C ASP F 178 -1.20 -39.34 29.39
N PRO F 179 -0.44 -40.30 29.91
CA PRO F 179 0.47 -40.00 31.04
C PRO F 179 1.54 -38.99 30.64
N VAL F 180 1.68 -37.95 31.47
CA VAL F 180 2.48 -36.79 31.15
C VAL F 180 3.64 -36.68 32.12
N ILE F 181 4.79 -36.21 31.62
CA ILE F 181 6.01 -36.01 32.40
C ILE F 181 6.73 -34.78 31.88
N GLY F 182 7.68 -34.30 32.69
CA GLY F 182 8.39 -33.07 32.40
C GLY F 182 7.44 -31.89 32.49
N ARG F 183 7.83 -30.81 31.82
CA ARG F 183 6.99 -29.65 31.53
C ARG F 183 6.43 -29.01 32.81
N ASP F 184 7.28 -28.93 33.82
CA ASP F 184 6.93 -28.25 35.06
C ASP F 184 7.59 -26.88 35.18
N GLU F 185 8.49 -26.55 34.25
CA GLU F 185 9.01 -25.18 34.20
C GLU F 185 7.94 -24.23 33.67
N GLU F 186 7.01 -24.75 32.86
CA GLU F 186 5.96 -23.93 32.25
C GLU F 186 4.57 -24.39 32.67
N ILE F 187 4.46 -25.17 33.74
CA ILE F 187 3.21 -25.21 34.50
C ILE F 187 3.29 -24.18 35.62
N ARG F 188 4.50 -23.80 36.05
CA ARG F 188 4.71 -22.73 37.01
C ARG F 188 4.45 -21.34 36.45
N ARG F 189 3.97 -21.21 35.23
CA ARG F 189 3.35 -19.99 34.74
C ARG F 189 1.89 -20.17 34.39
N THR F 190 1.56 -21.27 33.73
CA THR F 190 0.18 -21.53 33.34
C THR F 190 -0.76 -21.41 34.54
N ILE F 191 -0.29 -21.86 35.70
CA ILE F 191 -1.08 -21.80 36.92
C ILE F 191 -1.00 -20.41 37.56
N GLN F 192 0.20 -19.82 37.51
CA GLN F 192 0.42 -18.49 38.08
C GLN F 192 -0.38 -17.42 37.33
N VAL F 193 -0.67 -17.65 36.05
CA VAL F 193 -1.58 -16.74 35.38
C VAL F 193 -2.98 -17.33 35.32
N LEU F 194 -3.21 -18.49 35.93
CA LEU F 194 -4.55 -19.06 35.96
C LEU F 194 -5.28 -18.79 37.26
N GLN F 195 -4.64 -19.00 38.41
CA GLN F 195 -5.28 -18.82 39.70
C GLN F 195 -5.22 -17.37 40.18
N ARG F 196 -5.01 -16.43 39.28
CA ARG F 196 -4.86 -15.03 39.63
C ARG F 196 -6.26 -14.42 39.87
N ARG F 197 -6.32 -13.14 40.23
CA ARG F 197 -7.57 -12.43 40.38
C ARG F 197 -8.10 -11.96 39.02
N THR F 198 -7.24 -11.28 38.25
CA THR F 198 -7.50 -10.93 36.86
C THR F 198 -6.50 -11.64 35.96
N LYS F 199 -6.69 -11.48 34.65
CA LYS F 199 -5.85 -12.08 33.60
C LYS F 199 -5.75 -13.60 33.75
N ASN F 200 -6.93 -14.21 33.91
CA ASN F 200 -7.07 -15.60 34.34
C ASN F 200 -7.20 -16.57 33.17
N ASN F 201 -6.68 -16.23 32.00
CA ASN F 201 -6.85 -17.07 30.82
C ASN F 201 -5.52 -17.21 30.12
N PRO F 202 -4.80 -18.31 30.33
CA PRO F 202 -3.52 -18.50 29.66
C PRO F 202 -3.70 -18.93 28.22
N VAL F 203 -2.73 -18.55 27.38
CA VAL F 203 -2.68 -18.95 25.98
C VAL F 203 -1.28 -19.45 25.68
N LEU F 204 -1.18 -20.72 25.27
CA LEU F 204 0.11 -21.34 25.04
C LEU F 204 0.57 -21.12 23.60
N ILE F 205 1.64 -20.37 23.44
CA ILE F 205 2.06 -19.82 22.15
C ILE F 205 3.36 -20.48 21.71
N GLY F 206 3.34 -21.10 20.53
CA GLY F 206 4.56 -21.70 20.02
C GLY F 206 4.35 -22.27 18.63
N GLU F 207 5.07 -23.36 18.38
CA GLU F 207 4.93 -24.07 17.11
C GLU F 207 3.91 -25.20 17.28
N PRO F 208 3.22 -25.59 16.21
CA PRO F 208 2.10 -26.54 16.37
C PRO F 208 2.59 -27.94 16.71
N GLY F 209 2.48 -28.28 18.00
CA GLY F 209 2.92 -29.57 18.49
C GLY F 209 4.07 -29.49 19.46
N VAL F 210 4.21 -28.35 20.14
CA VAL F 210 5.31 -28.14 21.09
C VAL F 210 5.08 -28.86 22.42
N GLY F 211 3.83 -29.13 22.79
CA GLY F 211 3.56 -29.54 24.15
C GLY F 211 2.39 -28.82 24.80
N LYS F 212 1.48 -28.30 23.98
CA LYS F 212 0.24 -27.76 24.50
C LYS F 212 -0.65 -28.83 25.14
N THR F 213 -0.52 -30.09 24.73
CA THR F 213 -1.06 -31.20 25.49
C THR F 213 -0.24 -31.45 26.76
N ALA F 214 1.06 -31.22 26.68
CA ALA F 214 1.97 -31.55 27.78
C ALA F 214 1.80 -30.65 28.99
N ILE F 215 1.18 -29.48 28.81
CA ILE F 215 0.99 -28.55 29.90
C ILE F 215 -0.46 -28.54 30.37
N VAL F 216 -1.40 -28.31 29.45
CA VAL F 216 -2.79 -28.09 29.83
C VAL F 216 -3.48 -29.41 30.13
N GLU F 217 -3.33 -30.39 29.23
CA GLU F 217 -4.09 -31.62 29.33
C GLU F 217 -3.55 -32.55 30.41
N GLY F 218 -2.36 -32.28 30.92
CA GLY F 218 -1.88 -32.96 32.11
C GLY F 218 -2.19 -32.26 33.41
N LEU F 219 -2.71 -31.04 33.34
CA LEU F 219 -3.07 -30.33 34.57
C LEU F 219 -4.27 -30.98 35.25
N ALA F 220 -5.20 -31.51 34.46
CA ALA F 220 -6.28 -32.32 35.02
C ALA F 220 -5.74 -33.59 35.64
N GLN F 221 -4.67 -34.16 35.08
CA GLN F 221 -3.95 -35.24 35.73
C GLN F 221 -3.15 -34.76 36.93
N ARG F 222 -2.89 -33.45 37.02
CA ARG F 222 -2.19 -32.91 38.16
C ARG F 222 -3.13 -32.50 39.28
N ILE F 223 -4.42 -32.31 38.99
CA ILE F 223 -5.37 -31.89 40.01
C ILE F 223 -5.62 -33.02 41.00
N ILE F 224 -5.92 -34.22 40.49
CA ILE F 224 -6.28 -35.34 41.35
C ILE F 224 -5.08 -35.94 42.08
N ASN F 225 -3.87 -35.57 41.70
CA ASN F 225 -2.66 -36.02 42.38
C ASN F 225 -2.06 -34.93 43.27
N GLY F 226 -2.77 -33.81 43.45
CA GLY F 226 -2.60 -32.97 44.61
C GLY F 226 -1.40 -32.04 44.64
N GLU F 227 -0.58 -32.00 43.59
CA GLU F 227 0.60 -31.14 43.60
C GLU F 227 0.32 -29.77 42.99
N VAL F 228 -0.95 -29.37 42.92
CA VAL F 228 -1.36 -28.07 42.41
C VAL F 228 -1.46 -27.09 43.57
N PRO F 229 -1.38 -25.78 43.33
CA PRO F 229 -1.50 -24.84 44.45
C PRO F 229 -2.90 -24.78 45.06
N GLU F 230 -2.95 -24.29 46.29
CA GLU F 230 -4.23 -24.11 46.95
C GLU F 230 -4.95 -22.90 46.38
N GLY F 231 -6.27 -22.99 46.30
CA GLY F 231 -7.06 -22.04 45.55
C GLY F 231 -7.51 -22.72 44.28
N LEU F 232 -6.60 -23.48 43.68
CA LEU F 232 -6.92 -24.39 42.60
C LEU F 232 -7.45 -25.71 43.10
N LYS F 233 -7.46 -25.92 44.43
CA LYS F 233 -7.96 -27.16 45.01
C LYS F 233 -9.47 -27.25 44.83
N GLY F 234 -9.94 -28.42 44.41
CA GLY F 234 -11.36 -28.58 44.16
C GLY F 234 -11.84 -27.89 42.90
N ARG F 235 -10.93 -27.64 41.96
CA ARG F 235 -11.29 -27.05 40.68
C ARG F 235 -11.28 -28.15 39.62
N ARG F 236 -12.38 -28.28 38.90
CA ARG F 236 -12.51 -29.25 37.83
C ARG F 236 -12.33 -28.51 36.51
N VAL F 237 -11.41 -28.98 35.68
CA VAL F 237 -11.24 -28.45 34.34
C VAL F 237 -12.26 -29.11 33.42
N LEU F 238 -13.14 -28.31 32.85
CA LEU F 238 -14.19 -28.82 31.99
C LEU F 238 -13.89 -28.48 30.53
N ALA F 239 -14.81 -28.89 29.67
CA ALA F 239 -14.75 -28.61 28.25
C ALA F 239 -16.17 -28.56 27.72
N LEU F 240 -16.30 -28.22 26.44
CA LEU F 240 -17.59 -28.26 25.78
C LEU F 240 -17.61 -29.41 24.77
N ASP F 241 -18.68 -29.50 24.00
CA ASP F 241 -18.75 -30.36 22.82
C ASP F 241 -18.52 -29.54 21.56
N MET F 242 -17.60 -28.59 21.67
CA MET F 242 -17.29 -27.66 20.59
C MET F 242 -16.50 -28.40 19.52
N GLY F 243 -17.18 -28.73 18.44
CA GLY F 243 -16.63 -29.62 17.42
C GLY F 243 -17.76 -30.52 16.96
N ALA F 244 -18.83 -30.55 17.74
CA ALA F 244 -20.06 -31.22 17.34
C ALA F 244 -21.34 -30.50 17.74
N LEU F 245 -21.29 -29.57 18.70
CA LEU F 245 -22.48 -28.86 19.13
C LEU F 245 -22.28 -27.35 19.09
N VAL F 246 -21.51 -26.88 18.10
CA VAL F 246 -21.46 -25.48 17.75
C VAL F 246 -22.64 -25.10 16.85
N ALA F 247 -23.40 -26.10 16.39
CA ALA F 247 -24.30 -25.97 15.25
C ALA F 247 -25.64 -26.60 15.63
N GLY F 248 -26.44 -26.95 14.63
CA GLY F 248 -27.78 -27.45 14.88
C GLY F 248 -28.81 -27.11 13.82
N ALA F 249 -28.45 -26.26 12.86
CA ALA F 249 -29.30 -25.99 11.72
C ALA F 249 -28.67 -26.58 10.45
N LYS F 250 -29.28 -26.28 9.30
CA LYS F 250 -28.80 -26.83 8.05
C LYS F 250 -27.79 -25.91 7.39
N TYR F 251 -28.09 -24.61 7.36
CA TYR F 251 -27.36 -23.63 6.57
C TYR F 251 -26.44 -22.79 7.46
N ARG F 252 -25.78 -21.82 6.84
CA ARG F 252 -24.70 -21.09 7.50
C ARG F 252 -25.25 -20.13 8.55
N GLY F 253 -24.40 -19.79 9.50
CA GLY F 253 -24.79 -18.99 10.64
C GLY F 253 -24.48 -19.72 11.92
N GLU F 254 -23.92 -20.92 11.78
CA GLU F 254 -23.63 -21.82 12.89
C GLU F 254 -22.22 -21.63 13.44
N PHE F 255 -21.68 -20.41 13.35
CA PHE F 255 -20.36 -20.16 13.92
C PHE F 255 -20.41 -20.12 15.44
N GLU F 256 -21.41 -19.43 16.01
CA GLU F 256 -21.60 -19.37 17.45
C GLU F 256 -23.09 -19.48 17.80
N GLU F 257 -23.79 -20.43 17.19
CA GLU F 257 -25.26 -20.47 17.30
C GLU F 257 -25.71 -20.96 18.68
N ARG F 258 -25.32 -22.18 19.06
CA ARG F 258 -25.73 -22.75 20.32
C ARG F 258 -24.62 -22.63 21.38
N LEU F 259 -23.94 -21.48 21.42
CA LEU F 259 -22.94 -21.24 22.45
C LEU F 259 -23.60 -20.75 23.74
N LYS F 260 -24.71 -20.02 23.63
CA LYS F 260 -25.37 -19.44 24.79
C LYS F 260 -26.06 -20.50 25.65
N GLY F 261 -26.41 -21.65 25.06
CA GLY F 261 -27.00 -22.71 25.85
C GLY F 261 -26.02 -23.37 26.80
N VAL F 262 -24.73 -23.32 26.48
CA VAL F 262 -23.71 -23.98 27.26
C VAL F 262 -22.69 -23.02 27.87
N LEU F 263 -22.89 -21.70 27.78
CA LEU F 263 -22.04 -20.74 28.47
C LEU F 263 -22.69 -20.16 29.72
N ASN F 264 -24.01 -20.29 29.86
CA ASN F 264 -24.71 -19.75 31.02
C ASN F 264 -24.45 -20.54 32.29
N ASP F 265 -24.17 -21.83 32.17
CA ASP F 265 -23.93 -22.66 33.33
C ASP F 265 -22.58 -22.36 33.97
N LEU F 266 -21.64 -21.85 33.18
CA LEU F 266 -20.29 -21.57 33.64
C LEU F 266 -20.21 -20.38 34.58
N ALA F 267 -21.18 -19.46 34.50
CA ALA F 267 -21.23 -18.37 35.46
C ALA F 267 -21.63 -18.87 36.84
N LYS F 268 -22.45 -19.91 36.90
CA LYS F 268 -22.97 -20.42 38.16
C LYS F 268 -21.96 -21.28 38.92
N GLN F 269 -20.83 -21.64 38.30
CA GLN F 269 -19.94 -22.62 38.92
C GLN F 269 -19.12 -22.01 40.07
N GLU F 270 -19.05 -20.68 40.14
CA GLU F 270 -18.45 -19.90 41.23
C GLU F 270 -16.96 -20.24 41.43
N GLY F 271 -16.19 -19.95 40.38
CA GLY F 271 -14.75 -20.04 40.47
C GLY F 271 -14.19 -21.44 40.60
N ASN F 272 -14.89 -22.43 40.04
CA ASN F 272 -14.39 -23.80 40.00
C ASN F 272 -14.09 -24.27 38.60
N VAL F 273 -14.90 -23.90 37.62
CA VAL F 273 -14.80 -24.47 36.28
C VAL F 273 -13.61 -23.86 35.55
N ILE F 274 -12.96 -24.66 34.72
CA ILE F 274 -11.96 -24.18 33.78
C ILE F 274 -12.27 -24.82 32.43
N LEU F 275 -12.54 -24.00 31.42
CA LEU F 275 -12.90 -24.53 30.12
C LEU F 275 -11.64 -24.73 29.29
N PHE F 276 -11.68 -25.73 28.42
CA PHE F 276 -10.50 -26.18 27.68
C PHE F 276 -10.14 -25.16 26.58
N ILE F 277 -9.09 -25.47 25.82
CA ILE F 277 -8.61 -24.71 24.68
C ILE F 277 -9.73 -24.56 23.66
N ASP F 278 -10.14 -25.70 23.09
CA ASP F 278 -11.08 -25.83 21.98
C ASP F 278 -10.67 -24.97 20.79
N GLU F 279 -9.35 -24.84 20.58
CA GLU F 279 -8.73 -24.11 19.46
C GLU F 279 -9.23 -22.66 19.41
N LEU F 280 -8.81 -21.88 20.40
CA LEU F 280 -9.48 -20.61 20.67
C LEU F 280 -9.19 -19.53 19.63
N HIS F 281 -8.31 -19.78 18.64
CA HIS F 281 -8.32 -18.94 17.46
C HIS F 281 -9.47 -19.27 16.52
N THR F 282 -10.17 -20.37 16.73
CA THR F 282 -11.42 -20.61 16.03
C THR F 282 -12.62 -20.13 16.81
N MET F 283 -12.39 -19.56 18.00
CA MET F 283 -13.45 -18.96 18.78
C MET F 283 -12.90 -17.86 19.69
N ALA F 295 -13.31 -14.07 14.37
CA ALA F 295 -13.88 -15.28 14.95
C ALA F 295 -14.33 -15.02 16.38
N GLY F 296 -15.06 -15.98 16.95
CA GLY F 296 -15.54 -15.87 18.31
C GLY F 296 -16.61 -14.83 18.48
N ASN F 297 -17.78 -15.04 17.87
CA ASN F 297 -18.85 -14.05 17.92
C ASN F 297 -19.43 -13.93 19.33
N MET F 298 -19.45 -15.03 20.07
CA MET F 298 -20.02 -15.07 21.41
C MET F 298 -18.96 -15.05 22.51
N LEU F 299 -17.69 -15.32 22.17
CA LEU F 299 -16.63 -15.46 23.18
C LEU F 299 -16.35 -14.17 23.92
N LYS F 300 -16.11 -13.08 23.19
CA LYS F 300 -15.94 -11.78 23.84
C LYS F 300 -17.21 -11.21 24.47
N PRO F 301 -18.44 -11.53 24.01
CA PRO F 301 -19.59 -11.36 24.91
C PRO F 301 -19.49 -12.17 26.18
N ALA F 302 -18.98 -13.40 26.08
CA ALA F 302 -18.90 -14.25 27.25
C ALA F 302 -17.73 -13.88 28.16
N LEU F 303 -16.67 -13.30 27.61
CA LEU F 303 -15.45 -13.11 28.38
C LEU F 303 -15.35 -11.72 29.00
N ALA F 304 -16.20 -10.78 28.59
CA ALA F 304 -16.07 -9.38 28.98
C ALA F 304 -16.30 -9.15 30.47
N ARG F 305 -16.98 -10.07 31.15
CA ARG F 305 -17.14 -9.95 32.59
C ARG F 305 -15.94 -10.52 33.35
N GLY F 306 -15.21 -11.46 32.74
CA GLY F 306 -14.08 -12.10 33.38
C GLY F 306 -14.41 -13.31 34.23
N GLU F 307 -15.69 -13.56 34.51
CA GLU F 307 -16.08 -14.71 35.32
C GLU F 307 -15.88 -16.02 34.55
N LEU F 308 -15.92 -15.97 33.23
CA LEU F 308 -15.61 -17.09 32.35
C LEU F 308 -14.15 -17.48 32.57
N HIS F 309 -13.94 -18.62 33.21
CA HIS F 309 -12.60 -19.04 33.66
C HIS F 309 -12.16 -20.17 32.73
N CYS F 310 -11.04 -19.97 32.03
CA CYS F 310 -10.67 -20.85 30.93
C CYS F 310 -9.16 -21.06 30.87
N VAL F 311 -8.76 -21.97 29.98
CA VAL F 311 -7.40 -22.06 29.45
C VAL F 311 -7.51 -22.07 27.92
N GLY F 312 -6.59 -21.36 27.26
CA GLY F 312 -6.49 -21.43 25.82
C GLY F 312 -5.07 -21.76 25.40
N ALA F 313 -4.92 -22.01 24.11
CA ALA F 313 -3.62 -22.33 23.51
C ALA F 313 -3.72 -22.13 22.00
N THR F 314 -2.77 -21.38 21.45
CA THR F 314 -2.75 -21.15 20.02
C THR F 314 -1.32 -20.89 19.58
N THR F 315 -1.00 -21.37 18.38
CA THR F 315 0.33 -21.24 17.83
C THR F 315 0.63 -19.78 17.50
N LEU F 316 1.92 -19.48 17.30
CA LEU F 316 2.33 -18.08 17.17
C LEU F 316 1.89 -17.48 15.84
N ASP F 317 1.70 -18.31 14.82
CA ASP F 317 1.08 -17.80 13.59
C ASP F 317 -0.40 -17.53 13.79
N GLU F 318 -1.03 -18.26 14.72
CA GLU F 318 -2.44 -18.06 15.03
C GLU F 318 -2.65 -17.32 16.35
N TYR F 319 -1.59 -16.71 16.89
CA TYR F 319 -1.69 -15.78 18.00
C TYR F 319 -1.33 -14.36 17.61
N ARG F 320 -0.34 -14.18 16.74
CA ARG F 320 0.08 -12.86 16.28
C ARG F 320 -0.74 -12.35 15.12
N GLN F 321 -1.03 -13.19 14.14
CA GLN F 321 -1.85 -12.78 13.00
C GLN F 321 -3.33 -12.68 13.40
N TYR F 322 -3.73 -13.40 14.45
CA TYR F 322 -5.14 -13.52 14.80
C TYR F 322 -5.75 -12.21 15.29
N ILE F 323 -5.16 -11.59 16.31
CA ILE F 323 -5.81 -10.44 16.96
C ILE F 323 -4.81 -9.30 17.05
N GLU F 324 -5.32 -8.08 17.15
CA GLU F 324 -4.47 -6.89 17.11
C GLU F 324 -4.51 -6.05 18.39
N LYS F 325 -5.67 -5.53 18.78
CA LYS F 325 -5.80 -4.74 20.00
C LYS F 325 -7.14 -5.01 20.69
N ASP F 326 -7.51 -6.27 20.80
CA ASP F 326 -8.74 -6.60 21.49
C ASP F 326 -8.55 -6.56 23.01
N ALA F 327 -9.13 -5.55 23.64
CA ALA F 327 -9.21 -5.46 25.08
C ALA F 327 -10.39 -6.22 25.64
N ALA F 328 -11.07 -7.01 24.80
CA ALA F 328 -11.90 -8.10 25.26
C ALA F 328 -11.16 -9.42 25.22
N LEU F 329 -9.94 -9.45 24.69
CA LEU F 329 -9.11 -10.64 24.70
C LEU F 329 -7.81 -10.46 25.47
N GLU F 330 -6.99 -9.47 25.10
CA GLU F 330 -5.68 -9.28 25.75
C GLU F 330 -5.83 -8.80 27.19
N ARG F 331 -7.01 -8.30 27.55
CA ARG F 331 -7.37 -8.10 28.94
C ARG F 331 -7.39 -9.39 29.74
N ARG F 332 -7.58 -10.54 29.09
CA ARG F 332 -7.63 -11.80 29.80
C ARG F 332 -6.46 -12.73 29.52
N PHE F 333 -5.65 -12.45 28.49
CA PHE F 333 -4.65 -13.40 28.04
C PHE F 333 -3.26 -12.99 28.46
N GLN F 334 -2.45 -14.00 28.79
CA GLN F 334 -1.07 -13.80 29.21
C GLN F 334 -0.14 -14.51 28.23
N LYS F 335 0.93 -13.83 27.85
CA LYS F 335 1.80 -14.25 26.76
C LYS F 335 2.68 -15.41 27.23
N VAL F 336 2.11 -16.61 27.20
CA VAL F 336 2.87 -17.83 27.51
C VAL F 336 3.45 -18.31 26.19
N PHE F 337 4.58 -17.74 25.80
CA PHE F 337 5.29 -18.18 24.60
C PHE F 337 5.99 -19.49 24.96
N VAL F 338 5.28 -20.59 24.73
CA VAL F 338 5.84 -21.91 25.03
C VAL F 338 6.89 -22.25 23.97
N ALA F 339 7.94 -22.94 24.40
CA ALA F 339 9.07 -23.21 23.52
C ALA F 339 9.32 -24.71 23.44
N GLU F 340 10.05 -25.09 22.40
CA GLU F 340 10.42 -26.47 22.22
C GLU F 340 11.50 -26.86 23.23
N PRO F 341 11.40 -28.05 23.83
CA PRO F 341 12.52 -28.59 24.60
C PRO F 341 13.78 -28.82 23.79
N SER F 342 14.88 -29.08 24.48
CA SER F 342 16.17 -29.28 23.84
C SER F 342 16.28 -30.71 23.30
N VAL F 343 17.49 -31.10 22.95
CA VAL F 343 17.74 -32.46 22.47
C VAL F 343 17.56 -33.48 23.60
N GLU F 344 18.13 -33.18 24.77
CA GLU F 344 18.14 -34.14 25.87
C GLU F 344 16.75 -34.31 26.49
N ASP F 345 15.95 -33.24 26.50
CA ASP F 345 14.70 -33.24 27.27
C ASP F 345 13.66 -34.18 26.67
N THR F 346 13.54 -34.19 25.34
CA THR F 346 12.54 -35.05 24.70
C THR F 346 12.87 -36.52 24.79
N ILE F 347 14.13 -36.86 25.11
CA ILE F 347 14.48 -38.24 25.39
C ILE F 347 13.86 -38.69 26.70
N ALA F 348 13.82 -37.78 27.67
CA ALA F 348 13.21 -38.07 28.97
C ALA F 348 11.71 -38.25 28.86
N ILE F 349 11.09 -37.63 27.85
CA ILE F 349 9.65 -37.74 27.65
C ILE F 349 9.29 -39.14 27.18
N LEU F 350 10.14 -39.75 26.36
CA LEU F 350 9.82 -41.04 25.78
C LEU F 350 10.03 -42.20 26.75
N ARG F 351 10.66 -41.95 27.90
CA ARG F 351 10.84 -43.00 28.89
C ARG F 351 9.56 -43.30 29.64
N GLY F 352 8.80 -42.26 29.99
CA GLY F 352 7.48 -42.43 30.51
C GLY F 352 6.39 -42.42 29.45
N LEU F 353 6.77 -42.51 28.18
CA LEU F 353 5.81 -42.64 27.10
C LEU F 353 5.89 -44.02 26.44
N LYS F 354 6.97 -44.75 26.65
CA LYS F 354 7.08 -46.12 26.20
C LYS F 354 6.26 -47.09 27.04
N GLU F 355 5.63 -46.63 28.12
CA GLU F 355 4.69 -47.45 28.86
C GLU F 355 3.31 -47.45 28.24
N ARG F 356 3.03 -46.53 27.33
CA ARG F 356 1.77 -46.59 26.58
C ARG F 356 1.93 -47.30 25.25
N TYR F 357 3.15 -47.60 24.84
CA TYR F 357 3.40 -48.32 23.60
C TYR F 357 3.85 -49.75 23.83
N GLU F 358 3.97 -50.17 25.09
CA GLU F 358 4.17 -51.57 25.42
C GLU F 358 2.85 -52.35 25.41
N LEU F 359 1.72 -51.65 25.53
CA LEU F 359 0.42 -52.31 25.52
C LEU F 359 -0.26 -52.23 24.16
N HIS F 360 -0.10 -51.13 23.45
CA HIS F 360 -0.87 -50.90 22.23
C HIS F 360 -0.31 -51.68 21.04
N HIS F 361 0.97 -51.49 20.74
CA HIS F 361 1.65 -52.23 19.69
C HIS F 361 2.17 -53.57 20.18
N HIS F 362 2.15 -53.78 21.50
CA HIS F 362 2.63 -55.00 22.17
C HIS F 362 4.08 -55.28 21.81
N VAL F 363 4.93 -54.28 21.98
CA VAL F 363 6.34 -54.37 21.62
C VAL F 363 7.21 -54.14 22.85
N GLN F 364 8.52 -54.24 22.67
CA GLN F 364 9.51 -53.89 23.69
C GLN F 364 10.37 -52.76 23.16
N ILE F 365 10.51 -51.70 23.96
CA ILE F 365 11.24 -50.51 23.57
C ILE F 365 12.43 -50.34 24.50
N THR F 366 13.60 -50.07 23.93
CA THR F 366 14.85 -50.03 24.66
C THR F 366 15.39 -48.61 24.77
N ASP F 367 16.40 -48.45 25.62
CA ASP F 367 16.90 -47.11 25.92
C ASP F 367 17.75 -46.46 24.82
N PRO F 368 18.68 -47.15 24.11
CA PRO F 368 19.31 -46.46 22.98
C PRO F 368 18.43 -46.37 21.74
N ALA F 369 17.27 -47.04 21.75
CA ALA F 369 16.33 -46.89 20.65
C ALA F 369 15.64 -45.53 20.67
N ILE F 370 15.44 -44.94 21.84
CA ILE F 370 14.71 -43.67 21.93
C ILE F 370 15.62 -42.46 21.77
N VAL F 371 16.95 -42.65 21.79
CA VAL F 371 17.82 -41.51 21.55
C VAL F 371 17.95 -41.20 20.07
N ALA F 372 17.69 -42.18 19.19
CA ALA F 372 17.82 -41.95 17.75
C ALA F 372 16.70 -41.08 17.21
N ALA F 373 15.55 -41.08 17.90
CA ALA F 373 14.43 -40.24 17.47
C ALA F 373 14.70 -38.77 17.72
N ALA F 374 15.51 -38.43 18.73
CA ALA F 374 15.74 -37.05 19.13
C ALA F 374 16.99 -36.44 18.52
N THR F 375 18.16 -37.03 18.78
CA THR F 375 19.41 -36.34 18.45
C THR F 375 19.81 -36.50 16.99
N LEU F 376 19.33 -37.52 16.30
CA LEU F 376 19.71 -37.69 14.90
C LEU F 376 18.76 -36.95 13.97
N SER F 377 17.49 -36.88 14.33
CA SER F 377 16.53 -36.05 13.60
C SER F 377 16.66 -34.58 13.95
N HIS F 378 17.54 -34.22 14.88
CA HIS F 378 17.69 -32.82 15.28
C HIS F 378 18.38 -32.00 14.20
N ARG F 379 19.24 -32.62 13.40
CA ARG F 379 20.01 -31.90 12.40
C ARG F 379 19.36 -31.91 11.03
N TYR F 380 18.52 -32.90 10.75
CA TYR F 380 17.91 -33.05 9.43
C TYR F 380 16.42 -32.78 9.39
N ILE F 381 15.71 -32.88 10.50
CA ILE F 381 14.25 -32.78 10.53
C ILE F 381 13.88 -31.60 11.43
N ALA F 382 13.15 -30.64 10.87
CA ALA F 382 12.73 -29.46 11.60
C ALA F 382 11.25 -29.15 11.47
N ASP F 383 10.50 -29.89 10.65
CA ASP F 383 9.09 -29.59 10.42
C ASP F 383 8.22 -29.95 11.62
N ARG F 384 8.74 -30.72 12.56
CA ARG F 384 8.06 -30.99 13.82
C ARG F 384 9.00 -30.70 14.96
N GLN F 385 8.49 -30.08 16.01
CA GLN F 385 9.33 -29.65 17.12
C GLN F 385 9.75 -30.85 17.96
N LEU F 386 10.63 -30.58 18.93
CA LEU F 386 11.50 -31.60 19.51
C LEU F 386 10.76 -32.70 20.29
N PRO F 387 9.75 -32.41 21.17
CA PRO F 387 8.88 -33.51 21.61
C PRO F 387 7.65 -33.65 20.74
N ASP F 388 7.79 -33.54 19.44
CA ASP F 388 6.80 -34.03 18.50
C ASP F 388 7.40 -35.00 17.50
N LYS F 389 8.52 -34.64 16.89
CA LYS F 389 9.19 -35.49 15.92
C LYS F 389 9.84 -36.70 16.57
N ALA F 390 10.20 -36.61 17.85
CA ALA F 390 10.81 -37.74 18.54
C ALA F 390 9.81 -38.73 19.09
N ILE F 391 8.52 -38.39 19.06
CA ILE F 391 7.50 -39.31 19.57
C ILE F 391 6.93 -40.16 18.44
N ASP F 392 6.64 -39.55 17.29
CA ASP F 392 6.06 -40.31 16.19
C ASP F 392 7.12 -41.11 15.45
N LEU F 393 8.39 -40.71 15.54
CA LEU F 393 9.47 -41.54 15.01
C LEU F 393 9.61 -42.83 15.81
N ILE F 394 9.35 -42.74 17.12
CA ILE F 394 9.29 -43.95 17.95
C ILE F 394 8.10 -44.81 17.54
N ASP F 395 6.92 -44.20 17.47
CA ASP F 395 5.72 -44.99 17.28
C ASP F 395 5.51 -45.42 15.84
N GLU F 396 6.30 -44.91 14.90
CA GLU F 396 6.23 -45.43 13.54
C GLU F 396 6.96 -46.75 13.40
N ALA F 397 8.11 -46.89 14.05
CA ALA F 397 8.79 -48.19 14.08
C ALA F 397 7.97 -49.19 14.86
N ALA F 398 7.37 -48.76 15.98
CA ALA F 398 6.42 -49.58 16.72
C ALA F 398 5.15 -49.86 15.93
N SER F 399 4.87 -49.10 14.88
CA SER F 399 3.84 -49.46 13.91
C SER F 399 4.42 -50.09 12.66
N SER F 400 5.75 -50.25 12.58
CA SER F 400 6.38 -51.09 11.57
C SER F 400 6.71 -52.47 12.09
N ILE F 401 6.41 -52.76 13.36
CA ILE F 401 6.74 -54.06 13.95
C ILE F 401 5.79 -55.13 13.42
N ARG F 402 4.49 -54.91 13.57
CA ARG F 402 3.54 -55.89 13.05
C ARG F 402 3.41 -55.79 11.53
N MET F 403 3.94 -54.72 10.92
CA MET F 403 4.13 -54.72 9.48
C MET F 403 5.32 -55.59 9.07
N GLN F 404 6.28 -55.76 9.99
CA GLN F 404 7.41 -56.65 9.72
C GLN F 404 7.12 -58.07 10.19
N ILE F 405 6.46 -58.23 11.33
CA ILE F 405 6.13 -59.56 11.84
C ILE F 405 5.08 -60.21 10.95
N ASP F 406 4.01 -59.48 10.65
CA ASP F 406 2.83 -60.02 9.99
C ASP F 406 2.67 -59.51 8.58
N SER F 407 3.75 -59.48 7.81
CA SER F 407 3.66 -59.33 6.36
C SER F 407 3.38 -60.69 5.74
N LYS F 408 2.22 -60.83 5.12
CA LYS F 408 1.85 -62.09 4.48
C LYS F 408 2.39 -62.16 3.05
N ARG F 525 9.74 -66.56 12.73
CA ARG F 525 10.78 -66.36 11.74
C ARG F 525 11.26 -64.91 11.66
N LEU F 526 10.32 -63.97 11.78
CA LEU F 526 10.63 -62.54 11.72
C LEU F 526 9.90 -61.78 12.83
N LEU F 527 9.82 -62.40 14.00
CA LEU F 527 9.15 -61.79 15.15
C LEU F 527 10.21 -60.98 15.89
N ARG F 528 10.14 -59.65 15.76
CA ARG F 528 11.01 -58.73 16.47
C ARG F 528 10.14 -57.64 17.07
N ASN F 529 9.75 -57.81 18.34
CA ASN F 529 9.08 -56.74 19.07
C ASN F 529 10.05 -55.84 19.81
N LYS F 530 11.27 -56.30 20.05
CA LYS F 530 12.30 -55.42 20.58
C LYS F 530 12.74 -54.46 19.47
N VAL F 531 12.43 -53.18 19.64
CA VAL F 531 12.85 -52.19 18.66
C VAL F 531 14.26 -51.72 18.99
N THR F 532 14.93 -51.18 17.98
CA THR F 532 16.29 -50.71 18.10
C THR F 532 16.37 -49.28 17.58
N ASP F 533 17.59 -48.74 17.61
CA ASP F 533 17.86 -47.49 16.92
C ASP F 533 17.87 -47.66 15.41
N ALA F 534 18.10 -48.88 14.93
CA ALA F 534 18.10 -49.14 13.50
C ALA F 534 16.70 -49.05 12.92
N GLU F 535 15.67 -49.41 13.71
CA GLU F 535 14.29 -49.22 13.26
C GLU F 535 13.96 -47.74 13.18
N ILE F 536 14.53 -46.94 14.08
CA ILE F 536 14.28 -45.50 14.07
C ILE F 536 15.05 -44.85 12.91
N ALA F 537 16.30 -45.26 12.73
CA ALA F 537 17.12 -44.74 11.64
C ALA F 537 16.71 -45.27 10.28
N GLU F 538 15.91 -46.35 10.25
CA GLU F 538 15.25 -46.74 9.00
C GLU F 538 14.21 -45.72 8.60
N VAL F 539 13.21 -45.51 9.47
CA VAL F 539 12.09 -44.64 9.12
C VAL F 539 12.47 -43.17 9.11
N LEU F 540 13.61 -42.81 9.71
CA LEU F 540 14.12 -41.46 9.55
C LEU F 540 14.72 -41.26 8.17
N ALA F 541 15.31 -42.31 7.60
CA ALA F 541 15.90 -42.20 6.27
C ALA F 541 14.82 -42.14 5.19
N ARG F 542 13.69 -42.79 5.42
CA ARG F 542 12.58 -42.75 4.48
C ARG F 542 11.76 -41.45 4.59
N TRP F 543 12.05 -40.60 5.56
CA TRP F 543 11.29 -39.39 5.80
C TRP F 543 12.01 -38.12 5.36
N THR F 544 13.32 -38.03 5.63
CA THR F 544 14.06 -36.82 5.30
C THR F 544 14.33 -36.74 3.80
N GLY F 545 14.70 -37.86 3.19
CA GLY F 545 15.07 -37.88 1.80
C GLY F 545 16.47 -38.42 1.60
N ILE F 546 17.34 -38.12 2.56
CA ILE F 546 18.72 -38.60 2.55
C ILE F 546 18.70 -40.03 3.05
N PRO F 547 19.48 -40.94 2.47
CA PRO F 547 19.50 -42.32 2.96
C PRO F 547 20.29 -42.52 4.24
N VAL F 548 20.48 -43.79 4.60
CA VAL F 548 21.30 -44.18 5.72
C VAL F 548 22.78 -43.87 5.50
N SER F 549 23.19 -43.71 4.25
CA SER F 549 24.60 -43.67 3.86
C SER F 549 25.35 -42.45 4.39
N ARG F 550 24.67 -41.35 4.65
CA ARG F 550 25.28 -40.17 5.27
C ARG F 550 24.60 -39.84 6.59
N MET F 551 23.91 -40.82 7.17
CA MET F 551 23.17 -40.62 8.41
C MET F 551 23.70 -41.49 9.54
N MET F 552 23.87 -42.79 9.34
CA MET F 552 24.17 -43.71 10.43
C MET F 552 25.69 -43.87 10.56
N GLU F 553 26.30 -42.82 11.11
CA GLU F 553 27.73 -42.76 11.42
C GLU F 553 27.94 -41.57 12.35
N SER F 554 29.00 -41.64 13.14
CA SER F 554 29.45 -40.45 13.82
C SER F 554 30.16 -39.54 12.82
N GLU F 555 30.31 -38.26 13.19
CA GLU F 555 31.00 -37.34 12.31
C GLU F 555 32.47 -37.70 12.16
N ARG F 556 33.05 -38.38 13.14
CA ARG F 556 34.39 -38.94 12.99
C ARG F 556 34.39 -40.15 12.06
N GLU F 557 33.25 -40.82 11.93
CA GLU F 557 33.21 -42.03 11.12
C GLU F 557 33.06 -41.73 9.63
N LYS F 558 32.43 -40.61 9.27
CA LYS F 558 32.48 -40.14 7.89
C LYS F 558 33.72 -39.30 7.63
N LEU F 559 34.42 -38.86 8.68
CA LEU F 559 35.69 -38.16 8.59
C LEU F 559 36.80 -39.04 8.02
N LEU F 560 36.65 -40.36 8.11
CA LEU F 560 37.65 -41.27 7.56
C LEU F 560 37.63 -41.23 6.04
N ARG F 561 36.44 -41.24 5.45
CA ARG F 561 36.26 -41.09 4.01
C ARG F 561 35.87 -39.67 3.63
N MET F 562 36.15 -38.69 4.51
CA MET F 562 35.93 -37.28 4.18
C MET F 562 36.81 -36.84 3.03
N GLU F 563 38.10 -37.17 3.09
CA GLU F 563 38.99 -36.91 1.97
C GLU F 563 38.64 -37.79 0.78
N GLN F 564 38.15 -39.00 1.03
CA GLN F 564 37.72 -39.86 -0.06
C GLN F 564 36.44 -39.36 -0.71
N GLU F 565 35.60 -38.65 0.05
CA GLU F 565 34.46 -37.94 -0.53
C GLU F 565 34.83 -36.53 -0.97
N LEU F 566 35.92 -35.95 -0.44
CA LEU F 566 36.51 -34.78 -1.06
C LEU F 566 37.00 -35.10 -2.45
N HIS F 567 37.87 -36.12 -2.55
CA HIS F 567 38.51 -36.50 -3.80
C HIS F 567 37.67 -37.44 -4.65
N HIS F 568 36.35 -37.45 -4.46
CA HIS F 568 35.45 -37.94 -5.50
C HIS F 568 35.32 -36.92 -6.63
N ARG F 569 35.56 -35.64 -6.33
CA ARG F 569 35.46 -34.57 -7.31
C ARG F 569 36.60 -33.57 -7.23
N VAL F 570 37.55 -33.75 -6.31
CA VAL F 570 38.72 -32.88 -6.17
C VAL F 570 39.87 -33.52 -6.94
N ILE F 571 40.60 -32.70 -7.70
CA ILE F 571 41.67 -33.17 -8.58
C ILE F 571 42.82 -33.84 -7.82
N GLY F 572 42.98 -33.55 -6.53
CA GLY F 572 43.85 -34.39 -5.72
C GLY F 572 44.97 -33.68 -4.99
N GLN F 573 46.20 -34.16 -5.24
CA GLN F 573 47.42 -33.81 -4.50
C GLN F 573 47.24 -34.05 -3.00
N ASN F 574 46.86 -35.29 -2.66
CA ASN F 574 46.48 -35.61 -1.29
C ASN F 574 47.68 -35.73 -0.35
N GLU F 575 48.91 -35.64 -0.86
CA GLU F 575 50.08 -35.59 0.00
C GLU F 575 50.32 -34.20 0.57
N ALA F 576 49.69 -33.18 0.01
CA ALA F 576 49.97 -31.80 0.36
C ALA F 576 48.76 -31.06 0.94
N VAL F 577 47.59 -31.19 0.31
CA VAL F 577 46.53 -30.20 0.46
C VAL F 577 45.59 -30.63 1.59
N ASP F 578 46.02 -31.60 2.39
CA ASP F 578 45.27 -32.01 3.57
C ASP F 578 45.46 -31.06 4.77
N ALA F 579 46.15 -29.93 4.59
CA ALA F 579 46.21 -28.94 5.65
C ALA F 579 44.89 -28.24 5.85
N VAL F 580 44.27 -27.77 4.77
CA VAL F 580 42.97 -27.12 4.85
C VAL F 580 41.87 -28.14 5.14
N SER F 581 42.13 -29.42 4.85
CA SER F 581 41.26 -30.50 5.33
C SER F 581 41.29 -30.59 6.85
N ASN F 582 42.43 -30.30 7.47
CA ASN F 582 42.53 -30.41 8.92
C ASN F 582 41.90 -29.23 9.62
N ALA F 583 41.75 -28.10 8.92
CA ALA F 583 41.22 -26.90 9.55
C ALA F 583 39.74 -27.03 9.90
N ILE F 584 38.95 -27.61 9.01
CA ILE F 584 37.56 -27.93 9.34
C ILE F 584 37.50 -29.15 10.25
N ARG F 585 38.54 -29.99 10.23
CA ARG F 585 38.68 -31.06 11.20
C ARG F 585 39.02 -30.51 12.57
N ARG F 586 39.68 -29.34 12.61
CA ARG F 586 39.94 -28.62 13.85
C ARG F 586 38.72 -27.84 14.33
N SER F 587 37.61 -27.89 13.58
CA SER F 587 36.45 -27.08 13.89
C SER F 587 35.41 -27.80 14.74
N ARG F 588 35.69 -29.02 15.18
CA ARG F 588 34.76 -29.73 16.05
C ARG F 588 35.11 -29.60 17.52
N ALA F 589 36.40 -29.51 17.85
CA ALA F 589 36.80 -29.39 19.26
C ALA F 589 36.48 -28.01 19.82
N GLY F 590 36.78 -26.95 19.09
CA GLY F 590 36.31 -25.62 19.47
C GLY F 590 37.37 -24.66 19.94
N LEU F 591 38.64 -24.88 19.55
CA LEU F 591 39.73 -24.01 19.96
C LEU F 591 39.90 -22.81 19.03
N ALA F 592 38.90 -22.51 18.20
CA ALA F 592 38.89 -21.32 17.38
C ALA F 592 38.31 -20.17 18.19
N ASP F 593 38.20 -19.00 17.56
CA ASP F 593 37.62 -17.89 18.29
C ASP F 593 36.10 -18.02 18.31
N PRO F 594 35.47 -17.94 19.50
CA PRO F 594 34.01 -18.03 19.57
C PRO F 594 33.31 -16.78 19.08
N ASN F 595 34.02 -15.65 19.01
CA ASN F 595 33.53 -14.42 18.40
C ASN F 595 33.94 -14.30 16.94
N ARG F 596 33.96 -15.42 16.24
CA ARG F 596 34.44 -15.50 14.86
C ARG F 596 33.65 -16.58 14.16
N PRO F 597 33.63 -16.58 12.83
CA PRO F 597 33.13 -17.73 12.08
C PRO F 597 33.96 -18.99 12.29
N ILE F 598 33.56 -20.04 11.57
CA ILE F 598 34.29 -21.30 11.66
C ILE F 598 35.65 -21.20 10.97
N GLY F 599 35.73 -20.49 9.84
CA GLY F 599 36.94 -20.48 9.05
C GLY F 599 37.34 -19.07 8.61
N SER F 600 38.63 -18.92 8.34
CA SER F 600 39.20 -17.64 7.93
C SER F 600 40.50 -17.91 7.17
N PHE F 601 40.46 -17.79 5.84
CA PHE F 601 41.56 -18.28 5.02
C PHE F 601 41.99 -17.34 3.90
N LEU F 602 42.85 -17.85 3.01
CA LEU F 602 43.09 -17.29 1.69
C LEU F 602 43.25 -18.45 0.72
N PHE F 603 42.67 -18.29 -0.46
CA PHE F 603 42.63 -19.36 -1.46
C PHE F 603 43.31 -18.83 -2.71
N LEU F 604 44.64 -18.83 -2.71
CA LEU F 604 45.44 -18.18 -3.73
C LEU F 604 46.04 -19.21 -4.69
N GLY F 605 46.09 -18.83 -5.96
CA GLY F 605 46.57 -19.69 -7.01
C GLY F 605 46.13 -19.17 -8.37
N PRO F 606 46.13 -20.04 -9.38
CA PRO F 606 45.69 -19.61 -10.70
C PRO F 606 44.18 -19.68 -10.84
N THR F 607 43.69 -19.43 -12.06
CA THR F 607 42.30 -19.65 -12.39
C THR F 607 42.20 -20.87 -13.29
N GLY F 608 41.04 -21.53 -13.24
CA GLY F 608 40.90 -22.79 -13.97
C GLY F 608 41.55 -23.96 -13.28
N VAL F 609 41.59 -23.95 -11.95
CA VAL F 609 42.40 -24.88 -11.16
C VAL F 609 41.62 -25.54 -10.03
N GLY F 610 40.45 -25.01 -9.67
CA GLY F 610 39.82 -25.33 -8.40
C GLY F 610 39.23 -24.11 -7.75
N LYS F 611 39.23 -22.98 -8.48
CA LYS F 611 38.52 -21.78 -8.04
C LYS F 611 37.02 -22.05 -7.87
N THR F 612 36.47 -22.93 -8.70
CA THR F 612 35.09 -23.35 -8.61
C THR F 612 34.95 -24.74 -7.98
N GLU F 613 35.95 -25.59 -8.13
CA GLU F 613 35.89 -27.01 -7.77
C GLU F 613 36.10 -27.26 -6.29
N LEU F 614 37.07 -26.59 -5.68
CA LEU F 614 37.40 -26.87 -4.28
C LEU F 614 36.41 -26.22 -3.33
N CYS F 615 35.73 -25.17 -3.75
CA CYS F 615 34.88 -24.40 -2.85
C CYS F 615 33.54 -25.10 -2.61
N LYS F 616 32.97 -25.68 -3.66
CA LYS F 616 31.72 -26.42 -3.54
C LYS F 616 31.90 -27.71 -2.74
N ALA F 617 33.08 -28.34 -2.86
CA ALA F 617 33.32 -29.60 -2.16
C ALA F 617 33.55 -29.41 -0.68
N LEU F 618 33.87 -28.19 -0.24
CA LEU F 618 33.85 -27.90 1.19
C LEU F 618 32.42 -27.80 1.70
N ALA F 619 31.49 -27.36 0.85
CA ALA F 619 30.08 -27.29 1.22
C ALA F 619 29.38 -28.62 1.05
N ASN F 620 29.93 -29.54 0.25
CA ASN F 620 29.25 -30.81 -0.01
C ASN F 620 29.30 -31.71 1.21
N PHE F 621 30.30 -31.54 2.08
CA PHE F 621 30.45 -32.46 3.20
C PHE F 621 29.78 -31.91 4.46
N MET F 622 30.21 -30.74 4.93
CA MET F 622 29.65 -30.18 6.16
C MET F 622 28.28 -29.55 5.88
N PHE F 623 28.19 -28.72 4.85
CA PHE F 623 27.01 -27.89 4.62
C PHE F 623 25.97 -28.56 3.72
N ASP F 624 26.30 -29.75 3.18
CA ASP F 624 25.33 -30.72 2.65
C ASP F 624 24.51 -30.14 1.50
N SER F 625 25.16 -29.37 0.64
CA SER F 625 24.41 -28.62 -0.35
C SER F 625 25.30 -28.34 -1.55
N ASP F 626 24.63 -28.12 -2.70
CA ASP F 626 25.27 -27.62 -3.89
C ASP F 626 24.93 -26.16 -4.16
N GLU F 627 24.03 -25.58 -3.36
CA GLU F 627 23.67 -24.17 -3.50
C GLU F 627 23.99 -23.43 -2.21
N ALA F 628 25.20 -23.63 -1.69
CA ALA F 628 25.73 -22.80 -0.62
C ALA F 628 26.71 -21.75 -1.13
N MET F 629 26.55 -21.33 -2.38
CA MET F 629 27.56 -20.58 -3.10
C MET F 629 27.17 -19.12 -3.23
N VAL F 630 28.04 -18.24 -2.77
CA VAL F 630 27.82 -16.81 -2.75
C VAL F 630 28.92 -16.09 -3.52
N ARG F 631 29.36 -16.69 -4.63
CA ARG F 631 30.33 -16.11 -5.56
C ARG F 631 30.01 -14.67 -5.93
N ILE F 632 30.86 -13.75 -5.50
CA ILE F 632 30.68 -12.32 -5.71
C ILE F 632 32.02 -11.74 -6.13
N ASP F 633 32.08 -11.24 -7.37
CA ASP F 633 33.29 -10.63 -7.86
C ASP F 633 33.35 -9.18 -7.39
N MET F 634 34.43 -8.82 -6.71
CA MET F 634 34.57 -7.53 -6.05
C MET F 634 35.18 -6.48 -6.97
N SER F 635 34.95 -6.59 -8.27
CA SER F 635 35.22 -5.52 -9.24
C SER F 635 34.13 -4.46 -9.24
N GLU F 636 33.10 -4.63 -8.40
CA GLU F 636 32.05 -3.65 -8.20
C GLU F 636 32.51 -2.44 -7.41
N PHE F 637 33.70 -2.47 -6.81
CA PHE F 637 34.18 -1.39 -5.97
C PHE F 637 34.99 -0.38 -6.79
N MET F 638 34.40 0.03 -7.92
CA MET F 638 34.97 1.12 -8.71
C MET F 638 34.54 2.48 -8.16
N GLU F 639 33.52 2.50 -7.31
CA GLU F 639 33.15 3.68 -6.55
C GLU F 639 33.25 3.37 -5.07
N LYS F 640 33.53 4.42 -4.29
CA LYS F 640 33.54 4.28 -2.83
C LYS F 640 32.15 4.34 -2.24
N HIS F 641 31.13 4.65 -3.05
CA HIS F 641 29.75 4.54 -2.62
C HIS F 641 29.25 3.10 -2.61
N SER F 642 30.00 2.18 -3.21
CA SER F 642 29.56 0.78 -3.24
C SER F 642 30.05 0.00 -2.04
N VAL F 643 29.80 0.51 -0.84
CA VAL F 643 29.88 -0.30 0.36
C VAL F 643 28.49 -0.79 0.74
N SER F 644 27.48 0.02 0.43
CA SER F 644 26.11 -0.21 0.81
C SER F 644 25.34 -1.02 -0.23
N ARG F 645 26.04 -1.68 -1.15
CA ARG F 645 25.38 -2.50 -2.14
C ARG F 645 25.55 -3.99 -1.88
N LEU F 646 26.75 -4.43 -1.51
CA LEU F 646 26.87 -5.80 -1.03
C LEU F 646 26.37 -5.93 0.40
N VAL F 647 26.26 -4.83 1.12
CA VAL F 647 25.87 -4.87 2.53
C VAL F 647 24.45 -4.34 2.67
N GLY F 648 24.23 -3.08 2.30
CA GLY F 648 22.90 -2.51 2.42
C GLY F 648 22.87 -1.01 2.58
N ALA F 649 21.95 -0.37 1.87
CA ALA F 649 21.79 1.08 1.92
C ALA F 649 21.21 1.49 3.27
N PRO F 650 21.37 2.75 3.67
CA PRO F 650 20.70 3.23 4.87
C PRO F 650 19.20 3.35 4.62
N PRO F 651 18.40 3.38 5.68
CA PRO F 651 16.98 3.68 5.51
C PRO F 651 16.77 5.09 4.97
N GLY F 652 16.05 5.19 3.86
CA GLY F 652 15.84 6.45 3.17
C GLY F 652 16.60 6.55 1.86
N TYR F 653 17.75 5.90 1.76
CA TYR F 653 18.54 5.92 0.55
C TYR F 653 18.17 4.72 -0.30
N VAL F 654 18.43 4.83 -1.60
CA VAL F 654 17.99 3.80 -2.55
C VAL F 654 18.83 2.54 -2.37
N GLY F 655 18.15 1.39 -2.35
CA GLY F 655 18.80 0.14 -2.06
C GLY F 655 18.39 -0.49 -0.75
N TYR F 656 17.19 -0.20 -0.26
CA TYR F 656 16.69 -0.75 1.00
C TYR F 656 15.66 -1.84 0.79
N GLU F 657 14.85 -1.75 -0.26
CA GLU F 657 13.80 -2.74 -0.48
C GLU F 657 14.34 -4.10 -0.90
N GLU F 658 15.61 -4.19 -1.32
CA GLU F 658 16.21 -5.45 -1.70
C GLU F 658 17.34 -5.89 -0.79
N GLY F 659 17.89 -5.00 0.03
CA GLY F 659 18.95 -5.38 0.95
C GLY F 659 20.31 -5.40 0.32
N GLY F 660 21.20 -6.25 0.83
CA GLY F 660 22.54 -6.38 0.31
C GLY F 660 22.76 -7.68 -0.44
N TYR F 661 24.04 -7.95 -0.72
CA TYR F 661 24.45 -9.16 -1.42
C TYR F 661 25.15 -10.15 -0.50
N LEU F 662 26.17 -9.70 0.22
CA LEU F 662 26.86 -10.52 1.19
C LEU F 662 26.13 -10.58 2.52
N THR F 663 24.94 -10.00 2.61
CA THR F 663 24.09 -10.10 3.78
C THR F 663 22.80 -10.86 3.52
N GLU F 664 22.06 -10.50 2.45
CA GLU F 664 20.76 -11.12 2.20
C GLU F 664 20.90 -12.59 1.82
N ALA F 665 21.98 -12.96 1.15
CA ALA F 665 22.24 -14.38 0.91
C ALA F 665 22.64 -15.08 2.19
N VAL F 666 23.35 -14.38 3.07
CA VAL F 666 23.69 -14.96 4.37
C VAL F 666 22.49 -14.85 5.31
N ARG F 667 21.62 -13.85 5.10
CA ARG F 667 20.30 -13.89 5.73
C ARG F 667 19.47 -15.06 5.21
N ARG F 668 19.62 -15.39 3.93
CA ARG F 668 18.96 -16.56 3.38
C ARG F 668 19.63 -17.84 3.86
N ARG F 669 20.96 -17.89 3.80
CA ARG F 669 21.72 -19.08 4.18
C ARG F 669 22.68 -18.77 5.31
N PRO F 670 22.23 -18.83 6.57
CA PRO F 670 23.16 -18.74 7.70
C PRO F 670 23.95 -20.02 7.97
N TYR F 671 23.74 -21.07 7.18
CA TYR F 671 24.45 -22.34 7.32
C TYR F 671 25.26 -22.63 6.08
N SER F 672 26.02 -21.65 5.60
CA SER F 672 26.75 -21.73 4.36
C SER F 672 28.20 -21.32 4.53
N VAL F 673 29.06 -21.90 3.68
CA VAL F 673 30.38 -21.35 3.47
C VAL F 673 30.22 -20.06 2.67
N ILE F 674 31.12 -19.11 2.88
CA ILE F 674 31.09 -17.87 2.10
C ILE F 674 32.37 -17.75 1.30
N LEU F 675 32.23 -17.37 0.03
CA LEU F 675 33.30 -17.34 -0.95
C LEU F 675 33.34 -15.95 -1.57
N LEU F 676 34.42 -15.24 -1.32
CA LEU F 676 34.56 -13.83 -1.67
C LEU F 676 35.58 -13.77 -2.80
N ASP F 677 35.06 -13.68 -4.03
CA ASP F 677 35.90 -13.74 -5.21
C ASP F 677 36.64 -12.43 -5.41
N GLU F 678 37.97 -12.53 -5.50
CA GLU F 678 38.87 -11.48 -5.97
C GLU F 678 38.78 -10.23 -5.09
N VAL F 679 39.24 -10.41 -3.84
CA VAL F 679 39.09 -9.42 -2.78
C VAL F 679 39.85 -8.14 -3.10
N GLU F 680 41.01 -8.26 -3.78
CA GLU F 680 42.00 -7.19 -3.90
C GLU F 680 41.51 -5.97 -4.66
N LYS F 681 40.42 -6.07 -5.42
CA LYS F 681 39.87 -4.93 -6.15
C LYS F 681 38.91 -4.10 -5.31
N ALA F 682 39.04 -4.17 -3.99
CA ALA F 682 38.37 -3.21 -3.13
C ALA F 682 38.99 -1.82 -3.32
N HIS F 683 38.27 -0.83 -2.82
CA HIS F 683 38.65 0.56 -3.06
C HIS F 683 39.97 0.87 -2.37
N PRO F 684 40.86 1.66 -3.01
CA PRO F 684 42.17 1.94 -2.41
C PRO F 684 42.10 2.79 -1.15
N ASP F 685 40.97 3.47 -0.90
CA ASP F 685 40.75 4.17 0.36
C ASP F 685 39.75 3.46 1.26
N VAL F 686 38.83 2.69 0.71
CA VAL F 686 37.71 2.11 1.46
C VAL F 686 37.91 0.61 1.61
N PHE F 687 37.88 0.15 2.86
CA PHE F 687 37.81 -1.24 3.26
C PHE F 687 37.04 -1.27 4.58
N ASN F 688 37.32 -2.30 5.40
CA ASN F 688 36.55 -2.77 6.55
C ASN F 688 35.21 -3.33 6.11
N ILE F 689 35.15 -3.83 4.88
CA ILE F 689 33.98 -4.57 4.44
C ILE F 689 34.03 -5.99 4.97
N LEU F 690 35.22 -6.48 5.32
CA LEU F 690 35.40 -7.84 5.80
C LEU F 690 36.09 -7.91 7.16
N LEU F 691 36.11 -6.83 7.94
CA LEU F 691 36.80 -6.87 9.22
C LEU F 691 35.87 -7.12 10.40
N GLN F 692 34.63 -6.62 10.34
CA GLN F 692 33.69 -6.89 11.42
C GLN F 692 33.20 -8.33 11.35
N VAL F 693 33.19 -8.92 10.16
CA VAL F 693 32.79 -10.31 10.00
C VAL F 693 33.81 -11.24 10.64
N LEU F 694 35.07 -10.82 10.75
CA LEU F 694 36.14 -11.64 11.30
C LEU F 694 36.52 -11.28 12.73
N ASP F 695 36.42 -10.01 13.13
CA ASP F 695 36.87 -9.64 14.47
C ASP F 695 35.82 -9.97 15.53
N ASP F 696 34.65 -9.36 15.43
CA ASP F 696 33.56 -9.63 16.37
C ASP F 696 32.59 -10.68 15.85
N GLY F 697 32.83 -11.19 14.64
CA GLY F 697 32.06 -12.29 14.09
C GLY F 697 30.74 -11.90 13.45
N ARG F 698 30.12 -10.80 13.88
CA ARG F 698 28.81 -10.38 13.40
C ARG F 698 28.98 -9.24 12.41
N LEU F 699 27.93 -9.01 11.62
CA LEU F 699 27.93 -7.93 10.65
C LEU F 699 26.52 -7.38 10.54
N THR F 700 26.42 -6.07 10.38
CA THR F 700 25.15 -5.36 10.35
C THR F 700 24.94 -4.76 8.98
N ASP F 701 23.85 -5.14 8.32
CA ASP F 701 23.49 -4.52 7.04
C ASP F 701 22.67 -3.27 7.32
N GLY F 702 22.23 -2.60 6.27
CA GLY F 702 21.29 -1.51 6.45
C GLY F 702 19.85 -1.95 6.25
N GLN F 703 19.34 -2.81 7.12
CA GLN F 703 17.93 -3.19 7.05
C GLN F 703 17.21 -3.11 8.39
N GLY F 704 17.87 -3.49 9.48
CA GLY F 704 17.20 -3.57 10.77
C GLY F 704 17.64 -4.71 11.67
N ARG F 705 18.14 -5.81 11.11
CA ARG F 705 18.55 -6.97 11.89
C ARG F 705 20.00 -7.30 11.61
N THR F 706 20.78 -7.53 12.67
CA THR F 706 22.18 -7.90 12.53
C THR F 706 22.31 -9.31 11.95
N VAL F 707 23.18 -9.45 10.96
CA VAL F 707 23.44 -10.73 10.32
C VAL F 707 24.52 -11.46 11.11
N ASP F 708 24.27 -12.73 11.45
CA ASP F 708 25.23 -13.54 12.18
C ASP F 708 26.04 -14.39 11.21
N PHE F 709 27.36 -14.37 11.36
CA PHE F 709 28.27 -15.11 10.48
C PHE F 709 28.97 -16.23 11.22
N ARG F 710 28.45 -16.66 12.36
CA ARG F 710 29.16 -17.61 13.21
C ARG F 710 29.26 -19.01 12.61
N ASN F 711 28.37 -19.37 11.69
CA ASN F 711 28.33 -20.69 11.10
C ASN F 711 28.83 -20.63 9.65
N THR F 712 29.79 -19.75 9.40
CA THR F 712 30.35 -19.57 8.06
C THR F 712 31.85 -19.83 8.06
N VAL F 713 32.40 -19.92 6.86
CA VAL F 713 33.84 -20.04 6.62
C VAL F 713 34.16 -19.11 5.46
N VAL F 714 35.08 -18.18 5.65
CA VAL F 714 35.36 -17.24 4.58
C VAL F 714 36.40 -17.82 3.63
N ILE F 715 36.21 -17.58 2.34
CA ILE F 715 37.07 -18.10 1.28
C ILE F 715 37.38 -16.97 0.31
N MET F 716 38.62 -16.50 0.32
CA MET F 716 38.99 -15.25 -0.35
C MET F 716 39.99 -15.52 -1.46
N THR F 717 39.73 -14.98 -2.65
CA THR F 717 40.50 -15.31 -3.85
C THR F 717 41.18 -14.08 -4.44
N SER F 718 41.84 -13.29 -3.60
CA SER F 718 42.50 -12.05 -4.01
C SER F 718 43.75 -12.35 -4.84
N ASN F 719 43.53 -12.72 -6.10
CA ASN F 719 44.63 -13.10 -6.98
C ASN F 719 45.30 -11.83 -7.47
N LEU F 720 46.41 -11.50 -6.82
CA LEU F 720 47.22 -10.33 -7.14
C LEU F 720 48.61 -10.70 -7.62
N GLY F 721 49.17 -11.81 -7.16
CA GLY F 721 50.51 -12.20 -7.55
C GLY F 721 50.69 -13.68 -7.84
N SER F 722 49.60 -14.43 -7.93
CA SER F 722 49.64 -15.87 -8.16
C SER F 722 49.01 -16.26 -9.49
N ASP F 723 49.06 -15.35 -10.48
CA ASP F 723 48.58 -15.65 -11.82
C ASP F 723 49.71 -16.09 -12.75
N LEU F 724 50.69 -16.78 -12.20
CA LEU F 724 51.93 -17.11 -12.91
C LEU F 724 52.14 -18.62 -12.89
N ILE F 725 51.14 -19.37 -13.35
CA ILE F 725 51.23 -20.84 -13.38
C ILE F 725 52.25 -21.33 -14.40
N GLN F 726 52.71 -20.46 -15.30
CA GLN F 726 53.60 -20.83 -16.39
C GLN F 726 55.01 -21.16 -15.92
N GLU F 727 55.39 -20.74 -14.72
CA GLU F 727 56.70 -21.08 -14.16
C GLU F 727 56.63 -22.51 -13.63
N ARG F 728 57.78 -23.07 -13.28
CA ARG F 728 57.80 -24.48 -12.87
C ARG F 728 57.23 -24.64 -11.47
N PHE F 729 58.00 -24.21 -10.45
CA PHE F 729 57.50 -23.83 -9.12
C PHE F 729 56.70 -24.89 -8.34
N GLY F 730 56.55 -26.08 -8.91
CA GLY F 730 55.62 -27.07 -8.41
C GLY F 730 56.08 -28.51 -8.51
N GLU F 731 57.37 -28.77 -8.39
CA GLU F 731 57.86 -30.14 -8.52
C GLU F 731 57.95 -30.85 -7.17
N LEU F 732 58.28 -30.16 -6.09
CA LEU F 732 58.28 -30.76 -4.77
C LEU F 732 57.55 -29.87 -3.77
N ASP F 733 57.59 -28.56 -4.02
CA ASP F 733 56.94 -27.56 -3.16
C ASP F 733 55.96 -26.75 -4.00
N TYR F 734 54.89 -26.28 -3.35
CA TYR F 734 53.89 -25.46 -4.00
C TYR F 734 53.69 -24.13 -3.29
N ALA F 735 54.50 -23.86 -2.27
CA ALA F 735 54.47 -22.60 -1.57
C ALA F 735 55.43 -21.57 -2.17
N HIS F 736 56.36 -22.01 -3.02
CA HIS F 736 57.33 -21.09 -3.61
C HIS F 736 56.66 -20.17 -4.63
N MET F 737 55.54 -20.61 -5.18
CA MET F 737 54.69 -19.70 -5.94
C MET F 737 54.10 -18.60 -5.06
N LYS F 738 53.83 -18.91 -3.78
CA LYS F 738 53.18 -17.97 -2.89
C LYS F 738 54.18 -16.97 -2.28
N GLU F 739 55.47 -17.33 -2.22
CA GLU F 739 56.45 -16.50 -1.53
C GLU F 739 56.73 -15.19 -2.25
N LEU F 740 56.51 -15.13 -3.56
CA LEU F 740 56.62 -13.86 -4.26
C LEU F 740 55.37 -13.02 -4.13
N VAL F 741 54.30 -13.57 -3.55
CA VAL F 741 53.05 -12.83 -3.44
C VAL F 741 53.03 -12.01 -2.17
N LEU F 742 53.51 -12.58 -1.05
CA LEU F 742 53.50 -11.89 0.24
C LEU F 742 54.41 -10.66 0.26
N GLY F 743 55.36 -10.58 -0.67
CA GLY F 743 56.07 -9.33 -0.87
C GLY F 743 55.39 -8.38 -1.84
N VAL F 744 54.39 -8.86 -2.58
CA VAL F 744 53.75 -8.03 -3.59
C VAL F 744 52.25 -7.86 -3.37
N VAL F 745 51.61 -8.67 -2.54
CA VAL F 745 50.16 -8.54 -2.37
C VAL F 745 49.82 -7.45 -1.36
N SER F 746 50.77 -7.04 -0.53
CA SER F 746 50.47 -6.22 0.64
C SER F 746 50.33 -4.73 0.34
N HIS F 747 50.43 -4.29 -0.92
CA HIS F 747 50.19 -2.87 -1.18
C HIS F 747 48.71 -2.54 -1.32
N ASN F 748 47.89 -3.55 -1.64
CA ASN F 748 46.45 -3.39 -1.60
C ASN F 748 45.84 -4.05 -0.38
N PHE F 749 46.64 -4.82 0.36
CA PHE F 749 46.23 -5.37 1.64
C PHE F 749 46.71 -4.46 2.77
N ARG F 750 46.53 -4.91 4.01
CA ARG F 750 46.90 -4.17 5.20
C ARG F 750 47.35 -5.17 6.25
N PRO F 751 48.16 -4.74 7.23
CA PRO F 751 48.50 -5.66 8.33
C PRO F 751 47.33 -5.99 9.23
N GLU F 752 46.28 -5.16 9.26
CA GLU F 752 45.15 -5.38 10.16
C GLU F 752 44.23 -6.49 9.69
N PHE F 753 44.44 -7.02 8.49
CA PHE F 753 43.54 -7.99 7.86
C PHE F 753 44.12 -9.40 7.82
N ILE F 754 45.43 -9.52 7.61
CA ILE F 754 46.04 -10.83 7.41
C ILE F 754 46.16 -11.59 8.72
N ASN F 755 46.08 -10.87 9.85
CA ASN F 755 46.05 -11.52 11.15
C ASN F 755 44.78 -12.32 11.35
N ARG F 756 43.67 -11.85 10.80
CA ARG F 756 42.36 -12.44 11.04
C ARG F 756 42.04 -13.58 10.06
N ILE F 757 43.05 -14.14 9.42
CA ILE F 757 42.94 -15.30 8.55
C ILE F 757 44.17 -16.18 8.82
N ASP F 758 43.95 -17.44 9.20
CA ASP F 758 45.02 -18.23 9.83
C ASP F 758 45.97 -18.87 8.83
N GLU F 759 45.44 -19.64 7.88
CA GLU F 759 46.22 -20.49 6.99
C GLU F 759 46.03 -19.98 5.57
N VAL F 760 47.11 -19.47 4.97
CA VAL F 760 47.10 -19.06 3.57
C VAL F 760 47.30 -20.28 2.69
N VAL F 761 46.22 -20.91 2.27
CA VAL F 761 46.27 -22.19 1.60
C VAL F 761 46.41 -21.97 0.10
N VAL F 762 47.51 -22.46 -0.47
CA VAL F 762 47.81 -22.26 -1.89
C VAL F 762 47.03 -23.28 -2.70
N PHE F 763 46.47 -22.85 -3.83
CA PHE F 763 45.86 -23.75 -4.79
C PHE F 763 46.91 -24.72 -5.35
N HIS F 764 46.66 -26.02 -5.18
CA HIS F 764 47.47 -27.02 -5.85
C HIS F 764 47.17 -26.95 -7.35
N PRO F 765 48.17 -27.02 -8.22
CA PRO F 765 47.97 -26.72 -9.64
C PRO F 765 47.25 -27.85 -10.36
N LEU F 766 46.74 -27.53 -11.55
CA LEU F 766 46.10 -28.49 -12.42
C LEU F 766 47.16 -29.03 -13.36
N GLY F 767 47.66 -30.23 -13.06
CA GLY F 767 48.62 -30.87 -13.93
C GLY F 767 47.99 -31.35 -15.22
N GLU F 768 48.83 -31.81 -16.14
CA GLU F 768 48.32 -32.24 -17.43
C GLU F 768 47.72 -33.64 -17.37
N GLN F 769 48.37 -34.56 -16.63
CA GLN F 769 47.81 -35.89 -16.47
C GLN F 769 46.58 -35.88 -15.56
N HIS F 770 46.43 -34.85 -14.74
CA HIS F 770 45.32 -34.76 -13.81
C HIS F 770 44.03 -34.26 -14.46
N ILE F 771 44.08 -33.85 -15.72
CA ILE F 771 42.86 -33.50 -16.44
C ILE F 771 42.06 -34.76 -16.73
N ALA F 772 42.74 -35.88 -16.95
CA ALA F 772 42.12 -37.13 -17.41
C ALA F 772 41.27 -37.82 -16.37
N SER F 773 41.17 -37.26 -15.16
CA SER F 773 40.28 -37.78 -14.13
C SER F 773 38.97 -36.99 -14.04
N ILE F 774 39.02 -35.68 -14.29
CA ILE F 774 37.93 -34.77 -14.01
C ILE F 774 37.38 -34.11 -15.27
N ALA F 775 37.73 -34.60 -16.45
CA ALA F 775 37.19 -34.06 -17.68
C ALA F 775 36.03 -34.88 -18.22
N GLN F 776 35.83 -36.09 -17.72
CA GLN F 776 34.78 -36.98 -18.23
C GLN F 776 33.43 -36.68 -17.63
N ILE F 777 33.37 -35.80 -16.62
CA ILE F 777 32.09 -35.43 -16.01
C ILE F 777 31.41 -34.29 -16.75
N GLN F 778 32.02 -33.79 -17.84
CA GLN F 778 31.33 -32.90 -18.75
C GLN F 778 30.58 -33.68 -19.83
N LEU F 779 31.03 -34.89 -20.13
CA LEU F 779 30.52 -35.66 -21.24
C LEU F 779 29.20 -36.37 -20.95
N LYS F 780 28.59 -36.13 -19.78
CA LYS F 780 27.55 -37.01 -19.26
C LYS F 780 26.21 -36.88 -19.98
N ARG F 781 25.99 -35.78 -20.71
CA ARG F 781 24.77 -35.67 -21.50
C ARG F 781 24.83 -36.55 -22.73
N LEU F 782 26.00 -36.65 -23.36
CA LEU F 782 26.20 -37.62 -24.41
C LEU F 782 26.31 -39.03 -23.86
N TYR F 783 26.75 -39.17 -22.60
CA TYR F 783 26.66 -40.45 -21.91
C TYR F 783 25.22 -40.82 -21.63
N LYS F 784 24.34 -39.83 -21.45
CA LYS F 784 22.91 -40.08 -21.39
C LYS F 784 22.36 -40.41 -22.77
N ARG F 785 23.05 -39.95 -23.83
CA ARG F 785 22.57 -40.13 -25.19
C ARG F 785 22.97 -41.48 -25.78
N LEU F 786 24.19 -41.97 -25.50
CA LEU F 786 24.72 -43.16 -26.15
C LEU F 786 24.01 -44.45 -25.74
N GLU F 787 23.43 -44.49 -24.54
CA GLU F 787 22.67 -45.65 -24.11
C GLU F 787 21.22 -45.61 -24.58
N GLU F 788 20.81 -44.51 -25.21
CA GLU F 788 19.44 -44.35 -25.69
C GLU F 788 19.26 -44.83 -27.13
N ARG F 789 20.35 -45.14 -27.85
CA ARG F 789 20.27 -45.44 -29.27
C ARG F 789 20.84 -46.80 -29.65
N GLY F 790 21.39 -47.55 -28.70
CA GLY F 790 21.85 -48.90 -28.97
C GLY F 790 23.13 -49.00 -29.77
N TYR F 791 23.89 -47.92 -29.88
CA TYR F 791 25.11 -47.92 -30.66
C TYR F 791 26.31 -47.80 -29.74
N GLU F 792 27.46 -48.21 -30.26
CA GLU F 792 28.69 -48.24 -29.50
C GLU F 792 29.76 -47.46 -30.25
N ILE F 793 30.15 -46.33 -29.69
CA ILE F 793 31.13 -45.45 -30.30
C ILE F 793 32.22 -45.29 -29.24
N HIS F 794 32.32 -46.28 -28.36
CA HIS F 794 33.30 -46.24 -27.28
C HIS F 794 34.71 -46.38 -27.84
N ILE F 795 35.63 -45.63 -27.24
CA ILE F 795 36.85 -45.19 -27.92
C ILE F 795 37.99 -46.13 -27.61
N SER F 796 39.04 -45.99 -28.42
CA SER F 796 40.39 -46.49 -28.09
C SER F 796 41.35 -45.39 -28.53
N ASP F 797 41.60 -44.44 -27.63
CA ASP F 797 42.51 -43.30 -27.84
C ASP F 797 42.14 -42.47 -29.06
N GLU F 798 40.90 -41.99 -29.11
CA GLU F 798 40.48 -41.08 -30.17
C GLU F 798 39.76 -39.84 -29.68
N ALA F 799 39.35 -39.78 -28.42
CA ALA F 799 38.67 -38.62 -27.89
C ALA F 799 39.29 -38.04 -26.63
N LEU F 800 40.37 -38.63 -26.11
CA LEU F 800 41.00 -38.11 -24.91
C LEU F 800 42.10 -37.09 -25.22
N LYS F 801 42.59 -37.05 -26.47
CA LYS F 801 43.67 -36.12 -26.79
C LYS F 801 43.17 -34.68 -26.87
N LEU F 802 41.89 -34.49 -27.11
CA LEU F 802 41.28 -33.16 -27.08
C LEU F 802 40.72 -32.81 -25.71
N LEU F 803 40.47 -33.79 -24.86
CA LEU F 803 40.15 -33.58 -23.45
C LEU F 803 41.39 -33.27 -22.63
N SER F 804 42.58 -33.39 -23.21
CA SER F 804 43.83 -32.97 -22.60
C SER F 804 44.23 -31.56 -23.07
N GLU F 805 43.27 -30.78 -23.49
CA GLU F 805 43.49 -29.40 -23.93
C GLU F 805 42.42 -28.53 -23.28
N ASN F 806 42.26 -28.66 -21.96
CA ASN F 806 41.36 -27.82 -21.18
C ASN F 806 42.05 -27.52 -19.85
N GLY F 807 42.42 -26.26 -19.65
CA GLY F 807 43.26 -25.90 -18.52
C GLY F 807 44.74 -26.07 -18.85
N TYR F 808 45.57 -25.74 -17.85
CA TYR F 808 47.03 -25.80 -17.93
C TYR F 808 47.55 -24.93 -19.09
N ASP F 809 47.34 -23.64 -18.96
CA ASP F 809 47.48 -22.66 -20.02
C ASP F 809 48.72 -21.79 -19.86
N PRO F 810 49.38 -21.44 -20.97
CA PRO F 810 50.49 -20.49 -20.90
C PRO F 810 50.11 -19.04 -21.12
N VAL F 811 49.06 -18.73 -21.88
CA VAL F 811 48.85 -17.36 -22.32
C VAL F 811 47.45 -16.81 -22.02
N TYR F 812 46.40 -17.55 -22.40
CA TYR F 812 45.04 -17.01 -22.42
C TYR F 812 44.14 -17.59 -21.35
N GLY F 813 43.92 -18.90 -21.34
CA GLY F 813 43.04 -19.46 -20.33
C GLY F 813 42.16 -20.56 -20.90
N ALA F 814 41.23 -21.03 -20.07
CA ALA F 814 40.39 -22.18 -20.38
C ALA F 814 39.07 -21.78 -21.04
N ARG F 815 38.86 -20.49 -21.26
CA ARG F 815 37.66 -20.02 -21.95
C ARG F 815 37.72 -20.25 -23.47
N PRO F 816 38.82 -20.01 -24.19
CA PRO F 816 38.89 -20.54 -25.56
C PRO F 816 39.49 -21.92 -25.67
N LEU F 817 40.01 -22.48 -24.58
CA LEU F 817 40.52 -23.83 -24.55
C LEU F 817 39.41 -24.87 -24.49
N LYS F 818 38.19 -24.44 -24.12
CA LYS F 818 37.03 -25.32 -24.18
C LYS F 818 36.61 -25.61 -25.62
N ARG F 819 36.98 -24.76 -26.57
CA ARG F 819 36.67 -24.91 -27.98
C ARG F 819 37.72 -25.75 -28.73
N ALA F 820 38.48 -26.58 -28.02
CA ALA F 820 39.33 -27.59 -28.63
C ALA F 820 38.59 -28.90 -28.86
N ILE F 821 37.27 -28.90 -28.64
CA ILE F 821 36.44 -30.10 -28.68
C ILE F 821 35.31 -29.97 -29.69
N GLN F 822 34.64 -28.81 -29.70
CA GLN F 822 33.39 -28.66 -30.44
C GLN F 822 33.60 -28.57 -31.94
N GLN F 823 34.69 -27.94 -32.38
CA GLN F 823 34.86 -27.64 -33.79
C GLN F 823 35.51 -28.77 -34.59
N GLN F 824 35.84 -29.90 -33.97
CA GLN F 824 36.45 -31.00 -34.70
C GLN F 824 35.88 -32.38 -34.37
N ILE F 825 35.06 -32.53 -33.31
CA ILE F 825 34.39 -33.79 -33.00
C ILE F 825 32.88 -33.65 -33.05
N GLU F 826 32.33 -32.62 -32.39
CA GLU F 826 30.88 -32.56 -32.20
C GLU F 826 30.14 -32.20 -33.49
N ASN F 827 30.78 -31.50 -34.41
CA ASN F 827 30.09 -31.22 -35.67
C ASN F 827 30.00 -32.42 -36.62
N PRO F 828 31.07 -33.07 -37.08
CA PRO F 828 30.89 -34.05 -38.16
C PRO F 828 30.65 -35.49 -37.75
N LEU F 829 30.82 -35.85 -36.48
CA LEU F 829 30.74 -37.24 -36.04
C LEU F 829 29.38 -37.63 -35.51
N ALA F 830 28.73 -36.76 -34.75
CA ALA F 830 27.40 -37.04 -34.22
C ALA F 830 26.36 -36.06 -34.75
N GLN F 831 26.47 -35.68 -36.02
CA GLN F 831 25.35 -35.09 -36.74
C GLN F 831 24.59 -36.13 -37.54
N GLN F 832 25.16 -37.33 -37.66
CA GLN F 832 24.48 -38.47 -38.27
C GLN F 832 23.74 -39.31 -37.22
N ILE F 833 23.44 -38.74 -36.05
CA ILE F 833 22.79 -39.48 -34.99
C ILE F 833 21.32 -39.09 -34.81
N LEU F 834 20.90 -37.91 -35.28
CA LEU F 834 19.48 -37.62 -35.32
C LEU F 834 18.86 -37.89 -36.68
N SER F 835 19.67 -38.25 -37.67
CA SER F 835 19.16 -38.51 -39.01
C SER F 835 18.75 -39.97 -39.18
N UNK G 1 -43.25 -20.30 2.64
CA UNK G 1 -42.54 -20.76 3.82
C UNK G 1 -41.07 -20.33 3.81
N UNK G 2 -40.30 -20.77 2.82
CA UNK G 2 -38.87 -20.47 2.78
C UNK G 2 -38.63 -19.02 2.41
N UNK G 3 -38.12 -18.25 3.37
CA UNK G 3 -37.84 -16.85 3.17
C UNK G 3 -36.38 -16.68 2.77
N UNK G 4 -36.14 -16.15 1.58
CA UNK G 4 -34.78 -16.02 1.07
C UNK G 4 -34.17 -14.75 1.59
N UNK G 5 -33.53 -14.82 2.75
CA UNK G 5 -32.96 -13.65 3.39
C UNK G 5 -31.75 -13.13 2.62
N UNK G 6 -31.63 -11.81 2.53
CA UNK G 6 -30.58 -11.17 1.76
C UNK G 6 -29.41 -10.87 2.65
N UNK G 7 -28.58 -11.87 2.90
CA UNK G 7 -27.41 -11.71 3.74
C UNK G 7 -26.37 -10.90 3.01
N UNK G 8 -26.38 -9.59 3.22
CA UNK G 8 -25.44 -8.70 2.56
C UNK G 8 -24.30 -8.30 3.47
N UNK G 9 -23.12 -8.25 2.89
CA UNK G 9 -21.92 -7.82 3.58
C UNK G 9 -20.94 -7.32 2.52
N UNK G 10 -20.21 -6.26 2.85
CA UNK G 10 -19.28 -5.65 1.89
C UNK G 10 -17.90 -6.31 1.93
N UNK G 11 -16.93 -5.65 1.30
CA UNK G 11 -15.57 -6.20 1.21
C UNK G 11 -14.50 -5.18 1.61
N UNK G 12 -13.31 -5.32 1.04
CA UNK G 12 -12.19 -4.44 1.38
C UNK G 12 -11.27 -4.17 0.19
N UNK G 13 -10.37 -3.22 0.35
CA UNK G 13 -9.45 -2.81 -0.71
C UNK G 13 -8.21 -2.15 -0.14
N UNK G 14 -7.08 -2.84 -0.22
CA UNK G 14 -5.83 -2.40 0.41
C UNK G 14 -5.23 -1.16 -0.23
N UNK G 15 -4.30 -0.54 0.48
CA UNK G 15 -3.72 0.72 0.06
C UNK G 15 -2.22 0.66 0.12
N UNK G 16 -1.56 0.58 -1.03
CA UNK G 16 -0.11 0.52 -1.09
C UNK G 16 0.54 1.85 -0.69
N UNK G 17 1.85 1.93 -0.72
CA UNK G 17 2.52 3.11 -0.20
C UNK G 17 3.88 3.32 -0.78
N UNK G 18 4.05 4.37 -1.57
CA UNK G 18 5.30 4.59 -2.23
C UNK G 18 6.32 5.15 -1.29
N UNK G 19 7.11 4.28 -0.69
CA UNK G 19 8.26 4.69 0.07
C UNK G 19 9.28 5.36 -0.81
N UNK G 20 9.51 6.66 -0.65
CA UNK G 20 10.48 7.34 -1.50
C UNK G 20 11.90 6.93 -1.17
N UNK G 21 12.84 7.33 -2.00
CA UNK G 21 14.21 6.91 -1.81
C UNK G 21 15.14 8.04 -2.14
N UNK G 22 15.83 8.55 -1.12
CA UNK G 22 16.58 9.79 -1.24
C UNK G 22 17.92 9.63 -1.92
N UNK G 23 17.92 9.15 -3.17
CA UNK G 23 19.14 8.95 -3.92
C UNK G 23 19.82 10.29 -4.23
N UNK G 24 20.52 10.83 -3.24
CA UNK G 24 21.22 12.09 -3.39
C UNK G 24 22.59 11.90 -4.03
N UNK G 25 23.21 13.00 -4.44
CA UNK G 25 24.53 12.95 -5.06
C UNK G 25 25.57 13.63 -4.18
N UNK G 26 26.70 14.00 -4.78
CA UNK G 26 27.79 14.66 -4.07
C UNK G 26 28.18 13.93 -2.79
PG AGS H . -24.43 17.77 11.62
S1G AGS H . -25.83 16.42 11.69
O2G AGS H . -23.35 17.60 12.72
O3G AGS H . -23.60 17.77 10.33
PB AGS H . -24.41 20.38 11.76
O1B AGS H . -24.83 21.31 10.73
O2B AGS H . -23.00 19.83 11.54
O3B AGS H . -25.22 19.10 11.76
PA AGS H . -25.89 21.46 13.72
O1A AGS H . -26.75 21.95 12.69
O2A AGS H . -26.42 20.31 14.55
O3A AGS H . -24.51 21.03 13.17
O5' AGS H . -25.57 22.64 14.65
C5' AGS H . -25.02 22.32 15.91
C4' AGS H . -25.50 23.32 16.91
O4' AGS H . -25.42 24.63 16.32
C3' AGS H . -26.93 23.14 17.39
O3' AGS H . -27.04 23.39 18.78
C2' AGS H . -27.70 24.21 16.60
O2' AGS H . -28.82 24.64 17.36
C1' AGS H . -26.66 25.29 16.47
N9 AGS H . -26.82 26.15 15.30
C8 AGS H . -26.06 26.10 14.16
N7 AGS H . -26.40 26.99 13.27
C5 AGS H . -27.43 27.68 13.87
C6 AGS H . -28.21 28.77 13.44
N6 AGS H . -28.08 29.35 12.25
N1 AGS H . -29.16 29.22 14.28
C2 AGS H . -29.31 28.63 15.46
N3 AGS H . -28.63 27.61 15.98
C4 AGS H . -27.70 27.18 15.12
PG AGS I . 24.98 23.57 24.16
S1G AGS I . 25.36 24.03 22.32
O2G AGS I . 23.69 22.73 24.26
O3G AGS I . 26.16 22.74 24.74
PB AGS I . 23.70 24.72 26.14
O1B AGS I . 22.52 24.03 25.61
O2B AGS I . 23.48 26.13 26.66
O3B AGS I . 24.79 24.83 25.03
PA AGS I . 23.05 23.65 28.39
O1A AGS I . 22.30 22.46 28.02
O2A AGS I . 22.28 24.96 28.33
O3A AGS I . 24.19 23.95 27.39
O5' AGS I . 23.65 23.39 29.79
C5' AGS I . 23.43 22.09 30.35
C4' AGS I . 23.81 22.08 31.79
O4' AGS I . 24.41 23.33 32.14
C3' AGS I . 22.62 21.87 32.73
O3' AGS I . 22.74 20.69 33.51
C2' AGS I . 22.59 23.15 33.58
O2' AGS I . 22.47 22.86 34.97
C1' AGS I . 23.95 23.79 33.37
N9 AGS I . 23.90 25.23 33.30
C8 AGS I . 24.44 25.96 32.28
N7 AGS I . 24.28 27.26 32.42
C5 AGS I . 23.56 27.38 33.58
C6 AGS I . 23.07 28.50 34.28
N6 AGS I . 23.23 29.75 33.86
N1 AGS I . 22.41 28.28 35.42
C2 AGS I . 22.25 27.03 35.85
N3 AGS I . 22.67 25.90 35.29
C4 AGS I . 23.32 26.14 34.15
PB ADP J . -11.58 -40.34 -6.63
O1B ADP J . -10.75 -39.44 -7.50
O2B ADP J . -10.94 -40.81 -5.36
O3B ADP J . -13.03 -39.91 -6.47
PA ADP J . -10.43 -42.42 -8.12
O1A ADP J . -10.01 -41.68 -9.35
O2A ADP J . -9.45 -42.69 -7.00
O3A ADP J . -11.72 -41.69 -7.49
O5' ADP J . -11.08 -43.82 -8.57
C5' ADP J . -10.34 -45.03 -8.51
C4' ADP J . -10.79 -45.90 -9.68
O4' ADP J . -9.95 -45.63 -10.80
C3' ADP J . -10.68 -47.37 -9.35
O3' ADP J . -11.99 -47.94 -9.24
C2' ADP J . -9.94 -47.98 -10.51
O2' ADP J . -10.85 -48.75 -11.29
C1' ADP J . -9.43 -46.84 -11.35
N9 ADP J . -7.95 -46.77 -11.27
C8 ADP J . -7.24 -45.81 -10.66
N7 ADP J . -5.91 -46.03 -10.77
C5 ADP J . -5.75 -47.17 -11.47
C6 ADP J . -4.60 -47.97 -11.95
N6 ADP J . -3.33 -47.58 -11.68
N1 ADP J . -4.87 -49.09 -12.66
C2 ADP J . -6.13 -49.48 -12.92
N3 ADP J . -7.21 -48.79 -12.52
C4 ADP J . -7.09 -47.65 -11.81
PG AGS K . -24.15 -17.69 -24.68
S1G AGS K . -23.97 -19.44 -23.86
O2G AGS K . -25.30 -17.76 -25.70
O3G AGS K . -24.45 -16.70 -23.54
PB AGS K . -22.88 -17.53 -26.96
O1B AGS K . -21.53 -17.57 -27.48
O2B AGS K . -23.67 -18.81 -27.03
O3B AGS K . -22.90 -17.19 -25.42
PA AGS K . -24.52 -17.15 -28.99
O1A AGS K . -24.19 -18.52 -29.19
O2A AGS K . -25.99 -16.89 -28.74
O3A AGS K . -23.75 -16.56 -27.78
O5' AGS K . -23.99 -16.39 -30.21
C5' AGS K . -24.59 -15.16 -30.58
C4' AGS K . -24.95 -15.23 -32.02
O4' AGS K . -23.88 -15.87 -32.75
C3' AGS K . -26.23 -16.00 -32.34
O3' AGS K . -26.97 -15.33 -33.35
C2' AGS K . -25.70 -17.33 -32.87
O2' AGS K . -26.59 -17.94 -33.80
C1' AGS K . -24.46 -16.84 -33.61
N9 AGS K . -23.48 -17.87 -33.88
C8 AGS K . -22.38 -18.23 -33.14
N7 AGS K . -21.70 -19.21 -33.67
C5 AGS K . -22.39 -19.52 -34.83
C6 AGS K . -22.17 -20.47 -35.84
N6 AGS K . -21.15 -21.32 -35.84
N1 AGS K . -23.05 -20.51 -36.86
C2 AGS K . -24.07 -19.66 -36.86
N3 AGS K . -24.38 -18.72 -35.96
C4 AGS K . -23.48 -18.69 -34.96
PG AGS L . 4.08 25.63 -23.61
S1G AGS L . 2.74 24.28 -23.19
O2G AGS L . 4.09 26.77 -22.56
O3G AGS L . 5.49 24.99 -23.60
PB AGS L . 2.51 26.30 -25.77
O1B AGS L . 2.05 24.98 -26.17
O2B AGS L . 2.75 27.19 -26.97
O3B AGS L . 3.89 26.22 -25.03
PA AGS L . 0.30 27.62 -25.94
O1A AGS L . 0.49 27.08 -27.24
O2A AGS L . -1.00 27.26 -25.24
O3A AGS L . 1.43 27.11 -25.03
O5' AGS L . 0.42 29.16 -26.08
C5' AGS L . -0.19 30.01 -25.13
C4' AGS L . -1.12 30.96 -25.82
O4' AGS L . -0.42 31.60 -26.89
C3' AGS L . -2.32 30.28 -26.48
O3' AGS L . -3.44 30.29 -25.61
C2' AGS L . -2.60 31.16 -27.69
O2' AGS L . -3.55 32.17 -27.39
C1' AGS L . -1.25 31.80 -27.99
N9 AGS L . -0.56 31.25 -29.15
C8 AGS L . 0.70 30.74 -29.12
N7 AGS L . 1.12 30.32 -30.27
C5 AGS L . 0.06 30.56 -31.12
C6 AGS L . -0.12 30.34 -32.49
N6 AGS L . 0.80 29.78 -33.28
N1 AGS L . -1.29 30.71 -33.04
C2 AGS L . -2.22 31.25 -32.25
N3 AGS L . -2.15 31.53 -30.94
C4 AGS L . -0.99 31.14 -30.44
PG AGS M . -29.41 10.20 -15.34
S1G AGS M . -31.12 9.32 -15.64
O2G AGS M . -29.41 10.88 -13.96
O3G AGS M . -28.25 9.18 -15.34
PB AGS M . -30.15 11.66 -17.50
O1B AGS M . -29.52 12.39 -18.59
O2B AGS M . -30.74 10.35 -17.97
O3B AGS M . -29.13 11.27 -16.40
PA AGS M . -32.36 13.11 -17.87
O1A AGS M . -32.29 12.48 -19.15
O2A AGS M . -33.69 12.97 -17.12
O3A AGS M . -31.33 12.46 -16.92
O5' AGS M . -31.98 14.59 -18.09
C5' AGS M . -32.12 15.55 -17.06
C4' AGS M . -32.93 16.71 -17.54
O4' AGS M . -32.51 17.07 -18.87
C3' AGS M . -34.44 16.46 -17.63
O3' AGS M . -35.16 17.59 -17.16
C2' AGS M . -34.67 16.27 -19.13
O2' AGS M . -35.99 16.69 -19.48
C1' AGS M . -33.64 17.21 -19.70
N9 AGS M . -33.23 16.90 -21.05
C8 AGS M . -32.09 16.24 -21.40
N7 AGS M . -31.94 16.10 -22.69
C5 AGS M . -33.04 16.73 -23.23
C6 AGS M . -33.48 16.93 -24.54
N6 AGS M . -32.81 16.50 -25.61
N1 AGS M . -34.63 17.60 -24.73
C2 AGS M . -35.30 18.02 -23.66
N3 AGS M . -35.00 17.89 -22.37
C4 AGS M . -33.85 17.22 -22.22
PG AGS N . 8.59 37.43 3.36
S1G AGS N . 7.04 36.28 3.58
O2G AGS N . 9.39 37.52 4.67
O3G AGS N . 9.53 36.87 2.28
PB AGS N . 6.78 39.45 3.30
O1B AGS N . 5.79 38.93 2.39
O2B AGS N . 6.84 40.97 3.18
O3B AGS N . 8.19 38.86 2.94
PA AGS N . 5.06 39.87 5.15
O1A AGS N . 4.71 40.84 4.20
O2A AGS N . 4.04 38.76 5.39
O3A AGS N . 6.37 39.18 4.75
O5' AGS N . 5.27 40.64 6.44
C5' AGS N . 4.12 41.34 6.78
C4' AGS N . 4.17 41.91 8.16
O4' AGS N . 4.74 43.22 8.09
C3' AGS N . 2.80 42.14 8.74
O3' AGS N . 2.88 42.44 10.12
C2' AGS N . 2.38 43.43 8.05
O2' AGS N . 1.50 44.17 8.88
C1' AGS N . 3.71 44.17 7.94
N9 AGS N . 3.91 44.83 6.67
C8 AGS N . 4.94 44.60 5.82
N7 AGS N . 4.91 45.32 4.74
C5 AGS N . 3.77 46.08 4.88
C6 AGS N . 3.18 47.05 4.06
N6 AGS N . 3.67 47.42 2.89
N1 AGS N . 2.05 47.64 4.51
C2 AGS N . 1.56 47.26 5.68
N3 AGS N . 2.03 46.35 6.54
C4 AGS N . 3.15 45.80 6.07
PG AGS O . -7.27 -1.39 29.04
S1G AGS O . -5.82 -1.81 30.27
O2G AGS O . -7.03 -2.11 27.68
O3G AGS O . -8.64 -1.84 29.61
PB AGS O . -8.43 0.85 29.73
O1B AGS O . -9.67 0.91 28.93
O2B AGS O . -7.87 2.22 30.13
O3B AGS O . -7.35 0.14 28.86
PA AGS O . -8.25 0.71 32.47
O1A AGS O . -9.36 1.35 33.11
O2A AGS O . -7.07 1.63 32.19
O3A AGS O . -8.61 0.04 31.08
O5' AGS O . -7.85 -0.46 33.40
C5' AGS O . -6.87 -0.23 34.42
C4' AGS O . -7.31 -0.96 35.66
O4' AGS O . -6.53 -0.49 36.79
C3' AGS O . -8.76 -0.71 36.05
O3' AGS O . -9.64 -1.64 35.42
C2' AGS O . -8.72 -0.86 37.57
O2' AGS O . -8.63 -2.22 37.95
C1' AGS O . -7.39 -0.19 37.88
N9 AGS O . -7.45 1.26 38.02
C8 AGS O . -6.96 2.19 37.14
N7 AGS O . -7.14 3.43 37.53
C5 AGS O . -7.78 3.29 38.75
C6 AGS O . -8.24 4.23 39.69
N6 AGS O . -8.13 5.56 39.53
N1 AGS O . -8.84 3.77 40.81
C2 AGS O . -8.94 2.45 40.97
N3 AGS O . -8.55 1.47 40.16
C4 AGS O . -7.97 1.96 39.07
PB ADP P . 40.87 -2.80 20.88
O1B ADP P . 41.84 -1.69 20.58
O2B ADP P . 40.88 -3.27 22.31
O3B ADP P . 39.52 -2.63 20.24
PA ADP P . 40.76 -5.49 20.04
O1A ADP P . 40.47 -5.82 18.59
O2A ADP P . 39.67 -5.52 21.08
O3A ADP P . 41.47 -4.05 20.07
O5' ADP P . 41.96 -6.41 20.54
C5' ADP P . 42.27 -7.64 19.89
C4' ADP P . 42.40 -8.70 20.97
O4' ADP P . 43.33 -8.32 21.97
C3' ADP P . 41.07 -8.85 21.66
O3' ADP P . 40.43 -10.05 21.22
C2' ADP P . 41.39 -8.91 23.14
O2' ADP P . 41.02 -10.18 23.67
C1' ADP P . 42.87 -8.74 23.25
N9 ADP P . 43.18 -7.68 24.24
C8 ADP P . 43.63 -6.47 23.93
N7 ADP P . 43.83 -5.71 25.03
C5 ADP P . 43.50 -6.46 26.09
C6 ADP P . 43.48 -6.26 27.55
N6 ADP P . 43.86 -5.08 28.10
N1 ADP P . 43.07 -7.29 28.33
C2 ADP P . 42.70 -8.45 27.78
N3 ADP P . 42.68 -8.70 26.46
C4 ADP P . 43.08 -7.76 25.58
PB ADP Q . -0.81 -29.26 19.27
O1B ADP Q . 0.15 -28.20 19.74
O2B ADP Q . -2.18 -29.18 19.88
O3B ADP Q . -0.81 -29.47 17.77
PA ADP Q . 0.30 -30.75 21.36
O1A ADP Q . 1.72 -30.29 21.48
O2A ADP Q . -0.76 -30.16 22.24
O3A ADP Q . -0.18 -30.62 19.83
O5' ADP Q . 0.32 -32.34 21.58
C5' ADP Q . 1.53 -32.92 22.05
C4' ADP Q . 1.58 -34.41 21.75
O4' ADP Q . 2.85 -34.90 22.19
C3' ADP Q . 0.53 -35.18 22.53
O3' ADP Q . 0.17 -36.34 21.78
C2' ADP Q . 1.25 -35.62 23.78
O2' ADP Q . 0.80 -36.92 24.15
C1' ADP Q . 2.70 -35.68 23.37
N9 ADP Q . 3.54 -35.07 24.43
C8 ADP Q . 4.32 -33.99 24.26
N7 ADP Q . 4.97 -33.68 25.40
C5 ADP Q . 4.61 -34.57 26.32
C6 ADP Q . 4.92 -34.81 27.75
N6 ADP Q . 5.78 -34.02 28.44
N1 ADP Q . 4.33 -35.86 28.36
C2 ADP Q . 3.46 -36.65 27.70
N3 ADP Q . 3.14 -36.49 26.42
C4 ADP Q . 3.66 -35.49 25.68
PB ADP R . 37.44 -20.74 -13.61
O1B ADP R . 38.63 -19.97 -14.12
O2B ADP R . 36.22 -19.91 -13.32
O3B ADP R . 37.76 -21.76 -12.54
PA ADP R . 36.68 -20.96 -16.31
O1A ADP R . 37.97 -20.46 -16.92
O2A ADP R . 35.51 -20.02 -16.13
O3A ADP R . 37.02 -21.63 -14.88
O5' ADP R . 36.17 -22.24 -17.12
C5' ADP R . 35.54 -22.13 -18.39
C4' ADP R . 34.79 -23.43 -18.68
O4' ADP R . 35.63 -24.56 -18.43
C3' ADP R . 33.57 -23.59 -17.78
O3' ADP R . 32.38 -23.32 -18.53
C2' ADP R . 33.57 -25.02 -17.32
O2' ADP R . 32.47 -25.74 -17.90
C1' ADP R . 34.87 -25.62 -17.82
N9 ADP R . 35.65 -26.18 -16.69
C8 ADP R . 36.76 -25.63 -16.17
N7 ADP R . 37.26 -26.38 -15.16
C5 ADP R . 36.44 -27.45 -15.03
C6 ADP R . 36.41 -28.63 -14.14
N6 ADP R . 37.36 -28.80 -13.19
N1 ADP R . 35.39 -29.51 -14.32
C2 ADP R . 34.46 -29.34 -15.26
N3 ADP R . 34.44 -28.28 -16.10
C4 ADP R . 35.39 -27.32 -16.04
#